data_8HHZ
#
_entry.id   8HHZ
#
_cell.length_a   1.00
_cell.length_b   1.00
_cell.length_c   1.00
_cell.angle_alpha   90.00
_cell.angle_beta   90.00
_cell.angle_gamma   90.00
#
_symmetry.space_group_name_H-M   'P 1'
#
loop_
_entity.id
_entity.type
_entity.pdbx_description
1 polymer 'Spike glycoprotein'
2 polymer 'IY-2A Fab heavy chain'
3 polymer 'IY-2A Fab light chain'
#
loop_
_entity_poly.entity_id
_entity_poly.type
_entity_poly.pdbx_seq_one_letter_code
_entity_poly.pdbx_strand_id
1 'polypeptide(L)'
;MKVKLLVLLCTFTATYAGTQCVNLTTRTQLPPAYTNSFTRGVYYPDKVFRSSVLHSTQDLFLPFFSNVTWFHVISGTNGT
KRFDNPVLPFNDGVYFASIEKSNIIRGWIFGTTLDSKTQSLLIVNNATNVVIKVCEFQFCNDPFLDHKNNKSWMESEFRV
YSSANNCTFEYVSQPFLMDLEGKQGNFKNLREFVFKNIDGYFKIYSKHTPIIVREPEDLPQGFSALEPLVDLPIGINITR
FQTLLALHRSYLTPGDSSSGWTAGAAAYYVGYLQPRTFLLKYNENGTITDAVDCALDPLSETKCTLKSFTVEKGIYQTSN
FRVQPTESIVRFPNITNLCPFDEVFNATRFASVYAWNRKRISNCVADYSVLYNLAPFFTFKCYGVSPTKLNDLCFTNVYA
DSFVIRGDEVRQIAPGQTGNIADYNYKLPDDFTGCVIAWNSNKLDSKVSGNYNYLYRLFRKSNLKPFERDISTEIYQAGN
KPCNGVAGFNCYFPLRSYSFRPTYGVGHQPYRVVVLSFELLHAPATVCGPKKSTNLVKNKCVNFNFNGLKGTGVLTESNK
KFLPFQQFGRDIADTTDAVRDPQTLEILDITPCSFGGVSVITPGTNTSNQVAVLYQGVNCTEVPVAIHADQLTPTWRVYS
TGSNVFQTRAGCLIGAEYVNNSYECDIPIGAGICASYQTQTKSHGSASSVASQSIIAYTMSLGAENSVAYSNNSIAIPTN
FTISVTTEILPVSMTKTSVDCTMYICGDSTECSNLLLQYGSFCTQLKRALTGIAVEQDKNTQEVFAQVKQIYKTPPIKYF
GGFNFSQILPDPSKPSKRSFIEDLLFNKVTLADAGFIKQYGDCLGDIAARDLICAQKFKGLTVLPPLLTDEMIAQYTSAL
LAGTITSGWTFGAGAALQIPFAMQMAYRFNGIGVTQNVLYENQKLIANQFNSAIGKIQDSLSSTASALGKLQDVVNHNAQ
ALNTLVKQLSSKFGAISSVLNDIFSRLDPPEAEVQIDRLITGRLQSLQTYVTQQLIRAAEIRASANLAATKMSECVLGQS
KRVDFCGKGYHLMSFPQSAPHGVVFLHVTYVPAQEKNFTTAPAICHDGKAHFPREGVFVSNGTHWFVTQRNFYEPQIITT
DNTFVSGNCDVVIGIVNNTVYDPLQPELDSFKEELDKYFKNHTSPDVDLGDISGINASVVNIQKEIDRLNEVAKNLNESL
IDLQELGKYEQYIKDIRSLVPRGSPGSGYIPEAPRDGQAYVRKDGEWVLLSTFLGHHHHHH
;
A,B,C
2 'polypeptide(L)'
;QVQLVEWGAGLLKPSETLSLTCAVYGGSFSGYYWSWIRQPPGKGLEWIGLINHSGSTNYNPSLKSRVTISLDTSKNQFSL
KLTSVTAADTAVYYCARGLGIFGVVTLSDVWGQGTTVTVSSASTKGPSVFPLAPSSKSTSGGTAALGCLVKDYFPEPVTV
SWNSGALTSGVHTFPAVLQSSGLYSLSSVVTVPSSSLGTQTYICNVNHKPSNTKVDKKVEPKSC
;
E,G,I
3 'polypeptide(L)'
;NFMLTQPHSVSESPGKTVTISCTGSSGSIASNYVQWYQQRPGSAPTTVIYEDNQRPSGVPDRFSGSIDSSSNSASLTISG
LRTEDEADYYCQSYDSGIWVFGGGTKLTVLGQPKAAPSVTLFPPSSEELQANKATLVCLISDFYPGAVTVAWKADSSPVK
AGVETTTPSKQSNNKYAASSYLSLTPEQWKSHRSYSCQVTHEGSTVEKTVAPTECS
;
F,H,J
#
# COMPACT_ATOMS: atom_id res chain seq x y z
N ALA A 33 51.79 -24.98 -8.72
CA ALA A 33 51.41 -23.63 -9.11
C ALA A 33 49.89 -23.45 -9.11
N TYR A 34 49.41 -22.70 -10.09
CA TYR A 34 47.99 -22.45 -10.28
C TYR A 34 47.78 -21.95 -11.69
N THR A 35 46.52 -21.97 -12.15
CA THR A 35 46.23 -21.36 -13.44
C THR A 35 44.81 -20.83 -13.45
N ASN A 36 44.60 -19.78 -14.24
CA ASN A 36 43.30 -19.13 -14.38
C ASN A 36 42.44 -19.86 -15.39
N SER A 37 41.15 -19.90 -15.13
CA SER A 37 40.17 -20.52 -16.01
C SER A 37 39.43 -19.43 -16.79
N PHE A 38 39.49 -19.50 -18.12
CA PHE A 38 38.95 -18.42 -18.93
C PHE A 38 37.43 -18.43 -18.97
N THR A 39 36.83 -19.48 -19.53
CA THR A 39 35.39 -19.49 -19.75
C THR A 39 34.76 -20.82 -19.35
N ARG A 40 35.28 -21.48 -18.33
CA ARG A 40 34.72 -22.76 -17.93
C ARG A 40 33.68 -22.61 -16.83
N GLY A 41 32.63 -23.43 -16.92
CA GLY A 41 31.60 -23.47 -15.92
C GLY A 41 30.29 -22.83 -16.31
N VAL A 42 29.87 -22.99 -17.57
CA VAL A 42 28.64 -22.41 -18.08
C VAL A 42 27.63 -23.53 -18.29
N TYR A 43 26.39 -23.28 -17.89
CA TYR A 43 25.32 -24.26 -18.05
C TYR A 43 23.98 -23.54 -17.96
N TYR A 44 22.94 -24.21 -18.40
CA TYR A 44 21.61 -23.62 -18.36
C TYR A 44 21.24 -23.30 -16.91
N PRO A 45 20.86 -22.07 -16.62
CA PRO A 45 20.66 -21.67 -15.22
C PRO A 45 19.48 -22.36 -14.56
N ASP A 46 18.31 -22.35 -15.19
CA ASP A 46 17.08 -22.82 -14.60
C ASP A 46 16.76 -24.26 -14.97
N LYS A 47 17.65 -24.91 -15.73
CA LYS A 47 17.38 -26.23 -16.30
C LYS A 47 16.13 -26.21 -17.17
N VAL A 48 15.83 -25.05 -17.75
CA VAL A 48 14.69 -24.87 -18.65
C VAL A 48 15.21 -24.14 -19.88
N PHE A 49 14.45 -24.22 -20.98
CA PHE A 49 14.90 -23.78 -22.29
C PHE A 49 14.21 -22.50 -22.72
N ARG A 50 14.97 -21.62 -23.37
CA ARG A 50 14.42 -20.42 -24.00
C ARG A 50 15.00 -20.29 -25.39
N SER A 51 14.25 -19.66 -26.28
CA SER A 51 14.63 -19.52 -27.68
C SER A 51 14.98 -18.08 -27.97
N SER A 52 16.17 -17.85 -28.49
CA SER A 52 16.61 -16.52 -28.94
C SER A 52 16.47 -15.50 -27.81
N VAL A 53 17.10 -15.78 -26.68
CA VAL A 53 16.86 -15.02 -25.46
C VAL A 53 18.18 -14.63 -24.83
N LEU A 54 18.34 -13.34 -24.54
CA LEU A 54 19.43 -12.84 -23.71
C LEU A 54 18.88 -12.59 -22.32
N HIS A 55 19.67 -12.97 -21.31
CA HIS A 55 19.07 -13.15 -19.99
C HIS A 55 20.17 -13.24 -18.94
N SER A 56 20.01 -12.50 -17.84
CA SER A 56 20.99 -12.49 -16.76
C SER A 56 20.45 -13.23 -15.56
N THR A 57 21.25 -14.13 -15.00
CA THR A 57 20.81 -14.99 -13.91
C THR A 57 21.91 -15.24 -12.91
N GLN A 58 21.52 -15.51 -11.67
CA GLN A 58 22.42 -15.88 -10.59
C GLN A 58 22.15 -17.32 -10.19
N ASP A 59 23.22 -18.09 -10.02
CA ASP A 59 23.12 -19.45 -9.48
C ASP A 59 24.52 -19.91 -9.10
N LEU A 60 24.63 -21.20 -8.80
CA LEU A 60 25.89 -21.79 -8.35
C LEU A 60 26.85 -21.93 -9.51
N PHE A 61 27.58 -20.85 -9.82
CA PHE A 61 28.39 -20.77 -11.01
C PHE A 61 29.86 -20.96 -10.66
N LEU A 62 30.65 -21.19 -11.72
CA LEU A 62 32.09 -21.09 -11.59
C LEU A 62 32.47 -19.68 -12.01
N PRO A 63 32.89 -18.82 -11.09
CA PRO A 63 33.20 -17.44 -11.46
C PRO A 63 34.33 -17.39 -12.48
N PHE A 64 34.27 -16.37 -13.34
CA PHE A 64 35.28 -16.21 -14.37
C PHE A 64 36.64 -15.94 -13.74
N PHE A 65 37.67 -16.40 -14.45
CA PHE A 65 39.07 -16.27 -14.01
C PHE A 65 39.26 -16.88 -12.61
N SER A 66 38.66 -18.05 -12.41
CA SER A 66 38.78 -18.81 -11.17
C SER A 66 39.98 -19.75 -11.24
N ASN A 67 40.41 -20.22 -10.07
CA ASN A 67 41.65 -20.97 -9.95
C ASN A 67 41.42 -22.46 -10.21
N VAL A 68 42.30 -23.06 -11.01
CA VAL A 68 42.36 -24.50 -11.15
C VAL A 68 43.83 -24.91 -11.08
N THR A 69 44.08 -26.04 -10.43
CA THR A 69 45.44 -26.51 -10.19
C THR A 69 45.83 -27.51 -11.28
N TRP A 70 46.71 -27.08 -12.17
CA TRP A 70 47.26 -27.98 -13.17
C TRP A 70 48.06 -29.08 -12.47
N PHE A 71 47.86 -30.32 -12.89
CA PHE A 71 48.49 -31.49 -12.27
C PHE A 71 49.45 -32.16 -13.24
N HIS A 72 50.23 -31.35 -13.95
CA HIS A 72 51.22 -31.86 -14.94
C HIS A 72 52.61 -31.91 -14.30
N VAL A 73 53.04 -33.10 -13.90
CA VAL A 73 54.39 -33.28 -13.26
C VAL A 73 55.00 -34.59 -13.77
N ILE A 74 56.32 -34.59 -13.99
CA ILE A 74 57.04 -35.81 -14.48
C ILE A 74 57.09 -36.84 -13.35
N PRO A 86 46.58 -35.34 -4.03
CA PRO A 86 45.53 -35.11 -5.03
C PRO A 86 44.11 -34.99 -4.50
N VAL A 87 43.92 -34.95 -3.18
CA VAL A 87 42.58 -34.92 -2.62
C VAL A 87 41.96 -33.55 -2.84
N LEU A 88 40.72 -33.54 -3.33
CA LEU A 88 40.02 -32.30 -3.68
C LEU A 88 38.89 -32.07 -2.69
N PRO A 89 38.92 -31.01 -1.89
CA PRO A 89 37.81 -30.74 -0.98
C PRO A 89 36.59 -30.22 -1.70
N PHE A 90 35.42 -30.71 -1.30
CA PHE A 90 34.14 -30.30 -1.86
C PHE A 90 33.66 -29.09 -1.07
N ASN A 91 33.99 -27.89 -1.56
CA ASN A 91 33.67 -26.68 -0.82
C ASN A 91 32.22 -26.26 -1.01
N ASP A 92 31.84 -25.90 -2.23
CA ASP A 92 30.45 -25.58 -2.54
C ASP A 92 30.08 -26.15 -3.90
N GLY A 93 30.58 -27.33 -4.22
CA GLY A 93 30.39 -27.89 -5.54
C GLY A 93 31.69 -27.95 -6.31
N VAL A 94 31.93 -29.07 -6.99
CA VAL A 94 33.18 -29.31 -7.70
C VAL A 94 32.88 -29.45 -9.17
N TYR A 95 33.54 -28.63 -9.98
CA TYR A 95 33.54 -28.75 -11.43
C TYR A 95 34.84 -29.48 -11.82
N PHE A 96 34.71 -30.73 -12.26
CA PHE A 96 35.82 -31.64 -12.48
C PHE A 96 36.02 -31.83 -13.98
N ALA A 97 37.20 -31.47 -14.48
CA ALA A 97 37.53 -31.61 -15.89
C ALA A 97 38.70 -32.55 -16.05
N SER A 98 38.66 -33.41 -17.06
CA SER A 98 39.75 -34.34 -17.33
C SER A 98 40.13 -34.29 -18.80
N ILE A 99 41.44 -34.29 -19.06
CA ILE A 99 41.98 -34.35 -20.41
C ILE A 99 42.90 -35.56 -20.51
N GLU A 100 42.50 -36.54 -21.32
CA GLU A 100 43.29 -37.75 -21.51
C GLU A 100 42.84 -38.46 -22.78
N LYS A 101 43.81 -39.11 -23.44
CA LYS A 101 43.50 -39.90 -24.62
C LYS A 101 42.57 -41.06 -24.29
N SER A 102 42.82 -41.75 -23.20
CA SER A 102 42.07 -42.95 -22.85
C SER A 102 41.39 -42.76 -21.49
N ASN A 103 40.77 -43.84 -21.01
CA ASN A 103 40.04 -43.82 -19.74
C ASN A 103 41.01 -44.18 -18.61
N ILE A 104 41.68 -43.15 -18.11
CA ILE A 104 42.56 -43.33 -16.95
C ILE A 104 41.76 -43.30 -15.66
N ILE A 105 40.83 -42.36 -15.53
CA ILE A 105 40.06 -42.21 -14.31
C ILE A 105 39.00 -43.31 -14.23
N ARG A 106 38.96 -44.01 -13.10
CA ARG A 106 37.99 -45.07 -12.86
C ARG A 106 36.75 -44.59 -12.13
N GLY A 107 36.87 -43.54 -11.33
CA GLY A 107 35.77 -43.04 -10.54
C GLY A 107 36.27 -42.18 -9.40
N TRP A 108 35.41 -42.01 -8.40
CA TRP A 108 35.72 -41.20 -7.24
C TRP A 108 35.20 -41.87 -5.97
N ILE A 109 35.78 -41.47 -4.85
CA ILE A 109 35.35 -41.91 -3.52
C ILE A 109 35.09 -40.67 -2.67
N PHE A 110 33.82 -40.32 -2.52
CA PHE A 110 33.41 -39.13 -1.78
C PHE A 110 33.16 -39.50 -0.32
N GLY A 111 33.24 -38.50 0.55
CA GLY A 111 32.95 -38.72 1.96
C GLY A 111 34.00 -38.16 2.88
N THR A 112 33.59 -37.79 4.10
CA THR A 112 34.53 -37.18 5.04
C THR A 112 35.61 -38.15 5.46
N THR A 113 35.22 -39.35 5.89
CA THR A 113 36.17 -40.33 6.41
C THR A 113 36.02 -41.72 5.80
N LEU A 114 34.87 -42.04 5.18
CA LEU A 114 34.66 -43.35 4.55
C LEU A 114 34.87 -44.48 5.54
N ASP A 115 34.31 -44.33 6.73
CA ASP A 115 34.38 -45.35 7.77
C ASP A 115 32.97 -45.78 8.17
N SER A 116 32.89 -46.65 9.18
CA SER A 116 31.60 -47.11 9.65
C SER A 116 30.78 -45.99 10.26
N LYS A 117 31.42 -45.12 11.05
CA LYS A 117 30.72 -44.06 11.76
C LYS A 117 30.58 -42.77 10.95
N THR A 118 31.16 -42.72 9.76
CA THR A 118 31.07 -41.54 8.90
C THR A 118 30.45 -41.92 7.56
N GLN A 119 29.41 -41.21 7.17
CA GLN A 119 28.75 -41.48 5.90
C GLN A 119 29.65 -41.08 4.74
N SER A 120 29.74 -41.96 3.75
CA SER A 120 30.56 -41.71 2.55
C SER A 120 29.83 -42.25 1.33
N LEU A 121 30.56 -42.33 0.23
CA LEU A 121 29.95 -42.57 -1.07
C LEU A 121 31.03 -43.05 -2.02
N LEU A 122 30.67 -43.96 -2.92
CA LEU A 122 31.59 -44.42 -3.95
C LEU A 122 30.90 -44.34 -5.30
N ILE A 123 31.62 -43.83 -6.31
CA ILE A 123 31.14 -43.86 -7.69
C ILE A 123 32.23 -44.48 -8.54
N VAL A 124 31.89 -45.50 -9.30
CA VAL A 124 32.79 -46.10 -10.28
C VAL A 124 32.12 -46.08 -11.64
N ASN A 125 32.78 -45.49 -12.63
CA ASN A 125 32.22 -45.35 -13.97
C ASN A 125 32.93 -46.33 -14.88
N ASN A 126 32.31 -47.48 -15.12
CA ASN A 126 32.88 -48.50 -15.98
C ASN A 126 32.41 -48.31 -17.42
N ALA A 127 33.09 -49.00 -18.33
CA ALA A 127 32.70 -48.95 -19.74
C ALA A 127 31.34 -49.60 -19.98
N THR A 128 30.84 -50.36 -19.00
CA THR A 128 29.53 -51.00 -19.12
C THR A 128 28.44 -50.28 -18.34
N ASN A 129 28.73 -49.88 -17.10
CA ASN A 129 27.73 -49.22 -16.27
C ASN A 129 28.46 -48.43 -15.19
N VAL A 130 27.75 -47.44 -14.63
CA VAL A 130 28.26 -46.63 -13.53
C VAL A 130 27.52 -47.04 -12.26
N VAL A 131 28.27 -47.20 -11.18
CA VAL A 131 27.75 -47.72 -9.91
C VAL A 131 28.01 -46.68 -8.83
N ILE A 132 26.95 -46.33 -8.11
CA ILE A 132 27.03 -45.44 -6.96
C ILE A 132 26.57 -46.20 -5.73
N LYS A 133 27.40 -46.21 -4.70
CA LYS A 133 27.13 -46.88 -3.43
C LYS A 133 27.23 -45.82 -2.34
N VAL A 134 26.09 -45.31 -1.88
CA VAL A 134 26.06 -44.36 -0.78
C VAL A 134 25.77 -45.15 0.48
N CYS A 135 26.79 -45.78 1.07
CA CYS A 135 26.55 -46.59 2.25
C CYS A 135 27.67 -46.50 3.28
N GLU A 136 28.49 -45.45 3.23
CA GLU A 136 29.58 -45.25 4.18
C GLU A 136 30.58 -46.42 4.15
N PHE A 137 30.91 -46.87 2.95
CA PHE A 137 31.83 -47.99 2.79
C PHE A 137 33.26 -47.54 3.05
N GLN A 138 34.10 -48.49 3.48
CA GLN A 138 35.50 -48.20 3.79
C GLN A 138 36.33 -48.22 2.52
N PHE A 139 37.16 -47.20 2.32
CA PHE A 139 37.94 -47.04 1.11
C PHE A 139 39.43 -46.98 1.44
N CYS A 140 40.25 -47.46 0.50
CA CYS A 140 41.69 -47.50 0.70
C CYS A 140 42.32 -46.13 0.40
N ASN A 141 43.52 -45.93 0.95
CA ASN A 141 44.20 -44.65 0.80
C ASN A 141 44.81 -44.47 -0.59
N ASP A 142 45.41 -45.52 -1.16
CA ASP A 142 45.99 -45.46 -2.50
C ASP A 142 45.08 -46.23 -3.45
N PRO A 143 44.37 -45.54 -4.33
CA PRO A 143 43.34 -46.21 -5.13
C PRO A 143 43.93 -47.22 -6.12
N PHE A 144 43.27 -48.38 -6.20
CA PHE A 144 43.62 -49.43 -7.16
C PHE A 144 42.47 -50.44 -7.20
N LEU A 145 42.19 -50.95 -8.39
CA LEU A 145 41.18 -51.96 -8.60
C LEU A 145 41.75 -53.09 -9.44
N ASP A 146 41.17 -54.28 -9.29
CA ASP A 146 41.57 -55.44 -10.06
C ASP A 146 40.38 -56.03 -10.81
N CYS A 167 26.67 -52.84 4.45
CA CYS A 167 25.70 -51.78 4.26
C CYS A 167 24.51 -52.29 3.43
N THR A 168 23.65 -51.37 3.05
CA THR A 168 22.40 -51.71 2.34
C THR A 168 22.27 -51.03 0.99
N PHE A 169 22.73 -49.78 0.87
CA PHE A 169 22.53 -49.02 -0.35
C PHE A 169 23.31 -49.59 -1.52
N GLU A 170 22.80 -49.33 -2.72
CA GLU A 170 23.42 -49.75 -3.98
C GLU A 170 22.67 -49.07 -5.12
N TYR A 171 23.40 -48.74 -6.20
CA TYR A 171 22.81 -48.01 -7.31
C TYR A 171 23.61 -48.29 -8.58
N VAL A 172 22.90 -48.59 -9.67
CA VAL A 172 23.50 -48.84 -10.98
C VAL A 172 22.74 -48.05 -12.03
N SER A 173 23.46 -47.31 -12.88
CA SER A 173 22.86 -46.54 -13.96
C SER A 173 23.79 -46.56 -15.17
N GLN A 174 23.34 -45.95 -16.26
CA GLN A 174 24.06 -46.02 -17.52
C GLN A 174 25.38 -45.25 -17.45
N PRO A 175 26.43 -45.77 -18.10
CA PRO A 175 27.70 -45.05 -18.14
C PRO A 175 27.54 -43.70 -18.83
N PHE A 176 28.26 -42.70 -18.33
CA PHE A 176 28.08 -41.34 -18.84
C PHE A 176 28.65 -41.21 -20.24
N LEU A 177 29.68 -41.98 -20.57
CA LEU A 177 30.26 -41.94 -21.91
C LEU A 177 29.73 -43.10 -22.75
N LYS A 188 43.99 -36.12 -24.75
CA LYS A 188 43.42 -36.16 -26.10
C LYS A 188 41.94 -36.54 -26.05
N ASN A 189 41.28 -36.20 -24.94
CA ASN A 189 39.86 -36.46 -24.76
C ASN A 189 39.39 -35.66 -23.55
N LEU A 190 38.36 -34.83 -23.73
CA LEU A 190 37.86 -33.96 -22.67
C LEU A 190 36.60 -34.58 -22.06
N ARG A 191 36.59 -34.70 -20.74
CA ARG A 191 35.40 -35.16 -20.03
C ARG A 191 35.16 -34.27 -18.82
N GLU A 192 33.99 -33.63 -18.78
CA GLU A 192 33.64 -32.69 -17.72
C GLU A 192 32.48 -33.24 -16.91
N PHE A 193 32.48 -32.94 -15.62
CA PHE A 193 31.46 -33.40 -14.69
C PHE A 193 31.30 -32.34 -13.62
N VAL A 194 30.12 -32.31 -12.99
CA VAL A 194 29.83 -31.37 -11.91
C VAL A 194 29.11 -32.11 -10.80
N PHE A 195 29.68 -32.05 -9.59
CA PHE A 195 29.02 -32.51 -8.38
C PHE A 195 28.60 -31.30 -7.56
N LYS A 196 27.33 -31.23 -7.20
CA LYS A 196 26.76 -30.07 -6.51
C LYS A 196 26.01 -30.54 -5.28
N ASN A 197 26.27 -29.92 -4.14
CA ASN A 197 25.61 -30.25 -2.88
C ASN A 197 24.76 -29.03 -2.50
N ILE A 198 23.54 -28.98 -3.01
CA ILE A 198 22.68 -27.82 -2.86
C ILE A 198 21.33 -28.27 -2.32
N ASP A 199 20.81 -27.50 -1.35
CA ASP A 199 19.50 -27.71 -0.73
C ASP A 199 19.23 -29.18 -0.42
N GLY A 200 20.18 -29.83 0.23
CA GLY A 200 20.02 -31.23 0.57
C GLY A 200 19.83 -32.11 -0.64
N TYR A 201 20.64 -31.89 -1.68
CA TYR A 201 20.48 -32.59 -2.94
C TYR A 201 21.82 -32.65 -3.65
N PHE A 202 22.11 -33.82 -4.21
CA PHE A 202 23.36 -34.08 -4.90
C PHE A 202 23.08 -34.06 -6.40
N LYS A 203 23.63 -33.06 -7.08
CA LYS A 203 23.40 -32.84 -8.49
C LYS A 203 24.63 -33.31 -9.26
N ILE A 204 24.41 -34.06 -10.33
CA ILE A 204 25.46 -34.57 -11.18
C ILE A 204 25.19 -34.10 -12.61
N TYR A 205 26.17 -33.40 -13.19
CA TYR A 205 26.17 -33.05 -14.60
C TYR A 205 27.31 -33.79 -15.29
N SER A 206 27.06 -34.25 -16.52
CA SER A 206 28.05 -34.99 -17.29
C SER A 206 28.19 -34.40 -18.69
N LYS A 207 29.40 -34.55 -19.25
CA LYS A 207 29.67 -34.06 -20.60
C LYS A 207 30.95 -34.72 -21.11
N HIS A 208 30.96 -35.09 -22.38
CA HIS A 208 32.12 -35.71 -23.02
C HIS A 208 32.31 -35.10 -24.39
N THR A 209 33.54 -34.63 -24.68
CA THR A 209 33.91 -34.15 -25.99
C THR A 209 35.26 -34.72 -26.40
N PRO A 210 35.50 -34.86 -27.70
CA PRO A 210 36.84 -35.24 -28.17
C PRO A 210 37.73 -34.02 -28.42
N ILE A 211 38.99 -34.15 -28.05
CA ILE A 211 39.98 -33.10 -28.33
C ILE A 211 41.23 -33.73 -28.95
N ASP A 218 48.19 -22.46 -22.79
CA ASP A 218 47.07 -21.68 -22.27
C ASP A 218 45.74 -22.42 -22.48
N LEU A 219 44.80 -22.19 -21.57
CA LEU A 219 43.51 -22.85 -21.68
C LEU A 219 42.72 -22.28 -22.86
N PRO A 220 42.20 -23.12 -23.74
CA PRO A 220 41.27 -22.63 -24.76
C PRO A 220 39.93 -22.26 -24.15
N GLN A 221 39.10 -21.62 -24.95
CA GLN A 221 37.81 -21.12 -24.51
C GLN A 221 36.70 -22.17 -24.61
N GLY A 222 37.04 -23.46 -24.49
CA GLY A 222 36.10 -24.55 -24.67
C GLY A 222 34.78 -24.36 -23.96
N PHE A 223 33.68 -24.52 -24.68
CA PHE A 223 32.36 -24.15 -24.22
C PHE A 223 31.42 -25.34 -24.26
N SER A 224 30.62 -25.48 -23.20
CA SER A 224 29.61 -26.51 -23.13
C SER A 224 28.45 -26.00 -22.28
N ALA A 225 27.26 -26.01 -22.87
CA ALA A 225 26.03 -25.74 -22.13
C ALA A 225 25.68 -27.01 -21.37
N LEU A 226 26.20 -27.13 -20.15
CA LEU A 226 26.17 -28.38 -19.41
C LEU A 226 24.73 -28.68 -18.96
N GLU A 227 24.05 -29.52 -19.71
CA GLU A 227 22.69 -29.92 -19.37
C GLU A 227 22.67 -30.78 -18.10
N PRO A 228 21.62 -30.65 -17.29
CA PRO A 228 21.53 -31.46 -16.07
C PRO A 228 21.37 -32.94 -16.39
N LEU A 229 21.93 -33.78 -15.52
CA LEU A 229 21.79 -35.22 -15.65
C LEU A 229 21.04 -35.85 -14.48
N VAL A 230 21.51 -35.64 -13.24
CA VAL A 230 20.98 -36.37 -12.09
C VAL A 230 20.83 -35.41 -10.92
N ASP A 231 19.80 -35.63 -10.10
CA ASP A 231 19.64 -34.89 -8.84
C ASP A 231 19.07 -35.83 -7.78
N LEU A 232 19.96 -36.41 -6.97
CA LEU A 232 19.60 -37.26 -5.84
C LEU A 232 19.12 -36.41 -4.66
N PRO A 233 18.12 -36.87 -3.91
CA PRO A 233 17.65 -36.12 -2.74
C PRO A 233 18.33 -36.49 -1.43
N ILE A 234 19.44 -37.22 -1.46
CA ILE A 234 20.06 -37.71 -0.23
C ILE A 234 21.20 -36.78 0.18
N GLY A 235 21.32 -36.55 1.48
CA GLY A 235 22.39 -35.73 1.99
C GLY A 235 23.29 -36.45 2.98
N ILE A 236 24.54 -36.69 2.58
CA ILE A 236 25.56 -37.29 3.42
C ILE A 236 26.76 -36.36 3.43
N ASN A 237 27.60 -36.49 4.45
CA ASN A 237 28.73 -35.59 4.61
C ASN A 237 29.76 -35.89 3.52
N ILE A 238 29.74 -35.11 2.45
CA ILE A 238 30.70 -35.22 1.36
C ILE A 238 31.61 -34.01 1.44
N THR A 239 32.88 -34.25 1.67
CA THR A 239 33.86 -33.18 1.76
C THR A 239 35.03 -33.37 0.81
N ARG A 240 35.50 -34.61 0.63
CA ARG A 240 36.68 -34.88 -0.16
C ARG A 240 36.45 -36.09 -1.04
N PHE A 241 37.21 -36.16 -2.13
CA PHE A 241 37.21 -37.31 -3.02
C PHE A 241 38.52 -37.36 -3.77
N GLN A 242 38.80 -38.51 -4.37
CA GLN A 242 40.06 -38.71 -5.08
C GLN A 242 39.82 -39.63 -6.27
N THR A 243 40.58 -39.41 -7.33
CA THR A 243 40.47 -40.23 -8.53
C THR A 243 40.97 -41.65 -8.26
N LEU A 244 40.55 -42.57 -9.12
CA LEU A 244 40.90 -43.98 -8.99
C LEU A 244 41.66 -44.44 -10.23
N LEU A 245 42.73 -45.18 -10.02
CA LEU A 245 43.54 -45.73 -11.10
C LEU A 245 43.72 -47.22 -10.90
N ALA A 246 43.45 -47.98 -11.96
CA ALA A 246 43.62 -49.44 -11.95
C ALA A 246 44.44 -49.84 -13.16
N LEU A 247 45.53 -50.57 -12.93
CA LEU A 247 46.45 -50.97 -13.99
C LEU A 247 46.11 -52.37 -14.49
N HIS A 248 46.70 -52.72 -15.64
CA HIS A 248 46.49 -54.04 -16.21
C HIS A 248 46.99 -55.13 -15.28
N ARG A 249 48.16 -54.92 -14.67
CA ARG A 249 48.69 -55.85 -13.69
C ARG A 249 49.68 -55.11 -12.79
N SER A 250 49.76 -55.54 -11.54
CA SER A 250 50.65 -54.93 -10.56
C SER A 250 50.82 -55.92 -9.40
N TYR A 251 51.41 -55.45 -8.31
CA TYR A 251 51.61 -56.27 -7.14
C TYR A 251 50.26 -56.61 -6.50
N SER A 259 55.34 -47.51 -7.03
CA SER A 259 56.19 -48.37 -7.86
C SER A 259 55.31 -49.15 -8.82
N GLY A 260 55.89 -49.52 -9.95
CA GLY A 260 55.15 -50.27 -10.96
C GLY A 260 55.44 -49.82 -12.37
N TRP A 261 54.48 -50.01 -13.27
CA TRP A 261 54.67 -49.64 -14.66
C TRP A 261 54.55 -48.14 -14.85
N THR A 262 55.20 -47.64 -15.91
CA THR A 262 55.19 -46.21 -16.25
C THR A 262 53.87 -45.89 -16.96
N ALA A 263 52.81 -45.78 -16.19
CA ALA A 263 51.51 -45.39 -16.72
C ALA A 263 51.48 -43.88 -16.97
N GLY A 264 50.50 -43.46 -17.77
CA GLY A 264 50.41 -42.06 -18.14
C GLY A 264 50.01 -41.18 -16.97
N ALA A 265 50.34 -39.89 -17.09
CA ALA A 265 50.00 -38.89 -16.08
C ALA A 265 48.79 -38.10 -16.58
N ALA A 266 47.61 -38.48 -16.12
CA ALA A 266 46.38 -37.81 -16.54
C ALA A 266 46.30 -36.40 -15.95
N ALA A 267 45.54 -35.54 -16.62
CA ALA A 267 45.35 -34.16 -16.20
C ALA A 267 43.88 -33.92 -15.84
N TYR A 268 43.66 -33.33 -14.67
CA TYR A 268 42.32 -32.96 -14.23
C TYR A 268 42.38 -31.61 -13.52
N TYR A 269 41.39 -30.78 -13.79
CA TYR A 269 41.24 -29.47 -13.17
C TYR A 269 40.00 -29.46 -12.29
N VAL A 270 40.13 -28.91 -11.08
CA VAL A 270 39.02 -28.81 -10.14
C VAL A 270 38.70 -27.34 -9.93
N GLY A 271 37.43 -26.98 -10.07
CA GLY A 271 36.98 -25.64 -9.80
C GLY A 271 35.89 -25.61 -8.75
N TYR A 272 36.09 -24.87 -7.68
CA TYR A 272 35.13 -24.82 -6.60
C TYR A 272 33.98 -23.90 -7.00
N LEU A 273 32.75 -24.37 -6.82
CA LEU A 273 31.60 -23.58 -7.21
C LEU A 273 31.31 -22.48 -6.20
N GLN A 274 30.82 -21.35 -6.69
CA GLN A 274 30.47 -20.22 -5.86
C GLN A 274 29.15 -19.64 -6.35
N PRO A 275 28.30 -19.13 -5.45
CA PRO A 275 27.09 -18.45 -5.89
C PRO A 275 27.41 -17.13 -6.58
N ARG A 276 27.18 -17.07 -7.89
CA ARG A 276 27.59 -15.94 -8.70
C ARG A 276 26.52 -15.69 -9.75
N THR A 277 26.51 -14.48 -10.32
CA THR A 277 25.55 -14.14 -11.37
C THR A 277 26.27 -13.76 -12.65
N PHE A 278 25.71 -14.21 -13.77
CA PHE A 278 26.25 -13.99 -15.10
C PHE A 278 25.16 -13.42 -16.00
N LEU A 279 25.54 -13.10 -17.22
CA LEU A 279 24.64 -12.65 -18.29
C LEU A 279 24.90 -13.51 -19.52
N LEU A 280 23.86 -14.17 -20.02
CA LEU A 280 24.01 -15.14 -21.10
C LEU A 280 23.22 -14.70 -22.33
N LYS A 281 23.64 -15.20 -23.49
CA LYS A 281 22.94 -15.03 -24.75
C LYS A 281 22.65 -16.38 -25.37
N TYR A 282 21.40 -16.59 -25.78
CA TYR A 282 20.97 -17.84 -26.40
C TYR A 282 20.52 -17.53 -27.82
N ASN A 283 21.15 -18.19 -28.78
CA ASN A 283 20.90 -17.94 -30.20
C ASN A 283 19.56 -18.50 -30.62
N GLU A 284 19.22 -18.28 -31.90
CA GLU A 284 17.88 -18.60 -32.39
C GLU A 284 17.58 -20.09 -32.28
N ASN A 285 18.58 -20.95 -32.44
CA ASN A 285 18.34 -22.37 -32.25
C ASN A 285 18.20 -22.74 -30.78
N GLY A 286 18.54 -21.83 -29.88
CA GLY A 286 18.29 -22.03 -28.47
C GLY A 286 19.36 -22.78 -27.70
N THR A 287 20.59 -22.28 -27.74
CA THR A 287 21.67 -22.83 -26.92
C THR A 287 22.53 -21.71 -26.36
N ILE A 288 23.17 -21.98 -25.23
CA ILE A 288 24.05 -20.98 -24.63
C ILE A 288 25.27 -20.81 -25.53
N THR A 289 25.62 -19.57 -25.83
CA THR A 289 26.75 -19.29 -26.69
C THR A 289 27.68 -18.21 -26.21
N ASP A 290 27.23 -17.30 -25.35
CA ASP A 290 28.04 -16.16 -24.93
C ASP A 290 27.69 -15.83 -23.49
N ALA A 291 28.71 -15.73 -22.64
CA ALA A 291 28.52 -15.49 -21.22
C ALA A 291 29.41 -14.33 -20.77
N VAL A 292 28.89 -13.53 -19.85
CA VAL A 292 29.59 -12.36 -19.33
C VAL A 292 29.40 -12.34 -17.81
N ASP A 293 30.52 -12.34 -17.07
CA ASP A 293 30.44 -12.16 -15.63
C ASP A 293 29.86 -10.79 -15.33
N CYS A 294 28.98 -10.70 -14.34
CA CYS A 294 28.37 -9.41 -14.05
C CYS A 294 29.37 -8.42 -13.46
N ALA A 295 30.38 -8.90 -12.73
CA ALA A 295 31.35 -8.03 -12.08
C ALA A 295 32.78 -8.49 -12.32
N LEU A 296 33.11 -8.79 -13.57
CA LEU A 296 34.49 -9.06 -13.95
C LEU A 296 35.24 -7.76 -14.19
N ASP A 297 34.67 -6.87 -14.98
CA ASP A 297 35.27 -5.60 -15.37
C ASP A 297 34.18 -4.55 -15.31
N PRO A 298 34.55 -3.27 -15.22
CA PRO A 298 33.57 -2.22 -15.48
C PRO A 298 32.90 -2.34 -16.84
N LEU A 299 33.61 -2.80 -17.86
CA LEU A 299 32.95 -3.13 -19.12
C LEU A 299 31.99 -4.29 -18.92
N SER A 300 32.43 -5.34 -18.23
CA SER A 300 31.55 -6.46 -17.95
C SER A 300 30.37 -6.01 -17.11
N GLU A 301 30.59 -5.06 -16.20
CA GLU A 301 29.50 -4.61 -15.36
C GLU A 301 28.50 -3.76 -16.12
N THR A 302 28.96 -2.91 -17.06
CA THR A 302 28.00 -2.16 -17.85
C THR A 302 27.23 -3.06 -18.81
N LYS A 303 27.88 -4.10 -19.34
CA LYS A 303 27.13 -5.08 -20.14
C LYS A 303 26.07 -5.79 -19.29
N CYS A 304 26.42 -6.19 -18.07
CA CYS A 304 25.45 -6.84 -17.21
C CYS A 304 24.36 -5.86 -16.79
N THR A 305 24.68 -4.56 -16.73
CA THR A 305 23.68 -3.55 -16.43
C THR A 305 22.66 -3.43 -17.54
N LEU A 306 23.13 -3.26 -18.78
CA LEU A 306 22.22 -3.11 -19.89
C LEU A 306 21.55 -4.42 -20.29
N LYS A 307 21.97 -5.54 -19.70
CA LYS A 307 21.50 -6.87 -20.08
C LYS A 307 21.67 -7.07 -21.59
N SER A 308 22.92 -7.05 -22.03
CA SER A 308 23.24 -7.09 -23.45
C SER A 308 24.71 -7.45 -23.61
N PHE A 309 25.19 -7.37 -24.85
CA PHE A 309 26.59 -7.65 -25.16
C PHE A 309 27.22 -6.63 -26.09
N THR A 310 26.46 -5.68 -26.63
CA THR A 310 26.99 -4.58 -27.42
C THR A 310 26.58 -3.29 -26.73
N VAL A 311 27.56 -2.51 -26.28
CA VAL A 311 27.30 -1.31 -25.49
C VAL A 311 27.92 -0.12 -26.22
N GLU A 312 27.11 0.91 -26.48
CA GLU A 312 27.57 2.07 -27.22
C GLU A 312 28.54 2.90 -26.39
N LYS A 313 29.14 3.89 -27.05
CA LYS A 313 30.06 4.80 -26.37
C LYS A 313 29.28 5.82 -25.56
N GLY A 314 29.52 5.84 -24.25
CA GLY A 314 28.81 6.77 -23.40
C GLY A 314 29.18 6.57 -21.94
N ILE A 315 28.45 7.28 -21.09
CA ILE A 315 28.61 7.19 -19.64
C ILE A 315 27.43 6.41 -19.07
N TYR A 316 27.73 5.39 -18.26
CA TYR A 316 26.73 4.48 -17.73
C TYR A 316 26.94 4.39 -16.22
N GLN A 317 25.86 4.24 -15.48
CA GLN A 317 25.94 4.16 -14.02
C GLN A 317 25.57 2.76 -13.59
N THR A 318 26.50 2.10 -12.90
CA THR A 318 26.33 0.70 -12.54
C THR A 318 26.05 0.51 -11.05
N SER A 319 26.94 0.97 -10.19
CA SER A 319 26.85 0.68 -8.76
C SER A 319 27.49 1.85 -8.02
N ASN A 320 27.82 1.63 -6.75
CA ASN A 320 28.39 2.68 -5.92
C ASN A 320 29.57 2.12 -5.11
N PHE A 321 30.62 2.91 -5.00
CA PHE A 321 31.71 2.61 -4.07
C PHE A 321 31.29 3.06 -2.68
N ARG A 322 31.16 2.09 -1.76
CA ARG A 322 30.94 2.35 -0.35
C ARG A 322 32.18 1.93 0.42
N VAL A 323 32.76 2.87 1.16
CA VAL A 323 33.94 2.55 1.98
C VAL A 323 33.53 1.61 3.09
N GLN A 324 34.30 0.54 3.25
CA GLN A 324 34.09 -0.34 4.39
C GLN A 324 34.34 0.44 5.67
N PRO A 325 33.46 0.34 6.67
CA PRO A 325 33.57 1.18 7.87
C PRO A 325 34.61 0.71 8.88
N THR A 326 35.77 0.30 8.38
CA THR A 326 36.91 -0.14 9.19
C THR A 326 36.49 -0.94 10.42
N GLU A 327 36.64 -0.34 11.61
CA GLU A 327 36.31 -0.97 12.87
C GLU A 327 35.07 -0.31 13.47
N SER A 328 34.49 -0.99 14.46
CA SER A 328 33.39 -0.46 15.25
C SER A 328 33.94 -0.07 16.63
N ILE A 329 33.84 1.22 16.95
CA ILE A 329 34.35 1.76 18.20
C ILE A 329 33.16 2.09 19.11
N VAL A 330 33.20 1.54 20.32
CA VAL A 330 32.12 1.68 21.29
C VAL A 330 32.66 2.42 22.50
N ARG A 331 31.92 3.42 22.96
CA ARG A 331 32.24 4.15 24.18
C ARG A 331 31.11 3.99 25.19
N PHE A 332 31.39 4.37 26.43
CA PHE A 332 30.36 4.34 27.46
C PHE A 332 29.35 5.44 27.15
N ASN A 337 30.06 12.32 39.22
CA ASN A 337 30.37 11.74 37.92
C ASN A 337 31.44 10.65 38.07
N LEU A 338 31.38 9.92 39.17
CA LEU A 338 32.33 8.84 39.45
C LEU A 338 31.58 7.55 39.76
N CYS A 339 32.09 6.44 39.26
CA CYS A 339 31.54 5.14 39.63
C CYS A 339 31.97 4.77 41.05
N PRO A 340 31.04 4.55 41.97
CA PRO A 340 31.41 4.16 43.35
C PRO A 340 31.77 2.69 43.48
N PHE A 341 32.84 2.28 42.78
CA PHE A 341 33.37 0.93 42.94
C PHE A 341 34.24 0.78 44.18
N ASP A 342 34.61 1.89 44.82
CA ASP A 342 35.61 1.83 45.89
C ASP A 342 35.04 1.20 47.15
N GLU A 343 33.77 1.47 47.45
CA GLU A 343 33.16 1.01 48.69
C GLU A 343 32.52 -0.38 48.59
N VAL A 344 32.60 -1.02 47.43
CA VAL A 344 32.05 -2.36 47.27
C VAL A 344 32.92 -3.41 47.96
N PHE A 345 34.23 -3.24 47.89
CA PHE A 345 35.18 -4.17 48.48
C PHE A 345 36.13 -3.54 49.49
N ASN A 346 36.60 -2.33 49.23
CA ASN A 346 37.59 -1.67 50.07
C ASN A 346 36.97 -0.82 51.17
N ALA A 347 35.65 -0.84 51.31
CA ALA A 347 35.01 -0.14 52.41
C ALA A 347 35.52 -0.68 53.73
N THR A 348 35.76 0.23 54.68
CA THR A 348 36.35 -0.16 55.95
C THR A 348 35.45 -1.13 56.70
N ARG A 349 34.14 -0.88 56.68
CA ARG A 349 33.18 -1.71 57.39
C ARG A 349 32.18 -2.33 56.43
N PHE A 350 31.86 -3.60 56.66
CA PHE A 350 30.87 -4.34 55.89
C PHE A 350 29.73 -4.78 56.80
N ALA A 351 28.64 -5.20 56.16
CA ALA A 351 27.46 -5.69 56.88
C ALA A 351 27.55 -7.20 57.07
N SER A 352 26.66 -7.73 57.91
CA SER A 352 26.60 -9.15 58.16
C SER A 352 25.88 -9.87 57.02
N VAL A 353 25.74 -11.18 57.18
CA VAL A 353 25.17 -12.01 56.12
C VAL A 353 23.70 -11.67 55.88
N TYR A 354 22.93 -11.49 56.95
CA TYR A 354 21.50 -11.26 56.80
C TYR A 354 21.22 -9.94 56.07
N ALA A 355 21.95 -8.88 56.43
CA ALA A 355 21.75 -7.56 55.83
C ALA A 355 22.71 -7.37 54.65
N TRP A 356 22.62 -8.28 53.70
CA TRP A 356 23.47 -8.21 52.52
C TRP A 356 23.17 -6.94 51.73
N ASN A 357 24.23 -6.34 51.19
CA ASN A 357 24.13 -5.06 50.50
C ASN A 357 24.19 -5.27 48.99
N ARG A 358 23.24 -4.67 48.28
CA ARG A 358 23.17 -4.78 46.83
C ARG A 358 23.06 -3.40 46.22
N LYS A 359 24.00 -3.05 45.36
CA LYS A 359 24.03 -1.74 44.71
C LYS A 359 24.24 -1.91 43.22
N ARG A 360 23.41 -1.22 42.44
CA ARG A 360 23.59 -1.16 40.99
C ARG A 360 24.47 0.04 40.64
N ILE A 361 25.53 -0.21 39.88
CA ILE A 361 26.48 0.82 39.49
C ILE A 361 26.53 0.90 37.98
N SER A 362 26.31 2.09 37.44
CA SER A 362 26.33 2.36 36.01
C SER A 362 26.26 3.86 35.83
N ASN A 363 26.18 4.29 34.57
CA ASN A 363 25.96 5.69 34.24
C ASN A 363 27.07 6.57 34.80
N CYS A 364 28.28 6.02 34.86
CA CYS A 364 29.43 6.76 35.37
C CYS A 364 30.68 6.22 34.69
N VAL A 365 31.71 7.06 34.64
CA VAL A 365 33.02 6.64 34.14
C VAL A 365 33.54 5.54 35.06
N ALA A 366 33.85 4.39 34.47
CA ALA A 366 34.25 3.22 35.25
C ALA A 366 35.63 3.48 35.84
N ASP A 367 35.66 3.72 37.15
CA ASP A 367 36.91 3.94 37.87
C ASP A 367 37.30 2.63 38.53
N TYR A 368 38.13 1.86 37.85
CA TYR A 368 38.65 0.59 38.37
C TYR A 368 40.09 0.67 38.85
N SER A 369 40.69 1.86 38.86
CA SER A 369 42.08 2.01 39.24
C SER A 369 42.28 2.27 40.73
N VAL A 370 41.21 2.49 41.49
CA VAL A 370 41.34 2.81 42.90
C VAL A 370 41.92 1.62 43.63
N LEU A 371 42.90 1.87 44.48
CA LEU A 371 43.65 0.80 45.13
C LEU A 371 42.74 0.00 46.06
N TYR A 372 42.68 -1.32 45.84
CA TYR A 372 41.92 -2.22 46.68
C TYR A 372 42.82 -3.18 47.44
N ASN A 373 43.65 -3.95 46.74
CA ASN A 373 44.63 -4.83 47.37
C ASN A 373 45.89 -4.94 46.53
N LEU A 374 46.17 -3.94 45.70
CA LEU A 374 47.20 -3.97 44.66
C LEU A 374 46.92 -5.00 43.59
N ALA A 375 45.66 -5.47 43.52
CA ALA A 375 45.18 -6.44 42.54
C ALA A 375 46.11 -7.66 42.44
N PRO A 376 46.27 -8.43 43.51
CA PRO A 376 47.12 -9.64 43.43
C PRO A 376 46.29 -10.86 43.02
N PHE A 377 45.78 -10.81 41.78
CA PHE A 377 44.80 -11.77 41.31
C PHE A 377 45.51 -13.02 40.80
N PHE A 378 45.58 -14.04 41.67
CA PHE A 378 46.19 -15.30 41.25
C PHE A 378 45.15 -16.36 40.88
N THR A 379 43.89 -16.16 41.27
CA THR A 379 42.82 -17.11 40.98
C THR A 379 41.68 -16.39 40.30
N PHE A 380 41.27 -16.88 39.13
CA PHE A 380 40.15 -16.29 38.39
C PHE A 380 39.68 -17.28 37.33
N LYS A 381 38.37 -17.49 37.28
CA LYS A 381 37.76 -18.18 36.14
C LYS A 381 36.27 -17.88 36.16
N CYS A 382 35.78 -17.18 35.14
CA CYS A 382 34.39 -16.81 35.05
C CYS A 382 33.77 -17.29 33.74
N TYR A 383 32.50 -17.69 33.83
CA TYR A 383 31.72 -18.14 32.69
C TYR A 383 30.53 -17.22 32.49
N GLY A 384 30.04 -17.15 31.27
CA GLY A 384 28.90 -16.30 30.96
C GLY A 384 29.31 -14.91 30.50
N VAL A 385 30.22 -14.29 31.22
CA VAL A 385 30.75 -12.98 30.86
C VAL A 385 32.20 -13.14 30.41
N SER A 386 32.53 -12.50 29.29
CA SER A 386 33.88 -12.56 28.74
C SER A 386 34.31 -11.16 28.31
N PRO A 387 35.61 -10.85 28.40
CA PRO A 387 36.07 -9.51 27.97
C PRO A 387 35.81 -9.21 26.50
N THR A 388 35.79 -10.23 25.64
CA THR A 388 35.61 -10.00 24.21
C THR A 388 34.25 -9.39 23.91
N LYS A 389 33.20 -9.90 24.54
CA LYS A 389 31.84 -9.47 24.20
C LYS A 389 31.54 -8.04 24.61
N LEU A 390 32.36 -7.41 25.45
CA LEU A 390 32.07 -6.05 25.89
C LEU A 390 32.05 -5.05 24.75
N ASN A 391 32.63 -5.40 23.61
CA ASN A 391 32.53 -4.53 22.43
C ASN A 391 31.13 -4.57 21.83
N ASP A 392 30.55 -5.77 21.70
CA ASP A 392 29.24 -5.92 21.08
C ASP A 392 28.15 -6.32 22.08
N LEU A 393 28.44 -6.29 23.38
CA LEU A 393 27.44 -6.49 24.42
C LEU A 393 27.49 -5.34 25.41
N CYS A 394 26.31 -4.81 25.75
CA CYS A 394 26.16 -3.81 26.79
C CYS A 394 25.33 -4.42 27.91
N PHE A 395 25.90 -4.47 29.11
CA PHE A 395 25.23 -5.10 30.24
C PHE A 395 24.31 -4.11 30.93
N THR A 396 23.16 -4.62 31.39
CA THR A 396 22.11 -3.76 31.91
C THR A 396 22.34 -3.36 33.36
N ASN A 397 22.63 -4.34 34.23
CA ASN A 397 22.76 -4.07 35.65
C ASN A 397 24.02 -4.71 36.19
N VAL A 398 24.53 -4.13 37.28
CA VAL A 398 25.65 -4.68 38.04
C VAL A 398 25.14 -4.96 39.44
N TYR A 399 25.04 -6.24 39.80
CA TYR A 399 24.55 -6.66 41.11
C TYR A 399 25.69 -7.17 41.97
N ALA A 400 25.77 -6.63 43.19
CA ALA A 400 26.78 -7.01 44.17
C ALA A 400 26.06 -7.57 45.39
N ASP A 401 26.50 -8.73 45.86
CA ASP A 401 25.97 -9.35 47.06
C ASP A 401 27.10 -9.65 48.03
N SER A 402 26.91 -9.30 49.29
CA SER A 402 27.96 -9.41 50.30
C SER A 402 27.50 -10.26 51.48
N PHE A 403 28.44 -10.98 52.07
CA PHE A 403 28.21 -11.73 53.29
C PHE A 403 29.54 -11.91 54.02
N VAL A 404 29.49 -12.45 55.23
CA VAL A 404 30.66 -12.58 56.08
C VAL A 404 30.83 -14.04 56.47
N ILE A 405 32.01 -14.60 56.20
CA ILE A 405 32.36 -15.96 56.58
C ILE A 405 33.79 -15.97 57.09
N ARG A 406 34.26 -17.16 57.46
CA ARG A 406 35.64 -17.35 57.94
C ARG A 406 36.45 -18.14 56.92
N GLY A 407 37.75 -18.22 57.18
CA GLY A 407 38.72 -18.71 56.20
C GLY A 407 38.62 -20.16 55.79
N ASP A 408 38.57 -21.08 56.76
CA ASP A 408 38.60 -22.51 56.45
C ASP A 408 37.28 -23.01 55.87
N GLU A 409 36.33 -22.12 55.56
CA GLU A 409 35.05 -22.51 55.01
C GLU A 409 34.77 -21.90 53.64
N VAL A 410 35.69 -21.09 53.10
CA VAL A 410 35.49 -20.51 51.78
C VAL A 410 35.50 -21.60 50.70
N ARG A 411 36.26 -22.68 50.92
CA ARG A 411 36.32 -23.75 49.94
C ARG A 411 34.96 -24.40 49.75
N GLN A 412 34.21 -24.59 50.84
CA GLN A 412 32.89 -25.22 50.76
C GLN A 412 31.84 -24.34 50.10
N ILE A 413 32.13 -23.07 49.86
CA ILE A 413 31.18 -22.16 49.20
C ILE A 413 31.54 -22.18 47.71
N ALA A 414 30.91 -23.10 46.98
CA ALA A 414 31.12 -23.25 45.56
C ALA A 414 29.94 -24.01 44.97
N PRO A 415 29.74 -23.94 43.66
CA PRO A 415 28.71 -24.80 43.04
C PRO A 415 29.01 -26.27 43.27
N GLY A 416 27.96 -27.06 43.45
CA GLY A 416 28.13 -28.47 43.74
C GLY A 416 28.81 -28.75 45.06
N GLN A 417 28.39 -28.08 46.13
CA GLN A 417 28.97 -28.27 47.45
C GLN A 417 27.87 -28.59 48.45
N THR A 418 28.18 -29.50 49.38
CA THR A 418 27.23 -29.99 50.35
C THR A 418 27.76 -29.77 51.76
N GLY A 419 26.85 -29.70 52.72
CA GLY A 419 27.17 -29.44 54.10
C GLY A 419 26.27 -28.37 54.69
N ASN A 420 26.46 -28.11 55.97
CA ASN A 420 25.65 -27.12 56.66
C ASN A 420 26.10 -25.69 56.36
N ILE A 421 27.34 -25.52 55.89
CA ILE A 421 27.89 -24.17 55.70
C ILE A 421 27.13 -23.44 54.59
N ALA A 422 27.00 -24.08 53.42
CA ALA A 422 26.35 -23.40 52.31
C ALA A 422 24.84 -23.27 52.55
N ASP A 423 24.23 -24.26 53.18
CA ASP A 423 22.80 -24.23 53.42
C ASP A 423 22.41 -23.08 54.33
N TYR A 424 23.19 -22.84 55.39
CA TYR A 424 22.83 -21.87 56.42
C TYR A 424 23.52 -20.52 56.25
N ASN A 425 24.35 -20.35 55.21
CA ASN A 425 25.02 -19.08 54.98
C ASN A 425 24.69 -18.46 53.63
N TYR A 426 24.87 -19.20 52.53
CA TYR A 426 24.65 -18.64 51.19
C TYR A 426 24.53 -19.77 50.18
N LYS A 427 23.56 -19.66 49.29
CA LYS A 427 23.26 -20.69 48.29
C LYS A 427 23.78 -20.25 46.92
N LEU A 428 24.56 -21.13 46.26
CA LEU A 428 25.10 -20.76 44.95
C LEU A 428 24.31 -21.41 43.83
N PRO A 429 23.80 -20.63 42.88
CA PRO A 429 23.00 -21.22 41.80
C PRO A 429 23.83 -22.05 40.84
N ASP A 430 23.14 -22.95 40.13
CA ASP A 430 23.83 -23.84 39.20
C ASP A 430 24.49 -23.06 38.07
N ASP A 431 23.79 -22.09 37.50
CA ASP A 431 24.27 -21.32 36.35
C ASP A 431 24.71 -19.92 36.77
N PHE A 432 25.40 -19.84 37.92
CA PHE A 432 25.92 -18.58 38.42
C PHE A 432 26.65 -17.80 37.33
N THR A 433 26.17 -16.60 37.06
CA THR A 433 26.73 -15.72 36.03
C THR A 433 27.39 -14.54 36.74
N GLY A 434 28.71 -14.56 36.81
CA GLY A 434 29.44 -13.53 37.52
C GLY A 434 30.88 -13.96 37.76
N CYS A 435 31.51 -13.28 38.71
CA CYS A 435 32.90 -13.57 39.06
C CYS A 435 33.04 -13.72 40.57
N VAL A 436 33.93 -14.64 40.96
CA VAL A 436 34.19 -14.96 42.36
C VAL A 436 35.44 -14.21 42.80
N ILE A 437 35.31 -13.41 43.86
CA ILE A 437 36.42 -12.65 44.42
C ILE A 437 36.57 -13.03 45.89
N ALA A 438 37.74 -13.55 46.24
CA ALA A 438 38.07 -13.89 47.61
C ALA A 438 39.49 -13.44 47.88
N TRP A 439 39.71 -12.84 49.05
CA TRP A 439 41.01 -12.25 49.36
C TRP A 439 41.18 -12.17 50.87
N ASN A 440 42.43 -11.99 51.29
CA ASN A 440 42.76 -11.83 52.70
C ASN A 440 42.43 -10.42 53.16
N SER A 441 41.95 -10.31 54.41
CA SER A 441 41.62 -9.01 54.99
C SER A 441 42.15 -8.91 56.42
N ASN A 442 43.18 -9.67 56.75
CA ASN A 442 43.76 -9.60 58.09
C ASN A 442 44.46 -8.28 58.34
N LYS A 443 45.02 -7.66 57.30
CA LYS A 443 45.77 -6.42 57.47
C LYS A 443 44.89 -5.25 57.87
N LEU A 444 43.60 -5.28 57.52
CA LEU A 444 42.67 -4.21 57.85
C LEU A 444 41.75 -4.55 59.01
N ASP A 445 41.30 -5.81 59.13
CA ASP A 445 40.33 -6.19 60.15
C ASP A 445 40.99 -6.75 61.41
N SER A 446 42.18 -6.27 61.75
CA SER A 446 42.88 -6.72 62.95
C SER A 446 42.71 -5.68 64.04
N LYS A 447 42.31 -6.14 65.23
CA LYS A 447 42.06 -5.28 66.37
C LYS A 447 42.83 -5.79 67.59
N VAL A 448 43.33 -4.85 68.40
CA VAL A 448 44.06 -5.21 69.60
C VAL A 448 43.14 -5.82 70.64
N SER A 449 41.92 -5.31 70.76
CA SER A 449 40.94 -5.81 71.72
C SER A 449 39.96 -6.81 71.12
N GLY A 450 40.07 -7.11 69.82
CA GLY A 450 39.17 -8.04 69.19
C GLY A 450 38.01 -7.35 68.48
N ASN A 451 37.56 -7.92 67.37
CA ASN A 451 36.46 -7.36 66.59
C ASN A 451 35.25 -8.28 66.69
N TYR A 452 34.17 -7.77 67.28
CA TYR A 452 32.93 -8.52 67.44
C TYR A 452 31.85 -8.08 66.46
N ASN A 453 32.21 -7.33 65.42
CA ASN A 453 31.25 -6.79 64.47
C ASN A 453 31.00 -7.71 63.28
N TYR A 454 31.56 -8.93 63.30
CA TYR A 454 31.34 -9.91 62.25
C TYR A 454 30.63 -11.12 62.86
N LEU A 455 29.38 -11.34 62.46
CA LEU A 455 28.58 -12.43 62.97
C LEU A 455 28.04 -13.25 61.80
N TYR A 456 27.70 -14.51 62.10
CA TYR A 456 27.16 -15.40 61.08
C TYR A 456 26.21 -16.38 61.76
N ARG A 457 25.21 -16.82 61.01
CA ARG A 457 24.21 -17.76 61.50
C ARG A 457 24.70 -19.17 61.25
N LEU A 458 24.99 -19.91 62.34
CA LEU A 458 25.46 -21.28 62.24
C LEU A 458 24.36 -22.30 62.47
N PHE A 459 23.36 -21.97 63.29
CA PHE A 459 22.29 -22.89 63.64
C PHE A 459 20.94 -22.26 63.30
N ARG A 460 20.10 -23.02 62.61
CA ARG A 460 18.77 -22.55 62.25
C ARG A 460 17.88 -23.76 61.99
N LYS A 461 16.57 -23.52 62.03
CA LYS A 461 15.61 -24.58 61.75
C LYS A 461 15.67 -25.02 60.29
N SER A 462 15.85 -24.08 59.36
CA SER A 462 15.79 -24.38 57.94
C SER A 462 16.61 -23.37 57.16
N ASN A 463 16.88 -23.70 55.90
CA ASN A 463 17.63 -22.82 55.03
C ASN A 463 16.81 -21.59 54.67
N LEU A 464 17.47 -20.44 54.60
CA LEU A 464 16.80 -19.22 54.19
C LEU A 464 16.41 -19.29 52.72
N LYS A 465 15.24 -18.77 52.39
CA LYS A 465 14.79 -18.75 51.01
C LYS A 465 15.65 -17.79 50.19
N PRO A 466 15.77 -18.03 48.89
CA PRO A 466 16.51 -17.08 48.04
C PRO A 466 15.86 -15.71 48.06
N PHE A 467 16.71 -14.67 48.15
CA PHE A 467 16.28 -13.27 48.12
C PHE A 467 15.25 -12.98 49.20
N GLU A 468 15.35 -13.68 50.32
CA GLU A 468 14.40 -13.52 51.42
C GLU A 468 14.78 -12.32 52.26
N ARG A 469 13.78 -11.57 52.71
CA ARG A 469 13.98 -10.41 53.57
C ARG A 469 13.40 -10.69 54.94
N ASP A 470 14.22 -10.57 55.98
CA ASP A 470 13.81 -10.81 57.35
C ASP A 470 14.32 -9.66 58.21
N ILE A 471 13.43 -9.11 59.04
CA ILE A 471 13.79 -8.02 59.94
C ILE A 471 13.54 -8.41 61.40
N SER A 472 13.18 -9.66 61.65
CA SER A 472 12.94 -10.10 63.01
C SER A 472 14.25 -10.23 63.79
N THR A 473 14.16 -9.98 65.10
CA THR A 473 15.31 -10.07 65.99
C THR A 473 15.16 -11.21 67.00
N GLU A 474 14.33 -12.19 66.69
CA GLU A 474 14.07 -13.28 67.63
C GLU A 474 15.33 -14.12 67.82
N ILE A 475 15.70 -14.35 69.08
CA ILE A 475 16.92 -15.07 69.42
C ILE A 475 16.63 -16.56 69.48
N TYR A 476 17.53 -17.35 68.92
CA TYR A 476 17.44 -18.80 69.02
C TYR A 476 17.61 -19.27 70.45
N PHE A 493 26.50 -18.21 74.75
CA PHE A 493 25.82 -17.20 73.94
C PHE A 493 25.25 -17.86 72.68
N PRO A 494 24.01 -17.50 72.31
CA PRO A 494 23.37 -18.16 71.17
C PRO A 494 24.13 -18.02 69.87
N LEU A 495 24.74 -16.87 69.62
CA LEU A 495 25.52 -16.64 68.42
C LEU A 495 26.99 -16.46 68.80
N ARG A 496 27.87 -17.00 67.98
CA ARG A 496 29.31 -16.92 68.24
C ARG A 496 29.97 -16.00 67.22
N SER A 497 30.91 -15.19 67.72
CA SER A 497 31.67 -14.26 66.90
C SER A 497 33.07 -14.81 66.69
N TYR A 498 33.65 -14.49 65.52
CA TYR A 498 34.95 -15.04 65.16
C TYR A 498 36.04 -14.51 66.10
N SER A 499 36.98 -15.39 66.44
CA SER A 499 38.14 -14.99 67.22
C SER A 499 39.28 -14.66 66.26
N PHE A 500 39.78 -13.43 66.33
CA PHE A 500 40.80 -12.94 65.41
C PHE A 500 42.08 -12.66 66.21
N ARG A 501 42.89 -13.69 66.40
CA ARG A 501 44.15 -13.51 67.09
C ARG A 501 45.33 -13.78 66.15
N PRO A 502 46.43 -13.05 66.31
CA PRO A 502 47.62 -13.34 65.50
C PRO A 502 48.24 -14.70 65.77
N THR A 503 47.97 -15.29 66.94
CA THR A 503 48.59 -16.55 67.32
C THR A 503 47.77 -17.77 66.94
N TYR A 504 46.60 -17.57 66.33
CA TYR A 504 45.76 -18.69 65.93
C TYR A 504 46.21 -19.22 64.56
N GLY A 505 45.52 -20.26 64.09
CA GLY A 505 45.85 -20.85 62.81
C GLY A 505 45.36 -20.03 61.64
N VAL A 506 45.69 -20.50 60.44
CA VAL A 506 45.27 -19.82 59.22
C VAL A 506 43.76 -19.85 59.04
N GLY A 507 43.08 -20.79 59.69
CA GLY A 507 41.63 -20.85 59.60
C GLY A 507 40.90 -19.79 60.42
N HIS A 508 41.61 -19.11 61.33
CA HIS A 508 41.02 -18.06 62.15
C HIS A 508 41.25 -16.66 61.57
N GLN A 509 41.85 -16.56 60.38
CA GLN A 509 42.06 -15.27 59.75
C GLN A 509 40.73 -14.66 59.32
N PRO A 510 40.56 -13.35 59.51
CA PRO A 510 39.37 -12.68 58.99
C PRO A 510 39.35 -12.70 57.46
N TYR A 511 38.15 -12.85 56.91
CA TYR A 511 37.98 -12.93 55.46
C TYR A 511 36.75 -12.13 55.05
N ARG A 512 36.93 -11.23 54.09
CA ARG A 512 35.83 -10.49 53.48
C ARG A 512 35.49 -11.16 52.16
N VAL A 513 34.26 -11.64 52.02
CA VAL A 513 33.81 -12.37 50.83
C VAL A 513 32.60 -11.65 50.26
N VAL A 514 32.66 -11.33 48.97
CA VAL A 514 31.58 -10.66 48.26
C VAL A 514 31.39 -11.33 46.91
N VAL A 515 30.14 -11.49 46.49
CA VAL A 515 29.79 -12.16 45.24
C VAL A 515 29.15 -11.14 44.32
N LEU A 516 29.66 -11.03 43.10
CA LEU A 516 29.14 -10.13 42.08
C LEU A 516 28.37 -10.92 41.03
N SER A 517 27.18 -10.46 40.67
CA SER A 517 26.34 -11.14 39.70
C SER A 517 25.86 -10.16 38.64
N PHE A 518 25.57 -10.69 37.45
CA PHE A 518 25.09 -9.89 36.32
C PHE A 518 23.80 -10.50 35.80
N GLU A 519 22.67 -9.87 36.10
CA GLU A 519 21.37 -10.31 35.62
C GLU A 519 20.98 -9.51 34.40
N LEU A 520 20.65 -10.21 33.31
CA LEU A 520 20.29 -9.60 32.04
C LEU A 520 18.79 -9.77 31.85
N LEU A 521 18.03 -8.83 32.38
CA LEU A 521 16.58 -8.84 32.29
C LEU A 521 16.16 -8.29 30.93
N LYS A 531 25.43 -0.25 30.87
CA LYS A 531 26.88 -0.24 30.85
C LYS A 531 27.36 -0.76 29.51
N LYS A 532 28.24 -0.02 28.86
CA LYS A 532 28.77 -0.45 27.56
C LYS A 532 30.29 -0.54 27.57
N SER A 533 30.86 -0.86 26.42
CA SER A 533 32.28 -1.14 26.34
C SER A 533 33.09 0.05 25.91
N THR A 534 34.37 0.07 26.30
CA THR A 534 35.26 1.16 25.89
C THR A 534 35.90 0.91 24.53
N ASN A 535 36.77 1.84 24.11
CA ASN A 535 37.63 1.88 22.93
C ASN A 535 37.17 2.97 21.97
N LEU A 536 38.11 3.59 21.26
CA LEU A 536 37.79 4.72 20.42
C LEU A 536 38.89 4.91 19.38
N VAL A 537 38.48 5.32 18.18
CA VAL A 537 39.40 5.72 17.12
C VAL A 537 38.89 7.04 16.56
N LYS A 538 39.75 7.72 15.81
CA LYS A 538 39.42 9.03 15.27
C LYS A 538 39.92 9.15 13.84
N ASN A 539 39.29 10.05 13.09
CA ASN A 539 39.73 10.45 11.76
C ASN A 539 39.65 9.32 10.74
N LYS A 540 38.79 8.34 10.97
CA LYS A 540 38.65 7.23 10.04
C LYS A 540 37.20 6.81 9.95
N CYS A 541 36.74 6.51 8.74
CA CYS A 541 35.37 6.06 8.54
C CYS A 541 35.15 4.75 9.26
N VAL A 542 34.44 4.81 10.38
CA VAL A 542 34.24 3.67 11.26
C VAL A 542 32.79 3.64 11.71
N ASN A 543 32.44 2.58 12.42
CA ASN A 543 31.10 2.42 13.00
C ASN A 543 31.17 2.85 14.46
N PHE A 544 30.63 4.03 14.75
CA PHE A 544 30.68 4.57 16.10
C PHE A 544 29.40 4.26 16.87
N ASN A 545 29.58 3.82 18.11
CA ASN A 545 28.48 3.54 19.03
C ASN A 545 28.82 4.12 20.39
N PHE A 546 27.84 4.79 21.00
CA PHE A 546 28.00 5.40 22.33
C PHE A 546 26.76 5.05 23.11
N ASN A 547 26.79 3.91 23.81
CA ASN A 547 25.61 3.38 24.50
C ASN A 547 24.45 3.25 23.53
N GLY A 548 24.76 2.84 22.30
CA GLY A 548 23.81 2.89 21.21
C GLY A 548 24.23 3.94 20.20
N LEU A 549 23.27 4.66 19.61
CA LEU A 549 23.55 5.70 18.63
C LEU A 549 24.39 5.15 17.48
N LYS A 550 23.99 3.98 16.99
CA LYS A 550 24.77 3.25 15.99
C LYS A 550 24.86 4.04 14.71
N GLY A 551 26.05 4.59 14.43
CA GLY A 551 26.24 5.36 13.22
C GLY A 551 27.50 4.94 12.50
N THR A 552 27.59 5.34 11.23
CA THR A 552 28.76 5.07 10.42
C THR A 552 29.25 6.37 9.81
N GLY A 553 30.55 6.63 9.92
CA GLY A 553 31.10 7.81 9.29
C GLY A 553 32.47 8.13 9.85
N VAL A 554 32.93 9.31 9.47
CA VAL A 554 34.23 9.84 9.89
C VAL A 554 34.01 10.74 11.10
N LEU A 555 34.79 10.51 12.16
CA LEU A 555 34.80 11.32 13.35
C LEU A 555 36.11 12.11 13.38
N THR A 556 36.01 13.41 13.10
CA THR A 556 37.18 14.28 13.09
C THR A 556 37.09 15.32 14.20
N GLU A 557 38.07 16.22 14.25
CA GLU A 557 38.00 17.32 15.20
C GLU A 557 36.81 18.22 14.88
N SER A 558 36.05 18.55 15.92
CA SER A 558 34.75 19.18 15.75
C SER A 558 34.82 20.68 15.96
N ASN A 559 34.32 21.41 14.97
CA ASN A 559 34.09 22.84 15.08
C ASN A 559 32.92 23.15 15.99
N LYS A 560 32.39 22.14 16.68
CA LYS A 560 31.24 22.30 17.55
C LYS A 560 31.71 22.46 18.99
N LYS A 561 31.12 23.42 19.68
CA LYS A 561 31.35 23.66 21.11
C LYS A 561 29.99 23.66 21.78
N PHE A 562 29.81 22.80 22.78
CA PHE A 562 28.50 22.60 23.37
C PHE A 562 28.42 23.23 24.76
N LEU A 563 27.28 23.05 25.40
CA LEU A 563 27.07 23.38 26.79
C LEU A 563 27.13 22.12 27.64
N PRO A 564 27.43 22.23 28.94
CA PRO A 564 27.77 21.02 29.72
C PRO A 564 26.73 19.92 29.68
N PHE A 565 25.44 20.26 29.57
CA PHE A 565 24.46 19.20 29.41
C PHE A 565 24.20 18.85 27.95
N GLN A 566 24.69 19.66 27.01
CA GLN A 566 24.43 19.40 25.61
C GLN A 566 25.19 18.15 25.18
N GLN A 567 24.48 17.02 25.17
CA GLN A 567 25.14 15.73 24.98
C GLN A 567 25.56 15.51 23.53
N PHE A 568 24.70 15.89 22.59
CA PHE A 568 25.05 15.73 21.18
C PHE A 568 24.20 16.68 20.36
N GLY A 569 24.71 17.00 19.18
CA GLY A 569 24.05 17.97 18.33
C GLY A 569 23.56 17.37 17.02
N ARG A 570 22.68 18.10 16.34
CA ARG A 570 22.05 17.60 15.13
C ARG A 570 22.16 18.64 14.03
N ASP A 571 22.24 18.18 12.79
CA ASP A 571 22.21 19.03 11.62
C ASP A 571 20.83 18.94 10.97
N ILE A 572 20.67 19.56 9.81
CA ILE A 572 19.43 19.42 9.07
C ILE A 572 19.27 17.97 8.62
N ALA A 573 18.03 17.58 8.38
CA ALA A 573 17.69 16.22 7.92
C ALA A 573 18.04 15.15 8.97
N ASP A 574 18.00 15.56 10.24
CA ASP A 574 18.13 14.62 11.37
C ASP A 574 19.37 13.74 11.27
N THR A 575 20.49 14.34 10.89
CA THR A 575 21.78 13.67 10.88
C THR A 575 22.69 14.37 11.88
N THR A 576 23.06 13.67 12.94
CA THR A 576 23.77 14.30 14.04
C THR A 576 25.15 14.78 13.61
N ASP A 577 25.61 15.86 14.27
CA ASP A 577 26.86 16.52 13.94
C ASP A 577 28.00 16.21 14.89
N ALA A 578 27.74 16.13 16.20
CA ALA A 578 28.82 15.99 17.16
C ALA A 578 28.45 14.97 18.22
N VAL A 579 29.49 14.42 18.86
CA VAL A 579 29.32 13.52 19.99
C VAL A 579 30.31 13.90 21.08
N ARG A 580 29.83 13.93 22.32
CA ARG A 580 30.69 14.18 23.47
C ARG A 580 31.26 12.85 23.97
N ASP A 581 32.50 12.90 24.43
CA ASP A 581 33.17 11.70 24.90
C ASP A 581 32.73 11.38 26.32
N PRO A 582 32.13 10.22 26.58
CA PRO A 582 31.75 9.88 27.96
C PRO A 582 32.93 9.70 28.89
N GLN A 583 34.14 9.49 28.37
CA GLN A 583 35.29 9.20 29.20
C GLN A 583 36.11 10.45 29.52
N THR A 584 36.66 11.11 28.50
CA THR A 584 37.48 12.30 28.68
C THR A 584 36.77 13.58 28.30
N LEU A 585 35.50 13.50 27.89
CA LEU A 585 34.66 14.68 27.66
C LEU A 585 35.23 15.57 26.56
N GLU A 586 35.30 15.03 25.36
CA GLU A 586 35.67 15.81 24.19
C GLU A 586 34.67 15.58 23.08
N ILE A 587 34.55 16.56 22.20
CA ILE A 587 33.47 16.62 21.22
C ILE A 587 34.04 16.33 19.83
N LEU A 588 33.35 15.46 19.10
CA LEU A 588 33.81 14.92 17.82
C LEU A 588 32.79 15.27 16.74
N ASP A 589 33.29 15.50 15.52
CA ASP A 589 32.45 15.82 14.38
C ASP A 589 32.23 14.57 13.54
N ILE A 590 30.97 14.32 13.18
CA ILE A 590 30.56 13.11 12.45
C ILE A 590 30.09 13.51 11.05
N THR A 591 30.62 12.84 10.05
CA THR A 591 30.11 12.93 8.69
C THR A 591 29.87 11.52 8.17
N PRO A 592 28.70 11.22 7.63
CA PRO A 592 28.45 9.87 7.12
C PRO A 592 29.45 9.53 6.04
N CYS A 593 29.80 8.24 5.97
CA CYS A 593 31.05 7.81 5.35
C CYS A 593 31.17 8.34 3.91
N SER A 594 32.42 8.52 3.49
CA SER A 594 32.71 9.05 2.16
C SER A 594 32.47 7.95 1.13
N PHE A 595 31.37 8.06 0.38
CA PHE A 595 31.04 7.08 -0.64
C PHE A 595 30.33 7.78 -1.78
N GLY A 596 30.17 7.06 -2.88
CA GLY A 596 29.48 7.64 -4.03
C GLY A 596 29.47 6.66 -5.19
N GLY A 597 28.59 6.93 -6.13
CA GLY A 597 28.38 6.03 -7.24
C GLY A 597 29.59 5.91 -8.13
N VAL A 598 29.44 5.10 -9.18
CA VAL A 598 30.49 4.91 -10.17
C VAL A 598 29.88 5.04 -11.56
N SER A 599 30.53 5.82 -12.41
CA SER A 599 30.15 5.98 -13.80
C SER A 599 31.26 5.43 -14.68
N VAL A 600 30.89 4.60 -15.65
CA VAL A 600 31.87 3.81 -16.41
C VAL A 600 31.99 4.42 -17.80
N ILE A 601 32.96 5.32 -17.97
CA ILE A 601 33.27 5.81 -19.31
C ILE A 601 33.77 4.63 -20.13
N THR A 602 32.98 4.22 -21.12
CA THR A 602 33.37 3.17 -22.06
C THR A 602 33.18 3.67 -23.48
N PRO A 603 34.24 3.72 -24.29
CA PRO A 603 34.11 4.22 -25.66
C PRO A 603 33.44 3.26 -26.63
N GLY A 604 32.88 2.15 -26.16
CA GLY A 604 32.15 1.24 -27.01
C GLY A 604 32.90 -0.03 -27.36
N THR A 605 32.26 -1.17 -27.20
CA THR A 605 32.90 -2.45 -27.51
C THR A 605 33.30 -2.52 -28.98
N ASN A 606 32.67 -1.72 -29.84
CA ASN A 606 33.10 -1.67 -31.23
C ASN A 606 34.54 -1.21 -31.35
N THR A 607 34.95 -0.24 -30.52
CA THR A 607 36.29 0.31 -30.61
C THR A 607 37.29 -0.44 -29.73
N SER A 608 37.05 -0.49 -28.42
CA SER A 608 38.00 -1.09 -27.49
C SER A 608 37.25 -1.61 -26.28
N ASN A 609 38.01 -1.92 -25.23
CA ASN A 609 37.47 -2.41 -23.96
C ASN A 609 38.16 -1.72 -22.79
N GLN A 610 38.43 -0.43 -22.92
CA GLN A 610 39.11 0.34 -21.88
C GLN A 610 38.10 1.20 -21.13
N VAL A 611 37.97 0.93 -19.83
CA VAL A 611 36.98 1.58 -18.98
C VAL A 611 37.68 2.61 -18.11
N ALA A 612 37.06 3.77 -17.96
CA ALA A 612 37.52 4.79 -17.02
C ALA A 612 36.38 5.05 -16.04
N VAL A 613 36.59 4.70 -14.77
CA VAL A 613 35.49 4.71 -13.81
C VAL A 613 35.63 5.92 -12.88
N LEU A 614 34.53 6.64 -12.71
CA LEU A 614 34.44 7.84 -11.88
C LEU A 614 33.67 7.51 -10.61
N TYR A 615 34.27 7.79 -9.45
CA TYR A 615 33.57 7.74 -8.18
C TYR A 615 32.97 9.10 -7.86
N GLN A 616 31.71 9.10 -7.44
CA GLN A 616 30.92 10.31 -7.27
C GLN A 616 31.20 10.94 -5.91
N GLY A 617 31.67 12.18 -5.93
CA GLY A 617 31.80 12.95 -4.70
C GLY A 617 32.66 12.31 -3.63
N VAL A 618 33.77 11.70 -4.02
CA VAL A 618 34.70 11.08 -3.08
C VAL A 618 36.10 11.59 -3.40
N ASN A 619 36.83 12.02 -2.38
CA ASN A 619 38.22 12.43 -2.54
C ASN A 619 39.10 11.21 -2.30
N CYS A 620 39.73 10.70 -3.37
CA CYS A 620 40.62 9.58 -3.22
C CYS A 620 42.03 10.00 -2.82
N THR A 621 42.29 11.30 -2.73
CA THR A 621 43.51 11.75 -2.06
C THR A 621 43.51 11.31 -0.60
N GLU A 622 42.33 11.22 0.00
CA GLU A 622 42.11 10.63 1.31
C GLU A 622 41.17 9.43 1.20
N VAL A 623 41.37 8.62 0.16
CA VAL A 623 40.53 7.47 -0.15
C VAL A 623 39.08 7.89 -0.34
N SER A 643 45.43 2.63 -13.61
CA SER A 643 46.28 3.63 -14.26
C SER A 643 46.32 4.91 -13.45
N ASN A 644 46.62 6.02 -14.12
CA ASN A 644 46.65 7.31 -13.45
C ASN A 644 45.27 7.65 -12.88
N VAL A 645 45.30 8.30 -11.73
CA VAL A 645 44.08 8.66 -10.99
C VAL A 645 44.01 10.18 -10.93
N PHE A 646 42.88 10.72 -11.37
CA PHE A 646 42.66 12.16 -11.34
C PHE A 646 41.56 12.47 -10.34
N GLN A 647 41.60 13.67 -9.76
CA GLN A 647 40.58 14.12 -8.84
C GLN A 647 39.90 15.35 -9.41
N THR A 648 38.58 15.26 -9.58
CA THR A 648 37.78 16.34 -10.11
C THR A 648 36.70 16.70 -9.10
N ARG A 649 35.98 17.79 -9.38
CA ARG A 649 34.96 18.24 -8.45
C ARG A 649 33.90 17.18 -8.21
N ALA A 650 33.64 16.32 -9.21
CA ALA A 650 32.65 15.27 -9.05
C ALA A 650 33.16 14.08 -8.24
N GLY A 651 34.46 13.93 -8.09
CA GLY A 651 34.98 12.85 -7.28
C GLY A 651 36.34 12.39 -7.79
N CYS A 652 36.47 11.07 -7.93
CA CYS A 652 37.75 10.43 -8.18
C CYS A 652 37.68 9.60 -9.46
N LEU A 653 38.38 10.03 -10.49
CA LEU A 653 38.35 9.38 -11.80
C LEU A 653 39.58 8.49 -11.93
N ILE A 654 39.41 7.19 -11.80
CA ILE A 654 40.51 6.25 -11.96
C ILE A 654 40.31 5.54 -13.29
N GLY A 655 41.38 4.92 -13.78
CA GLY A 655 41.30 4.34 -15.09
C GLY A 655 41.24 5.34 -16.20
N ALA A 656 41.46 6.62 -15.90
CA ALA A 656 41.53 7.64 -16.93
C ALA A 656 42.84 8.40 -16.80
N GLU A 657 43.57 8.47 -17.89
CA GLU A 657 44.80 9.25 -17.96
C GLU A 657 44.38 10.70 -18.19
N TYR A 658 44.35 11.47 -17.11
CA TYR A 658 43.85 12.84 -17.19
C TYR A 658 44.75 13.66 -18.10
N VAL A 659 44.26 13.97 -19.26
CA VAL A 659 44.95 14.89 -20.17
C VAL A 659 44.50 16.30 -19.82
N ASN A 660 45.36 17.27 -20.12
CA ASN A 660 45.00 18.66 -19.95
C ASN A 660 44.59 19.33 -21.25
N ASN A 661 44.67 18.61 -22.37
CA ASN A 661 44.48 19.24 -23.67
C ASN A 661 43.01 19.55 -23.92
N SER A 662 42.78 20.41 -24.90
CA SER A 662 41.45 20.82 -25.30
C SER A 662 40.96 19.92 -26.43
N TYR A 663 39.87 19.19 -26.20
CA TYR A 663 39.19 18.44 -27.23
C TYR A 663 37.69 18.61 -27.06
N GLU A 664 36.96 18.46 -28.16
CA GLU A 664 35.52 18.47 -28.08
C GLU A 664 35.04 17.32 -27.19
N CYS A 665 33.92 17.55 -26.51
CA CYS A 665 33.40 16.57 -25.56
C CYS A 665 32.59 15.50 -26.27
N ASP A 666 32.85 14.24 -25.91
CA ASP A 666 32.05 13.12 -26.39
C ASP A 666 31.26 12.49 -25.27
N ILE A 667 31.93 12.03 -24.22
CA ILE A 667 31.28 11.47 -23.05
C ILE A 667 31.53 12.43 -21.90
N PRO A 668 30.56 13.29 -21.54
CA PRO A 668 30.71 14.11 -20.33
C PRO A 668 30.85 13.24 -19.09
N ILE A 669 31.94 13.43 -18.36
CA ILE A 669 32.23 12.60 -17.20
C ILE A 669 31.65 13.18 -15.93
N GLY A 670 31.67 14.50 -15.80
CA GLY A 670 30.99 15.17 -14.70
C GLY A 670 31.76 16.37 -14.18
N ALA A 671 31.02 17.26 -13.50
CA ALA A 671 31.58 18.45 -12.88
C ALA A 671 32.43 19.25 -13.87
N GLY A 672 32.06 19.23 -15.15
CA GLY A 672 32.77 19.98 -16.15
C GLY A 672 33.85 19.26 -16.90
N ILE A 673 34.02 17.95 -16.69
CA ILE A 673 35.08 17.22 -17.35
C ILE A 673 34.45 16.17 -18.27
N CYS A 674 35.12 15.97 -19.41
CA CYS A 674 34.71 15.02 -20.44
C CYS A 674 35.81 14.03 -20.78
N ALA A 675 35.57 13.20 -21.79
CA ALA A 675 36.47 12.11 -22.13
C ALA A 675 36.77 12.11 -23.62
N SER A 676 37.78 11.33 -23.99
CA SER A 676 38.12 11.08 -25.39
C SER A 676 38.97 9.81 -25.43
N TYR A 677 39.17 9.28 -26.63
CA TYR A 677 39.91 8.04 -26.79
C TYR A 677 41.29 8.37 -27.35
N GLN A 678 42.33 7.92 -26.65
CA GLN A 678 43.69 8.31 -27.01
C GLN A 678 44.17 7.62 -28.28
N THR A 679 43.92 6.32 -28.40
CA THR A 679 44.37 5.52 -29.54
C THR A 679 45.88 5.61 -29.70
N GLN A 693 43.88 1.99 -26.99
CA GLN A 693 45.05 2.35 -26.21
C GLN A 693 44.67 2.74 -24.80
N SER A 694 44.15 3.97 -24.65
CA SER A 694 43.78 4.48 -23.34
C SER A 694 42.68 5.51 -23.51
N ILE A 695 42.00 5.80 -22.41
CA ILE A 695 40.89 6.75 -22.37
C ILE A 695 41.32 7.97 -21.58
N ILE A 696 41.36 9.11 -22.23
CA ILE A 696 41.78 10.35 -21.63
C ILE A 696 40.56 11.08 -21.08
N ALA A 697 40.75 11.77 -19.97
CA ALA A 697 39.74 12.66 -19.42
C ALA A 697 40.35 14.04 -19.27
N TYR A 698 39.52 15.07 -19.43
CA TYR A 698 40.05 16.43 -19.40
C TYR A 698 38.94 17.38 -19.02
N THR A 699 39.33 18.62 -18.72
CA THR A 699 38.35 19.68 -18.61
C THR A 699 37.71 19.90 -19.97
N MET A 700 36.37 19.88 -20.00
CA MET A 700 35.66 19.89 -21.26
C MET A 700 36.03 21.12 -22.05
N SER A 701 36.71 20.92 -23.18
CA SER A 701 37.13 22.04 -24.00
C SER A 701 35.90 22.78 -24.48
N LEU A 702 35.73 23.99 -23.96
CA LEU A 702 34.47 24.69 -24.11
C LEU A 702 34.17 24.95 -25.59
N GLY A 703 35.20 25.23 -26.37
CA GLY A 703 35.04 25.47 -27.78
C GLY A 703 36.12 26.40 -28.27
N ALA A 704 36.03 26.73 -29.56
CA ALA A 704 36.96 27.68 -30.17
C ALA A 704 36.54 29.09 -29.79
N GLU A 705 37.36 29.76 -28.99
CA GLU A 705 37.01 31.09 -28.49
C GLU A 705 37.11 32.06 -29.65
N ASN A 706 36.06 32.11 -30.46
CA ASN A 706 36.05 32.95 -31.66
C ASN A 706 35.88 34.40 -31.21
N SER A 707 36.98 35.09 -31.02
CA SER A 707 36.91 36.50 -30.66
C SER A 707 36.43 37.28 -31.87
N VAL A 708 35.11 37.46 -31.99
CA VAL A 708 34.55 38.15 -33.13
C VAL A 708 35.03 39.60 -33.12
N ALA A 709 35.43 40.09 -34.28
CA ALA A 709 35.96 41.44 -34.41
C ALA A 709 34.81 42.41 -34.55
N TYR A 710 34.59 43.22 -33.50
CA TYR A 710 33.76 44.40 -33.64
C TYR A 710 34.31 45.32 -34.72
N SER A 711 33.42 45.87 -35.53
CA SER A 711 33.82 46.81 -36.58
C SER A 711 32.99 48.08 -36.48
N ASN A 712 33.52 49.17 -37.03
CA ASN A 712 32.85 50.45 -37.00
C ASN A 712 32.51 50.97 -38.39
N ASN A 713 33.48 50.99 -39.30
CA ASN A 713 33.28 51.54 -40.65
C ASN A 713 33.83 50.61 -41.73
N SER A 714 33.75 49.30 -41.51
CA SER A 714 34.03 48.30 -42.54
C SER A 714 33.28 47.03 -42.18
N ILE A 715 32.94 46.25 -43.21
CA ILE A 715 32.07 45.10 -43.03
C ILE A 715 32.69 43.88 -43.70
N ALA A 716 32.14 42.71 -43.40
CA ALA A 716 32.59 41.44 -43.99
C ALA A 716 31.35 40.71 -44.51
N ILE A 717 31.06 40.89 -45.79
CA ILE A 717 29.85 40.33 -46.40
C ILE A 717 29.97 38.81 -46.44
N PRO A 718 28.92 38.06 -46.05
CA PRO A 718 28.93 36.61 -46.30
C PRO A 718 28.67 36.32 -47.76
N THR A 719 29.69 35.96 -48.53
CA THR A 719 29.53 35.83 -49.96
C THR A 719 28.85 34.51 -50.35
N ASN A 720 28.67 33.58 -49.43
CA ASN A 720 28.01 32.32 -49.78
C ASN A 720 27.32 31.79 -48.54
N PHE A 721 26.84 30.55 -48.61
CA PHE A 721 26.09 29.96 -47.51
C PHE A 721 25.90 28.48 -47.79
N THR A 722 25.07 27.86 -46.97
CA THR A 722 24.61 26.49 -47.15
C THR A 722 23.13 26.41 -46.83
N ILE A 723 22.36 25.84 -47.76
CA ILE A 723 21.00 25.40 -47.47
C ILE A 723 21.16 24.06 -46.78
N SER A 724 21.28 24.09 -45.47
CA SER A 724 21.52 22.88 -44.72
C SER A 724 20.19 22.19 -44.45
N VAL A 725 20.28 20.93 -44.06
CA VAL A 725 19.11 20.13 -43.74
C VAL A 725 19.35 19.45 -42.42
N THR A 726 18.37 19.50 -41.54
CA THR A 726 18.47 18.82 -40.26
C THR A 726 17.27 17.92 -40.07
N THR A 727 17.45 16.93 -39.21
CA THR A 727 16.41 15.97 -38.89
C THR A 727 15.83 16.28 -37.52
N GLU A 728 14.60 16.79 -37.49
CA GLU A 728 13.88 16.99 -36.24
C GLU A 728 13.00 15.78 -36.00
N ILE A 729 13.03 15.27 -34.79
CA ILE A 729 12.34 14.03 -34.44
C ILE A 729 11.29 14.34 -33.39
N LEU A 730 10.06 13.91 -33.64
CA LEU A 730 9.01 14.19 -32.65
C LEU A 730 8.17 12.96 -32.41
N PRO A 731 8.21 12.36 -31.22
CA PRO A 731 7.27 11.29 -30.92
C PRO A 731 5.87 11.85 -30.78
N VAL A 732 4.95 11.38 -31.63
CA VAL A 732 3.63 12.00 -31.74
C VAL A 732 2.58 11.10 -31.12
N SER A 733 2.82 9.81 -31.11
CA SER A 733 1.85 8.88 -30.57
C SER A 733 2.54 7.86 -29.68
N MET A 734 2.06 7.76 -28.45
CA MET A 734 2.33 6.60 -27.64
C MET A 734 1.59 5.42 -28.27
N THR A 735 1.84 4.22 -27.77
CA THR A 735 1.07 3.07 -28.19
C THR A 735 -0.23 3.04 -27.41
N LYS A 736 -1.36 3.15 -28.10
CA LYS A 736 -2.65 2.92 -27.46
C LYS A 736 -2.61 1.59 -26.74
N THR A 737 -2.97 1.61 -25.46
CA THR A 737 -2.80 0.41 -24.66
C THR A 737 -4.00 0.25 -23.74
N SER A 738 -4.37 -1.00 -23.49
CA SER A 738 -5.51 -1.26 -22.62
C SER A 738 -5.26 -2.52 -21.82
N VAL A 739 -5.99 -2.63 -20.72
CA VAL A 739 -5.88 -3.76 -19.80
C VAL A 739 -7.25 -4.35 -19.59
N ASP A 740 -7.34 -5.67 -19.69
CA ASP A 740 -8.53 -6.34 -19.20
C ASP A 740 -8.48 -6.42 -17.68
N CYS A 741 -9.65 -6.31 -17.07
CA CYS A 741 -9.70 -6.35 -15.61
C CYS A 741 -9.38 -7.75 -15.09
N THR A 742 -10.25 -8.71 -15.37
CA THR A 742 -10.04 -10.06 -14.85
C THR A 742 -8.84 -10.72 -15.50
N MET A 743 -8.68 -10.57 -16.81
CA MET A 743 -7.62 -11.30 -17.51
C MET A 743 -6.25 -10.94 -16.96
N TYR A 744 -6.02 -9.67 -16.69
CA TYR A 744 -4.79 -9.28 -16.00
C TYR A 744 -4.83 -9.68 -14.54
N ILE A 745 -5.77 -9.15 -13.76
CA ILE A 745 -5.74 -9.34 -12.32
C ILE A 745 -5.94 -10.81 -11.97
N CYS A 746 -6.88 -11.48 -12.62
CA CYS A 746 -7.25 -12.83 -12.24
C CYS A 746 -7.08 -13.83 -13.38
N GLY A 747 -7.38 -13.44 -14.61
CA GLY A 747 -7.34 -14.36 -15.72
C GLY A 747 -8.32 -15.50 -15.52
N ASP A 748 -7.78 -16.67 -15.24
CA ASP A 748 -8.56 -17.86 -14.95
C ASP A 748 -9.03 -17.95 -13.51
N SER A 749 -8.53 -17.07 -12.64
CA SER A 749 -8.82 -17.17 -11.21
C SER A 749 -10.27 -16.79 -10.95
N THR A 750 -11.13 -17.78 -10.76
CA THR A 750 -12.52 -17.51 -10.46
C THR A 750 -12.68 -16.83 -9.11
N GLU A 751 -11.89 -17.24 -8.12
CA GLU A 751 -11.96 -16.60 -6.80
C GLU A 751 -11.54 -15.15 -6.88
N CYS A 752 -10.44 -14.87 -7.59
CA CYS A 752 -10.01 -13.48 -7.75
C CYS A 752 -11.03 -12.67 -8.52
N SER A 753 -11.57 -13.23 -9.61
CA SER A 753 -12.55 -12.50 -10.40
C SER A 753 -13.79 -12.18 -9.58
N ASN A 754 -14.23 -13.13 -8.76
CA ASN A 754 -15.39 -12.91 -7.90
C ASN A 754 -15.09 -11.86 -6.83
N LEU A 755 -13.94 -11.96 -6.17
CA LEU A 755 -13.63 -11.08 -5.05
C LEU A 755 -13.14 -9.72 -5.51
N LEU A 756 -12.88 -9.55 -6.80
CA LEU A 756 -12.38 -8.26 -7.29
C LEU A 756 -13.43 -7.18 -7.12
N LEU A 757 -14.65 -7.42 -7.60
CA LEU A 757 -15.67 -6.38 -7.63
C LEU A 757 -16.12 -6.00 -6.23
N GLN A 758 -16.22 -6.98 -5.33
CA GLN A 758 -16.60 -6.68 -3.95
C GLN A 758 -15.54 -5.82 -3.27
N TYR A 759 -14.31 -5.85 -3.77
CA TYR A 759 -13.29 -4.93 -3.31
C TYR A 759 -13.24 -3.65 -4.14
N GLY A 760 -14.14 -3.49 -5.09
CA GLY A 760 -14.21 -2.32 -5.93
C GLY A 760 -13.97 -2.67 -7.39
N SER A 761 -14.03 -1.66 -8.23
CA SER A 761 -13.86 -1.85 -9.66
C SER A 761 -12.88 -0.81 -10.18
N PHE A 762 -11.74 -0.69 -9.48
CA PHE A 762 -10.73 0.31 -9.82
C PHE A 762 -10.36 0.24 -11.29
N CYS A 763 -10.26 -0.98 -11.83
CA CYS A 763 -9.86 -1.20 -13.20
C CYS A 763 -10.76 -0.43 -14.16
N THR A 764 -12.02 -0.19 -13.82
CA THR A 764 -12.86 0.66 -14.63
C THR A 764 -12.30 2.07 -14.76
N GLN A 765 -11.90 2.69 -13.64
CA GLN A 765 -11.39 4.05 -13.73
C GLN A 765 -10.04 4.08 -14.39
N LEU A 766 -9.18 3.15 -13.99
CA LEU A 766 -7.92 2.93 -14.68
C LEU A 766 -8.17 2.97 -16.18
N LYS A 767 -9.19 2.22 -16.61
CA LYS A 767 -9.46 2.05 -18.02
C LYS A 767 -10.08 3.28 -18.64
N ARG A 768 -10.88 4.08 -17.89
CA ARG A 768 -11.41 5.22 -18.64
C ARG A 768 -10.26 6.16 -18.94
N ALA A 769 -9.33 6.27 -17.98
CA ALA A 769 -8.20 7.16 -18.19
C ALA A 769 -7.32 6.64 -19.32
N LEU A 770 -7.15 5.32 -19.38
CA LEU A 770 -6.40 4.72 -20.48
C LEU A 770 -7.07 4.96 -21.84
N THR A 771 -8.39 4.76 -21.91
CA THR A 771 -9.12 5.02 -23.13
C THR A 771 -9.02 6.49 -23.51
N GLY A 772 -9.04 7.36 -22.51
CA GLY A 772 -8.81 8.77 -22.76
C GLY A 772 -7.41 9.03 -23.29
N ILE A 773 -6.41 8.37 -22.70
CA ILE A 773 -5.07 8.43 -23.26
C ILE A 773 -5.15 8.15 -24.75
N ALA A 774 -5.73 7.02 -25.10
CA ALA A 774 -5.75 6.59 -26.48
C ALA A 774 -6.51 7.58 -27.36
N VAL A 775 -7.70 7.97 -26.93
CA VAL A 775 -8.56 8.76 -27.81
C VAL A 775 -8.05 10.19 -27.91
N GLU A 776 -7.59 10.76 -26.80
CA GLU A 776 -6.98 12.09 -26.89
C GLU A 776 -5.70 12.08 -27.70
N GLN A 777 -4.84 11.07 -27.55
CA GLN A 777 -3.64 11.08 -28.39
C GLN A 777 -4.02 10.84 -29.84
N ASP A 778 -5.12 10.15 -30.10
CA ASP A 778 -5.55 9.94 -31.49
C ASP A 778 -6.15 11.20 -32.07
N LYS A 779 -6.95 11.92 -31.29
CA LYS A 779 -7.39 13.25 -31.68
C LYS A 779 -6.20 14.16 -31.89
N ASN A 780 -5.17 13.97 -31.08
CA ASN A 780 -3.89 14.63 -31.29
C ASN A 780 -3.30 14.24 -32.62
N THR A 781 -3.38 12.96 -32.96
CA THR A 781 -2.88 12.49 -34.24
C THR A 781 -3.64 13.14 -35.38
N GLN A 782 -4.95 13.31 -35.20
CA GLN A 782 -5.77 14.02 -36.18
C GLN A 782 -5.31 15.46 -36.34
N GLU A 783 -5.27 16.20 -35.22
CA GLU A 783 -4.91 17.61 -35.28
C GLU A 783 -3.48 17.79 -35.76
N VAL A 784 -2.64 16.79 -35.53
CA VAL A 784 -1.34 16.70 -36.19
C VAL A 784 -1.53 16.56 -37.69
N PHE A 785 -2.31 15.58 -38.12
CA PHE A 785 -2.43 15.23 -39.52
C PHE A 785 -3.73 15.71 -40.14
N ALA A 786 -4.88 15.32 -39.57
CA ALA A 786 -6.14 15.70 -40.17
C ALA A 786 -6.48 17.13 -39.78
N GLN A 787 -5.51 18.03 -39.91
CA GLN A 787 -5.84 19.44 -39.93
C GLN A 787 -6.41 19.82 -41.29
N VAL A 788 -5.87 19.23 -42.35
CA VAL A 788 -6.40 19.39 -43.70
C VAL A 788 -7.39 18.27 -43.94
N LYS A 789 -8.65 18.64 -44.19
CA LYS A 789 -9.73 17.66 -44.19
C LYS A 789 -9.72 16.78 -45.45
N GLN A 790 -8.96 17.17 -46.47
CA GLN A 790 -9.02 16.52 -47.77
C GLN A 790 -7.62 16.10 -48.23
N ILE A 791 -7.53 14.92 -48.85
CA ILE A 791 -6.27 14.52 -49.47
C ILE A 791 -6.02 15.45 -50.63
N TYR A 792 -4.75 15.75 -50.89
CA TYR A 792 -4.36 16.31 -52.17
C TYR A 792 -3.46 15.30 -52.87
N LYS A 793 -3.88 14.85 -54.03
CA LYS A 793 -3.23 13.73 -54.70
C LYS A 793 -1.90 14.19 -55.29
N THR A 794 -0.86 13.44 -55.00
CA THR A 794 0.43 13.70 -55.62
C THR A 794 0.29 13.43 -57.10
N PRO A 795 0.53 14.40 -57.97
CA PRO A 795 0.40 14.15 -59.41
C PRO A 795 1.49 13.22 -59.88
N PRO A 796 1.13 12.02 -60.37
CA PRO A 796 2.16 11.07 -60.83
C PRO A 796 2.98 11.56 -62.00
N ILE A 797 2.62 12.71 -62.58
CA ILE A 797 3.37 13.28 -63.69
C ILE A 797 4.79 13.55 -63.23
N LYS A 798 5.75 12.86 -63.83
CA LYS A 798 7.14 12.99 -63.42
C LYS A 798 7.75 14.24 -64.03
N TYR A 799 7.09 15.38 -63.85
CA TYR A 799 7.57 16.67 -64.29
C TYR A 799 7.64 17.56 -63.04
N PHE A 800 8.77 17.45 -62.33
CA PHE A 800 8.98 18.26 -61.13
C PHE A 800 10.00 19.36 -61.39
N GLY A 801 10.56 19.42 -62.59
CA GLY A 801 11.38 20.55 -63.00
C GLY A 801 12.70 20.71 -62.24
N GLY A 802 13.42 19.61 -62.02
CA GLY A 802 14.76 19.67 -61.47
C GLY A 802 14.87 19.68 -59.96
N PHE A 803 13.95 19.06 -59.25
CA PHE A 803 13.97 19.04 -57.79
C PHE A 803 13.74 17.61 -57.32
N ASN A 804 14.79 16.80 -57.28
CA ASN A 804 14.67 15.35 -57.18
C ASN A 804 14.11 14.99 -55.80
N PHE A 805 12.89 14.47 -55.80
CA PHE A 805 12.15 14.21 -54.57
C PHE A 805 11.88 12.73 -54.36
N SER A 806 12.57 11.86 -55.10
CA SER A 806 12.24 10.44 -55.09
C SER A 806 12.20 9.89 -53.69
N GLN A 807 13.14 10.27 -52.84
CA GLN A 807 13.17 9.75 -51.49
C GLN A 807 12.11 10.42 -50.61
N ILE A 808 11.73 11.65 -50.93
CA ILE A 808 10.78 12.37 -50.09
C ILE A 808 9.36 12.29 -50.64
N LEU A 809 9.19 12.38 -51.96
CA LEU A 809 7.84 12.22 -52.50
C LEU A 809 7.59 10.76 -52.84
N PRO A 810 6.59 10.12 -52.20
CA PRO A 810 6.33 8.71 -52.49
C PRO A 810 5.97 8.51 -53.95
N ASP A 811 6.48 7.43 -54.52
CA ASP A 811 6.20 7.03 -55.90
C ASP A 811 5.24 5.86 -55.90
N PRO A 812 4.39 5.75 -56.93
CA PRO A 812 3.37 4.70 -56.93
C PRO A 812 3.93 3.29 -56.99
N SER A 813 5.22 3.13 -57.30
CA SER A 813 5.79 1.80 -57.54
C SER A 813 5.59 0.88 -56.35
N LYS A 814 5.86 1.37 -55.15
CA LYS A 814 5.63 0.57 -53.96
C LYS A 814 4.13 0.37 -53.78
N PRO A 815 3.67 -0.83 -53.43
CA PRO A 815 2.23 -1.03 -53.20
C PRO A 815 1.66 -0.17 -52.09
N SER A 816 2.47 0.23 -51.10
CA SER A 816 2.06 1.24 -50.12
C SER A 816 2.71 2.57 -50.49
N LYS A 817 1.90 3.61 -50.63
CA LYS A 817 2.42 4.87 -51.15
C LYS A 817 3.35 5.50 -50.13
N ARG A 818 4.62 5.08 -50.14
CA ARG A 818 5.56 5.49 -49.11
C ARG A 818 6.83 5.97 -49.78
N SER A 819 7.26 7.17 -49.41
CA SER A 819 8.56 7.61 -49.85
C SER A 819 9.63 6.80 -49.13
N PHE A 820 10.71 6.43 -49.84
CA PHE A 820 11.64 5.43 -49.28
C PHE A 820 12.29 5.87 -48.00
N ILE A 821 12.36 7.16 -47.72
CA ILE A 821 12.87 7.59 -46.43
C ILE A 821 12.01 7.03 -45.31
N GLU A 822 10.70 7.07 -45.48
CA GLU A 822 9.81 6.52 -44.45
C GLU A 822 10.06 5.04 -44.25
N ASP A 823 10.27 4.30 -45.35
CA ASP A 823 10.51 2.88 -45.23
C ASP A 823 11.85 2.59 -44.57
N LEU A 824 12.87 3.38 -44.90
CA LEU A 824 14.15 3.23 -44.22
C LEU A 824 13.99 3.50 -42.73
N LEU A 825 13.18 4.49 -42.38
CA LEU A 825 12.93 4.78 -40.98
C LEU A 825 12.22 3.62 -40.31
N PHE A 826 11.22 3.04 -40.99
CA PHE A 826 10.46 1.93 -40.45
C PHE A 826 11.35 0.71 -40.24
N ASN A 827 12.25 0.45 -41.18
CA ASN A 827 13.17 -0.67 -41.06
C ASN A 827 14.31 -0.40 -40.08
N LYS A 828 14.58 0.88 -39.79
CA LYS A 828 15.66 1.20 -38.87
C LYS A 828 15.36 0.70 -37.47
N VAL A 829 14.11 0.82 -37.03
CA VAL A 829 13.70 0.29 -35.74
C VAL A 829 13.39 -1.18 -35.88
N THR A 830 13.60 -1.92 -34.79
CA THR A 830 13.38 -3.37 -34.79
C THR A 830 12.00 -3.70 -34.23
N LEU A 831 11.55 -4.90 -34.55
CA LEU A 831 10.23 -5.37 -34.10
C LEU A 831 10.29 -5.82 -32.65
N LYS A 857 -1.34 -8.83 -27.79
CA LYS A 857 -1.82 -10.02 -27.13
C LYS A 857 -0.84 -10.51 -26.07
N PHE A 858 -0.68 -9.73 -25.01
CA PHE A 858 0.27 -10.03 -23.94
C PHE A 858 -0.50 -10.21 -22.64
N LYS A 859 -0.98 -11.43 -22.43
CA LYS A 859 -1.59 -11.95 -21.19
C LYS A 859 -2.37 -10.91 -20.40
N GLY A 860 -3.38 -10.30 -21.02
CA GLY A 860 -4.23 -9.34 -20.36
C GLY A 860 -3.97 -7.90 -20.69
N LEU A 861 -2.82 -7.58 -21.29
CA LEU A 861 -2.48 -6.23 -21.70
C LEU A 861 -2.28 -6.20 -23.20
N THR A 862 -2.90 -5.23 -23.85
CA THR A 862 -2.91 -5.18 -25.31
C THR A 862 -2.54 -3.80 -25.82
N VAL A 863 -2.02 -3.79 -27.03
CA VAL A 863 -1.85 -2.56 -27.80
C VAL A 863 -3.06 -2.38 -28.70
N LEU A 864 -3.60 -1.28 -28.66
CA LEU A 864 -4.72 -1.10 -29.58
C LEU A 864 -4.21 -0.63 -30.94
N PRO A 865 -4.94 -0.94 -32.00
CA PRO A 865 -4.58 -0.41 -33.29
C PRO A 865 -4.78 1.10 -33.32
N PRO A 866 -4.01 1.81 -34.13
CA PRO A 866 -4.34 3.22 -34.37
C PRO A 866 -5.58 3.30 -35.23
N LEU A 867 -6.37 4.35 -35.00
CA LEU A 867 -7.37 4.69 -36.01
C LEU A 867 -6.70 5.04 -37.32
N LEU A 868 -5.49 5.57 -37.26
CA LEU A 868 -4.77 6.02 -38.43
C LEU A 868 -3.67 5.00 -38.73
N THR A 869 -3.95 4.11 -39.67
CA THR A 869 -2.98 3.11 -40.10
C THR A 869 -1.81 3.78 -40.80
N ASP A 870 -0.69 3.07 -40.82
CA ASP A 870 0.49 3.59 -41.50
C ASP A 870 0.18 3.99 -42.93
N GLU A 871 -0.72 3.24 -43.59
CA GLU A 871 -1.11 3.61 -44.95
C GLU A 871 -1.79 4.97 -44.96
N MET A 872 -2.81 5.15 -44.12
CA MET A 872 -3.50 6.43 -44.11
C MET A 872 -2.58 7.53 -43.63
N ILE A 873 -1.70 7.22 -42.67
CA ILE A 873 -0.69 8.19 -42.27
C ILE A 873 0.11 8.63 -43.47
N ALA A 874 0.44 7.67 -44.35
CA ALA A 874 1.16 7.99 -45.57
C ALA A 874 0.33 8.89 -46.47
N GLN A 875 -0.96 8.64 -46.58
CA GLN A 875 -1.79 9.56 -47.35
C GLN A 875 -1.76 10.97 -46.75
N TYR A 876 -1.84 11.08 -45.42
CA TYR A 876 -1.73 12.39 -44.81
C TYR A 876 -0.43 13.07 -45.17
N THR A 877 0.68 12.35 -45.01
CA THR A 877 1.99 12.93 -45.25
C THR A 877 2.13 13.35 -46.70
N SER A 878 1.65 12.52 -47.63
CA SER A 878 1.68 12.87 -49.03
C SER A 878 0.85 14.12 -49.28
N ALA A 879 -0.29 14.23 -48.60
CA ALA A 879 -1.11 15.42 -48.76
C ALA A 879 -0.36 16.65 -48.32
N LEU A 880 0.30 16.58 -47.16
CA LEU A 880 1.05 17.73 -46.68
C LEU A 880 2.19 18.07 -47.61
N LEU A 881 2.85 17.05 -48.15
CA LEU A 881 3.89 17.28 -49.14
C LEU A 881 3.34 17.96 -50.38
N ALA A 882 2.19 17.49 -50.85
CA ALA A 882 1.58 18.07 -52.04
C ALA A 882 1.24 19.53 -51.79
N GLY A 883 0.67 19.82 -50.63
CA GLY A 883 0.40 21.20 -50.29
C GLY A 883 1.67 22.03 -50.27
N THR A 884 2.68 21.56 -49.55
CA THR A 884 3.90 22.34 -49.35
C THR A 884 4.69 22.51 -50.64
N ILE A 885 4.54 21.60 -51.59
CA ILE A 885 5.32 21.64 -52.82
C ILE A 885 4.57 22.32 -53.95
N THR A 886 3.33 21.94 -54.22
CA THR A 886 2.57 22.57 -55.29
C THR A 886 1.56 23.57 -54.76
N SER A 887 0.83 23.22 -53.71
CA SER A 887 -0.23 24.07 -53.22
C SER A 887 0.26 25.20 -52.34
N GLY A 888 1.43 25.06 -51.72
CA GLY A 888 1.95 26.13 -50.89
C GLY A 888 1.37 26.07 -49.49
N TRP A 889 1.30 27.23 -48.85
CA TRP A 889 0.87 27.36 -47.46
C TRP A 889 -0.64 27.35 -47.27
N THR A 890 -1.41 27.50 -48.35
CA THR A 890 -2.83 27.76 -48.21
C THR A 890 -3.62 26.53 -47.79
N PHE A 891 -3.14 25.32 -48.11
CA PHE A 891 -3.95 24.13 -47.90
C PHE A 891 -4.13 23.79 -46.43
N GLY A 892 -3.41 24.46 -45.54
CA GLY A 892 -3.64 24.30 -44.12
C GLY A 892 -4.79 25.10 -43.56
N ALA A 893 -5.45 25.88 -44.41
CA ALA A 893 -6.61 26.68 -43.99
C ALA A 893 -7.74 26.64 -45.01
N GLY A 894 -7.73 25.66 -45.92
CA GLY A 894 -8.76 25.55 -46.91
C GLY A 894 -8.28 24.95 -48.22
N ALA A 895 -8.48 25.67 -49.31
CA ALA A 895 -8.17 25.13 -50.63
C ALA A 895 -6.69 25.16 -50.94
N ALA A 896 -6.21 24.07 -51.53
CA ALA A 896 -4.81 23.93 -51.90
C ALA A 896 -4.58 24.67 -53.21
N LEU A 897 -4.50 25.99 -53.14
CA LEU A 897 -4.34 26.80 -54.34
C LEU A 897 -3.04 26.45 -55.05
N GLN A 898 -3.14 26.16 -56.33
CA GLN A 898 -1.95 25.85 -57.12
C GLN A 898 -1.03 27.06 -57.16
N ILE A 899 0.27 26.83 -56.93
CA ILE A 899 1.22 27.94 -56.88
C ILE A 899 2.63 27.41 -57.13
N PRO A 900 3.40 28.05 -58.02
CA PRO A 900 4.67 27.48 -58.45
C PRO A 900 5.65 27.28 -57.30
N PHE A 901 6.26 26.10 -57.28
CA PHE A 901 7.27 25.78 -56.28
C PHE A 901 8.49 26.70 -56.32
N ALA A 902 9.07 27.05 -57.47
CA ALA A 902 10.12 28.07 -57.45
C ALA A 902 9.67 29.36 -56.81
N MET A 903 8.45 29.79 -57.11
CA MET A 903 7.94 31.01 -56.50
C MET A 903 7.62 30.80 -55.03
N GLN A 904 7.22 29.59 -54.63
CA GLN A 904 7.08 29.31 -53.20
C GLN A 904 8.42 29.40 -52.49
N MET A 905 9.47 28.88 -53.10
CA MET A 905 10.79 28.95 -52.50
C MET A 905 11.25 30.40 -52.39
N ALA A 906 10.94 31.22 -53.39
CA ALA A 906 11.24 32.64 -53.30
C ALA A 906 10.45 33.30 -52.18
N TYR A 907 9.19 32.89 -52.01
CA TYR A 907 8.39 33.40 -50.90
C TYR A 907 9.00 33.00 -49.56
N ARG A 908 9.55 31.79 -49.46
CA ARG A 908 10.18 31.36 -48.21
C ARG A 908 11.50 32.06 -47.96
N PHE A 909 12.29 32.31 -49.01
CA PHE A 909 13.37 33.28 -48.91
C PHE A 909 12.86 34.58 -48.31
N ASN A 910 11.74 35.08 -48.83
CA ASN A 910 11.08 36.25 -48.25
C ASN A 910 10.69 36.01 -46.80
N GLY A 911 10.54 34.74 -46.40
CA GLY A 911 10.25 34.44 -45.01
C GLY A 911 11.38 34.80 -44.07
N ILE A 912 12.62 34.52 -44.48
CA ILE A 912 13.79 34.99 -43.73
C ILE A 912 14.22 36.32 -44.32
N GLY A 913 13.33 36.95 -45.08
CA GLY A 913 13.54 38.29 -45.56
C GLY A 913 14.51 38.40 -46.72
N VAL A 914 14.57 37.37 -47.57
CA VAL A 914 15.41 37.37 -48.75
C VAL A 914 14.48 37.48 -49.96
N THR A 915 14.62 38.56 -50.73
CA THR A 915 13.66 38.82 -51.78
C THR A 915 13.75 37.75 -52.87
N GLN A 916 12.85 37.87 -53.83
CA GLN A 916 12.84 36.99 -54.99
C GLN A 916 14.01 37.24 -55.92
N ASN A 917 14.79 38.30 -55.67
CA ASN A 917 16.00 38.56 -56.45
C ASN A 917 16.90 37.34 -56.49
N VAL A 918 17.16 36.74 -55.33
CA VAL A 918 18.10 35.63 -55.24
C VAL A 918 17.60 34.43 -56.06
N LEU A 919 16.28 34.23 -56.11
CA LEU A 919 15.76 33.21 -57.02
C LEU A 919 15.92 33.64 -58.46
N TYR A 920 15.66 34.92 -58.76
CA TYR A 920 15.68 35.41 -60.12
C TYR A 920 17.04 35.18 -60.77
N GLU A 921 18.08 35.73 -60.17
CA GLU A 921 19.43 35.53 -60.68
C GLU A 921 19.97 34.15 -60.36
N ASN A 922 19.32 33.39 -59.48
CA ASN A 922 19.88 32.12 -59.07
C ASN A 922 18.79 31.07 -58.82
N GLN A 923 17.85 30.92 -59.75
CA GLN A 923 16.94 29.77 -59.68
C GLN A 923 17.70 28.46 -59.86
N LYS A 924 18.47 28.37 -60.94
CA LYS A 924 19.03 27.08 -61.35
C LYS A 924 20.10 26.60 -60.38
N LEU A 925 21.03 27.48 -60.02
CA LEU A 925 22.14 27.04 -59.18
C LEU A 925 21.69 26.75 -57.75
N ILE A 926 20.72 27.51 -57.23
CA ILE A 926 20.17 27.16 -55.93
C ILE A 926 19.38 25.86 -56.01
N ALA A 927 18.68 25.64 -57.11
CA ALA A 927 18.02 24.35 -57.29
C ALA A 927 19.03 23.22 -57.25
N ASN A 928 20.16 23.38 -57.94
CA ASN A 928 21.19 22.36 -57.91
C ASN A 928 21.80 22.21 -56.53
N GLN A 929 21.99 23.31 -55.81
CA GLN A 929 22.52 23.18 -54.47
C GLN A 929 21.51 22.52 -53.55
N PHE A 930 20.22 22.73 -53.81
CA PHE A 930 19.20 21.93 -53.14
C PHE A 930 19.32 20.47 -53.50
N ASN A 931 19.65 20.17 -54.75
CA ASN A 931 19.91 18.78 -55.13
C ASN A 931 21.07 18.22 -54.33
N SER A 932 22.12 19.02 -54.14
CA SER A 932 23.21 18.61 -53.28
C SER A 932 22.74 18.41 -51.85
N ALA A 933 21.84 19.28 -51.38
CA ALA A 933 21.24 19.11 -50.08
C ALA A 933 20.48 17.80 -50.01
N ILE A 934 19.82 17.44 -51.10
CA ILE A 934 19.13 16.16 -51.21
C ILE A 934 20.12 15.01 -51.04
N GLY A 935 21.25 15.11 -51.75
CA GLY A 935 22.28 14.10 -51.61
C GLY A 935 22.79 14.02 -50.18
N LYS A 936 22.94 15.16 -49.53
CA LYS A 936 23.31 15.18 -48.13
C LYS A 936 22.25 14.50 -47.28
N ILE A 937 20.98 14.75 -47.61
CA ILE A 937 19.88 14.13 -46.88
C ILE A 937 20.03 12.62 -46.90
N GLN A 938 20.18 12.08 -48.10
CA GLN A 938 20.24 10.63 -48.22
C GLN A 938 21.52 10.07 -47.62
N ASP A 939 22.65 10.75 -47.83
CA ASP A 939 23.90 10.26 -47.28
C ASP A 939 23.84 10.23 -45.77
N SER A 940 23.31 11.27 -45.15
CA SER A 940 23.13 11.29 -43.72
C SER A 940 22.22 10.16 -43.27
N LEU A 941 21.04 10.06 -43.89
CA LEU A 941 20.04 9.12 -43.40
C LEU A 941 20.50 7.68 -43.56
N SER A 942 21.10 7.35 -44.70
CA SER A 942 21.68 6.03 -44.86
C SER A 942 22.81 5.79 -43.87
N SER A 943 23.65 6.81 -43.67
CA SER A 943 24.71 6.70 -42.68
C SER A 943 24.21 6.93 -41.25
N THR A 944 23.00 7.44 -41.07
CA THR A 944 22.40 7.61 -39.76
C THR A 944 21.07 6.87 -39.74
N ALA A 945 21.08 5.55 -39.58
CA ALA A 945 19.82 4.82 -39.35
C ALA A 945 19.43 4.81 -37.89
N SER A 946 20.39 5.10 -37.00
CA SER A 946 20.16 5.10 -35.56
C SER A 946 19.79 6.47 -35.02
N ALA A 947 19.88 7.53 -35.84
CA ALA A 947 19.49 8.87 -35.41
C ALA A 947 18.03 8.95 -34.95
N LEU A 948 17.28 7.87 -35.09
CA LEU A 948 15.93 7.75 -34.56
C LEU A 948 15.91 7.41 -33.07
N GLY A 949 17.02 7.57 -32.36
CA GLY A 949 17.00 7.29 -30.93
C GLY A 949 15.92 8.07 -30.21
N LYS A 950 15.87 9.39 -30.43
CA LYS A 950 14.87 10.21 -29.77
C LYS A 950 13.46 9.81 -30.16
N LEU A 951 13.31 9.08 -31.25
CA LEU A 951 12.01 8.62 -31.69
C LEU A 951 11.70 7.23 -31.18
N GLN A 952 12.74 6.44 -30.90
CA GLN A 952 12.56 5.03 -30.59
C GLN A 952 12.57 4.78 -29.09
N ASP A 953 13.29 5.62 -28.35
CA ASP A 953 13.42 5.43 -26.91
C ASP A 953 12.05 5.27 -26.25
N VAL A 954 11.10 6.15 -26.62
CA VAL A 954 9.78 6.11 -25.98
C VAL A 954 9.19 4.72 -26.09
N VAL A 955 9.35 4.08 -27.26
CA VAL A 955 8.80 2.75 -27.46
C VAL A 955 9.35 1.80 -26.40
N ASN A 956 10.68 1.78 -26.26
CA ASN A 956 11.27 0.96 -25.21
C ASN A 956 10.61 1.25 -23.88
N HIS A 957 10.50 2.54 -23.54
CA HIS A 957 9.91 2.92 -22.27
C HIS A 957 8.57 2.24 -22.11
N ASN A 958 7.73 2.37 -23.14
CA ASN A 958 6.43 1.71 -23.12
C ASN A 958 6.61 0.22 -22.85
N ALA A 959 7.33 -0.46 -23.74
CA ALA A 959 7.67 -1.85 -23.51
C ALA A 959 8.33 -2.02 -22.15
N GLN A 960 9.29 -1.15 -21.84
CA GLN A 960 9.93 -1.22 -20.54
C GLN A 960 8.89 -1.11 -19.44
N ALA A 961 8.01 -0.12 -19.54
CA ALA A 961 6.90 -0.04 -18.63
C ALA A 961 6.11 -1.33 -18.65
N LEU A 962 5.75 -1.79 -19.84
CA LEU A 962 5.13 -3.10 -19.97
C LEU A 962 5.99 -4.15 -19.28
N ASN A 963 7.29 -4.16 -19.60
CA ASN A 963 8.21 -5.06 -18.94
C ASN A 963 8.07 -4.95 -17.43
N THR A 964 8.11 -3.72 -16.92
CA THR A 964 7.99 -3.53 -15.49
C THR A 964 6.72 -4.15 -14.97
N LEU A 965 5.59 -3.89 -15.63
CA LEU A 965 4.34 -4.47 -15.16
C LEU A 965 4.41 -5.99 -15.20
N VAL A 966 5.04 -6.54 -16.25
CA VAL A 966 5.22 -7.97 -16.31
C VAL A 966 6.09 -8.44 -15.15
N LYS A 967 7.16 -7.68 -14.86
CA LYS A 967 8.04 -8.04 -13.76
C LYS A 967 7.27 -8.07 -12.45
N GLN A 968 6.34 -7.13 -12.27
CA GLN A 968 5.54 -7.12 -11.06
C GLN A 968 4.53 -8.25 -10.99
N LEU A 969 4.21 -8.89 -12.12
CA LEU A 969 3.49 -10.15 -12.05
C LEU A 969 4.27 -11.16 -11.23
N SER A 970 5.60 -11.12 -11.35
CA SER A 970 6.46 -11.99 -10.56
C SER A 970 6.80 -11.42 -9.20
N SER A 971 6.51 -10.14 -8.96
CA SER A 971 6.86 -9.50 -7.71
C SER A 971 5.88 -9.90 -6.61
N LYS A 972 6.42 -10.33 -5.48
CA LYS A 972 5.58 -10.80 -4.38
C LYS A 972 4.71 -9.67 -3.82
N PHE A 973 5.29 -8.49 -3.64
CA PHE A 973 4.64 -7.40 -2.91
C PHE A 973 4.21 -7.85 -1.52
N GLY A 974 5.10 -8.60 -0.85
CA GLY A 974 4.84 -9.08 0.49
C GLY A 974 4.14 -10.41 0.58
N ALA A 975 3.66 -10.94 -0.55
CA ALA A 975 2.96 -12.22 -0.52
C ALA A 975 3.96 -13.37 -0.58
N ILE A 976 3.48 -14.55 -0.15
CA ILE A 976 4.31 -15.75 -0.19
C ILE A 976 4.69 -16.11 -1.63
N SER A 977 3.96 -15.60 -2.61
CA SER A 977 4.26 -15.82 -4.01
C SER A 977 3.81 -14.56 -4.76
N SER A 978 3.60 -14.70 -6.06
CA SER A 978 3.13 -13.60 -6.89
C SER A 978 2.13 -14.03 -7.95
N VAL A 979 1.66 -15.27 -7.91
CA VAL A 979 0.67 -15.75 -8.87
C VAL A 979 -0.53 -16.27 -8.10
N LEU A 980 -1.71 -16.16 -8.72
CA LEU A 980 -2.94 -16.55 -8.05
C LEU A 980 -3.11 -18.07 -8.03
N ASN A 981 -2.76 -18.73 -9.13
CA ASN A 981 -3.13 -20.13 -9.28
C ASN A 981 -2.39 -21.03 -8.29
N ASP A 982 -1.09 -20.81 -8.11
CA ASP A 982 -0.33 -21.67 -7.20
C ASP A 982 -0.79 -21.49 -5.76
N ILE A 983 -1.02 -20.25 -5.33
CA ILE A 983 -1.48 -20.03 -3.96
C ILE A 983 -2.88 -20.56 -3.77
N PHE A 984 -3.73 -20.46 -4.79
CA PHE A 984 -5.08 -21.02 -4.70
C PHE A 984 -5.03 -22.53 -4.56
N SER A 985 -4.19 -23.19 -5.36
CA SER A 985 -4.14 -24.65 -5.33
C SER A 985 -3.49 -25.15 -4.04
N ARG A 986 -2.40 -24.51 -3.61
CA ARG A 986 -1.74 -24.94 -2.39
C ARG A 986 -2.63 -24.76 -1.17
N LEU A 987 -3.16 -23.56 -0.97
CA LEU A 987 -3.92 -23.22 0.22
C LEU A 987 -5.40 -23.18 -0.13
N ASP A 988 -6.18 -24.01 0.56
CA ASP A 988 -7.61 -23.94 0.40
C ASP A 988 -8.12 -22.58 0.89
N PRO A 989 -9.17 -22.05 0.27
CA PRO A 989 -9.55 -20.65 0.48
C PRO A 989 -9.79 -20.32 1.95
N PRO A 990 -10.44 -21.17 2.76
CA PRO A 990 -10.72 -20.78 4.15
C PRO A 990 -9.50 -20.33 4.93
N GLU A 991 -8.30 -20.67 4.48
CA GLU A 991 -7.08 -20.09 5.04
C GLU A 991 -6.31 -19.26 4.03
N ALA A 992 -6.97 -18.79 2.97
CA ALA A 992 -6.29 -18.04 1.93
C ALA A 992 -7.05 -16.84 1.38
N GLU A 993 -8.28 -16.58 1.83
CA GLU A 993 -9.07 -15.50 1.23
C GLU A 993 -8.40 -14.15 1.42
N VAL A 994 -7.92 -13.87 2.63
CA VAL A 994 -7.32 -12.58 2.92
C VAL A 994 -6.05 -12.38 2.09
N GLN A 995 -5.25 -13.44 1.95
CA GLN A 995 -4.05 -13.34 1.13
C GLN A 995 -4.41 -13.10 -0.33
N ILE A 996 -5.46 -13.76 -0.81
CA ILE A 996 -5.92 -13.53 -2.18
C ILE A 996 -6.31 -12.07 -2.35
N ASP A 997 -7.02 -11.52 -1.37
CA ASP A 997 -7.47 -10.13 -1.45
C ASP A 997 -6.29 -9.17 -1.45
N ARG A 998 -5.29 -9.44 -0.61
CA ARG A 998 -4.09 -8.62 -0.62
C ARG A 998 -3.35 -8.71 -1.95
N LEU A 999 -3.29 -9.91 -2.53
CA LEU A 999 -2.77 -10.06 -3.89
C LEU A 999 -3.50 -9.15 -4.85
N ILE A 1000 -4.83 -9.16 -4.77
CA ILE A 1000 -5.64 -8.32 -5.63
C ILE A 1000 -5.22 -6.87 -5.49
N THR A 1001 -5.12 -6.41 -4.24
CA THR A 1001 -4.81 -5.01 -3.97
C THR A 1001 -3.42 -4.65 -4.47
N GLY A 1002 -2.46 -5.55 -4.29
CA GLY A 1002 -1.10 -5.27 -4.73
C GLY A 1002 -1.00 -5.18 -6.24
N ARG A 1003 -1.64 -6.11 -6.94
CA ARG A 1003 -1.65 -6.02 -8.39
C ARG A 1003 -2.32 -4.73 -8.84
N LEU A 1004 -3.42 -4.37 -8.18
CA LEU A 1004 -4.04 -3.09 -8.46
C LEU A 1004 -3.03 -1.96 -8.32
N GLN A 1005 -2.52 -1.76 -7.11
CA GLN A 1005 -1.64 -0.62 -6.85
C GLN A 1005 -0.49 -0.58 -7.84
N SER A 1006 0.01 -1.74 -8.25
CA SER A 1006 0.97 -1.78 -9.34
C SER A 1006 0.39 -1.14 -10.57
N LEU A 1007 -0.85 -1.50 -10.92
CA LEU A 1007 -1.44 -0.97 -12.13
C LEU A 1007 -1.65 0.54 -12.06
N GLN A 1008 -2.17 1.04 -10.93
CA GLN A 1008 -2.37 2.49 -10.85
C GLN A 1008 -1.05 3.22 -10.93
N THR A 1009 -0.01 2.71 -10.27
CA THR A 1009 1.29 3.35 -10.40
C THR A 1009 1.72 3.39 -11.85
N TYR A 1010 1.69 2.22 -12.52
CA TYR A 1010 2.13 2.13 -13.90
C TYR A 1010 1.37 3.11 -14.77
N VAL A 1011 0.04 3.13 -14.64
CA VAL A 1011 -0.74 4.02 -15.47
C VAL A 1011 -0.42 5.46 -15.11
N THR A 1012 0.02 5.71 -13.88
CA THR A 1012 0.36 7.09 -13.54
C THR A 1012 1.57 7.55 -14.33
N GLN A 1013 2.60 6.69 -14.42
CA GLN A 1013 3.69 7.07 -15.33
C GLN A 1013 3.19 7.12 -16.77
N GLN A 1014 2.24 6.26 -17.11
CA GLN A 1014 1.67 6.31 -18.45
C GLN A 1014 1.10 7.67 -18.73
N LEU A 1015 0.33 8.21 -17.79
CA LEU A 1015 -0.21 9.55 -17.93
C LEU A 1015 0.88 10.60 -18.00
N ILE A 1016 1.92 10.46 -17.18
CA ILE A 1016 2.96 11.48 -17.18
C ILE A 1016 3.59 11.57 -18.56
N ARG A 1017 4.00 10.43 -19.09
CA ARG A 1017 4.49 10.38 -20.46
C ARG A 1017 3.39 10.79 -21.43
N ALA A 1018 2.14 10.50 -21.11
CA ALA A 1018 1.05 10.85 -22.00
C ALA A 1018 1.01 12.35 -22.17
N ALA A 1019 1.13 13.08 -21.08
CA ALA A 1019 1.20 14.53 -21.14
C ALA A 1019 2.46 14.97 -21.84
N GLU A 1020 3.56 14.23 -21.65
CA GLU A 1020 4.78 14.58 -22.34
C GLU A 1020 4.58 14.57 -23.85
N ILE A 1021 4.14 13.43 -24.38
CA ILE A 1021 3.85 13.36 -25.81
C ILE A 1021 2.71 14.29 -26.18
N ARG A 1022 1.82 14.58 -25.24
CA ARG A 1022 0.76 15.54 -25.51
C ARG A 1022 1.33 16.89 -25.86
N ALA A 1023 2.22 17.39 -25.01
CA ALA A 1023 2.90 18.64 -25.31
C ALA A 1023 3.75 18.51 -26.56
N SER A 1024 4.40 17.35 -26.72
CA SER A 1024 5.29 17.15 -27.86
C SER A 1024 4.52 17.26 -29.16
N ALA A 1025 3.32 16.72 -29.20
CA ALA A 1025 2.58 16.71 -30.45
C ALA A 1025 1.74 17.97 -30.61
N ASN A 1026 1.41 18.65 -29.52
CA ASN A 1026 1.00 20.04 -29.66
C ASN A 1026 2.08 20.81 -30.39
N LEU A 1027 3.32 20.64 -29.92
CA LEU A 1027 4.47 21.17 -30.61
C LEU A 1027 4.50 20.70 -32.05
N ALA A 1028 4.18 19.43 -32.29
CA ALA A 1028 4.30 18.87 -33.62
C ALA A 1028 3.28 19.50 -34.57
N ALA A 1029 2.05 19.65 -34.10
CA ALA A 1029 1.04 20.35 -34.88
C ALA A 1029 1.51 21.76 -35.17
N THR A 1030 2.12 22.40 -34.18
CA THR A 1030 2.68 23.72 -34.40
C THR A 1030 3.79 23.66 -35.44
N LYS A 1031 4.59 22.59 -35.41
CA LYS A 1031 5.67 22.43 -36.37
C LYS A 1031 5.13 22.38 -37.77
N MET A 1032 4.08 21.59 -37.97
CA MET A 1032 3.50 21.48 -39.30
C MET A 1032 2.76 22.74 -39.70
N SER A 1033 2.25 23.49 -38.73
CA SER A 1033 1.64 24.77 -39.07
C SER A 1033 2.69 25.79 -39.51
N GLU A 1034 3.75 25.94 -38.74
CA GLU A 1034 4.73 27.00 -38.95
C GLU A 1034 5.94 26.53 -39.74
N CYS A 1035 5.97 25.30 -40.12
CA CYS A 1035 7.03 24.60 -40.81
C CYS A 1035 6.52 23.94 -42.08
N VAL A 1036 5.32 23.37 -42.04
CA VAL A 1036 4.75 22.71 -43.21
C VAL A 1036 3.68 23.63 -43.80
N LEU A 1037 2.65 23.93 -43.01
CA LEU A 1037 1.58 24.79 -43.50
C LEU A 1037 2.02 26.24 -43.67
N GLY A 1038 3.22 26.57 -43.21
CA GLY A 1038 3.77 27.90 -43.39
C GLY A 1038 5.22 27.89 -42.96
N GLN A 1039 5.81 29.09 -42.92
CA GLN A 1039 7.18 29.26 -42.43
C GLN A 1039 7.15 30.02 -41.12
N SER A 1040 7.81 29.46 -40.10
CA SER A 1040 7.90 30.14 -38.82
C SER A 1040 8.97 31.22 -38.85
N LYS A 1041 8.58 32.43 -38.45
CA LYS A 1041 9.57 33.46 -38.23
C LYS A 1041 10.47 33.13 -37.05
N ARG A 1042 10.04 32.20 -36.19
CA ARG A 1042 10.81 31.85 -35.00
C ARG A 1042 12.17 31.27 -35.41
N VAL A 1043 13.22 31.71 -34.72
CA VAL A 1043 14.56 31.47 -35.22
C VAL A 1043 15.09 30.08 -34.89
N ASP A 1044 14.66 29.48 -33.78
CA ASP A 1044 15.07 28.13 -33.44
C ASP A 1044 13.84 27.29 -33.11
N PHE A 1045 12.84 27.35 -33.98
CA PHE A 1045 11.67 26.50 -33.83
C PHE A 1045 11.54 25.51 -34.98
N CYS A 1046 11.48 26.00 -36.21
CA CYS A 1046 11.55 25.12 -37.38
C CYS A 1046 13.01 24.91 -37.78
N GLY A 1047 13.67 24.06 -37.00
CA GLY A 1047 15.02 23.65 -37.32
C GLY A 1047 16.06 24.70 -36.93
N LYS A 1048 17.32 24.28 -36.99
CA LYS A 1048 18.40 25.16 -36.60
C LYS A 1048 18.49 26.37 -37.52
N GLY A 1049 18.65 27.54 -36.91
CA GLY A 1049 18.93 28.73 -37.66
C GLY A 1049 17.76 29.22 -38.50
N TYR A 1050 18.08 30.19 -39.36
CA TYR A 1050 17.12 30.78 -40.26
C TYR A 1050 16.34 29.70 -41.00
N HIS A 1051 15.04 29.93 -41.18
CA HIS A 1051 14.17 28.91 -41.76
C HIS A 1051 13.68 29.23 -43.17
N LEU A 1052 13.81 28.24 -44.05
CA LEU A 1052 13.12 28.21 -45.34
C LEU A 1052 11.89 27.33 -45.30
N MET A 1053 12.04 26.03 -45.09
CA MET A 1053 10.91 25.12 -45.27
C MET A 1053 11.10 23.88 -44.43
N SER A 1054 10.07 23.04 -44.39
CA SER A 1054 10.15 21.78 -43.67
C SER A 1054 9.30 20.76 -44.39
N PHE A 1055 9.82 19.54 -44.50
CA PHE A 1055 9.13 18.46 -45.18
C PHE A 1055 8.92 17.31 -44.20
N PRO A 1056 7.69 16.90 -43.93
CA PRO A 1056 7.44 15.86 -42.95
C PRO A 1056 7.55 14.47 -43.54
N GLN A 1057 7.69 13.50 -42.65
CA GLN A 1057 7.66 12.09 -42.98
C GLN A 1057 7.11 11.33 -41.79
N SER A 1058 6.49 10.20 -42.09
CA SER A 1058 5.89 9.38 -41.06
C SER A 1058 6.97 8.73 -40.24
N ALA A 1059 6.56 7.88 -39.33
CA ALA A 1059 7.44 7.16 -38.45
C ALA A 1059 6.62 6.04 -37.83
N PRO A 1060 7.24 5.05 -37.20
CA PRO A 1060 6.44 4.02 -36.54
C PRO A 1060 5.48 4.58 -35.51
N HIS A 1061 5.87 5.61 -34.77
CA HIS A 1061 4.97 6.22 -33.82
C HIS A 1061 5.08 7.73 -33.73
N GLY A 1062 5.89 8.35 -34.56
CA GLY A 1062 6.07 9.78 -34.44
C GLY A 1062 6.12 10.45 -35.80
N VAL A 1063 7.03 11.39 -35.96
CA VAL A 1063 7.14 12.13 -37.20
C VAL A 1063 8.57 12.65 -37.31
N VAL A 1064 8.99 12.87 -38.54
CA VAL A 1064 10.30 13.45 -38.83
C VAL A 1064 10.09 14.71 -39.65
N PHE A 1065 10.83 15.75 -39.32
CA PHE A 1065 10.82 16.97 -40.11
C PHE A 1065 12.20 17.17 -40.70
N LEU A 1066 12.29 17.06 -42.01
CA LEU A 1066 13.47 17.49 -42.74
C LEU A 1066 13.38 19.00 -42.79
N HIS A 1067 14.09 19.67 -41.90
CA HIS A 1067 14.09 21.11 -41.87
C HIS A 1067 15.14 21.62 -42.84
N VAL A 1068 14.72 22.47 -43.76
CA VAL A 1068 15.58 23.07 -44.76
C VAL A 1068 15.82 24.52 -44.34
N THR A 1069 17.08 24.82 -43.98
CA THR A 1069 17.45 26.04 -43.28
C THR A 1069 18.63 26.70 -43.97
N TYR A 1070 18.90 27.95 -43.57
CA TYR A 1070 19.95 28.78 -44.14
C TYR A 1070 21.08 28.95 -43.13
N VAL A 1071 22.33 28.83 -43.59
CA VAL A 1071 23.49 29.08 -42.73
C VAL A 1071 24.58 29.79 -43.54
N PRO A 1072 24.93 31.03 -43.21
CA PRO A 1072 25.84 31.79 -44.09
C PRO A 1072 27.27 31.27 -44.04
N ALA A 1073 28.13 31.88 -44.86
CA ALA A 1073 29.54 31.55 -44.92
C ALA A 1073 30.25 32.50 -45.89
N GLN A 1074 31.58 32.46 -45.85
CA GLN A 1074 32.47 33.19 -46.77
C GLN A 1074 32.28 34.69 -46.67
N GLU A 1075 32.59 35.23 -45.49
CA GLU A 1075 32.49 36.66 -45.25
C GLU A 1075 33.84 37.36 -45.42
N LYS A 1076 33.86 38.37 -46.27
CA LYS A 1076 35.08 39.10 -46.66
C LYS A 1076 34.83 40.60 -46.59
N ASN A 1077 35.89 41.35 -46.28
CA ASN A 1077 35.75 42.74 -45.89
C ASN A 1077 35.63 43.67 -47.11
N PHE A 1078 34.75 44.66 -46.97
CA PHE A 1078 34.59 45.79 -47.88
C PHE A 1078 34.26 47.02 -47.06
N THR A 1079 34.13 48.15 -47.75
CA THR A 1079 34.07 49.46 -47.13
C THR A 1079 32.68 50.07 -47.31
N THR A 1080 32.07 50.48 -46.20
CA THR A 1080 30.77 51.15 -46.17
C THR A 1080 30.93 52.52 -45.50
N ALA A 1081 29.81 53.22 -45.34
CA ALA A 1081 29.84 54.51 -44.66
C ALA A 1081 28.61 54.71 -43.78
N PRO A 1082 28.75 55.38 -42.64
CA PRO A 1082 27.57 55.64 -41.81
C PRO A 1082 26.67 56.72 -42.38
N ALA A 1083 27.24 57.78 -42.96
CA ALA A 1083 26.45 58.89 -43.49
C ALA A 1083 27.20 59.52 -44.65
N ILE A 1084 26.47 60.32 -45.42
CA ILE A 1084 27.00 61.04 -46.58
C ILE A 1084 26.69 62.51 -46.39
N CYS A 1085 27.73 63.33 -46.27
CA CYS A 1085 27.54 64.77 -46.08
C CYS A 1085 27.46 65.41 -47.46
N HIS A 1086 26.26 65.41 -48.03
CA HIS A 1086 26.00 66.00 -49.34
C HIS A 1086 25.58 67.45 -49.16
N ASP A 1087 26.46 68.37 -49.55
CA ASP A 1087 26.23 69.82 -49.39
C ASP A 1087 25.94 70.17 -47.94
N GLY A 1088 26.61 69.47 -47.02
CA GLY A 1088 26.40 69.67 -45.60
C GLY A 1088 25.21 68.95 -45.03
N LYS A 1089 24.46 68.20 -45.84
CA LYS A 1089 23.29 67.46 -45.38
C LYS A 1089 23.68 66.02 -45.07
N ALA A 1090 23.28 65.56 -43.89
CA ALA A 1090 23.54 64.17 -43.51
C ALA A 1090 22.59 63.26 -44.27
N HIS A 1091 23.15 62.26 -44.94
CA HIS A 1091 22.40 61.26 -45.65
C HIS A 1091 22.72 59.89 -45.06
N PHE A 1092 21.74 59.01 -45.11
CA PHE A 1092 21.90 57.66 -44.58
C PHE A 1092 21.28 56.67 -45.55
N PRO A 1093 21.88 55.49 -45.67
CA PRO A 1093 21.39 54.52 -46.66
C PRO A 1093 19.96 54.10 -46.38
N ARG A 1094 19.18 53.93 -47.46
CA ARG A 1094 17.81 53.46 -47.32
C ARG A 1094 17.79 51.94 -47.11
N GLU A 1095 18.26 51.19 -48.09
CA GLU A 1095 18.43 49.74 -47.96
C GLU A 1095 19.64 49.35 -48.80
N GLY A 1096 20.70 48.89 -48.15
CA GLY A 1096 21.96 48.56 -48.80
C GLY A 1096 23.10 49.40 -48.26
N VAL A 1097 24.32 49.02 -48.65
CA VAL A 1097 25.53 49.64 -48.15
C VAL A 1097 26.49 49.93 -49.30
N PHE A 1098 27.34 50.93 -49.11
CA PHE A 1098 28.37 51.22 -50.09
C PHE A 1098 29.45 50.15 -50.07
N VAL A 1099 30.02 49.87 -51.25
CA VAL A 1099 31.16 48.96 -51.39
C VAL A 1099 32.05 49.44 -52.53
N SER A 1100 33.31 48.99 -52.50
CA SER A 1100 34.27 49.28 -53.55
C SER A 1100 35.02 48.01 -53.92
N ASN A 1101 34.95 47.64 -55.19
CA ASN A 1101 35.54 46.40 -55.67
C ASN A 1101 36.83 46.62 -56.45
N GLY A 1102 37.34 47.84 -56.48
CA GLY A 1102 38.52 48.14 -57.27
C GLY A 1102 38.25 49.14 -58.38
N THR A 1103 38.79 50.36 -58.21
CA THR A 1103 38.60 51.47 -59.14
C THR A 1103 37.14 51.85 -59.33
N HIS A 1104 36.26 51.39 -58.45
CA HIS A 1104 34.83 51.57 -58.65
C HIS A 1104 34.11 51.47 -57.32
N TRP A 1105 33.14 52.34 -57.11
CA TRP A 1105 32.29 52.33 -55.93
C TRP A 1105 30.85 52.12 -56.36
N PHE A 1106 30.15 51.22 -55.67
CA PHE A 1106 28.75 50.94 -55.97
C PHE A 1106 27.98 50.72 -54.67
N VAL A 1107 26.69 50.40 -54.82
CA VAL A 1107 25.78 50.18 -53.71
C VAL A 1107 25.26 48.76 -53.79
N THR A 1108 25.25 48.07 -52.65
CA THR A 1108 24.79 46.69 -52.55
C THR A 1108 23.76 46.59 -51.44
N GLN A 1109 23.41 45.37 -51.08
CA GLN A 1109 22.45 45.15 -50.02
C GLN A 1109 23.15 44.93 -48.67
N ARG A 1110 22.37 45.02 -47.61
CA ARG A 1110 22.94 44.92 -46.26
C ARG A 1110 23.43 43.51 -45.97
N ASN A 1111 22.60 42.50 -46.23
CA ASN A 1111 22.91 41.14 -45.80
C ASN A 1111 23.77 40.36 -46.80
N PHE A 1112 24.11 40.94 -47.94
CA PHE A 1112 24.87 40.18 -48.92
C PHE A 1112 25.46 41.18 -49.92
N TYR A 1113 26.23 40.67 -50.87
CA TYR A 1113 26.95 41.50 -51.82
C TYR A 1113 26.31 41.37 -53.21
N GLU A 1114 25.88 42.50 -53.76
CA GLU A 1114 25.41 42.58 -55.15
C GLU A 1114 25.38 44.02 -55.66
N PRO A 1115 26.05 44.33 -56.78
CA PRO A 1115 25.96 45.68 -57.34
C PRO A 1115 24.51 46.00 -57.71
N GLN A 1116 24.13 47.25 -57.48
CA GLN A 1116 22.75 47.70 -57.61
C GLN A 1116 22.70 49.07 -58.26
N ILE A 1117 21.50 49.47 -58.68
CA ILE A 1117 21.32 50.73 -59.39
C ILE A 1117 21.59 51.90 -58.45
N ILE A 1118 22.51 52.78 -58.87
CA ILE A 1118 22.90 53.94 -58.06
C ILE A 1118 22.02 55.11 -58.49
N THR A 1119 20.92 55.33 -57.75
CA THR A 1119 20.11 56.52 -57.89
C THR A 1119 19.98 57.18 -56.53
N THR A 1120 19.13 58.22 -56.47
CA THR A 1120 18.87 58.88 -55.20
C THR A 1120 18.15 57.96 -54.22
N ASP A 1121 17.55 56.87 -54.70
CA ASP A 1121 16.69 56.04 -53.86
C ASP A 1121 17.43 55.46 -52.67
N ASN A 1122 18.75 55.35 -52.75
CA ASN A 1122 19.54 54.66 -51.74
C ASN A 1122 19.99 55.56 -50.59
N THR A 1123 19.56 56.84 -50.59
CA THR A 1123 19.98 57.78 -49.56
C THR A 1123 18.78 58.61 -49.10
N PHE A 1124 18.69 58.86 -47.79
CA PHE A 1124 17.66 59.74 -47.23
C PHE A 1124 18.31 60.69 -46.23
N VAL A 1125 17.80 61.92 -46.20
CA VAL A 1125 18.41 62.99 -45.40
C VAL A 1125 17.75 63.02 -44.03
N SER A 1126 18.56 63.06 -42.97
CA SER A 1126 18.07 63.28 -41.62
C SER A 1126 19.20 63.89 -40.81
N GLY A 1127 19.17 65.21 -40.64
CA GLY A 1127 20.22 65.91 -39.93
C GLY A 1127 21.32 66.41 -40.84
N ASN A 1128 22.36 66.94 -40.21
CA ASN A 1128 23.51 67.51 -40.92
C ASN A 1128 24.77 66.73 -40.58
N CYS A 1129 25.86 67.08 -41.27
CA CYS A 1129 27.15 66.43 -41.09
C CYS A 1129 28.09 67.20 -40.17
N ASP A 1130 27.61 68.24 -39.48
CA ASP A 1130 28.44 68.97 -38.54
C ASP A 1130 28.67 68.23 -37.23
N VAL A 1131 27.86 67.22 -36.92
CA VAL A 1131 28.00 66.53 -35.64
C VAL A 1131 29.27 65.67 -35.63
N VAL A 1132 29.58 64.98 -36.73
CA VAL A 1132 30.85 64.27 -36.86
C VAL A 1132 31.79 65.15 -37.68
N ILE A 1133 32.91 65.50 -37.08
CA ILE A 1133 33.83 66.49 -37.66
C ILE A 1133 34.75 65.79 -38.65
N GLY A 1134 34.98 66.44 -39.79
CA GLY A 1134 35.90 65.91 -40.79
C GLY A 1134 35.32 64.94 -41.78
N ILE A 1135 34.01 64.73 -41.76
CA ILE A 1135 33.37 63.84 -42.71
C ILE A 1135 33.53 64.41 -44.12
N VAL A 1136 33.40 63.55 -45.12
CA VAL A 1136 33.67 63.92 -46.50
C VAL A 1136 32.40 64.52 -47.12
N ASN A 1137 32.60 65.37 -48.13
CA ASN A 1137 31.50 65.97 -48.88
C ASN A 1137 31.34 65.30 -50.24
N ASN A 1138 30.10 64.94 -50.58
CA ASN A 1138 29.82 64.11 -51.74
C ASN A 1138 28.71 64.75 -52.57
N THR A 1139 28.71 64.41 -53.86
CA THR A 1139 27.73 64.93 -54.81
C THR A 1139 26.80 63.81 -55.26
N VAL A 1140 25.49 64.03 -55.12
CA VAL A 1140 24.48 63.08 -55.54
C VAL A 1140 23.81 63.66 -56.78
N TYR A 1141 24.03 63.02 -57.92
CA TYR A 1141 23.50 63.51 -59.18
C TYR A 1141 21.99 63.33 -59.26
N ASP A 1142 21.33 64.30 -59.88
CA ASP A 1142 19.90 64.21 -60.11
C ASP A 1142 19.62 63.17 -61.19
N PRO A 1143 18.78 62.16 -60.94
CA PRO A 1143 18.45 61.18 -61.98
C PRO A 1143 17.66 61.74 -63.14
N LEU A 1144 17.39 63.06 -63.16
CA LEU A 1144 16.68 63.69 -64.27
C LEU A 1144 17.53 64.64 -65.10
N GLN A 1145 18.69 65.06 -64.59
CA GLN A 1145 19.57 65.92 -65.38
C GLN A 1145 20.06 65.27 -66.67
N PRO A 1146 20.51 64.01 -66.68
CA PRO A 1146 20.80 63.37 -67.97
C PRO A 1146 19.60 63.33 -68.89
N GLU A 1147 18.39 63.22 -68.33
CA GLU A 1147 17.19 63.43 -69.13
C GLU A 1147 17.04 64.89 -69.58
N LEU A 1148 17.48 65.84 -68.74
CA LEU A 1148 17.40 67.25 -69.10
C LEU A 1148 18.37 67.63 -70.20
N ASP A 1149 19.38 66.80 -70.47
CA ASP A 1149 20.36 67.09 -71.50
C ASP A 1149 20.48 65.95 -72.50
N ALA B 33 -4.76 36.37 44.20
CA ALA B 33 -5.66 36.38 43.05
C ALA B 33 -5.04 35.64 41.87
N TYR B 34 -5.26 36.16 40.67
CA TYR B 34 -4.73 35.59 39.43
C TYR B 34 -3.79 36.60 38.80
N THR B 35 -2.57 36.17 38.49
CA THR B 35 -1.56 37.04 37.90
C THR B 35 -1.15 36.50 36.53
N ASN B 36 -1.06 37.40 35.55
CA ASN B 36 -0.86 36.99 34.17
C ASN B 36 0.54 36.41 33.97
N SER B 37 0.70 35.68 32.88
CA SER B 37 1.98 35.10 32.51
C SER B 37 2.43 35.64 31.15
N PHE B 38 3.71 35.96 31.04
CA PHE B 38 4.32 36.37 29.78
C PHE B 38 4.95 35.16 29.09
N THR B 39 5.83 35.44 28.11
CA THR B 39 6.42 34.43 27.24
C THR B 39 7.31 33.45 28.00
N ARG B 40 7.65 33.77 29.24
CA ARG B 40 8.45 32.86 30.05
C ARG B 40 7.74 31.51 30.17
N GLY B 41 8.52 30.43 30.05
CA GLY B 41 7.95 29.10 30.18
C GLY B 41 8.36 28.11 29.11
N VAL B 42 9.39 28.43 28.34
CA VAL B 42 9.90 27.56 27.29
C VAL B 42 11.23 26.93 27.76
N TYR B 43 11.46 25.69 27.35
CA TYR B 43 12.62 24.94 27.83
C TYR B 43 13.04 23.94 26.77
N TYR B 44 14.22 23.35 26.98
CA TYR B 44 14.70 22.32 26.08
C TYR B 44 13.80 21.11 26.16
N PRO B 45 13.22 20.66 25.05
CA PRO B 45 12.06 19.76 25.13
C PRO B 45 12.37 18.31 25.50
N ASP B 46 13.39 17.72 24.87
CA ASP B 46 13.53 16.27 24.91
C ASP B 46 14.93 15.84 25.32
N LYS B 47 15.54 16.55 26.27
CA LYS B 47 16.82 16.19 26.85
C LYS B 47 17.94 16.12 25.82
N VAL B 48 17.72 16.65 24.61
CA VAL B 48 18.66 16.56 23.51
C VAL B 48 18.91 17.93 22.92
N PHE B 49 20.18 18.25 22.72
CA PHE B 49 20.61 19.51 22.12
C PHE B 49 20.51 19.44 20.60
N ARG B 50 20.21 20.60 19.99
CA ARG B 50 20.20 20.76 18.55
C ARG B 50 20.82 22.11 18.22
N SER B 51 21.39 22.22 17.02
CA SER B 51 22.24 23.35 16.68
C SER B 51 21.65 24.14 15.52
N SER B 52 21.15 25.35 15.82
CA SER B 52 20.82 26.37 14.81
C SER B 52 19.67 25.94 13.91
N VAL B 53 18.71 25.22 14.46
CA VAL B 53 17.60 24.67 13.69
C VAL B 53 16.28 25.00 14.37
N LEU B 54 15.29 25.42 13.58
CA LEU B 54 13.96 25.73 14.08
C LEU B 54 13.16 24.44 14.22
N HIS B 55 12.47 24.29 15.34
CA HIS B 55 11.68 23.08 15.58
C HIS B 55 10.26 23.44 15.99
N SER B 56 9.41 22.40 16.03
CA SER B 56 8.07 22.50 16.59
C SER B 56 7.79 21.22 17.36
N THR B 57 7.43 21.36 18.63
CA THR B 57 7.28 20.21 19.52
C THR B 57 5.97 20.32 20.29
N GLN B 58 5.24 19.22 20.35
CA GLN B 58 4.06 19.10 21.19
C GLN B 58 4.46 18.44 22.51
N ASP B 59 3.97 18.99 23.61
CA ASP B 59 4.16 18.40 24.94
C ASP B 59 3.31 19.19 25.92
N LEU B 60 3.43 18.85 27.19
CA LEU B 60 2.74 19.59 28.24
C LEU B 60 3.51 20.88 28.51
N PHE B 61 2.96 22.00 28.04
CA PHE B 61 3.59 23.29 28.20
C PHE B 61 2.69 24.19 29.04
N LEU B 62 3.26 25.27 29.54
CA LEU B 62 2.43 26.30 30.10
C LEU B 62 1.96 27.18 28.94
N PRO B 63 0.68 27.17 28.61
CA PRO B 63 0.19 28.01 27.52
C PRO B 63 0.47 29.48 27.82
N PHE B 64 0.77 30.24 26.77
CA PHE B 64 1.16 31.62 26.94
C PHE B 64 0.00 32.47 27.44
N PHE B 65 0.36 33.57 28.10
CA PHE B 65 -0.58 34.63 28.49
C PHE B 65 -1.73 34.08 29.33
N SER B 66 -1.39 33.27 30.33
CA SER B 66 -2.37 32.68 31.23
C SER B 66 -2.22 33.25 32.63
N ASN B 67 -3.29 33.22 33.40
CA ASN B 67 -3.26 33.70 34.78
C ASN B 67 -2.96 32.52 35.69
N VAL B 68 -1.86 32.60 36.41
CA VAL B 68 -1.50 31.62 37.43
C VAL B 68 -1.93 32.15 38.79
N THR B 69 -2.26 31.23 39.69
CA THR B 69 -2.75 31.62 41.00
C THR B 69 -1.59 32.00 41.91
N TRP B 70 -1.64 33.23 42.43
CA TRP B 70 -0.60 33.78 43.28
C TRP B 70 -1.13 33.82 44.71
N PHE B 71 -0.55 33.01 45.59
CA PHE B 71 -1.05 32.91 46.95
C PHE B 71 0.08 33.16 47.93
N HIS B 72 -0.17 34.03 48.90
CA HIS B 72 0.73 34.26 50.02
C HIS B 72 0.27 33.39 51.19
N VAL B 73 1.13 32.47 51.61
CA VAL B 73 0.76 31.48 52.61
C VAL B 73 0.84 31.99 54.05
N ILE B 74 1.36 33.21 54.26
CA ILE B 74 1.51 33.74 55.62
C ILE B 74 0.21 34.27 56.19
N SER B 75 -0.83 34.41 55.37
CA SER B 75 -2.10 34.96 55.81
C SER B 75 -3.20 33.93 55.58
N GLY B 76 -4.43 34.31 55.93
CA GLY B 76 -5.61 33.48 55.75
C GLY B 76 -5.45 32.13 56.45
N ASN B 85 -4.81 24.08 55.29
CA ASN B 85 -4.83 24.35 53.86
C ASN B 85 -5.38 23.15 53.09
N PRO B 86 -6.36 23.38 52.22
CA PRO B 86 -6.99 22.28 51.48
C PRO B 86 -6.05 21.70 50.44
N VAL B 87 -6.62 20.82 49.63
CA VAL B 87 -5.86 20.07 48.63
C VAL B 87 -5.77 20.88 47.34
N LEU B 88 -4.53 21.12 46.87
CA LEU B 88 -4.27 21.75 45.57
C LEU B 88 -4.21 20.71 44.48
N PRO B 89 -5.01 20.84 43.41
CA PRO B 89 -5.07 19.77 42.41
C PRO B 89 -3.80 19.73 41.57
N PHE B 90 -3.27 18.52 41.41
CA PHE B 90 -2.13 18.28 40.54
C PHE B 90 -2.66 17.67 39.25
N ASN B 91 -2.78 18.50 38.22
CA ASN B 91 -3.27 18.02 36.93
C ASN B 91 -2.14 17.32 36.20
N ASP B 92 -2.33 17.10 34.90
CA ASP B 92 -1.33 16.42 34.08
C ASP B 92 0.04 17.08 34.21
N GLY B 93 0.09 18.40 34.16
CA GLY B 93 1.34 19.11 34.34
C GLY B 93 1.19 20.33 35.21
N VAL B 94 2.03 20.46 36.24
CA VAL B 94 1.94 21.56 37.19
C VAL B 94 3.22 22.36 37.13
N TYR B 95 3.10 23.64 36.79
CA TYR B 95 4.22 24.57 36.81
C TYR B 95 4.14 25.34 38.12
N PHE B 96 4.97 24.96 39.09
CA PHE B 96 4.98 25.60 40.39
C PHE B 96 6.12 26.60 40.47
N ALA B 97 5.93 27.63 41.28
CA ALA B 97 6.99 28.57 41.58
C ALA B 97 6.82 29.02 43.02
N SER B 98 7.94 29.25 43.70
CA SER B 98 7.92 29.70 45.09
C SER B 98 8.99 30.76 45.25
N ILE B 99 8.58 31.99 45.57
CA ILE B 99 9.53 33.09 45.75
C ILE B 99 9.77 33.23 47.26
N GLU B 100 10.87 32.67 47.74
CA GLU B 100 11.18 32.69 49.16
C GLU B 100 12.65 33.03 49.34
N LYS B 101 12.96 33.49 50.55
CA LYS B 101 14.34 33.78 50.91
C LYS B 101 14.65 33.07 52.22
N SER B 102 13.63 32.90 53.07
CA SER B 102 13.77 32.22 54.35
C SER B 102 13.21 30.80 54.32
N ASN B 103 12.85 30.30 53.15
CA ASN B 103 12.38 28.92 52.93
C ASN B 103 11.41 28.47 54.02
N ILE B 104 10.39 29.30 54.27
CA ILE B 104 9.34 28.91 55.19
C ILE B 104 8.61 27.67 54.65
N ILE B 105 8.30 27.68 53.36
CA ILE B 105 7.78 26.50 52.68
C ILE B 105 8.97 25.73 52.11
N ARG B 106 9.01 24.42 52.36
CA ARG B 106 10.19 23.64 52.03
C ARG B 106 9.95 22.54 51.00
N GLY B 107 8.72 22.25 50.63
CA GLY B 107 8.52 21.19 49.66
C GLY B 107 7.07 20.93 49.37
N TRP B 108 6.83 19.80 48.71
CA TRP B 108 5.50 19.38 48.31
C TRP B 108 5.35 17.87 48.51
N ILE B 109 4.11 17.44 48.71
CA ILE B 109 3.79 16.02 48.92
C ILE B 109 2.79 15.59 47.87
N PHE B 110 3.06 14.43 47.24
CA PHE B 110 2.24 13.87 46.19
C PHE B 110 1.73 12.51 46.61
N GLY B 111 0.43 12.27 46.42
CA GLY B 111 -0.16 10.98 46.73
C GLY B 111 -1.38 10.75 45.86
N THR B 112 -1.63 9.47 45.56
CA THR B 112 -2.72 9.14 44.64
C THR B 112 -4.08 9.16 45.35
N THR B 113 -4.26 8.27 46.33
CA THR B 113 -5.51 8.16 47.07
C THR B 113 -5.32 8.29 48.57
N LEU B 114 -4.10 8.54 49.03
CA LEU B 114 -3.80 8.71 50.46
C LEU B 114 -4.28 7.53 51.29
N ASP B 115 -4.06 6.32 50.78
CA ASP B 115 -4.44 5.10 51.47
C ASP B 115 -3.20 4.32 51.88
N SER B 116 -3.40 3.34 52.76
CA SER B 116 -2.28 2.54 53.25
C SER B 116 -1.65 1.71 52.12
N LYS B 117 -2.39 1.48 51.04
CA LYS B 117 -1.87 0.76 49.89
C LYS B 117 -1.25 1.69 48.85
N THR B 118 -1.22 2.99 49.10
CA THR B 118 -0.71 3.98 48.16
C THR B 118 0.61 4.54 48.65
N GLN B 119 1.60 4.55 47.76
CA GLN B 119 2.91 5.12 48.09
C GLN B 119 2.82 6.64 48.13
N SER B 120 3.82 7.26 48.76
CA SER B 120 3.87 8.70 48.93
C SER B 120 5.16 9.24 48.35
N LEU B 121 5.08 10.41 47.72
CA LEU B 121 6.25 11.08 47.16
C LEU B 121 6.40 12.44 47.82
N LEU B 122 7.63 12.86 48.02
CA LEU B 122 7.91 14.06 48.81
C LEU B 122 9.12 14.79 48.22
N ILE B 123 8.98 16.09 47.99
CA ILE B 123 10.04 16.92 47.46
C ILE B 123 10.36 18.00 48.48
N VAL B 124 11.65 18.18 48.78
CA VAL B 124 12.12 19.24 49.66
C VAL B 124 13.30 19.93 49.01
N ASN B 125 13.27 21.26 48.99
CA ASN B 125 14.29 22.08 48.34
C ASN B 125 15.06 22.83 49.42
N ASN B 126 16.18 22.26 49.85
CA ASN B 126 17.05 22.91 50.82
C ASN B 126 18.19 23.62 50.11
N ALA B 127 18.75 24.63 50.78
CA ALA B 127 19.87 25.37 50.22
C ALA B 127 21.16 24.57 50.27
N THR B 128 21.16 23.45 50.99
CA THR B 128 22.33 22.57 51.03
C THR B 128 22.20 21.39 50.08
N ASN B 129 20.98 20.96 49.77
CA ASN B 129 20.72 19.79 48.95
C ASN B 129 19.23 19.77 48.61
N VAL B 130 18.87 18.96 47.62
CA VAL B 130 17.48 18.69 47.31
C VAL B 130 17.19 17.24 47.67
N VAL B 131 16.08 17.02 48.37
CA VAL B 131 15.75 15.73 48.95
C VAL B 131 14.43 15.23 48.38
N ILE B 132 14.44 14.00 47.89
CA ILE B 132 13.23 13.33 47.40
C ILE B 132 13.01 12.10 48.25
N LYS B 133 11.77 11.89 48.66
CA LYS B 133 11.42 10.89 49.66
C LYS B 133 10.24 10.07 49.17
N VAL B 134 10.33 8.74 49.35
CA VAL B 134 9.22 7.84 49.08
C VAL B 134 9.14 6.86 50.25
N CYS B 135 8.06 6.93 51.00
CA CYS B 135 7.93 6.12 52.21
C CYS B 135 6.54 5.53 52.40
N GLU B 136 5.63 5.66 51.43
CA GLU B 136 4.22 5.33 51.64
C GLU B 136 3.68 6.06 52.88
N PHE B 137 4.24 7.24 53.14
CA PHE B 137 3.92 7.98 54.36
C PHE B 137 2.47 8.47 54.33
N GLN B 138 1.82 8.34 55.47
CA GLN B 138 0.41 8.74 55.62
C GLN B 138 0.42 10.19 56.09
N PHE B 139 0.21 11.11 55.15
CA PHE B 139 0.18 12.52 55.48
C PHE B 139 -0.95 12.80 56.48
N CYS B 140 -0.63 13.53 57.55
CA CYS B 140 -1.63 13.91 58.53
C CYS B 140 -2.34 15.17 58.05
N ASN B 141 -3.18 15.75 58.91
CA ASN B 141 -4.03 16.86 58.48
C ASN B 141 -3.26 18.15 58.23
N ASP B 142 -1.98 18.22 58.62
CA ASP B 142 -1.18 19.41 58.40
C ASP B 142 0.30 19.02 58.36
N PRO B 143 0.98 19.19 57.21
CA PRO B 143 2.40 18.84 57.16
C PRO B 143 3.25 19.80 57.98
N PHE B 144 3.12 19.70 59.31
CA PHE B 144 3.83 20.57 60.24
C PHE B 144 5.26 20.06 60.40
N LEU B 145 6.00 20.11 59.29
CA LEU B 145 7.37 19.63 59.25
C LEU B 145 8.27 20.75 59.74
N ASP B 146 8.30 20.92 61.06
CA ASP B 146 9.10 21.97 61.69
C ASP B 146 10.38 21.39 62.29
N CYS B 167 10.05 3.84 55.04
CA CYS B 167 10.59 4.49 53.85
C CYS B 167 11.14 3.49 52.85
N THR B 168 11.03 3.84 51.58
CA THR B 168 11.39 2.96 50.47
C THR B 168 12.42 3.57 49.54
N PHE B 169 12.49 4.90 49.44
CA PHE B 169 13.37 5.58 48.52
C PHE B 169 13.82 6.92 49.09
N GLU B 170 15.11 7.20 48.97
CA GLU B 170 15.69 8.47 49.39
C GLU B 170 16.56 9.03 48.27
N TYR B 171 16.67 10.35 48.23
CA TYR B 171 17.44 11.00 47.19
C TYR B 171 17.94 12.35 47.70
N VAL B 172 19.24 12.60 47.56
CA VAL B 172 19.85 13.87 47.95
C VAL B 172 20.79 14.32 46.83
N SER B 173 20.64 15.57 46.39
CA SER B 173 21.47 16.09 45.32
C SER B 173 21.93 17.50 45.65
N GLN B 174 22.82 18.01 44.80
CA GLN B 174 23.53 19.25 45.05
C GLN B 174 22.58 20.44 45.13
N PRO B 175 22.95 21.46 45.90
CA PRO B 175 22.08 22.64 46.02
C PRO B 175 21.97 23.39 44.70
N PHE B 176 20.93 24.23 44.64
CA PHE B 176 20.70 25.03 43.44
C PHE B 176 21.86 25.97 43.16
N LEU B 177 22.33 26.66 44.18
CA LEU B 177 23.47 27.56 44.04
C LEU B 177 24.77 26.85 44.41
N LYS B 188 14.95 37.72 47.88
CA LYS B 188 13.88 36.82 47.47
C LYS B 188 14.28 36.02 46.24
N ASN B 189 14.55 34.73 46.43
CA ASN B 189 14.94 33.84 45.36
C ASN B 189 13.72 33.06 44.91
N LEU B 190 13.51 32.98 43.59
CA LEU B 190 12.36 32.27 43.04
C LEU B 190 12.81 30.89 42.58
N ARG B 191 12.29 29.85 43.22
CA ARG B 191 12.51 28.49 42.77
C ARG B 191 11.34 28.10 41.86
N GLU B 192 11.63 27.89 40.57
CA GLU B 192 10.61 27.48 39.62
C GLU B 192 10.81 26.00 39.32
N PHE B 193 9.71 25.26 39.38
CA PHE B 193 9.74 23.82 39.20
C PHE B 193 8.64 23.43 38.22
N VAL B 194 8.94 22.45 37.38
CA VAL B 194 7.95 21.88 36.47
C VAL B 194 7.79 20.41 36.85
N PHE B 195 6.58 20.04 37.21
CA PHE B 195 6.25 18.67 37.56
C PHE B 195 5.39 18.08 36.46
N LYS B 196 5.87 16.98 35.87
CA LYS B 196 5.16 16.25 34.85
C LYS B 196 4.90 14.84 35.33
N ASN B 197 3.68 14.35 35.09
CA ASN B 197 3.40 12.92 35.16
C ASN B 197 2.85 12.47 33.82
N ILE B 198 3.51 12.89 32.75
CA ILE B 198 3.04 12.57 31.40
C ILE B 198 3.12 11.07 31.16
N ASP B 199 4.15 10.42 31.69
CA ASP B 199 4.39 9.00 31.47
C ASP B 199 4.64 8.35 32.83
N GLY B 200 5.02 7.07 32.80
CA GLY B 200 5.24 6.31 34.02
C GLY B 200 6.56 6.60 34.70
N TYR B 201 6.96 7.87 34.69
CA TYR B 201 8.18 8.32 35.37
C TYR B 201 8.07 9.81 35.64
N PHE B 202 7.87 10.18 36.91
CA PHE B 202 7.59 11.57 37.25
C PHE B 202 8.80 12.43 36.92
N LYS B 203 8.57 13.48 36.13
CA LYS B 203 9.63 14.36 35.67
C LYS B 203 9.61 15.65 36.46
N ILE B 204 10.78 16.08 36.94
CA ILE B 204 10.92 17.33 37.69
C ILE B 204 12.01 18.15 37.03
N TYR B 205 11.68 19.40 36.71
CA TYR B 205 12.62 20.33 36.10
C TYR B 205 12.77 21.51 37.05
N SER B 206 13.98 22.00 37.24
CA SER B 206 14.22 22.96 38.30
C SER B 206 15.06 24.14 37.81
N LYS B 207 14.77 25.32 38.36
CA LYS B 207 15.58 26.50 38.12
C LYS B 207 15.37 27.48 39.28
N HIS B 208 16.34 28.38 39.45
CA HIS B 208 16.28 29.42 40.47
C HIS B 208 16.63 30.76 39.85
N THR B 209 15.88 31.79 40.25
CA THR B 209 15.90 33.10 39.61
C THR B 209 16.12 34.19 40.64
N PRO B 210 17.03 35.15 40.38
CA PRO B 210 17.29 36.24 41.32
C PRO B 210 16.46 37.48 41.04
N ILE B 211 16.17 38.21 42.11
CA ILE B 211 15.46 39.48 42.01
C ILE B 211 16.14 40.53 42.88
N ASP B 218 5.61 41.74 39.70
CA ASP B 218 4.97 41.05 38.58
C ASP B 218 5.78 39.83 38.15
N LEU B 219 5.70 39.54 36.85
CA LEU B 219 6.50 38.48 36.25
C LEU B 219 7.29 39.05 35.08
N PRO B 220 8.62 39.04 35.13
CA PRO B 220 9.40 39.69 34.07
C PRO B 220 9.18 39.04 32.72
N GLN B 221 9.32 39.86 31.68
CA GLN B 221 9.15 39.42 30.30
C GLN B 221 10.41 38.75 29.74
N GLY B 222 11.33 38.35 30.61
CA GLY B 222 12.59 37.78 30.16
C GLY B 222 12.50 36.30 29.83
N PHE B 223 13.62 35.78 29.35
CA PHE B 223 13.76 34.39 28.96
C PHE B 223 14.66 33.61 29.91
N SER B 224 14.37 32.33 30.04
CA SER B 224 15.33 31.34 30.54
C SER B 224 14.99 30.01 29.89
N ALA B 225 15.97 29.12 29.86
CA ALA B 225 15.82 27.81 29.24
C ALA B 225 15.89 26.77 30.35
N LEU B 226 14.72 26.33 30.80
CA LEU B 226 14.66 25.42 31.94
C LEU B 226 15.34 24.10 31.58
N GLU B 227 16.57 23.93 32.06
CA GLU B 227 17.28 22.68 31.87
C GLU B 227 16.57 21.55 32.60
N PRO B 228 16.55 20.36 32.04
CA PRO B 228 15.95 19.22 32.72
C PRO B 228 16.80 18.76 33.89
N LEU B 229 16.13 18.25 34.93
CA LEU B 229 16.85 17.77 36.10
C LEU B 229 16.66 16.28 36.36
N VAL B 230 15.43 15.81 36.61
CA VAL B 230 15.24 14.47 37.14
C VAL B 230 14.05 13.81 36.45
N ASP B 231 14.17 12.50 36.21
CA ASP B 231 13.07 11.67 35.75
C ASP B 231 13.00 10.45 36.68
N LEU B 232 12.28 10.58 37.79
CA LEU B 232 12.14 9.47 38.71
C LEU B 232 11.32 8.36 38.08
N PRO B 233 11.81 7.14 38.03
CA PRO B 233 11.14 6.05 37.32
C PRO B 233 9.99 5.41 38.10
N ILE B 234 8.96 6.20 38.39
CA ILE B 234 7.79 5.73 39.11
C ILE B 234 6.55 6.00 38.27
N GLY B 235 5.68 5.00 38.16
CA GLY B 235 4.51 5.08 37.31
C GLY B 235 3.22 5.34 38.05
N ILE B 236 3.29 5.84 39.28
CA ILE B 236 2.10 6.15 40.05
C ILE B 236 1.47 7.44 39.51
N ASN B 237 0.16 7.40 39.33
CA ASN B 237 -0.54 8.59 38.86
C ASN B 237 -0.61 9.63 39.98
N ILE B 238 -0.30 10.87 39.64
CA ILE B 238 -0.34 11.99 40.58
C ILE B 238 -1.52 12.85 40.19
N THR B 239 -2.52 12.90 41.05
CA THR B 239 -3.73 13.69 40.81
C THR B 239 -3.84 14.89 41.74
N ARG B 240 -3.25 14.81 42.94
CA ARG B 240 -3.29 15.89 43.91
C ARG B 240 -1.89 16.17 44.43
N PHE B 241 -1.67 17.42 44.85
CA PHE B 241 -0.38 17.84 45.38
C PHE B 241 -0.58 18.89 46.47
N GLN B 242 0.12 18.72 47.57
CA GLN B 242 0.09 19.69 48.67
C GLN B 242 1.52 20.01 49.06
N THR B 243 1.70 21.20 49.62
CA THR B 243 3.03 21.71 49.93
C THR B 243 3.47 21.25 51.32
N LEU B 244 4.72 21.60 51.65
CA LEU B 244 5.31 21.31 52.95
C LEU B 244 5.63 22.62 53.65
N LEU B 245 5.06 22.80 54.83
CA LEU B 245 5.26 23.99 55.65
C LEU B 245 6.33 23.72 56.69
N ALA B 246 7.25 24.68 56.86
CA ALA B 246 8.31 24.61 57.85
C ALA B 246 8.42 25.92 58.60
N LEU B 247 7.29 26.42 59.11
CA LEU B 247 7.29 27.65 59.89
C LEU B 247 8.28 27.56 61.04
N HIS B 248 9.05 28.64 61.22
CA HIS B 248 10.17 28.60 62.16
C HIS B 248 9.70 28.42 63.60
N ARG B 249 8.74 29.24 64.04
CA ARG B 249 8.21 29.19 65.40
C ARG B 249 6.69 29.19 65.29
N SER B 250 6.11 28.00 65.15
CA SER B 250 4.67 27.84 65.01
C SER B 250 4.16 26.85 66.04
N TYR B 251 2.91 27.04 66.46
CA TYR B 251 2.34 26.21 67.51
C TYR B 251 2.22 24.76 67.05
N LEU B 252 2.42 23.83 67.99
CA LEU B 252 2.42 22.41 67.65
C LEU B 252 1.01 21.85 67.59
N THR B 253 0.15 22.50 66.81
CA THR B 253 -1.22 22.05 66.61
C THR B 253 -1.72 22.54 65.26
N PRO B 254 -2.64 21.81 64.63
CA PRO B 254 -3.24 22.29 63.37
C PRO B 254 -4.38 23.27 63.56
N GLY B 255 -4.52 23.88 64.75
CA GLY B 255 -5.60 24.83 64.99
C GLY B 255 -5.41 26.17 64.32
N ASP B 256 -4.16 26.56 64.05
CA ASP B 256 -3.87 27.80 63.33
C ASP B 256 -2.91 27.50 62.19
N SER B 257 -3.08 28.23 61.09
CA SER B 257 -2.33 27.99 59.86
C SER B 257 -1.38 29.16 59.62
N SER B 258 -0.07 28.87 59.68
CA SER B 258 0.98 29.84 59.37
C SER B 258 0.86 31.09 60.26
N SER B 259 1.05 30.88 61.55
CA SER B 259 1.05 31.96 62.53
C SER B 259 2.10 31.68 63.59
N GLY B 260 2.08 32.49 64.65
CA GLY B 260 3.02 32.33 65.75
C GLY B 260 4.39 32.92 65.50
N TRP B 261 4.63 33.49 64.32
CA TRP B 261 5.92 34.04 63.96
C TRP B 261 5.73 34.96 62.75
N THR B 262 6.19 36.20 62.89
CA THR B 262 5.96 37.22 61.86
C THR B 262 7.01 37.09 60.77
N ALA B 263 6.81 36.09 59.91
CA ALA B 263 7.74 35.84 58.81
C ALA B 263 7.60 36.91 57.74
N GLY B 264 8.58 36.95 56.84
CA GLY B 264 8.56 37.87 55.72
C GLY B 264 7.52 37.47 54.69
N ALA B 265 7.46 38.28 53.63
CA ALA B 265 6.46 38.08 52.58
C ALA B 265 6.81 36.83 51.79
N ALA B 266 6.07 35.75 52.03
CA ALA B 266 6.26 34.49 51.34
C ALA B 266 5.11 34.27 50.36
N ALA B 267 5.43 33.85 49.14
CA ALA B 267 4.42 33.69 48.10
C ALA B 267 4.79 32.52 47.19
N TYR B 268 3.75 31.88 46.64
CA TYR B 268 3.93 30.84 45.65
C TYR B 268 2.91 31.00 44.53
N TYR B 269 3.35 30.67 43.31
CA TYR B 269 2.53 30.72 42.10
C TYR B 269 2.25 29.31 41.64
N VAL B 270 1.00 29.04 41.30
CA VAL B 270 0.55 27.74 40.82
C VAL B 270 0.03 27.93 39.40
N GLY B 271 0.60 27.20 38.44
CA GLY B 271 0.10 27.21 37.10
C GLY B 271 -0.11 25.79 36.63
N TYR B 272 -0.99 25.64 35.64
CA TYR B 272 -1.46 24.34 35.22
C TYR B 272 -1.10 24.13 33.76
N LEU B 273 -0.13 23.24 33.52
CA LEU B 273 0.32 22.93 32.17
C LEU B 273 -0.76 22.17 31.41
N GLN B 274 -0.75 22.35 30.10
CA GLN B 274 -1.72 21.75 29.21
C GLN B 274 -1.01 21.15 28.01
N PRO B 275 -1.58 20.12 27.40
CA PRO B 275 -0.99 19.56 26.18
C PRO B 275 -1.12 20.53 25.03
N ARG B 276 0.00 21.05 24.54
CA ARG B 276 -0.03 22.07 23.50
C ARG B 276 1.24 21.95 22.67
N THR B 277 1.24 22.60 21.52
CA THR B 277 2.39 22.60 20.64
C THR B 277 3.09 23.96 20.66
N PHE B 278 4.41 23.94 20.47
CA PHE B 278 5.25 25.11 20.50
C PHE B 278 6.15 25.13 19.27
N LEU B 279 6.57 26.34 18.91
CA LEU B 279 7.58 26.57 17.90
C LEU B 279 8.82 27.14 18.58
N LEU B 280 9.98 26.56 18.30
CA LEU B 280 11.23 26.92 18.97
C LEU B 280 12.22 27.44 17.94
N LYS B 281 12.86 28.57 18.27
CA LYS B 281 13.96 29.12 17.48
C LYS B 281 15.27 28.76 18.16
N TYR B 282 16.26 28.41 17.35
CA TYR B 282 17.61 28.15 17.85
C TYR B 282 18.59 29.08 17.15
N ASN B 283 19.50 29.67 17.94
CA ASN B 283 20.38 30.73 17.48
C ASN B 283 21.60 30.15 16.77
N GLU B 284 22.60 31.00 16.52
CA GLU B 284 23.78 30.55 15.80
C GLU B 284 24.69 29.69 16.68
N ASN B 285 24.66 29.90 17.99
CA ASN B 285 25.51 29.15 18.91
C ASN B 285 24.82 27.94 19.52
N GLY B 286 23.55 27.70 19.19
CA GLY B 286 22.89 26.50 19.65
C GLY B 286 22.22 26.60 21.00
N THR B 287 21.28 27.53 21.16
CA THR B 287 20.51 27.65 22.39
C THR B 287 19.15 28.27 22.10
N ILE B 288 18.20 28.01 23.00
CA ILE B 288 16.86 28.55 22.85
C ILE B 288 16.90 30.06 22.97
N THR B 289 16.24 30.74 22.04
CA THR B 289 16.19 32.19 22.04
C THR B 289 14.78 32.75 21.98
N ASP B 290 13.91 32.14 21.19
CA ASP B 290 12.56 32.66 20.98
C ASP B 290 11.58 31.50 20.86
N ALA B 291 10.37 31.69 21.40
CA ALA B 291 9.35 30.66 21.41
C ALA B 291 8.03 31.23 20.94
N VAL B 292 7.21 30.40 20.29
CA VAL B 292 5.88 30.77 19.84
C VAL B 292 4.88 29.72 20.28
N ASP B 293 3.82 30.14 20.95
CA ASP B 293 2.66 29.31 21.19
C ASP B 293 1.76 29.42 19.97
N CYS B 294 1.38 28.27 19.39
CA CYS B 294 0.85 28.26 18.04
C CYS B 294 -0.47 29.00 17.91
N ALA B 295 -1.44 28.69 18.78
CA ALA B 295 -2.80 29.15 18.56
C ALA B 295 -3.14 30.44 19.28
N LEU B 296 -2.17 31.08 19.94
CA LEU B 296 -2.49 32.30 20.68
C LEU B 296 -2.98 33.40 19.76
N ASP B 297 -2.34 33.55 18.60
CA ASP B 297 -2.72 34.56 17.63
C ASP B 297 -2.75 33.92 16.25
N PRO B 298 -3.55 34.45 15.34
CA PRO B 298 -3.42 34.01 13.94
C PRO B 298 -2.01 34.19 13.41
N LEU B 299 -1.32 35.27 13.79
CA LEU B 299 0.08 35.39 13.44
C LEU B 299 0.89 34.24 14.02
N SER B 300 0.54 33.80 15.22
CA SER B 300 1.28 32.69 15.84
C SER B 300 1.12 31.41 15.03
N GLU B 301 -0.06 31.17 14.48
CA GLU B 301 -0.22 30.02 13.59
C GLU B 301 0.52 30.20 12.27
N THR B 302 0.60 31.44 11.75
CA THR B 302 1.45 31.63 10.59
C THR B 302 2.89 31.24 10.93
N LYS B 303 3.36 31.63 12.11
CA LYS B 303 4.69 31.26 12.55
C LYS B 303 4.85 29.74 12.61
N CYS B 304 3.89 29.05 13.24
CA CYS B 304 4.02 27.61 13.43
C CYS B 304 3.97 26.85 12.11
N THR B 305 3.09 27.26 11.19
CA THR B 305 2.97 26.53 9.93
C THR B 305 4.14 26.82 9.02
N LEU B 306 4.58 28.08 8.95
CA LEU B 306 5.68 28.42 8.06
C LEU B 306 7.02 27.91 8.56
N LYS B 307 7.07 27.35 9.78
CA LYS B 307 8.33 26.92 10.39
C LYS B 307 9.32 28.08 10.46
N SER B 308 8.81 29.27 10.72
CA SER B 308 9.62 30.48 10.77
C SER B 308 9.14 31.37 11.91
N PHE B 309 10.05 32.16 12.45
CA PHE B 309 9.68 33.23 13.37
C PHE B 309 9.48 34.56 12.66
N THR B 310 9.65 34.58 11.34
CA THR B 310 9.34 35.74 10.52
C THR B 310 8.43 35.28 9.38
N VAL B 311 7.27 35.91 9.26
CA VAL B 311 6.30 35.57 8.23
C VAL B 311 6.15 36.77 7.32
N GLU B 312 6.38 36.58 6.03
CA GLU B 312 6.26 37.68 5.09
C GLU B 312 4.78 37.96 4.80
N LYS B 313 4.54 39.11 4.16
CA LYS B 313 3.19 39.52 3.80
C LYS B 313 2.50 38.48 2.92
N GLY B 314 1.48 37.83 3.46
CA GLY B 314 0.74 36.87 2.66
C GLY B 314 -0.37 36.25 3.48
N ILE B 315 -1.30 35.62 2.77
CA ILE B 315 -2.36 34.84 3.38
C ILE B 315 -1.88 33.40 3.52
N TYR B 316 -2.11 32.79 4.67
CA TYR B 316 -1.49 31.51 5.01
C TYR B 316 -2.54 30.61 5.62
N GLN B 317 -3.13 29.74 4.80
CA GLN B 317 -4.15 28.83 5.29
C GLN B 317 -3.57 27.98 6.41
N THR B 318 -4.32 27.84 7.50
CA THR B 318 -3.83 27.13 8.67
C THR B 318 -4.64 25.88 8.99
N SER B 319 -5.94 26.03 9.22
CA SER B 319 -6.75 24.96 9.77
C SER B 319 -8.16 25.09 9.20
N ASN B 320 -9.12 24.47 9.86
CA ASN B 320 -10.47 24.39 9.31
C ASN B 320 -11.50 24.74 10.37
N PHE B 321 -12.22 25.83 10.13
CA PHE B 321 -13.38 26.19 10.94
C PHE B 321 -14.43 25.12 10.77
N ARG B 322 -14.80 24.48 11.86
CA ARG B 322 -15.78 23.40 11.84
C ARG B 322 -16.74 23.62 13.00
N VAL B 323 -17.96 24.07 12.69
CA VAL B 323 -18.94 24.34 13.74
C VAL B 323 -19.22 23.05 14.49
N GLN B 324 -19.02 23.08 15.79
CA GLN B 324 -19.23 21.89 16.60
C GLN B 324 -20.70 21.50 16.58
N PRO B 325 -21.02 20.21 16.50
CA PRO B 325 -22.42 19.80 16.63
C PRO B 325 -22.98 20.18 17.99
N THR B 326 -24.28 20.45 18.03
CA THR B 326 -24.88 21.08 19.20
C THR B 326 -25.34 20.06 20.24
N GLU B 327 -26.15 19.08 19.83
CA GLU B 327 -26.78 18.18 20.79
C GLU B 327 -26.73 16.75 20.25
N SER B 328 -27.51 15.87 20.89
CA SER B 328 -27.71 14.49 20.47
C SER B 328 -29.20 14.18 20.54
N ILE B 329 -29.69 13.40 19.56
CA ILE B 329 -31.12 13.20 19.38
C ILE B 329 -31.41 11.71 19.28
N VAL B 330 -32.50 11.27 19.91
CA VAL B 330 -32.96 9.88 19.84
C VAL B 330 -34.43 9.87 19.48
N ARG B 331 -34.78 9.08 18.46
CA ARG B 331 -36.13 9.09 17.91
C ARG B 331 -36.42 7.73 17.27
N PHE B 332 -37.70 7.34 17.30
CA PHE B 332 -38.18 6.14 16.60
C PHE B 332 -39.64 6.29 16.21
N LEU B 338 -46.85 -2.44 15.25
CA LEU B 338 -47.66 -1.73 16.23
C LEU B 338 -47.54 -2.37 17.61
N CYS B 339 -47.30 -1.55 18.63
CA CYS B 339 -47.08 -2.06 19.97
C CYS B 339 -48.40 -2.55 20.55
N PRO B 340 -48.50 -3.80 20.97
CA PRO B 340 -49.78 -4.33 21.48
C PRO B 340 -49.98 -4.07 22.97
N PHE B 341 -49.83 -2.80 23.37
CA PHE B 341 -49.95 -2.44 24.78
C PHE B 341 -51.38 -2.31 25.24
N ASP B 342 -52.35 -2.34 24.33
CA ASP B 342 -53.75 -2.13 24.70
C ASP B 342 -54.30 -3.32 25.48
N GLU B 343 -53.99 -4.54 25.06
CA GLU B 343 -54.48 -5.74 25.72
C GLU B 343 -53.57 -6.22 26.85
N VAL B 344 -52.48 -5.50 27.10
CA VAL B 344 -51.59 -5.87 28.20
C VAL B 344 -52.11 -5.38 29.55
N PHE B 345 -52.83 -4.26 29.58
CA PHE B 345 -53.35 -3.67 30.81
C PHE B 345 -54.82 -3.99 31.05
N ASN B 346 -55.64 -4.00 30.01
CA ASN B 346 -57.08 -4.21 30.14
C ASN B 346 -57.53 -5.55 29.58
N ALA B 347 -56.70 -6.59 29.72
CA ALA B 347 -57.11 -7.93 29.34
C ALA B 347 -58.25 -8.40 30.23
N THR B 348 -59.26 -9.02 29.61
CA THR B 348 -60.43 -9.45 30.38
C THR B 348 -60.06 -10.44 31.46
N ARG B 349 -59.18 -11.39 31.15
CA ARG B 349 -58.71 -12.37 32.12
C ARG B 349 -57.22 -12.61 31.92
N PHE B 350 -56.49 -12.68 33.03
CA PHE B 350 -55.09 -13.07 33.03
C PHE B 350 -54.95 -14.50 33.54
N ALA B 351 -54.06 -15.25 32.90
CA ALA B 351 -53.76 -16.60 33.35
C ALA B 351 -52.97 -16.56 34.66
N SER B 352 -52.89 -17.71 35.31
CA SER B 352 -52.28 -17.80 36.62
C SER B 352 -50.79 -17.44 36.56
N VAL B 353 -50.19 -17.31 37.75
CA VAL B 353 -48.80 -16.86 37.84
C VAL B 353 -47.86 -17.88 37.18
N TYR B 354 -48.12 -19.18 37.40
CA TYR B 354 -47.27 -20.19 36.80
C TYR B 354 -47.55 -20.34 35.31
N ALA B 355 -48.81 -20.19 34.91
CA ALA B 355 -49.20 -20.25 33.51
C ALA B 355 -49.15 -18.87 32.86
N TRP B 356 -48.04 -18.18 33.05
CA TRP B 356 -47.85 -16.86 32.48
C TRP B 356 -47.70 -16.94 30.96
N ASN B 357 -48.17 -15.92 30.27
CA ASN B 357 -48.00 -15.83 28.82
C ASN B 357 -46.77 -15.01 28.49
N ARG B 358 -45.99 -15.51 27.53
CA ARG B 358 -44.78 -14.83 27.06
C ARG B 358 -45.07 -14.20 25.71
N LYS B 359 -44.77 -12.92 25.58
CA LYS B 359 -45.09 -12.15 24.39
C LYS B 359 -43.85 -11.36 23.94
N ARG B 360 -43.71 -11.18 22.63
CA ARG B 360 -42.63 -10.37 22.08
C ARG B 360 -43.18 -9.04 21.61
N ILE B 361 -42.60 -7.95 22.12
CA ILE B 361 -43.01 -6.60 21.76
C ILE B 361 -41.82 -5.89 21.14
N SER B 362 -41.98 -5.47 19.89
CA SER B 362 -40.94 -4.77 19.16
C SER B 362 -41.53 -4.29 17.84
N ASN B 363 -40.66 -3.74 16.99
CA ASN B 363 -41.02 -3.30 15.64
C ASN B 363 -42.18 -2.29 15.68
N CYS B 364 -42.12 -1.39 16.67
CA CYS B 364 -43.17 -0.41 16.87
C CYS B 364 -42.64 0.71 17.74
N VAL B 365 -43.24 1.89 17.58
CA VAL B 365 -42.88 3.05 18.37
C VAL B 365 -43.47 2.88 19.76
N ALA B 366 -42.64 3.00 20.78
CA ALA B 366 -43.05 2.77 22.17
C ALA B 366 -43.86 3.97 22.64
N ASP B 367 -45.16 3.95 22.34
CA ASP B 367 -46.05 5.06 22.67
C ASP B 367 -46.28 5.02 24.19
N TYR B 368 -45.37 5.63 24.92
CA TYR B 368 -45.39 5.64 26.38
C TYR B 368 -46.13 6.84 26.96
N SER B 369 -46.64 7.73 26.12
CA SER B 369 -47.30 8.94 26.59
C SER B 369 -48.82 8.83 26.63
N VAL B 370 -49.40 7.82 26.00
CA VAL B 370 -50.86 7.67 25.94
C VAL B 370 -51.32 6.92 27.18
N LEU B 371 -52.25 7.52 27.91
CA LEU B 371 -52.70 7.00 29.19
C LEU B 371 -54.08 6.35 29.04
N TYR B 372 -54.21 5.13 29.55
CA TYR B 372 -55.47 4.40 29.53
C TYR B 372 -56.09 4.22 30.90
N ASN B 373 -55.30 4.22 31.97
CA ASN B 373 -55.81 4.11 33.33
C ASN B 373 -55.06 5.05 34.27
N LEU B 374 -54.85 6.30 33.81
CA LEU B 374 -54.18 7.37 34.54
C LEU B 374 -52.68 7.12 34.75
N ALA B 375 -52.12 6.13 34.06
CA ALA B 375 -50.73 5.70 34.23
C ALA B 375 -50.44 5.46 35.71
N PRO B 376 -51.00 4.39 36.33
CA PRO B 376 -50.78 4.11 37.74
C PRO B 376 -49.48 3.35 38.00
N PHE B 377 -48.42 3.75 37.31
CA PHE B 377 -47.10 3.14 37.47
C PHE B 377 -46.36 3.77 38.64
N PHE B 378 -47.02 3.81 39.81
CA PHE B 378 -46.43 4.43 40.97
C PHE B 378 -45.21 3.67 41.48
N THR B 379 -45.05 2.41 41.08
CA THR B 379 -43.86 1.63 41.39
C THR B 379 -43.13 1.32 40.09
N PHE B 380 -41.82 1.56 40.08
CA PHE B 380 -41.01 1.27 38.90
C PHE B 380 -39.56 1.21 39.34
N LYS B 381 -38.95 0.04 39.25
CA LYS B 381 -37.57 -0.14 39.71
C LYS B 381 -36.92 -1.21 38.85
N CYS B 382 -35.78 -0.86 38.25
CA CYS B 382 -35.05 -1.78 37.39
C CYS B 382 -33.82 -2.29 38.10
N TYR B 383 -33.64 -3.61 38.06
CA TYR B 383 -32.59 -4.30 38.78
C TYR B 383 -31.65 -4.96 37.78
N GLY B 384 -30.36 -4.73 37.95
CA GLY B 384 -29.37 -5.25 37.02
C GLY B 384 -29.08 -4.29 35.89
N VAL B 385 -30.12 -3.66 35.34
CA VAL B 385 -29.99 -2.71 34.24
C VAL B 385 -30.52 -1.37 34.69
N SER B 386 -29.92 -0.30 34.15
CA SER B 386 -30.28 1.06 34.49
C SER B 386 -31.41 1.55 33.59
N PRO B 387 -32.40 2.27 34.12
CA PRO B 387 -33.43 2.86 33.26
C PRO B 387 -32.90 3.91 32.29
N THR B 388 -31.74 4.51 32.58
CA THR B 388 -31.21 5.54 31.69
C THR B 388 -30.76 4.96 30.36
N LYS B 389 -30.01 3.86 30.39
CA LYS B 389 -29.53 3.22 29.18
C LYS B 389 -30.56 2.32 28.52
N LEU B 390 -31.64 1.97 29.22
CA LEU B 390 -32.62 1.05 28.65
C LEU B 390 -33.29 1.65 27.43
N ASN B 391 -33.68 2.92 27.50
CA ASN B 391 -34.22 3.59 26.33
C ASN B 391 -33.14 3.93 25.32
N ASP B 392 -31.87 3.81 25.73
CA ASP B 392 -30.74 4.11 24.87
C ASP B 392 -30.02 2.87 24.37
N LEU B 393 -30.44 1.69 24.81
CA LEU B 393 -29.92 0.42 24.33
C LEU B 393 -30.97 -0.26 23.46
N CYS B 394 -30.50 -1.16 22.61
CA CYS B 394 -31.31 -1.71 21.54
C CYS B 394 -31.66 -3.16 21.86
N PHE B 395 -32.86 -3.58 21.44
CA PHE B 395 -33.37 -4.89 21.83
C PHE B 395 -34.11 -5.51 20.66
N THR B 396 -33.54 -6.59 20.10
CA THR B 396 -34.23 -7.31 19.04
C THR B 396 -35.50 -7.98 19.55
N ASN B 397 -35.39 -8.76 20.62
CA ASN B 397 -36.49 -9.53 21.16
C ASN B 397 -36.74 -9.11 22.60
N VAL B 398 -37.93 -8.58 22.86
CA VAL B 398 -38.33 -8.15 24.19
C VAL B 398 -39.39 -9.11 24.69
N TYR B 399 -39.04 -9.91 25.69
CA TYR B 399 -39.98 -10.83 26.29
C TYR B 399 -41.01 -10.05 27.07
N ALA B 400 -42.26 -10.51 27.04
CA ALA B 400 -43.34 -9.91 27.81
C ALA B 400 -44.06 -11.01 28.57
N ASP B 401 -43.77 -11.10 29.87
CA ASP B 401 -44.45 -12.03 30.76
C ASP B 401 -45.66 -11.33 31.37
N SER B 402 -46.82 -11.99 31.31
CA SER B 402 -48.05 -11.43 31.84
C SER B 402 -48.65 -12.41 32.85
N PHE B 403 -48.86 -11.94 34.07
CA PHE B 403 -49.45 -12.74 35.12
C PHE B 403 -50.05 -11.82 36.17
N VAL B 404 -50.96 -12.37 36.97
CA VAL B 404 -51.64 -11.62 38.02
C VAL B 404 -51.42 -12.34 39.35
N ILE B 405 -50.96 -11.58 40.36
CA ILE B 405 -50.75 -12.11 41.70
C ILE B 405 -51.44 -11.16 42.69
N ARG B 406 -51.75 -11.70 43.87
CA ARG B 406 -52.52 -10.98 44.87
C ARG B 406 -51.62 -9.97 45.59
N GLY B 407 -52.18 -9.34 46.63
CA GLY B 407 -51.52 -8.19 47.25
C GLY B 407 -50.21 -8.53 47.92
N ASP B 408 -50.19 -9.61 48.70
CA ASP B 408 -49.02 -9.89 49.54
C ASP B 408 -47.91 -10.63 48.80
N GLU B 409 -48.16 -11.11 47.58
CA GLU B 409 -47.21 -11.96 46.90
C GLU B 409 -46.14 -11.19 46.12
N VAL B 410 -46.28 -9.87 46.00
CA VAL B 410 -45.27 -9.09 45.29
C VAL B 410 -43.97 -9.02 46.09
N ARG B 411 -44.08 -8.77 47.40
CA ARG B 411 -42.88 -8.65 48.23
C ARG B 411 -42.26 -10.01 48.51
N GLN B 412 -43.06 -11.08 48.51
CA GLN B 412 -42.55 -12.42 48.78
C GLN B 412 -41.58 -12.90 47.71
N ILE B 413 -41.61 -12.32 46.51
CA ILE B 413 -40.64 -12.63 45.46
C ILE B 413 -39.46 -11.71 45.71
N ALA B 414 -38.59 -12.12 46.62
CA ALA B 414 -37.43 -11.32 47.01
C ALA B 414 -36.28 -12.25 47.32
N PRO B 415 -35.03 -11.81 47.12
CA PRO B 415 -33.89 -12.65 47.49
C PRO B 415 -33.86 -12.90 48.99
N GLY B 416 -33.37 -14.09 49.36
CA GLY B 416 -33.25 -14.45 50.76
C GLY B 416 -34.57 -14.56 51.48
N GLN B 417 -35.54 -15.24 50.87
CA GLN B 417 -36.87 -15.39 51.45
C GLN B 417 -37.21 -16.87 51.53
N THR B 418 -38.15 -17.19 52.42
CA THR B 418 -38.65 -18.56 52.60
C THR B 418 -40.16 -18.58 52.44
N GLY B 419 -40.67 -19.68 51.90
CA GLY B 419 -42.09 -19.81 51.64
C GLY B 419 -42.43 -20.81 50.57
N ASN B 420 -43.73 -21.09 50.41
CA ASN B 420 -44.17 -22.08 49.44
C ASN B 420 -44.39 -21.49 48.06
N ILE B 421 -44.92 -20.26 47.99
CA ILE B 421 -45.26 -19.67 46.70
C ILE B 421 -44.01 -19.35 45.89
N ALA B 422 -43.02 -18.72 46.53
CA ALA B 422 -41.85 -18.24 45.79
C ALA B 422 -41.00 -19.40 45.28
N ASP B 423 -40.65 -20.35 46.15
CA ASP B 423 -39.68 -21.37 45.78
C ASP B 423 -40.27 -22.46 44.90
N TYR B 424 -41.52 -22.86 45.13
CA TYR B 424 -42.09 -24.04 44.51
C TYR B 424 -42.93 -23.73 43.27
N ASN B 425 -42.97 -22.47 42.83
CA ASN B 425 -43.74 -22.10 41.64
C ASN B 425 -42.87 -21.54 40.52
N TYR B 426 -42.07 -20.51 40.80
CA TYR B 426 -41.25 -19.88 39.78
C TYR B 426 -39.93 -19.42 40.41
N LYS B 427 -38.84 -19.68 39.69
CA LYS B 427 -37.50 -19.29 40.12
C LYS B 427 -36.95 -18.27 39.13
N LEU B 428 -36.22 -17.25 39.65
CA LEU B 428 -35.72 -16.21 38.76
C LEU B 428 -34.20 -16.30 38.61
N PRO B 429 -33.66 -15.90 37.46
CA PRO B 429 -32.21 -15.99 37.25
C PRO B 429 -31.44 -15.02 38.13
N ASP B 430 -30.18 -15.35 38.35
CA ASP B 430 -29.32 -14.51 39.19
C ASP B 430 -29.05 -13.15 38.57
N ASP B 431 -28.79 -13.10 37.25
CA ASP B 431 -28.51 -11.86 36.54
C ASP B 431 -29.74 -11.34 35.80
N PHE B 432 -30.90 -11.49 36.42
CA PHE B 432 -32.15 -11.08 35.78
C PHE B 432 -32.10 -9.61 35.39
N THR B 433 -32.44 -9.34 34.13
CA THR B 433 -32.37 -7.99 33.55
C THR B 433 -33.77 -7.56 33.15
N GLY B 434 -34.28 -6.53 33.82
CA GLY B 434 -35.62 -6.06 33.53
C GLY B 434 -36.06 -5.05 34.56
N CYS B 435 -37.34 -4.70 34.50
CA CYS B 435 -37.94 -3.76 35.43
C CYS B 435 -39.27 -4.33 35.94
N VAL B 436 -39.64 -3.93 37.15
CA VAL B 436 -40.87 -4.37 37.78
C VAL B 436 -41.95 -3.33 37.52
N ILE B 437 -43.11 -3.78 37.05
CA ILE B 437 -44.22 -2.91 36.69
C ILE B 437 -45.48 -3.40 37.40
N ALA B 438 -46.15 -2.50 38.12
CA ALA B 438 -47.39 -2.85 38.81
C ALA B 438 -48.25 -1.61 38.93
N TRP B 439 -49.56 -1.82 39.07
CA TRP B 439 -50.50 -0.72 39.13
C TRP B 439 -51.81 -1.19 39.72
N ASN B 440 -52.63 -0.22 40.12
CA ASN B 440 -53.96 -0.49 40.66
C ASN B 440 -54.99 -0.37 39.53
N SER B 441 -55.62 -1.49 39.19
CA SER B 441 -56.60 -1.52 38.10
C SER B 441 -57.87 -2.24 38.56
N ASN B 442 -58.37 -1.89 39.75
CA ASN B 442 -59.54 -2.56 40.30
C ASN B 442 -60.81 -2.23 39.51
N LYS B 443 -60.97 -0.99 39.07
CA LYS B 443 -62.17 -0.59 38.35
C LYS B 443 -62.19 -1.11 36.91
N LEU B 444 -61.09 -1.69 36.44
CA LEU B 444 -61.07 -2.40 35.17
C LEU B 444 -61.21 -3.91 35.34
N ASP B 445 -61.15 -4.39 36.58
CA ASP B 445 -61.19 -5.83 36.88
C ASP B 445 -62.11 -6.13 38.06
N SER B 446 -63.32 -5.58 38.05
CA SER B 446 -64.28 -5.79 39.13
C SER B 446 -65.55 -6.41 38.57
N LYS B 447 -66.01 -7.48 39.21
CA LYS B 447 -67.23 -8.17 38.82
C LYS B 447 -68.25 -8.11 39.94
N VAL B 448 -69.51 -7.84 39.59
CA VAL B 448 -70.57 -7.83 40.58
C VAL B 448 -70.88 -9.24 41.06
N SER B 449 -70.89 -10.21 40.14
CA SER B 449 -71.07 -11.61 40.53
C SER B 449 -69.79 -12.20 41.11
N GLY B 450 -68.63 -11.82 40.58
CA GLY B 450 -67.37 -12.36 41.04
C GLY B 450 -66.73 -13.30 40.05
N ASN B 451 -65.41 -13.20 39.90
CA ASN B 451 -64.65 -14.06 38.98
C ASN B 451 -63.94 -15.13 39.78
N TYR B 452 -64.29 -16.39 39.51
CA TYR B 452 -63.71 -17.53 40.21
C TYR B 452 -62.92 -18.45 39.30
N ASN B 453 -62.51 -17.98 38.12
CA ASN B 453 -61.75 -18.79 37.19
C ASN B 453 -60.25 -18.74 37.44
N TYR B 454 -59.80 -18.00 38.44
CA TYR B 454 -58.37 -17.97 38.76
C TYR B 454 -57.97 -19.28 39.44
N LEU B 455 -57.11 -20.03 38.79
CA LEU B 455 -56.67 -21.35 39.23
C LEU B 455 -55.19 -21.32 39.60
N TYR B 456 -54.67 -22.48 39.96
CA TYR B 456 -53.26 -22.62 40.31
C TYR B 456 -52.84 -24.06 40.08
N ARG B 457 -51.54 -24.30 40.11
CA ARG B 457 -50.96 -25.59 39.75
C ARG B 457 -51.07 -26.55 40.93
N LEU B 458 -51.69 -27.70 40.70
CA LEU B 458 -51.77 -28.76 41.70
C LEU B 458 -51.99 -30.11 41.02
N LEU B 464 -41.42 -25.25 37.23
CA LEU B 464 -40.29 -25.66 38.04
C LEU B 464 -39.09 -24.74 37.88
N LYS B 465 -38.25 -25.05 36.91
CA LYS B 465 -36.99 -24.35 36.73
C LYS B 465 -37.22 -22.92 36.21
N PRO B 466 -36.23 -22.05 36.36
CA PRO B 466 -36.38 -20.68 35.83
C PRO B 466 -36.58 -20.68 34.32
N PHE B 467 -37.26 -19.64 33.84
CA PHE B 467 -37.59 -19.42 32.43
C PHE B 467 -38.54 -20.47 31.88
N GLU B 468 -39.32 -21.13 32.73
CA GLU B 468 -40.18 -22.21 32.30
C GLU B 468 -41.64 -21.82 32.31
N ARG B 469 -42.35 -22.19 31.25
CA ARG B 469 -43.80 -22.09 31.19
C ARG B 469 -44.40 -23.46 31.46
N ASP B 470 -45.32 -23.53 32.43
CA ASP B 470 -45.88 -24.79 32.89
C ASP B 470 -47.32 -24.90 32.39
N ILE B 471 -47.50 -25.64 31.31
CA ILE B 471 -48.82 -25.90 30.75
C ILE B 471 -49.24 -27.35 30.95
N SER B 472 -48.43 -28.15 31.65
CA SER B 472 -48.70 -29.56 31.84
C SER B 472 -48.24 -30.02 33.22
N PRO B 494 -60.39 -28.89 48.03
CA PRO B 494 -59.94 -28.92 46.64
C PRO B 494 -59.35 -27.59 46.19
N LEU B 495 -59.64 -27.19 44.96
CA LEU B 495 -59.16 -25.93 44.41
C LEU B 495 -60.23 -24.85 44.63
N ARG B 496 -59.95 -23.92 45.55
CA ARG B 496 -60.83 -22.80 45.83
C ARG B 496 -60.37 -21.58 45.03
N SER B 497 -61.19 -20.54 45.05
CA SER B 497 -60.91 -19.31 44.33
C SER B 497 -60.71 -18.16 45.31
N TYR B 498 -59.86 -17.22 44.91
CA TYR B 498 -59.69 -15.99 45.68
C TYR B 498 -61.03 -15.27 45.75
N SER B 499 -61.40 -14.84 46.97
CA SER B 499 -62.68 -14.20 47.21
C SER B 499 -62.52 -12.69 47.20
N PHE B 500 -63.20 -12.02 46.28
CA PHE B 500 -63.10 -10.57 46.13
C PHE B 500 -64.34 -9.95 46.78
N ARG B 501 -64.25 -9.76 48.11
CA ARG B 501 -65.32 -9.21 48.93
C ARG B 501 -65.06 -7.74 49.27
N PRO B 502 -66.11 -6.92 49.34
CA PRO B 502 -65.91 -5.52 49.75
C PRO B 502 -65.44 -5.36 51.17
N THR B 503 -65.66 -6.35 52.04
CA THR B 503 -65.37 -6.25 53.46
C THR B 503 -63.92 -6.59 53.79
N TYR B 504 -63.10 -6.94 52.81
CA TYR B 504 -61.72 -7.33 53.05
C TYR B 504 -60.79 -6.12 52.99
N GLY B 505 -59.52 -6.36 53.32
CA GLY B 505 -58.56 -5.29 53.38
C GLY B 505 -58.24 -4.71 52.01
N VAL B 506 -57.85 -3.43 52.02
CA VAL B 506 -57.60 -2.71 50.78
C VAL B 506 -56.37 -3.28 50.06
N GLY B 507 -55.38 -3.75 50.81
CA GLY B 507 -54.20 -4.33 50.18
C GLY B 507 -54.43 -5.69 49.57
N HIS B 508 -55.56 -6.33 49.84
CA HIS B 508 -55.90 -7.63 49.28
C HIS B 508 -56.48 -7.52 47.87
N GLN B 509 -56.34 -6.37 47.23
CA GLN B 509 -56.90 -6.14 45.91
C GLN B 509 -56.07 -6.86 44.84
N PRO B 510 -56.71 -7.25 43.74
CA PRO B 510 -55.95 -7.85 42.63
C PRO B 510 -55.01 -6.84 41.99
N TYR B 511 -53.90 -7.34 41.47
CA TYR B 511 -52.90 -6.51 40.82
C TYR B 511 -52.47 -7.16 39.51
N ARG B 512 -52.02 -6.33 38.57
CA ARG B 512 -51.53 -6.80 37.28
C ARG B 512 -50.07 -6.37 37.12
N VAL B 513 -49.20 -7.35 36.85
CA VAL B 513 -47.77 -7.14 36.77
C VAL B 513 -47.28 -7.59 35.41
N VAL B 514 -46.52 -6.73 34.74
CA VAL B 514 -45.92 -7.02 33.45
C VAL B 514 -44.41 -6.98 33.62
N VAL B 515 -43.74 -8.09 33.30
CA VAL B 515 -42.30 -8.21 33.44
C VAL B 515 -41.71 -8.43 32.05
N LEU B 516 -40.78 -7.56 31.66
CA LEU B 516 -40.16 -7.62 30.35
C LEU B 516 -38.75 -8.19 30.49
N SER B 517 -38.61 -9.49 30.25
CA SER B 517 -37.31 -10.15 30.39
C SER B 517 -36.40 -9.67 29.26
N PHE B 518 -35.32 -9.01 29.63
CA PHE B 518 -34.40 -8.38 28.67
C PHE B 518 -33.29 -9.37 28.36
N GLU B 519 -33.38 -10.00 27.18
CA GLU B 519 -32.35 -10.88 26.69
C GLU B 519 -31.83 -10.36 25.35
N LEU B 520 -30.51 -10.35 25.22
CA LEU B 520 -29.84 -9.90 23.99
C LEU B 520 -29.42 -11.15 23.24
N LEU B 521 -30.26 -11.59 22.30
CA LEU B 521 -30.06 -12.85 21.62
C LEU B 521 -28.98 -12.71 20.54
N HIS B 522 -28.87 -13.73 19.69
CA HIS B 522 -27.93 -13.74 18.58
C HIS B 522 -28.57 -13.28 17.28
N ALA B 523 -29.55 -12.37 17.37
CA ALA B 523 -30.29 -11.85 16.24
C ALA B 523 -29.96 -10.38 15.99
N PRO B 524 -30.05 -9.91 14.74
CA PRO B 524 -29.72 -8.52 14.45
C PRO B 524 -30.62 -7.54 15.19
N ALA B 525 -30.04 -6.42 15.62
CA ALA B 525 -30.81 -5.40 16.32
C ALA B 525 -31.68 -4.64 15.33
N THR B 526 -32.97 -4.55 15.65
CA THR B 526 -33.94 -3.91 14.77
C THR B 526 -34.50 -2.62 15.34
N VAL B 527 -35.10 -2.67 16.53
CA VAL B 527 -35.73 -1.51 17.15
C VAL B 527 -35.00 -1.17 18.43
N CYS B 528 -34.51 0.06 18.53
CA CYS B 528 -33.85 0.56 19.71
C CYS B 528 -34.80 1.52 20.39
N GLY B 529 -34.48 1.89 21.63
CA GLY B 529 -35.34 2.77 22.38
C GLY B 529 -35.49 4.14 21.75
N PRO B 530 -36.71 4.70 21.80
CA PRO B 530 -36.97 6.06 21.35
C PRO B 530 -36.24 7.12 22.19
N ASN B 535 -34.18 17.96 20.16
CA ASN B 535 -34.47 16.88 19.23
C ASN B 535 -34.57 17.39 17.80
N LEU B 536 -35.62 18.14 17.49
CA LEU B 536 -35.80 18.70 16.17
C LEU B 536 -35.45 20.17 16.19
N VAL B 537 -34.42 20.54 15.43
CA VAL B 537 -33.88 21.89 15.41
C VAL B 537 -33.63 22.29 13.96
N LYS B 538 -33.57 23.60 13.74
CA LYS B 538 -33.34 24.15 12.42
C LYS B 538 -32.33 25.29 12.51
N ASN B 539 -31.60 25.48 11.42
CA ASN B 539 -30.59 26.53 11.26
C ASN B 539 -29.47 26.44 12.30
N LYS B 540 -29.41 25.34 13.06
CA LYS B 540 -28.27 25.03 13.92
C LYS B 540 -27.89 23.58 13.69
N CYS B 541 -26.68 23.37 13.17
CA CYS B 541 -26.29 22.04 12.71
C CYS B 541 -25.95 21.14 13.90
N VAL B 542 -26.52 19.93 13.88
CA VAL B 542 -26.40 18.97 14.97
C VAL B 542 -26.11 17.61 14.36
N ASN B 543 -25.70 16.67 15.22
CA ASN B 543 -25.59 15.27 14.86
C ASN B 543 -26.98 14.63 14.93
N PHE B 544 -27.19 13.62 14.08
CA PHE B 544 -28.40 12.83 14.08
C PHE B 544 -28.07 11.35 14.11
N ASN B 545 -28.80 10.61 14.93
CA ASN B 545 -28.57 9.20 15.23
C ASN B 545 -29.90 8.47 15.17
N PHE B 546 -30.14 7.73 14.10
CA PHE B 546 -31.37 6.97 13.91
C PHE B 546 -30.97 5.54 13.52
N ASN B 547 -30.95 4.63 14.49
CA ASN B 547 -30.46 3.26 14.28
C ASN B 547 -29.06 3.28 13.66
N GLY B 548 -28.22 4.18 14.18
CA GLY B 548 -27.00 4.54 13.49
C GLY B 548 -27.23 5.81 12.70
N LEU B 549 -26.68 5.89 11.48
CA LEU B 549 -26.91 7.01 10.59
C LEU B 549 -26.50 8.33 11.26
N LYS B 550 -25.47 8.26 12.11
CA LYS B 550 -24.99 9.45 12.79
C LYS B 550 -24.37 10.40 11.77
N GLY B 551 -24.78 11.67 11.81
CA GLY B 551 -24.23 12.63 10.87
C GLY B 551 -24.36 14.05 11.35
N THR B 552 -23.59 14.93 10.71
CA THR B 552 -23.68 16.36 10.93
C THR B 552 -24.64 16.97 9.94
N GLY B 553 -25.40 17.96 10.39
CA GLY B 553 -26.25 18.64 9.44
C GLY B 553 -27.11 19.76 9.99
N VAL B 554 -27.37 20.75 9.15
CA VAL B 554 -28.39 21.76 9.35
C VAL B 554 -29.66 21.27 8.67
N LEU B 555 -30.79 21.46 9.34
CA LEU B 555 -32.07 20.94 8.92
C LEU B 555 -32.93 22.08 8.39
N THR B 556 -33.59 21.84 7.27
CA THR B 556 -34.35 22.87 6.58
C THR B 556 -35.63 22.26 6.04
N GLU B 557 -36.64 23.11 5.83
CA GLU B 557 -37.84 22.68 5.12
C GLU B 557 -37.48 22.26 3.71
N SER B 558 -38.19 21.26 3.20
CA SER B 558 -37.75 20.54 2.02
C SER B 558 -38.88 20.40 1.01
N ASN B 559 -38.48 20.22 -0.24
CA ASN B 559 -39.39 20.00 -1.35
C ASN B 559 -39.57 18.52 -1.68
N LYS B 560 -38.98 17.62 -0.91
CA LYS B 560 -39.01 16.21 -1.22
C LYS B 560 -40.40 15.62 -0.98
N LYS B 561 -40.74 14.61 -1.76
CA LYS B 561 -42.03 13.91 -1.65
C LYS B 561 -41.73 12.42 -1.48
N PHE B 562 -41.60 11.99 -0.22
CA PHE B 562 -41.26 10.60 0.06
C PHE B 562 -42.39 9.66 -0.38
N LEU B 563 -41.99 8.54 -0.93
CA LEU B 563 -43.01 7.52 -0.89
C LEU B 563 -43.13 6.99 0.54
N PRO B 564 -44.32 6.58 0.94
CA PRO B 564 -44.56 6.28 2.36
C PRO B 564 -43.67 5.18 2.92
N PHE B 565 -43.15 4.28 2.08
CA PHE B 565 -42.33 3.18 2.56
C PHE B 565 -40.85 3.51 2.62
N GLN B 566 -40.45 4.68 2.15
CA GLN B 566 -39.05 5.04 2.13
C GLN B 566 -38.60 5.59 3.47
N GLN B 567 -37.32 5.36 3.79
CA GLN B 567 -36.72 5.83 5.03
C GLN B 567 -36.05 7.18 4.89
N PHE B 568 -35.42 7.45 3.74
CA PHE B 568 -34.66 8.68 3.56
C PHE B 568 -34.34 8.86 2.09
N GLY B 569 -33.57 9.91 1.80
CA GLY B 569 -33.19 10.22 0.44
C GLY B 569 -31.77 10.76 0.35
N ARG B 570 -31.24 10.72 -0.87
CA ARG B 570 -29.87 11.13 -1.11
C ARG B 570 -29.79 12.04 -2.33
N ASP B 571 -28.81 12.94 -2.30
CA ASP B 571 -28.52 13.83 -3.40
C ASP B 571 -27.49 13.18 -4.32
N ILE B 572 -26.91 13.96 -5.23
CA ILE B 572 -25.91 13.44 -6.15
C ILE B 572 -24.72 12.90 -5.36
N ALA B 573 -24.10 11.85 -5.90
CA ALA B 573 -22.90 11.24 -5.33
C ALA B 573 -23.13 10.61 -3.97
N ASP B 574 -24.36 10.20 -3.68
CA ASP B 574 -24.70 9.47 -2.45
C ASP B 574 -24.31 10.30 -1.23
N THR B 575 -25.04 11.39 -1.04
CA THR B 575 -24.96 12.19 0.18
C THR B 575 -26.35 12.25 0.80
N THR B 576 -26.42 12.01 2.11
CA THR B 576 -27.70 11.98 2.79
C THR B 576 -28.36 13.37 2.68
N ASP B 577 -29.47 13.46 1.94
CA ASP B 577 -30.09 14.75 1.68
C ASP B 577 -31.23 15.06 2.64
N ALA B 578 -32.06 14.06 2.96
CA ALA B 578 -33.22 14.30 3.80
C ALA B 578 -33.47 13.10 4.71
N VAL B 579 -34.19 13.36 5.79
CA VAL B 579 -34.64 12.33 6.72
C VAL B 579 -36.10 12.57 7.05
N ARG B 580 -36.86 11.48 7.18
CA ARG B 580 -38.17 11.51 7.81
C ARG B 580 -38.05 10.87 9.18
N ASP B 581 -38.62 11.54 10.17
CA ASP B 581 -38.52 11.05 11.53
C ASP B 581 -39.37 9.79 11.69
N PRO B 582 -38.80 8.68 12.16
CA PRO B 582 -39.60 7.48 12.38
C PRO B 582 -40.69 7.64 13.44
N GLN B 583 -40.60 8.67 14.29
CA GLN B 583 -41.61 8.87 15.32
C GLN B 583 -42.74 9.78 14.83
N THR B 584 -42.41 11.03 14.49
CA THR B 584 -43.41 12.00 14.07
C THR B 584 -43.63 12.02 12.56
N LEU B 585 -42.85 11.23 11.81
CA LEU B 585 -43.04 11.09 10.36
C LEU B 585 -42.94 12.46 9.67
N GLU B 586 -41.95 13.24 10.06
CA GLU B 586 -41.75 14.58 9.54
C GLU B 586 -40.54 14.64 8.63
N ILE B 587 -40.68 15.37 7.53
CA ILE B 587 -39.63 15.51 6.52
C ILE B 587 -38.71 16.67 6.89
N LEU B 588 -37.41 16.46 6.69
CA LEU B 588 -36.42 17.46 7.07
C LEU B 588 -35.19 17.29 6.20
N ASP B 589 -34.44 18.38 5.98
CA ASP B 589 -33.21 18.28 5.21
C ASP B 589 -32.01 18.07 6.13
N ILE B 590 -30.88 17.70 5.50
CA ILE B 590 -29.58 17.63 6.17
C ILE B 590 -28.56 18.21 5.21
N THR B 591 -27.94 19.32 5.59
CA THR B 591 -26.88 19.92 4.80
C THR B 591 -25.66 20.16 5.69
N PRO B 592 -24.46 19.76 5.26
CA PRO B 592 -23.27 20.03 6.07
C PRO B 592 -23.15 21.51 6.37
N CYS B 593 -23.02 21.83 7.65
CA CYS B 593 -23.22 23.21 8.11
C CYS B 593 -21.99 24.06 7.84
N SER B 594 -21.96 25.24 8.45
CA SER B 594 -21.00 26.28 8.11
C SER B 594 -19.58 25.91 8.54
N PHE B 595 -18.91 25.07 7.76
CA PHE B 595 -17.49 24.81 7.94
C PHE B 595 -16.74 25.24 6.69
N GLY B 596 -15.49 25.63 6.89
CA GLY B 596 -14.64 25.98 5.77
C GLY B 596 -13.25 26.28 6.27
N GLY B 597 -12.32 26.31 5.33
CA GLY B 597 -10.93 26.57 5.68
C GLY B 597 -10.77 27.94 6.30
N VAL B 598 -9.78 28.06 7.18
CA VAL B 598 -9.47 29.32 7.83
C VAL B 598 -8.13 29.81 7.28
N SER B 599 -8.08 31.09 6.98
CA SER B 599 -6.89 31.72 6.44
C SER B 599 -6.56 32.94 7.30
N VAL B 600 -5.30 33.34 7.28
CA VAL B 600 -4.83 34.47 8.07
C VAL B 600 -4.47 35.61 7.14
N ILE B 601 -5.03 36.77 7.39
CA ILE B 601 -4.73 38.00 6.67
C ILE B 601 -3.78 38.78 7.56
N THR B 602 -2.50 38.76 7.23
CA THR B 602 -1.50 39.55 7.95
C THR B 602 -0.41 40.02 6.98
N PRO B 603 -0.12 41.32 6.97
CA PRO B 603 0.88 41.86 6.02
C PRO B 603 2.32 41.62 6.43
N GLY B 604 2.58 40.74 7.39
CA GLY B 604 3.94 40.39 7.75
C GLY B 604 4.36 40.98 9.08
N THR B 605 5.15 40.21 9.83
CA THR B 605 5.63 40.69 11.13
C THR B 605 6.49 41.94 10.99
N ASN B 606 7.10 42.15 9.82
CA ASN B 606 7.87 43.36 9.60
C ASN B 606 7.00 44.61 9.73
N THR B 607 5.71 44.50 9.43
CA THR B 607 4.82 45.65 9.52
C THR B 607 4.11 45.73 10.87
N SER B 608 3.34 44.69 11.21
CA SER B 608 2.55 44.73 12.43
C SER B 608 2.19 43.30 12.83
N ASN B 609 1.50 43.18 13.95
CA ASN B 609 0.95 41.91 14.40
C ASN B 609 -0.58 41.87 14.30
N GLN B 610 -1.18 42.86 13.64
CA GLN B 610 -2.62 42.83 13.44
C GLN B 610 -2.99 41.80 12.39
N VAL B 611 -3.93 40.92 12.73
CA VAL B 611 -4.29 39.79 11.90
C VAL B 611 -5.79 39.78 11.67
N ALA B 612 -6.19 39.05 10.64
CA ALA B 612 -7.60 38.79 10.38
C ALA B 612 -7.77 37.30 10.08
N VAL B 613 -8.94 36.77 10.44
CA VAL B 613 -9.27 35.36 10.18
C VAL B 613 -10.34 35.33 9.10
N LEU B 614 -10.18 34.42 8.15
CA LEU B 614 -11.08 34.26 7.02
C LEU B 614 -11.64 32.85 7.03
N TYR B 615 -12.95 32.73 7.18
CA TYR B 615 -13.63 31.44 7.09
C TYR B 615 -14.25 31.34 5.70
N GLN B 616 -13.68 30.48 4.85
CA GLN B 616 -14.15 30.34 3.48
C GLN B 616 -15.41 29.48 3.44
N GLY B 617 -16.37 29.91 2.64
CA GLY B 617 -17.60 29.14 2.50
C GLY B 617 -18.34 28.96 3.81
N VAL B 618 -18.32 29.96 4.67
CA VAL B 618 -18.96 29.89 5.98
C VAL B 618 -19.80 31.14 6.17
N ASN B 619 -21.08 30.96 6.47
CA ASN B 619 -21.92 32.06 6.89
C ASN B 619 -21.79 32.17 8.40
N CYS B 620 -21.04 33.17 8.86
CA CYS B 620 -20.75 33.31 10.28
C CYS B 620 -21.95 33.80 11.07
N THR B 621 -23.14 33.82 10.46
CA THR B 621 -24.35 34.03 11.24
C THR B 621 -24.52 32.92 12.27
N GLU B 622 -24.24 31.68 11.87
CA GLU B 622 -24.14 30.59 12.84
C GLU B 622 -22.80 30.68 13.57
N VAL B 623 -22.65 29.89 14.62
CA VAL B 623 -21.40 29.87 15.37
C VAL B 623 -20.85 28.45 15.45
N SER B 643 -13.51 41.36 16.37
CA SER B 643 -14.97 41.28 16.38
C SER B 643 -15.58 41.96 15.17
N ASN B 644 -14.77 42.77 14.49
CA ASN B 644 -15.25 43.48 13.31
C ASN B 644 -15.50 42.48 12.18
N VAL B 645 -16.76 42.15 11.96
CA VAL B 645 -17.16 41.03 11.10
C VAL B 645 -17.67 41.58 9.78
N PHE B 646 -17.14 41.06 8.68
CA PHE B 646 -17.57 41.44 7.33
C PHE B 646 -17.82 40.17 6.52
N GLN B 647 -18.95 40.12 5.83
CA GLN B 647 -19.36 38.93 5.08
C GLN B 647 -19.22 39.20 3.58
N THR B 648 -18.59 38.26 2.88
CA THR B 648 -18.46 38.30 1.43
C THR B 648 -18.91 36.96 0.87
N ARG B 649 -18.97 36.88 -0.46
CA ARG B 649 -19.42 35.65 -1.11
C ARG B 649 -18.54 34.46 -0.76
N ALA B 650 -17.27 34.70 -0.45
CA ALA B 650 -16.38 33.61 -0.05
C ALA B 650 -16.64 33.11 1.36
N GLY B 651 -17.25 33.91 2.21
CA GLY B 651 -17.52 33.49 3.56
C GLY B 651 -17.53 34.69 4.51
N CYS B 652 -16.85 34.53 5.63
CA CYS B 652 -16.85 35.54 6.69
C CYS B 652 -15.43 35.95 7.03
N LEU B 653 -15.28 37.16 7.53
CA LEU B 653 -13.96 37.74 7.80
C LEU B 653 -14.02 38.48 9.13
N ILE B 654 -13.26 37.99 10.11
CA ILE B 654 -13.24 38.54 11.45
C ILE B 654 -11.89 39.22 11.66
N GLY B 655 -11.91 40.51 11.88
CA GLY B 655 -10.69 41.28 11.95
C GLY B 655 -10.49 42.22 10.81
N ALA B 656 -11.56 42.70 10.18
CA ALA B 656 -11.44 43.66 9.11
C ALA B 656 -12.74 44.43 8.97
N GLU B 657 -12.67 45.54 8.25
CA GLU B 657 -13.82 46.38 7.97
C GLU B 657 -13.94 46.54 6.47
N TYR B 658 -15.15 46.39 5.95
CA TYR B 658 -15.39 46.65 4.55
C TYR B 658 -14.97 48.08 4.21
N VAL B 659 -14.55 48.28 2.98
CA VAL B 659 -14.04 49.58 2.54
C VAL B 659 -14.75 49.96 1.26
N ASN B 660 -15.21 51.21 1.20
CA ASN B 660 -15.86 51.72 -0.01
C ASN B 660 -14.84 51.96 -1.11
N ASN B 661 -13.70 52.54 -0.77
CA ASN B 661 -12.70 52.84 -1.78
C ASN B 661 -11.96 51.58 -2.19
N SER B 662 -11.65 51.49 -3.48
CA SER B 662 -10.94 50.36 -4.05
C SER B 662 -9.55 50.81 -4.49
N TYR B 663 -8.53 50.14 -3.97
CA TYR B 663 -7.13 50.33 -4.31
C TYR B 663 -6.58 49.01 -4.84
N GLU B 664 -5.26 48.96 -5.03
CA GLU B 664 -4.63 47.74 -5.52
C GLU B 664 -4.77 46.62 -4.50
N CYS B 665 -4.29 45.44 -4.87
CA CYS B 665 -4.39 44.25 -4.05
C CYS B 665 -3.03 43.87 -3.50
N ASP B 666 -2.98 43.52 -2.22
CA ASP B 666 -1.77 43.05 -1.57
C ASP B 666 -1.91 41.61 -1.08
N ILE B 667 -2.91 41.33 -0.26
CA ILE B 667 -3.13 40.02 0.32
C ILE B 667 -4.52 39.56 -0.12
N PRO B 668 -4.66 38.36 -0.68
CA PRO B 668 -5.93 37.99 -1.31
C PRO B 668 -6.88 37.32 -0.33
N ILE B 669 -8.10 37.86 -0.23
CA ILE B 669 -9.14 37.22 0.57
C ILE B 669 -9.99 36.28 -0.27
N GLY B 670 -10.37 36.72 -1.46
CA GLY B 670 -11.15 35.88 -2.37
C GLY B 670 -12.46 36.53 -2.74
N ALA B 671 -13.15 35.86 -3.66
CA ALA B 671 -14.46 36.31 -4.15
C ALA B 671 -14.40 37.77 -4.61
N GLY B 672 -13.27 38.17 -5.19
CA GLY B 672 -13.13 39.50 -5.72
C GLY B 672 -12.80 40.59 -4.71
N ILE B 673 -12.58 40.23 -3.45
CA ILE B 673 -12.23 41.21 -2.42
C ILE B 673 -10.96 40.75 -1.74
N CYS B 674 -10.01 41.67 -1.57
CA CYS B 674 -8.76 41.37 -0.89
C CYS B 674 -8.42 42.51 0.05
N ALA B 675 -7.40 42.29 0.88
CA ALA B 675 -7.14 43.17 2.01
C ALA B 675 -5.89 44.01 1.81
N SER B 676 -5.63 44.85 2.81
CA SER B 676 -4.50 45.76 2.89
C SER B 676 -4.48 46.33 4.30
N TYR B 677 -3.50 47.21 4.56
CA TYR B 677 -3.33 47.80 5.88
C TYR B 677 -3.56 49.30 5.78
N GLN B 678 -4.27 49.86 6.75
CA GLN B 678 -4.85 51.19 6.60
C GLN B 678 -3.78 52.26 6.39
N THR B 679 -2.69 52.21 7.15
CA THR B 679 -1.63 53.21 7.11
C THR B 679 -2.18 54.62 7.31
N GLN B 693 -3.06 51.50 9.90
CA GLN B 693 -3.42 51.32 11.29
C GLN B 693 -4.22 50.03 11.48
N SER B 694 -4.96 49.63 10.44
CA SER B 694 -5.94 48.56 10.59
C SER B 694 -5.90 47.64 9.38
N ILE B 695 -6.52 46.46 9.54
CA ILE B 695 -6.66 45.49 8.48
C ILE B 695 -7.98 45.74 7.76
N ILE B 696 -7.91 46.11 6.49
CA ILE B 696 -9.09 46.51 5.72
C ILE B 696 -9.24 45.55 4.55
N ALA B 697 -10.48 45.23 4.19
CA ALA B 697 -10.79 44.40 3.03
C ALA B 697 -11.68 45.18 2.07
N TYR B 698 -11.37 45.10 0.78
CA TYR B 698 -12.13 45.84 -0.21
C TYR B 698 -12.02 45.16 -1.56
N THR B 699 -12.90 45.56 -2.47
CA THR B 699 -12.85 45.04 -3.83
C THR B 699 -11.59 45.52 -4.53
N MET B 700 -10.97 44.63 -5.30
CA MET B 700 -9.74 45.00 -6.00
C MET B 700 -10.01 46.07 -7.03
N SER B 701 -9.33 47.20 -6.89
CA SER B 701 -9.42 48.22 -7.92
C SER B 701 -8.70 47.70 -9.15
N LEU B 702 -9.43 47.10 -10.04
CA LEU B 702 -8.81 46.67 -11.28
C LEU B 702 -8.47 47.82 -12.16
N GLY B 703 -8.55 49.04 -11.62
CA GLY B 703 -8.19 50.23 -12.35
C GLY B 703 -9.39 51.13 -12.57
N ALA B 704 -9.12 52.40 -12.86
CA ALA B 704 -10.21 53.29 -13.22
C ALA B 704 -10.80 52.86 -14.56
N GLU B 705 -12.10 53.12 -14.70
CA GLU B 705 -12.81 52.77 -15.93
C GLU B 705 -12.54 53.86 -16.96
N ASN B 706 -11.53 53.64 -17.81
CA ASN B 706 -11.13 54.62 -18.82
C ASN B 706 -11.98 54.38 -20.07
N SER B 707 -13.02 55.18 -20.23
CA SER B 707 -13.84 55.15 -21.44
C SER B 707 -13.03 55.82 -22.54
N VAL B 708 -12.00 55.11 -23.02
CA VAL B 708 -11.07 55.69 -23.97
C VAL B 708 -11.80 56.03 -25.26
N ALA B 709 -11.36 57.10 -25.91
CA ALA B 709 -12.11 57.73 -27.00
C ALA B 709 -11.67 57.20 -28.35
N TYR B 710 -12.60 56.56 -29.05
CA TYR B 710 -12.48 56.39 -30.48
C TYR B 710 -12.45 57.75 -31.16
N SER B 711 -11.68 57.87 -32.24
CA SER B 711 -11.57 59.15 -32.92
C SER B 711 -11.04 58.94 -34.33
N ASN B 712 -11.67 59.63 -35.29
CA ASN B 712 -11.23 59.53 -36.68
C ASN B 712 -9.97 60.34 -36.96
N ASN B 713 -9.84 61.52 -36.36
CA ASN B 713 -8.77 62.43 -36.74
C ASN B 713 -7.91 62.94 -35.58
N SER B 714 -8.32 62.73 -34.34
CA SER B 714 -7.55 63.17 -33.18
C SER B 714 -6.87 61.96 -32.57
N ILE B 715 -5.54 61.98 -32.54
CA ILE B 715 -4.75 60.86 -32.05
C ILE B 715 -3.78 61.41 -31.01
N ALA B 716 -3.09 60.51 -30.32
CA ALA B 716 -2.14 60.89 -29.29
C ALA B 716 -0.75 60.39 -29.69
N ILE B 717 0.07 61.29 -30.22
CA ILE B 717 1.45 60.98 -30.57
C ILE B 717 2.24 60.79 -29.27
N PRO B 718 2.94 59.67 -29.09
CA PRO B 718 3.76 59.52 -27.88
C PRO B 718 4.95 60.46 -27.92
N THR B 719 5.05 61.30 -26.89
CA THR B 719 6.23 62.16 -26.73
C THR B 719 7.43 61.41 -26.22
N ASN B 720 7.22 60.36 -25.43
CA ASN B 720 8.34 59.63 -24.86
C ASN B 720 8.10 58.12 -24.98
N PHE B 721 9.19 57.38 -24.85
CA PHE B 721 9.16 55.94 -24.86
C PHE B 721 10.00 55.43 -23.69
N THR B 722 9.44 54.50 -22.92
CA THR B 722 10.20 53.87 -21.86
C THR B 722 10.74 52.55 -22.40
N ILE B 723 12.05 52.49 -22.58
CA ILE B 723 12.72 51.25 -22.95
C ILE B 723 13.03 50.55 -21.63
N SER B 724 12.02 49.89 -21.11
CA SER B 724 12.13 49.35 -19.77
C SER B 724 12.81 48.00 -19.82
N VAL B 725 13.26 47.56 -18.66
CA VAL B 725 13.92 46.27 -18.52
C VAL B 725 13.33 45.58 -17.30
N THR B 726 13.13 44.27 -17.42
CA THR B 726 12.42 43.54 -16.38
C THR B 726 12.99 42.13 -16.25
N THR B 727 12.97 41.63 -15.03
CA THR B 727 13.46 40.29 -14.73
C THR B 727 12.41 39.26 -15.13
N GLU B 728 12.88 38.15 -15.70
CA GLU B 728 12.08 36.94 -15.83
C GLU B 728 12.90 35.78 -15.32
N ILE B 729 12.30 34.98 -14.45
CA ILE B 729 13.00 33.94 -13.74
C ILE B 729 12.41 32.59 -14.14
N LEU B 730 13.19 31.79 -14.87
CA LEU B 730 12.75 30.49 -15.34
C LEU B 730 13.59 29.41 -14.68
N PRO B 731 13.01 28.56 -13.84
CA PRO B 731 13.75 27.39 -13.37
C PRO B 731 14.07 26.50 -14.55
N VAL B 732 15.36 26.40 -14.86
CA VAL B 732 15.79 25.63 -16.03
C VAL B 732 16.44 24.32 -15.69
N SER B 733 17.12 24.22 -14.56
CA SER B 733 17.57 22.93 -14.11
C SER B 733 16.78 22.53 -12.88
N MET B 734 17.15 21.39 -12.33
CA MET B 734 16.69 20.97 -11.03
C MET B 734 17.79 20.11 -10.46
N THR B 735 17.85 20.03 -9.14
CA THR B 735 18.91 19.23 -8.53
C THR B 735 18.83 17.81 -9.06
N LYS B 736 19.82 17.42 -9.86
CA LYS B 736 19.79 16.08 -10.43
C LYS B 736 20.02 15.11 -9.29
N THR B 737 18.97 14.82 -8.56
CA THR B 737 19.14 13.97 -7.40
C THR B 737 19.16 12.50 -7.81
N SER B 738 19.45 11.66 -6.84
CA SER B 738 19.37 10.21 -7.02
C SER B 738 19.27 9.58 -5.66
N VAL B 739 18.84 8.32 -5.63
CA VAL B 739 18.69 7.58 -4.39
C VAL B 739 19.34 6.21 -4.55
N ASP B 740 20.29 5.91 -3.67
CA ASP B 740 20.79 4.55 -3.56
C ASP B 740 19.77 3.67 -2.87
N CYS B 741 19.77 2.39 -3.24
CA CYS B 741 18.80 1.47 -2.68
C CYS B 741 19.21 1.03 -1.28
N THR B 742 20.37 0.37 -1.17
CA THR B 742 20.81 -0.14 0.13
C THR B 742 21.22 0.99 1.06
N MET B 743 21.78 2.08 0.53
CA MET B 743 22.11 3.22 1.38
C MET B 743 20.85 3.86 1.93
N TYR B 744 19.75 3.78 1.19
CA TYR B 744 18.49 4.28 1.73
C TYR B 744 17.88 3.32 2.73
N ILE B 745 18.02 2.00 2.52
CA ILE B 745 17.30 1.07 3.37
C ILE B 745 17.89 1.10 4.78
N CYS B 746 19.11 0.59 4.92
CA CYS B 746 19.78 0.53 6.22
C CYS B 746 21.27 0.84 6.18
N GLY B 747 21.92 0.73 5.03
CA GLY B 747 23.38 0.71 5.00
C GLY B 747 23.89 -0.61 4.43
N ASP B 748 24.48 -1.44 5.27
CA ASP B 748 25.04 -2.72 4.83
C ASP B 748 24.45 -3.93 5.54
N SER B 749 23.30 -3.81 6.19
CA SER B 749 22.69 -4.97 6.81
C SER B 749 22.22 -5.96 5.75
N THR B 750 22.52 -7.23 5.96
CA THR B 750 22.25 -8.28 4.98
C THR B 750 20.77 -8.64 4.89
N GLU B 751 20.04 -8.57 6.01
CA GLU B 751 18.60 -8.78 5.96
C GLU B 751 17.93 -7.77 5.04
N CYS B 752 18.45 -6.54 5.01
CA CYS B 752 17.94 -5.53 4.09
C CYS B 752 18.00 -6.03 2.65
N SER B 753 19.18 -6.48 2.22
CA SER B 753 19.35 -6.90 0.84
C SER B 753 18.55 -8.16 0.53
N ASN B 754 18.52 -9.12 1.46
CA ASN B 754 17.81 -10.35 1.16
C ASN B 754 16.30 -10.13 1.09
N LEU B 755 15.75 -9.36 2.02
CA LEU B 755 14.33 -9.01 1.94
C LEU B 755 14.04 -8.17 0.70
N LEU B 756 14.94 -7.26 0.34
CA LEU B 756 14.80 -6.47 -0.87
C LEU B 756 14.67 -7.37 -2.09
N LEU B 757 15.65 -8.24 -2.32
CA LEU B 757 15.65 -9.07 -3.51
C LEU B 757 14.51 -10.08 -3.49
N GLN B 758 14.10 -10.56 -2.31
CA GLN B 758 12.91 -11.39 -2.24
C GLN B 758 11.67 -10.60 -2.66
N TYR B 759 11.54 -9.36 -2.18
CA TYR B 759 10.49 -8.49 -2.70
C TYR B 759 10.68 -8.24 -4.18
N GLY B 760 11.90 -7.89 -4.59
CA GLY B 760 12.24 -7.61 -5.96
C GLY B 760 13.21 -6.48 -6.05
N SER B 761 13.45 -6.02 -7.28
CA SER B 761 14.47 -5.00 -7.50
C SER B 761 13.83 -3.74 -8.06
N PHE B 762 12.71 -3.32 -7.45
CA PHE B 762 12.01 -2.14 -7.94
C PHE B 762 12.93 -0.93 -7.97
N CYS B 763 13.77 -0.77 -6.95
CA CYS B 763 14.63 0.39 -6.89
C CYS B 763 15.54 0.50 -8.11
N THR B 764 15.76 -0.61 -8.83
CA THR B 764 16.48 -0.52 -10.09
C THR B 764 15.75 0.38 -11.08
N GLN B 765 14.48 0.10 -11.35
CA GLN B 765 13.75 0.96 -12.28
C GLN B 765 13.44 2.33 -11.68
N LEU B 766 13.29 2.40 -10.36
CA LEU B 766 13.15 3.71 -9.73
C LEU B 766 14.34 4.60 -10.05
N LYS B 767 15.55 4.11 -9.77
CA LYS B 767 16.74 4.91 -10.05
C LYS B 767 16.96 5.02 -11.55
N ARG B 768 16.43 4.09 -12.33
CA ARG B 768 16.41 4.25 -13.78
C ARG B 768 15.67 5.52 -14.15
N ALA B 769 14.46 5.69 -13.61
CA ALA B 769 13.68 6.88 -13.88
C ALA B 769 14.41 8.12 -13.41
N LEU B 770 15.01 8.06 -12.23
CA LEU B 770 15.71 9.23 -11.70
C LEU B 770 16.93 9.60 -12.53
N THR B 771 17.68 8.60 -12.98
CA THR B 771 18.82 8.87 -13.86
C THR B 771 18.35 9.46 -15.17
N GLY B 772 17.25 8.93 -15.71
CA GLY B 772 16.56 9.63 -16.77
C GLY B 772 16.39 11.09 -16.43
N ILE B 773 15.67 11.36 -15.34
CA ILE B 773 15.42 12.73 -14.90
C ILE B 773 16.69 13.56 -15.04
N ALA B 774 17.73 13.10 -14.37
CA ALA B 774 19.00 13.81 -14.35
C ALA B 774 19.46 14.13 -15.76
N VAL B 775 19.37 13.16 -16.67
CA VAL B 775 19.89 13.46 -17.99
C VAL B 775 18.95 14.42 -18.72
N GLU B 776 17.65 14.43 -18.42
CA GLU B 776 16.86 15.50 -19.04
C GLU B 776 17.28 16.86 -18.54
N GLN B 777 17.56 17.02 -17.24
CA GLN B 777 17.99 18.37 -16.85
C GLN B 777 19.35 18.69 -17.46
N ASP B 778 20.21 17.70 -17.62
CA ASP B 778 21.45 17.95 -18.36
C ASP B 778 21.14 18.45 -19.75
N LYS B 779 20.23 17.79 -20.44
CA LYS B 779 19.86 18.23 -21.79
C LYS B 779 19.16 19.58 -21.74
N ASN B 780 18.44 19.88 -20.67
CA ASN B 780 17.83 21.20 -20.56
C ASN B 780 18.91 22.26 -20.52
N THR B 781 19.93 22.03 -19.71
CA THR B 781 21.03 22.98 -19.65
C THR B 781 21.70 23.11 -21.01
N GLN B 782 21.91 21.98 -21.69
CA GLN B 782 22.54 22.04 -23.00
C GLN B 782 21.70 22.83 -24.00
N GLU B 783 20.40 22.54 -24.05
CA GLU B 783 19.48 23.12 -25.01
C GLU B 783 18.97 24.50 -24.61
N VAL B 784 19.32 24.98 -23.42
CA VAL B 784 18.99 26.32 -22.99
C VAL B 784 20.21 27.24 -23.02
N PHE B 785 21.40 26.73 -22.74
CA PHE B 785 22.58 27.56 -22.59
C PHE B 785 23.47 27.60 -23.82
N ALA B 786 23.62 26.47 -24.53
CA ALA B 786 24.70 26.29 -25.49
C ALA B 786 24.16 25.89 -26.85
N GLN B 787 23.16 26.62 -27.33
CA GLN B 787 22.65 26.39 -28.68
C GLN B 787 23.56 26.98 -29.76
N VAL B 788 24.60 27.70 -29.37
CA VAL B 788 25.41 28.43 -30.34
C VAL B 788 26.39 27.48 -31.04
N LYS B 789 26.95 27.96 -32.14
CA LYS B 789 27.84 27.12 -32.95
C LYS B 789 29.16 26.86 -32.24
N GLN B 790 29.78 27.92 -31.72
CA GLN B 790 31.04 27.79 -31.00
C GLN B 790 31.07 28.91 -29.96
N ILE B 791 32.05 28.83 -29.07
CA ILE B 791 32.09 29.73 -27.93
C ILE B 791 32.70 31.05 -28.34
N TYR B 792 31.85 31.98 -28.79
CA TYR B 792 32.35 33.23 -29.32
C TYR B 792 32.98 34.04 -28.20
N LYS B 793 34.18 34.54 -28.44
CA LYS B 793 34.99 35.16 -27.40
C LYS B 793 34.80 36.67 -27.41
N THR B 794 34.56 37.23 -26.24
CA THR B 794 34.46 38.67 -26.07
C THR B 794 35.83 39.27 -25.81
N PRO B 795 36.09 40.50 -26.25
CA PRO B 795 37.27 41.21 -25.78
C PRO B 795 37.08 41.61 -24.32
N PRO B 796 38.09 41.43 -23.47
CA PRO B 796 37.95 41.84 -22.08
C PRO B 796 37.67 43.32 -21.93
N ILE B 797 38.21 44.15 -22.82
CA ILE B 797 37.89 45.57 -22.86
C ILE B 797 36.49 45.69 -23.46
N LYS B 798 35.52 46.03 -22.62
CA LYS B 798 34.14 46.17 -23.08
C LYS B 798 33.97 47.51 -23.80
N TYR B 799 34.84 47.77 -24.77
CA TYR B 799 34.80 49.00 -25.56
C TYR B 799 34.48 48.64 -27.00
N PHE B 800 33.45 49.27 -27.55
CA PHE B 800 33.04 49.05 -28.93
C PHE B 800 32.95 50.39 -29.66
N GLY B 801 33.96 51.22 -29.50
CA GLY B 801 33.92 52.53 -30.14
C GLY B 801 32.87 53.44 -29.51
N GLY B 802 33.03 53.75 -28.23
CA GLY B 802 32.17 54.69 -27.56
C GLY B 802 31.19 54.09 -26.58
N PHE B 803 31.17 52.76 -26.43
CA PHE B 803 30.23 52.09 -25.54
C PHE B 803 30.96 51.38 -24.41
N ASN B 804 30.45 51.54 -23.20
CA ASN B 804 30.96 50.87 -22.01
C ASN B 804 29.99 49.76 -21.62
N PHE B 805 30.49 48.53 -21.53
CA PHE B 805 29.64 47.36 -21.29
C PHE B 805 30.11 46.50 -20.12
N SER B 806 30.93 47.04 -19.22
CA SER B 806 31.33 46.26 -18.04
C SER B 806 30.14 45.97 -17.13
N GLN B 807 29.11 46.82 -17.18
CA GLN B 807 27.92 46.58 -16.37
C GLN B 807 27.22 45.31 -16.79
N ILE B 808 27.16 45.04 -18.09
CA ILE B 808 26.48 43.88 -18.61
C ILE B 808 27.44 42.74 -18.91
N LEU B 809 28.56 43.03 -19.57
CA LEU B 809 29.48 41.91 -19.82
C LEU B 809 30.34 41.66 -18.59
N PRO B 810 30.76 40.41 -18.39
CA PRO B 810 31.70 40.13 -17.30
C PRO B 810 33.04 40.78 -17.53
N ASP B 811 33.70 41.13 -16.42
CA ASP B 811 35.05 41.66 -16.44
C ASP B 811 35.99 40.63 -15.82
N PRO B 812 37.17 40.41 -16.41
CA PRO B 812 38.05 39.35 -15.91
C PRO B 812 38.65 39.63 -14.54
N SER B 813 38.47 40.84 -14.00
CA SER B 813 39.10 41.23 -12.74
C SER B 813 38.71 40.35 -11.58
N LYS B 814 37.53 39.75 -11.60
CA LYS B 814 37.15 38.88 -10.50
C LYS B 814 37.82 37.53 -10.65
N PRO B 815 38.10 36.83 -9.54
CA PRO B 815 38.57 35.44 -9.66
C PRO B 815 37.64 34.56 -10.49
N SER B 816 36.34 34.85 -10.49
CA SER B 816 35.39 34.17 -11.37
C SER B 816 34.96 35.13 -12.48
N LYS B 817 34.98 34.65 -13.72
CA LYS B 817 34.67 35.46 -14.90
C LYS B 817 33.15 35.55 -15.04
N ARG B 818 32.54 36.39 -14.21
CA ARG B 818 31.09 36.54 -14.21
C ARG B 818 30.72 38.01 -14.24
N SER B 819 29.62 38.32 -14.91
CA SER B 819 29.14 39.68 -14.95
C SER B 819 28.63 40.09 -13.58
N PHE B 820 28.64 41.39 -13.27
CA PHE B 820 28.29 41.81 -11.90
C PHE B 820 26.92 41.34 -11.49
N ILE B 821 25.98 41.36 -12.42
CA ILE B 821 24.61 40.98 -12.12
C ILE B 821 24.55 39.52 -11.69
N GLU B 822 25.24 38.65 -12.41
CA GLU B 822 25.21 37.23 -12.09
C GLU B 822 25.77 36.98 -10.70
N ASP B 823 26.84 37.66 -10.35
CA ASP B 823 27.41 37.51 -9.02
C ASP B 823 26.45 38.03 -7.96
N LEU B 824 25.84 39.19 -8.21
CA LEU B 824 24.82 39.69 -7.31
C LEU B 824 23.69 38.68 -7.13
N LEU B 825 23.35 37.97 -8.20
CA LEU B 825 22.27 37.01 -8.13
C LEU B 825 22.67 35.80 -7.33
N PHE B 826 23.86 35.25 -7.61
CA PHE B 826 24.29 34.04 -6.91
C PHE B 826 24.45 34.29 -5.43
N ASN B 827 25.04 35.42 -5.05
CA ASN B 827 25.14 35.73 -3.63
C ASN B 827 23.76 36.08 -3.07
N LYS B 828 22.93 36.74 -3.86
CA LYS B 828 21.60 37.13 -3.42
C LYS B 828 20.65 35.95 -3.28
N VAL B 829 20.98 34.81 -3.89
CA VAL B 829 20.19 33.59 -3.73
C VAL B 829 21.01 32.63 -2.91
N THR B 830 20.51 32.31 -1.71
CA THR B 830 21.18 31.37 -0.84
C THR B 830 20.71 29.95 -1.16
N LEU B 831 21.67 29.06 -1.40
CA LEU B 831 21.38 27.69 -1.76
C LEU B 831 21.22 26.82 -0.52
N LYS B 857 26.32 14.40 -0.25
CA LYS B 857 26.36 13.39 0.80
C LYS B 857 25.28 13.62 1.84
N PHE B 858 24.06 13.17 1.55
CA PHE B 858 22.93 13.39 2.44
C PHE B 858 22.23 12.05 2.70
N LYS B 859 22.76 11.31 3.68
CA LYS B 859 22.11 10.20 4.39
C LYS B 859 21.13 9.39 3.54
N GLY B 860 21.60 8.88 2.40
CA GLY B 860 20.80 8.03 1.54
C GLY B 860 20.36 8.65 0.25
N LEU B 861 20.45 9.97 0.11
CA LEU B 861 20.05 10.67 -1.11
C LEU B 861 21.18 11.55 -1.58
N THR B 862 21.42 11.54 -2.88
CA THR B 862 22.57 12.20 -3.48
C THR B 862 22.10 13.34 -4.38
N VAL B 863 22.93 14.36 -4.47
CA VAL B 863 22.71 15.48 -5.37
C VAL B 863 23.85 15.45 -6.37
N LEU B 864 23.62 14.80 -7.51
CA LEU B 864 24.68 14.69 -8.49
C LEU B 864 25.10 16.08 -8.95
N PRO B 865 26.39 16.31 -9.15
CA PRO B 865 26.85 17.64 -9.52
C PRO B 865 26.37 18.02 -10.90
N PRO B 866 26.15 19.30 -11.16
CA PRO B 866 25.76 19.71 -12.50
C PRO B 866 26.92 19.51 -13.45
N LEU B 867 26.62 18.93 -14.62
CA LEU B 867 27.68 18.76 -15.60
C LEU B 867 28.20 20.11 -16.08
N LEU B 868 27.31 21.03 -16.37
CA LEU B 868 27.72 22.33 -16.88
C LEU B 868 27.92 23.21 -15.66
N THR B 869 29.19 23.37 -15.25
CA THR B 869 29.48 24.00 -13.98
C THR B 869 29.12 25.48 -14.01
N ASP B 870 29.02 26.04 -12.80
CA ASP B 870 28.65 27.45 -12.66
C ASP B 870 29.55 28.34 -13.48
N GLU B 871 30.86 28.12 -13.42
CA GLU B 871 31.74 28.91 -14.26
C GLU B 871 31.52 28.60 -15.73
N MET B 872 31.27 27.33 -16.08
CA MET B 872 31.09 26.96 -17.47
C MET B 872 29.82 27.57 -18.05
N ILE B 873 28.72 27.45 -17.31
CA ILE B 873 27.50 28.12 -17.77
C ILE B 873 27.73 29.61 -17.82
N ALA B 874 28.58 30.13 -16.93
CA ALA B 874 28.93 31.54 -17.00
C ALA B 874 29.61 31.89 -18.31
N GLN B 875 30.56 31.06 -18.75
CA GLN B 875 31.16 31.40 -20.04
C GLN B 875 30.18 31.24 -21.18
N TYR B 876 29.26 30.28 -21.10
CA TYR B 876 28.21 30.24 -22.12
C TYR B 876 27.48 31.56 -22.18
N THR B 877 27.03 32.04 -21.02
CA THR B 877 26.29 33.29 -20.96
C THR B 877 27.11 34.42 -21.54
N SER B 878 28.38 34.50 -21.15
CA SER B 878 29.25 35.56 -21.65
C SER B 878 29.37 35.49 -23.17
N ALA B 879 29.62 34.30 -23.68
CA ALA B 879 29.83 34.15 -25.11
C ALA B 879 28.59 34.55 -25.88
N LEU B 880 27.43 34.08 -25.44
CA LEU B 880 26.21 34.37 -26.16
C LEU B 880 25.86 35.85 -26.05
N LEU B 881 26.16 36.46 -24.91
CA LEU B 881 26.05 37.90 -24.80
C LEU B 881 26.90 38.58 -25.86
N ALA B 882 28.14 38.13 -25.99
CA ALA B 882 29.05 38.72 -26.97
C ALA B 882 28.52 38.54 -28.37
N GLY B 883 27.99 37.36 -28.68
CA GLY B 883 27.41 37.15 -29.99
C GLY B 883 26.27 38.11 -30.24
N THR B 884 25.36 38.23 -29.27
CA THR B 884 24.19 39.07 -29.41
C THR B 884 24.57 40.52 -29.65
N ILE B 885 25.60 41.00 -28.96
CA ILE B 885 25.98 42.40 -29.08
C ILE B 885 26.90 42.62 -30.29
N THR B 886 28.06 41.99 -30.33
CA THR B 886 28.99 42.23 -31.43
C THR B 886 28.40 41.77 -32.75
N SER B 887 28.09 40.48 -32.85
CA SER B 887 27.73 39.88 -34.12
C SER B 887 26.24 39.95 -34.42
N GLY B 888 25.39 40.02 -33.41
CA GLY B 888 23.99 40.22 -33.64
C GLY B 888 23.19 38.94 -33.72
N TRP B 889 22.09 39.01 -34.49
CA TRP B 889 21.05 38.00 -34.41
C TRP B 889 21.48 36.67 -35.06
N THR B 890 22.41 36.71 -36.00
CA THR B 890 22.73 35.53 -36.79
C THR B 890 23.48 34.46 -36.00
N PHE B 891 23.96 34.78 -34.80
CA PHE B 891 24.93 33.93 -34.12
C PHE B 891 24.37 32.55 -33.79
N GLY B 892 23.05 32.38 -33.83
CA GLY B 892 22.51 31.05 -33.60
C GLY B 892 22.48 30.15 -34.81
N ALA B 893 22.88 30.65 -35.97
CA ALA B 893 22.87 29.88 -37.21
C ALA B 893 24.28 29.67 -37.76
N GLY B 894 25.24 29.32 -36.92
CA GLY B 894 26.60 29.10 -37.37
C GLY B 894 27.55 30.16 -36.86
N ALA B 895 28.48 30.59 -37.70
CA ALA B 895 29.40 31.66 -37.29
C ALA B 895 28.63 32.93 -36.93
N ALA B 896 29.15 33.65 -35.95
CA ALA B 896 28.54 34.90 -35.49
C ALA B 896 29.13 36.03 -36.31
N LEU B 897 28.49 36.32 -37.45
CA LEU B 897 29.04 37.27 -38.40
C LEU B 897 29.19 38.65 -37.79
N GLN B 898 30.36 39.26 -38.00
CA GLN B 898 30.57 40.61 -37.50
C GLN B 898 29.80 41.61 -38.35
N ILE B 899 29.43 42.71 -37.72
CA ILE B 899 28.74 43.81 -38.38
C ILE B 899 28.74 45.00 -37.42
N PRO B 900 28.99 46.22 -37.91
CA PRO B 900 29.13 47.37 -36.99
C PRO B 900 27.87 47.63 -36.17
N PHE B 901 28.09 47.82 -34.86
CA PHE B 901 26.99 48.07 -33.94
C PHE B 901 26.21 49.35 -34.23
N ALA B 902 26.82 50.47 -34.61
CA ALA B 902 25.98 51.61 -35.04
C ALA B 902 25.03 51.24 -36.15
N MET B 903 25.46 50.43 -37.12
CA MET B 903 24.51 49.96 -38.12
C MET B 903 23.48 49.03 -37.49
N GLN B 904 23.90 48.16 -36.56
CA GLN B 904 22.97 47.24 -35.94
C GLN B 904 21.87 48.01 -35.21
N MET B 905 22.26 49.09 -34.54
CA MET B 905 21.31 49.90 -33.79
C MET B 905 20.42 50.73 -34.72
N ALA B 906 20.96 51.24 -35.81
CA ALA B 906 20.10 51.89 -36.80
C ALA B 906 19.06 50.91 -37.34
N TYR B 907 19.49 49.69 -37.63
CA TYR B 907 18.59 48.65 -38.11
C TYR B 907 17.54 48.29 -37.05
N ARG B 908 17.96 48.21 -35.79
CA ARG B 908 17.03 47.94 -34.70
C ARG B 908 15.97 49.01 -34.60
N PHE B 909 16.40 50.29 -34.64
CA PHE B 909 15.44 51.39 -34.55
C PHE B 909 14.47 51.39 -35.73
N ASN B 910 14.97 51.10 -36.94
CA ASN B 910 14.03 50.90 -38.03
C ASN B 910 13.10 49.72 -37.76
N GLY B 911 13.57 48.72 -37.00
CA GLY B 911 12.68 47.64 -36.61
C GLY B 911 11.48 48.13 -35.81
N ILE B 912 11.72 49.01 -34.84
CA ILE B 912 10.66 49.70 -34.13
C ILE B 912 10.34 51.05 -34.77
N GLY B 913 10.80 51.27 -36.00
CA GLY B 913 10.48 52.48 -36.73
C GLY B 913 11.06 53.76 -36.17
N VAL B 914 12.33 53.76 -35.79
CA VAL B 914 13.06 54.97 -35.42
C VAL B 914 14.17 55.18 -36.44
N THR B 915 14.32 56.41 -36.90
CA THR B 915 15.35 56.69 -37.88
C THR B 915 16.74 56.63 -37.24
N GLN B 916 17.72 57.01 -38.04
CA GLN B 916 19.12 56.83 -37.67
C GLN B 916 19.73 58.10 -37.09
N ASN B 917 19.05 59.23 -37.26
CA ASN B 917 19.50 60.49 -36.66
C ASN B 917 19.22 60.55 -35.16
N VAL B 918 18.15 59.90 -34.71
CA VAL B 918 17.86 59.83 -33.28
C VAL B 918 18.93 59.02 -32.55
N LEU B 919 19.70 58.23 -33.31
CA LEU B 919 20.77 57.43 -32.72
C LEU B 919 22.14 58.09 -32.90
N TYR B 920 22.55 58.31 -34.15
CA TYR B 920 23.92 58.79 -34.40
C TYR B 920 24.14 60.19 -33.84
N GLU B 921 23.07 60.88 -33.48
CA GLU B 921 23.17 62.07 -32.66
C GLU B 921 22.82 61.80 -31.20
N ASN B 922 21.90 60.88 -30.93
CA ASN B 922 21.38 60.68 -29.58
C ASN B 922 21.35 59.20 -29.22
N GLN B 923 22.47 58.51 -29.45
CA GLN B 923 22.69 57.23 -28.80
C GLN B 923 22.60 57.36 -27.29
N LYS B 924 23.13 58.46 -26.76
CA LYS B 924 23.41 58.58 -25.34
C LYS B 924 22.14 58.52 -24.51
N LEU B 925 21.06 59.16 -24.95
CA LEU B 925 19.84 59.18 -24.17
C LEU B 925 19.31 57.78 -23.94
N ILE B 926 19.12 57.02 -25.01
CA ILE B 926 18.57 55.68 -24.91
C ILE B 926 19.53 54.77 -24.16
N ALA B 927 20.82 54.90 -24.46
CA ALA B 927 21.81 54.06 -23.76
C ALA B 927 21.82 54.34 -22.27
N ASN B 928 21.75 55.62 -21.89
CA ASN B 928 21.78 55.96 -20.48
C ASN B 928 20.50 55.53 -19.80
N GLN B 929 19.37 55.61 -20.49
CA GLN B 929 18.14 55.07 -19.91
C GLN B 929 18.29 53.57 -19.68
N PHE B 930 18.88 52.87 -20.65
CA PHE B 930 19.15 51.45 -20.51
C PHE B 930 19.97 51.19 -19.26
N ASN B 931 21.10 51.89 -19.13
CA ASN B 931 22.03 51.58 -18.04
C ASN B 931 21.44 51.98 -16.69
N SER B 932 20.74 53.11 -16.64
CA SER B 932 20.09 53.53 -15.40
C SER B 932 19.00 52.54 -14.99
N ALA B 933 18.23 52.05 -15.96
CA ALA B 933 17.23 51.04 -15.66
C ALA B 933 17.89 49.78 -15.15
N ILE B 934 19.02 49.40 -15.75
CA ILE B 934 19.78 48.26 -15.25
C ILE B 934 20.18 48.49 -13.81
N GLY B 935 20.60 49.71 -13.50
CA GLY B 935 20.97 50.02 -12.12
C GLY B 935 19.79 49.87 -11.18
N LYS B 936 18.63 50.33 -11.60
CA LYS B 936 17.43 50.14 -10.79
C LYS B 936 17.15 48.66 -10.60
N ILE B 937 17.35 47.87 -11.67
CA ILE B 937 17.16 46.42 -11.58
C ILE B 937 18.09 45.83 -10.55
N GLN B 938 19.38 46.17 -10.63
CA GLN B 938 20.34 45.59 -9.72
C GLN B 938 20.05 46.01 -8.29
N ASP B 939 19.59 47.25 -8.11
CA ASP B 939 19.18 47.69 -6.78
C ASP B 939 18.02 46.84 -6.27
N SER B 940 17.03 46.59 -7.11
CA SER B 940 15.90 45.76 -6.70
C SER B 940 16.37 44.36 -6.36
N LEU B 941 17.23 43.79 -7.20
CA LEU B 941 17.68 42.42 -7.00
C LEU B 941 18.45 42.28 -5.71
N SER B 942 19.32 43.25 -5.41
CA SER B 942 20.04 43.23 -4.14
C SER B 942 19.09 43.41 -2.96
N SER B 943 18.11 44.30 -3.09
CA SER B 943 17.25 44.64 -1.97
C SER B 943 16.01 43.76 -1.86
N THR B 944 15.44 43.32 -2.98
CA THR B 944 14.21 42.55 -2.93
C THR B 944 14.53 41.06 -3.00
N ALA B 945 14.35 40.31 -1.92
CA ALA B 945 14.62 38.86 -1.97
C ALA B 945 13.51 38.06 -2.61
N SER B 946 12.35 38.67 -2.89
CA SER B 946 11.24 37.98 -3.51
C SER B 946 11.21 38.14 -5.02
N ALA B 947 11.96 39.09 -5.58
CA ALA B 947 11.93 39.35 -7.02
C ALA B 947 12.41 38.14 -7.82
N LEU B 948 13.03 37.16 -7.17
CA LEU B 948 13.52 35.95 -7.82
C LEU B 948 12.82 34.69 -7.30
N GLY B 949 11.63 34.83 -6.73
CA GLY B 949 11.04 33.70 -6.01
C GLY B 949 11.02 32.41 -6.80
N LYS B 950 10.59 32.47 -8.07
CA LYS B 950 10.40 31.26 -8.86
C LYS B 950 11.69 30.48 -9.06
N LEU B 951 12.83 30.96 -8.56
CA LEU B 951 14.06 30.21 -8.70
C LEU B 951 14.50 29.51 -7.43
N GLN B 952 14.06 29.96 -6.26
CA GLN B 952 14.38 29.20 -5.05
C GLN B 952 13.21 28.40 -4.52
N ASP B 953 11.98 28.85 -4.80
CA ASP B 953 10.81 28.07 -4.45
C ASP B 953 10.94 26.64 -4.97
N VAL B 954 11.40 26.50 -6.22
CA VAL B 954 11.60 25.17 -6.78
C VAL B 954 12.53 24.37 -5.88
N VAL B 955 13.66 24.98 -5.49
CA VAL B 955 14.54 24.33 -4.53
C VAL B 955 13.76 24.00 -3.26
N ASN B 956 13.02 24.98 -2.76
CA ASN B 956 12.14 24.73 -1.62
C ASN B 956 11.24 23.55 -1.90
N HIS B 957 10.57 23.56 -3.06
CA HIS B 957 9.83 22.38 -3.49
C HIS B 957 10.70 21.15 -3.38
N ASN B 958 11.82 21.14 -4.10
CA ASN B 958 12.77 20.05 -3.96
C ASN B 958 13.05 19.78 -2.50
N ALA B 959 13.45 20.83 -1.76
CA ALA B 959 13.77 20.64 -0.36
C ALA B 959 12.61 19.98 0.36
N GLN B 960 11.41 20.54 0.21
CA GLN B 960 10.27 19.96 0.92
C GLN B 960 10.01 18.55 0.41
N ALA B 961 10.12 18.35 -0.90
CA ALA B 961 10.06 17.00 -1.43
C ALA B 961 11.13 16.14 -0.79
N LEU B 962 12.37 16.65 -0.75
CA LEU B 962 13.40 16.00 0.03
C LEU B 962 12.93 15.81 1.47
N ASN B 963 12.48 16.90 2.09
CA ASN B 963 11.96 16.79 3.45
C ASN B 963 10.88 15.74 3.52
N THR B 964 10.04 15.67 2.48
CA THR B 964 8.99 14.67 2.45
C THR B 964 9.56 13.29 2.65
N LEU B 965 10.55 12.92 1.84
CA LEU B 965 11.16 11.61 2.01
C LEU B 965 11.85 11.52 3.36
N VAL B 966 12.46 12.61 3.79
CA VAL B 966 12.99 12.66 5.14
C VAL B 966 11.87 12.46 6.15
N LYS B 967 10.78 13.21 5.98
CA LYS B 967 9.70 13.17 6.96
C LYS B 967 9.08 11.78 7.01
N GLN B 968 8.87 11.16 5.85
CA GLN B 968 8.30 9.82 5.82
C GLN B 968 9.18 8.81 6.53
N LEU B 969 10.47 9.11 6.69
CA LEU B 969 11.40 8.12 7.23
C LEU B 969 11.02 7.65 8.62
N SER B 970 10.20 8.42 9.35
CA SER B 970 9.70 7.99 10.65
C SER B 970 8.29 7.40 10.58
N SER B 971 7.55 7.65 9.52
CA SER B 971 6.21 7.10 9.38
C SER B 971 6.27 5.57 9.40
N LYS B 972 5.37 4.96 10.15
CA LYS B 972 5.51 3.56 10.53
C LYS B 972 4.65 2.59 9.71
N PHE B 973 3.41 2.96 9.41
CA PHE B 973 2.51 2.18 8.55
C PHE B 973 2.04 0.88 9.20
N GLY B 974 1.70 0.91 10.50
CA GLY B 974 0.92 -0.15 11.12
C GLY B 974 1.54 -0.79 12.36
N ALA B 975 2.85 -1.04 12.35
CA ALA B 975 3.51 -1.72 13.46
C ALA B 975 4.03 -0.67 14.45
N ILE B 976 4.96 -1.08 15.33
CA ILE B 976 5.36 -0.23 16.44
C ILE B 976 6.45 0.78 16.04
N SER B 977 7.60 0.29 15.56
CA SER B 977 8.77 1.16 15.47
C SER B 977 9.31 1.18 14.05
N SER B 978 9.44 2.38 13.48
CA SER B 978 9.86 2.54 12.10
C SER B 978 11.37 2.43 11.90
N VAL B 979 12.15 2.48 12.98
CA VAL B 979 13.58 2.27 12.89
C VAL B 979 13.83 0.79 12.65
N LEU B 980 14.61 0.47 11.61
CA LEU B 980 14.90 -0.92 11.33
C LEU B 980 15.63 -1.57 12.49
N ASN B 981 16.61 -0.87 13.06
CA ASN B 981 17.41 -1.46 14.13
C ASN B 981 16.58 -1.72 15.37
N ASP B 982 15.59 -0.87 15.66
CA ASP B 982 14.74 -1.10 16.82
C ASP B 982 14.00 -2.43 16.71
N ILE B 983 13.40 -2.68 15.54
CA ILE B 983 12.72 -3.95 15.30
C ILE B 983 13.72 -5.09 15.35
N PHE B 984 14.87 -4.93 14.70
CA PHE B 984 15.84 -6.01 14.65
C PHE B 984 16.40 -6.31 16.05
N SER B 985 16.31 -5.35 16.97
CA SER B 985 16.87 -5.52 18.30
C SER B 985 15.86 -6.11 19.28
N ARG B 986 14.74 -5.42 19.49
CA ARG B 986 13.80 -5.84 20.53
C ARG B 986 12.79 -6.87 20.02
N LEU B 987 12.76 -7.13 18.72
CA LEU B 987 11.97 -8.21 18.15
C LEU B 987 12.92 -9.31 17.69
N ASP B 988 12.54 -10.55 17.96
CA ASP B 988 13.37 -11.68 17.58
C ASP B 988 13.46 -11.78 16.06
N PRO B 989 14.59 -12.29 15.55
CA PRO B 989 14.81 -12.32 14.09
C PRO B 989 13.69 -12.99 13.31
N PRO B 990 13.08 -14.10 13.83
CA PRO B 990 11.96 -14.70 13.09
C PRO B 990 10.90 -13.69 12.66
N GLU B 991 10.33 -12.96 13.63
CA GLU B 991 9.35 -11.93 13.31
C GLU B 991 9.99 -10.66 12.79
N ALA B 992 11.24 -10.36 13.18
CA ALA B 992 11.91 -9.17 12.70
C ALA B 992 12.05 -9.18 11.18
N GLU B 993 12.26 -10.36 10.60
CA GLU B 993 12.33 -10.48 9.14
C GLU B 993 11.07 -9.89 8.49
N VAL B 994 9.90 -10.34 8.91
CA VAL B 994 8.69 -9.95 8.20
C VAL B 994 8.25 -8.55 8.60
N GLN B 995 8.60 -8.10 9.81
CA GLN B 995 8.31 -6.71 10.17
C GLN B 995 9.16 -5.76 9.33
N ILE B 996 10.45 -6.07 9.17
CA ILE B 996 11.29 -5.30 8.26
C ILE B 996 10.73 -5.40 6.85
N ASP B 997 10.13 -6.54 6.51
CA ASP B 997 9.53 -6.69 5.19
C ASP B 997 8.39 -5.70 4.98
N ARG B 998 7.48 -5.58 5.95
CA ARG B 998 6.40 -4.61 5.75
C ARG B 998 6.95 -3.19 5.71
N LEU B 999 7.99 -2.90 6.49
CA LEU B 999 8.59 -1.58 6.38
C LEU B 999 9.15 -1.34 4.99
N ILE B 1000 9.76 -2.37 4.40
CA ILE B 1000 10.23 -2.26 3.02
C ILE B 1000 9.07 -1.91 2.10
N THR B 1001 7.95 -2.61 2.26
CA THR B 1001 6.76 -2.30 1.47
C THR B 1001 6.38 -0.83 1.59
N GLY B 1002 6.30 -0.36 2.83
CA GLY B 1002 5.86 0.99 3.10
C GLY B 1002 6.76 2.04 2.50
N ARG B 1003 8.07 1.98 2.77
CA ARG B 1003 8.86 3.08 2.24
C ARG B 1003 9.11 2.88 0.75
N LEU B 1004 8.89 1.68 0.22
CA LEU B 1004 8.88 1.51 -1.23
C LEU B 1004 7.74 2.31 -1.84
N GLN B 1005 6.54 2.16 -1.28
CA GLN B 1005 5.45 3.05 -1.67
C GLN B 1005 5.86 4.50 -1.55
N SER B 1006 6.53 4.85 -0.44
CA SER B 1006 6.88 6.24 -0.21
C SER B 1006 7.84 6.77 -1.27
N LEU B 1007 8.91 6.03 -1.54
CA LEU B 1007 9.88 6.47 -2.51
C LEU B 1007 9.26 6.55 -3.89
N GLN B 1008 8.38 5.60 -4.23
CA GLN B 1008 7.67 5.68 -5.50
C GLN B 1008 6.86 6.95 -5.58
N THR B 1009 6.12 7.26 -4.53
CA THR B 1009 5.31 8.47 -4.55
C THR B 1009 6.20 9.69 -4.67
N TYR B 1010 7.30 9.71 -3.91
CA TYR B 1010 8.22 10.83 -3.95
C TYR B 1010 8.73 11.03 -5.37
N VAL B 1011 9.16 9.95 -6.01
CA VAL B 1011 9.74 10.10 -7.33
C VAL B 1011 8.67 10.38 -8.35
N THR B 1012 7.42 10.03 -8.08
CA THR B 1012 6.35 10.44 -8.99
C THR B 1012 6.15 11.94 -8.94
N GLN B 1013 6.09 12.50 -7.74
CA GLN B 1013 6.10 13.95 -7.67
C GLN B 1013 7.35 14.52 -8.33
N GLN B 1014 8.48 13.82 -8.19
CA GLN B 1014 9.71 14.27 -8.82
C GLN B 1014 9.55 14.30 -10.32
N LEU B 1015 8.96 13.26 -10.89
CA LEU B 1015 8.73 13.21 -12.33
C LEU B 1015 7.81 14.31 -12.77
N ILE B 1016 6.75 14.58 -12.00
CA ILE B 1016 5.78 15.59 -12.38
C ILE B 1016 6.42 16.97 -12.31
N ARG B 1017 7.13 17.23 -11.22
CA ARG B 1017 7.92 18.45 -11.13
C ARG B 1017 8.90 18.52 -12.28
N ALA B 1018 9.45 17.39 -12.68
CA ALA B 1018 10.37 17.36 -13.81
C ALA B 1018 9.64 17.71 -15.09
N ALA B 1019 8.40 17.28 -15.21
CA ALA B 1019 7.60 17.67 -16.37
C ALA B 1019 7.38 19.17 -16.39
N GLU B 1020 7.08 19.73 -15.23
CA GLU B 1020 6.97 21.18 -15.13
C GLU B 1020 8.26 21.84 -15.55
N ILE B 1021 9.38 21.32 -15.04
CA ILE B 1021 10.68 21.83 -15.42
C ILE B 1021 10.88 21.69 -16.92
N ARG B 1022 10.37 20.61 -17.49
CA ARG B 1022 10.54 20.36 -18.91
C ARG B 1022 9.79 21.39 -19.74
N ALA B 1023 8.55 21.65 -19.37
CA ALA B 1023 7.79 22.69 -20.06
C ALA B 1023 8.49 24.03 -19.90
N SER B 1024 8.92 24.33 -18.68
CA SER B 1024 9.61 25.60 -18.43
C SER B 1024 10.91 25.66 -19.20
N ALA B 1025 11.54 24.52 -19.44
CA ALA B 1025 12.83 24.53 -20.09
C ALA B 1025 12.69 24.64 -21.60
N ASN B 1026 11.68 23.99 -22.16
CA ASN B 1026 11.30 24.30 -23.52
C ASN B 1026 11.00 25.78 -23.65
N LEU B 1027 10.31 26.33 -22.65
CA LEU B 1027 10.05 27.76 -22.62
C LEU B 1027 11.35 28.53 -22.61
N ALA B 1028 12.29 28.10 -21.78
CA ALA B 1028 13.56 28.80 -21.67
C ALA B 1028 14.34 28.74 -22.96
N ALA B 1029 14.33 27.57 -23.61
CA ALA B 1029 15.02 27.44 -24.89
C ALA B 1029 14.39 28.32 -25.93
N THR B 1030 13.05 28.37 -25.95
CA THR B 1030 12.36 29.22 -26.93
C THR B 1030 12.69 30.68 -26.68
N LYS B 1031 12.75 31.09 -25.41
CA LYS B 1031 13.18 32.45 -25.11
C LYS B 1031 14.61 32.64 -25.54
N MET B 1032 15.46 31.63 -25.31
CA MET B 1032 16.87 31.76 -25.59
C MET B 1032 17.11 31.84 -27.09
N SER B 1033 16.15 31.35 -27.86
CA SER B 1033 16.19 31.50 -29.30
C SER B 1033 15.63 32.86 -29.72
N GLU B 1034 14.36 33.09 -29.45
CA GLU B 1034 13.64 34.27 -29.93
C GLU B 1034 14.15 35.54 -29.27
N CYS B 1035 14.07 35.57 -27.93
CA CYS B 1035 14.45 36.76 -27.18
C CYS B 1035 15.90 37.14 -27.40
N VAL B 1036 16.73 36.22 -27.86
CA VAL B 1036 18.16 36.41 -27.91
C VAL B 1036 18.67 36.62 -29.33
N LEU B 1037 18.12 35.88 -30.28
CA LEU B 1037 18.64 35.85 -31.64
C LEU B 1037 17.95 36.84 -32.59
N GLY B 1038 17.44 37.96 -32.10
CA GLY B 1038 16.86 38.96 -32.97
C GLY B 1038 15.72 39.68 -32.31
N GLN B 1039 15.27 40.74 -32.98
CA GLN B 1039 14.14 41.54 -32.51
C GLN B 1039 12.91 40.66 -32.55
N SER B 1040 12.52 40.16 -31.38
CA SER B 1040 11.49 39.14 -31.33
C SER B 1040 10.13 39.76 -31.67
N LYS B 1041 9.41 39.10 -32.57
CA LYS B 1041 8.07 39.55 -32.93
C LYS B 1041 7.08 39.32 -31.79
N ARG B 1042 7.36 38.40 -30.89
CA ARG B 1042 6.42 38.07 -29.83
C ARG B 1042 6.25 39.26 -28.90
N VAL B 1043 5.03 39.43 -28.37
CA VAL B 1043 4.69 40.66 -27.67
C VAL B 1043 4.63 40.46 -26.16
N ASP B 1044 4.15 39.30 -25.72
CA ASP B 1044 4.08 38.99 -24.30
C ASP B 1044 4.65 37.61 -24.04
N PHE B 1045 5.81 37.35 -24.61
CA PHE B 1045 6.53 36.11 -24.37
C PHE B 1045 7.94 36.38 -23.87
N CYS B 1046 8.61 37.39 -24.40
CA CYS B 1046 9.85 37.94 -23.85
C CYS B 1046 9.58 39.18 -23.02
N GLY B 1047 8.48 39.21 -22.29
CA GLY B 1047 8.14 40.40 -21.54
C GLY B 1047 7.19 41.29 -22.32
N LYS B 1048 6.44 42.11 -21.58
CA LYS B 1048 5.35 42.87 -22.16
C LYS B 1048 5.85 43.88 -23.19
N GLY B 1049 5.07 44.08 -24.24
CA GLY B 1049 5.27 45.16 -25.18
C GLY B 1049 5.95 44.70 -26.45
N TYR B 1050 6.21 45.68 -27.32
CA TYR B 1050 6.85 45.45 -28.61
C TYR B 1050 8.31 45.08 -28.34
N HIS B 1051 8.53 43.79 -28.05
CA HIS B 1051 9.79 43.37 -27.46
C HIS B 1051 10.98 43.62 -28.37
N LEU B 1052 12.08 44.11 -27.76
CA LEU B 1052 13.33 44.36 -28.48
C LEU B 1052 14.32 43.21 -28.31
N MET B 1053 14.74 42.91 -27.09
CA MET B 1053 15.76 41.87 -26.93
C MET B 1053 15.76 41.40 -25.47
N SER B 1054 16.74 40.56 -25.13
CA SER B 1054 16.83 40.07 -23.77
C SER B 1054 18.25 39.62 -23.49
N PHE B 1055 18.68 39.81 -22.25
CA PHE B 1055 20.02 39.45 -21.81
C PHE B 1055 19.94 38.44 -20.68
N PRO B 1056 20.47 37.24 -20.84
CA PRO B 1056 20.35 36.23 -19.77
C PRO B 1056 21.49 36.32 -18.77
N GLN B 1057 21.19 35.84 -17.58
CA GLN B 1057 22.19 35.66 -16.53
C GLN B 1057 21.86 34.37 -15.79
N SER B 1058 22.87 33.79 -15.16
CA SER B 1058 22.67 32.49 -14.57
C SER B 1058 21.89 32.58 -13.28
N ALA B 1059 21.65 31.41 -12.69
CA ALA B 1059 21.11 31.29 -11.35
C ALA B 1059 21.47 29.90 -10.86
N PRO B 1060 21.36 29.65 -9.56
CA PRO B 1060 21.78 28.34 -9.03
C PRO B 1060 21.11 27.16 -9.70
N HIS B 1061 19.87 27.32 -10.18
CA HIS B 1061 19.25 26.24 -10.94
C HIS B 1061 18.43 26.75 -12.11
N GLY B 1062 18.53 28.02 -12.46
CA GLY B 1062 17.71 28.53 -13.51
C GLY B 1062 18.37 29.68 -14.21
N VAL B 1063 17.56 30.43 -14.95
CA VAL B 1063 18.04 31.55 -15.72
C VAL B 1063 17.19 32.77 -15.43
N VAL B 1064 17.78 33.93 -15.68
CA VAL B 1064 17.08 35.20 -15.55
C VAL B 1064 17.27 35.97 -16.83
N PHE B 1065 16.19 36.20 -17.56
CA PHE B 1065 16.22 37.05 -18.73
C PHE B 1065 15.85 38.47 -18.32
N LEU B 1066 16.81 39.37 -18.49
CA LEU B 1066 16.56 40.81 -18.41
C LEU B 1066 15.97 41.19 -19.76
N HIS B 1067 14.65 41.23 -19.85
CA HIS B 1067 14.03 41.67 -21.09
C HIS B 1067 14.19 43.17 -21.24
N VAL B 1068 14.63 43.57 -22.43
CA VAL B 1068 14.59 44.95 -22.90
C VAL B 1068 13.37 45.08 -23.80
N THR B 1069 12.34 45.75 -23.27
CA THR B 1069 11.04 45.89 -23.93
C THR B 1069 10.72 47.36 -24.09
N TYR B 1070 9.77 47.65 -24.96
CA TYR B 1070 9.35 49.01 -25.26
C TYR B 1070 7.95 49.24 -24.73
N VAL B 1071 7.70 50.44 -24.18
CA VAL B 1071 6.34 50.87 -23.84
C VAL B 1071 6.19 52.35 -24.17
N PRO B 1072 5.14 52.76 -24.90
CA PRO B 1072 4.99 54.18 -25.19
C PRO B 1072 4.59 54.96 -23.94
N ALA B 1073 4.73 56.29 -24.03
CA ALA B 1073 4.36 57.14 -22.91
C ALA B 1073 4.31 58.59 -23.41
N GLN B 1074 3.71 59.44 -22.58
CA GLN B 1074 3.60 60.87 -22.86
C GLN B 1074 2.84 61.13 -24.17
N GLU B 1075 1.56 60.77 -24.15
CA GLU B 1075 0.72 60.92 -25.34
C GLU B 1075 0.16 62.33 -25.40
N LYS B 1076 0.34 62.99 -26.55
CA LYS B 1076 -0.18 64.34 -26.77
C LYS B 1076 -1.11 64.35 -27.97
N ASN B 1077 -2.24 65.03 -27.84
CA ASN B 1077 -3.28 65.02 -28.87
C ASN B 1077 -2.88 65.87 -30.06
N PHE B 1078 -3.11 65.33 -31.26
CA PHE B 1078 -2.86 66.02 -32.51
C PHE B 1078 -3.88 65.56 -33.54
N THR B 1079 -4.29 66.50 -34.39
CA THR B 1079 -5.16 66.15 -35.50
C THR B 1079 -4.39 65.34 -36.52
N THR B 1080 -4.98 64.24 -36.97
CA THR B 1080 -4.34 63.37 -37.94
C THR B 1080 -5.34 62.98 -39.02
N ALA B 1081 -4.84 62.66 -40.20
CA ALA B 1081 -5.69 62.34 -41.34
C ALA B 1081 -5.13 61.19 -42.16
N PRO B 1082 -5.98 60.33 -42.71
CA PRO B 1082 -5.48 59.17 -43.47
C PRO B 1082 -4.76 59.52 -44.76
N ALA B 1083 -4.98 60.71 -45.32
CA ALA B 1083 -4.45 61.01 -46.64
C ALA B 1083 -4.51 62.51 -46.89
N ILE B 1084 -4.13 62.91 -48.10
CA ILE B 1084 -4.30 64.29 -48.56
C ILE B 1084 -4.99 64.26 -49.93
N CYS B 1085 -6.16 64.88 -50.02
CA CYS B 1085 -6.84 65.07 -51.29
C CYS B 1085 -6.42 66.42 -51.87
N HIS B 1086 -5.74 66.39 -53.00
CA HIS B 1086 -5.44 67.59 -53.76
C HIS B 1086 -5.67 67.32 -55.24
N ASP B 1087 -6.21 68.35 -55.92
CA ASP B 1087 -6.52 68.28 -57.35
C ASP B 1087 -7.46 67.12 -57.67
N GLY B 1088 -8.28 66.74 -56.69
CA GLY B 1088 -9.20 65.63 -56.86
C GLY B 1088 -8.62 64.26 -56.67
N LYS B 1089 -7.36 64.15 -56.25
CA LYS B 1089 -6.69 62.87 -56.08
C LYS B 1089 -6.27 62.69 -54.63
N ALA B 1090 -6.32 61.46 -54.16
CA ALA B 1090 -5.85 61.11 -52.83
C ALA B 1090 -4.39 60.68 -52.89
N HIS B 1091 -3.59 61.16 -51.93
CA HIS B 1091 -2.21 60.76 -51.79
C HIS B 1091 -1.99 60.19 -50.40
N PHE B 1092 -1.31 59.04 -50.35
CA PHE B 1092 -1.04 58.27 -49.14
C PHE B 1092 0.48 58.11 -48.96
N PRO B 1093 0.97 58.10 -47.73
CA PRO B 1093 2.34 57.64 -47.50
C PRO B 1093 2.39 56.13 -47.41
N ARG B 1094 3.52 55.55 -47.81
CA ARG B 1094 3.66 54.11 -47.69
C ARG B 1094 3.49 53.64 -46.26
N GLU B 1095 3.98 54.40 -45.30
CA GLU B 1095 3.80 54.06 -43.90
C GLU B 1095 3.70 55.35 -43.11
N GLY B 1096 3.09 55.29 -41.93
CA GLY B 1096 2.86 56.48 -41.14
C GLY B 1096 1.62 57.22 -41.58
N VAL B 1097 1.27 58.24 -40.81
CA VAL B 1097 0.03 58.96 -41.00
C VAL B 1097 0.33 60.45 -41.04
N PHE B 1098 -0.52 61.18 -41.78
CA PHE B 1098 -0.50 62.64 -41.76
C PHE B 1098 -1.04 63.14 -40.44
N VAL B 1099 -0.33 64.08 -39.84
CA VAL B 1099 -0.73 64.72 -38.59
C VAL B 1099 -0.57 66.23 -38.77
N SER B 1100 -1.35 66.98 -38.00
CA SER B 1100 -1.31 68.43 -38.04
C SER B 1100 -1.19 68.99 -36.63
N ASN B 1101 -0.16 69.82 -36.41
CA ASN B 1101 -0.02 70.57 -35.17
C ASN B 1101 -0.49 72.00 -35.32
N GLY B 1102 -1.08 72.35 -36.46
CA GLY B 1102 -1.46 73.72 -36.73
C GLY B 1102 -0.73 74.29 -37.93
N THR B 1103 -1.46 74.49 -39.04
CA THR B 1103 -0.95 75.06 -40.28
C THR B 1103 0.16 74.21 -40.90
N HIS B 1104 0.23 72.93 -40.55
CA HIS B 1104 1.20 72.03 -41.13
C HIS B 1104 0.65 70.61 -41.10
N TRP B 1105 0.91 69.86 -42.17
CA TRP B 1105 0.62 68.44 -42.23
C TRP B 1105 1.89 67.69 -42.57
N PHE B 1106 2.22 66.67 -41.77
CA PHE B 1106 3.45 65.92 -41.96
C PHE B 1106 3.21 64.45 -41.65
N VAL B 1107 3.98 63.59 -42.31
CA VAL B 1107 3.89 62.15 -42.10
C VAL B 1107 4.73 61.75 -40.91
N THR B 1108 4.21 60.86 -40.07
CA THR B 1108 4.97 60.34 -38.94
C THR B 1108 4.43 58.98 -38.54
N GLN B 1109 5.30 58.20 -37.89
CA GLN B 1109 4.91 56.89 -37.41
C GLN B 1109 3.95 57.04 -36.23
N ARG B 1110 3.31 55.93 -35.87
CA ARG B 1110 2.36 55.92 -34.77
C ARG B 1110 2.98 56.27 -33.42
N ASN B 1111 4.28 56.11 -33.24
CA ASN B 1111 4.90 56.27 -31.93
C ASN B 1111 5.61 57.60 -31.76
N PHE B 1112 5.63 58.45 -32.78
CA PHE B 1112 6.44 59.65 -32.72
C PHE B 1112 5.98 60.64 -33.79
N TYR B 1113 6.42 61.89 -33.65
CA TYR B 1113 6.11 63.00 -34.54
C TYR B 1113 7.39 63.42 -35.27
N GLU B 1114 7.50 63.08 -36.55
CA GLU B 1114 8.72 63.34 -37.31
C GLU B 1114 8.43 64.24 -38.52
N PRO B 1115 9.26 65.26 -38.78
CA PRO B 1115 9.02 66.13 -39.94
C PRO B 1115 9.59 65.52 -41.21
N GLN B 1116 8.74 65.45 -42.25
CA GLN B 1116 9.14 64.95 -43.56
C GLN B 1116 8.43 65.73 -44.64
N ILE B 1117 9.17 66.11 -45.68
CA ILE B 1117 8.59 66.92 -46.76
C ILE B 1117 7.70 66.06 -47.63
N ILE B 1118 6.49 66.53 -47.89
CA ILE B 1118 5.53 65.81 -48.72
C ILE B 1118 5.90 66.04 -50.18
N THR B 1119 6.50 65.04 -50.80
CA THR B 1119 6.92 65.11 -52.20
C THR B 1119 6.65 63.76 -52.87
N THR B 1120 7.31 63.52 -54.01
CA THR B 1120 7.40 62.15 -54.50
C THR B 1120 8.10 61.24 -53.52
N ASP B 1121 8.90 61.79 -52.60
CA ASP B 1121 9.74 60.98 -51.74
C ASP B 1121 8.92 60.12 -50.78
N ASN B 1122 7.89 60.70 -50.17
CA ASN B 1122 7.16 60.05 -49.09
C ASN B 1122 5.73 59.67 -49.45
N THR B 1123 5.08 60.41 -50.34
CA THR B 1123 3.68 60.18 -50.66
C THR B 1123 3.55 59.68 -52.09
N PHE B 1124 2.69 58.69 -52.27
CA PHE B 1124 2.37 58.17 -53.60
C PHE B 1124 0.88 58.34 -53.84
N VAL B 1125 0.54 58.47 -55.11
CA VAL B 1125 -0.83 58.73 -55.55
C VAL B 1125 -1.46 57.40 -55.95
N SER B 1126 -2.68 57.16 -55.47
CA SER B 1126 -3.42 55.96 -55.84
C SER B 1126 -4.91 56.27 -55.67
N GLY B 1127 -5.58 56.54 -56.79
CA GLY B 1127 -7.02 56.67 -56.81
C GLY B 1127 -7.51 58.03 -56.37
N ASN B 1128 -8.81 58.23 -56.58
CA ASN B 1128 -9.46 59.47 -56.18
C ASN B 1128 -9.56 59.54 -54.67
N CYS B 1129 -9.87 60.73 -54.17
CA CYS B 1129 -10.05 60.93 -52.74
C CYS B 1129 -11.50 60.78 -52.31
N ASP B 1130 -12.40 60.51 -53.26
CA ASP B 1130 -13.80 60.30 -52.90
C ASP B 1130 -13.97 59.06 -52.05
N VAL B 1131 -13.25 57.98 -52.37
CA VAL B 1131 -13.43 56.73 -51.68
C VAL B 1131 -12.81 56.76 -50.28
N VAL B 1132 -11.94 57.73 -50.00
CA VAL B 1132 -11.25 57.80 -48.72
C VAL B 1132 -12.20 58.31 -47.63
N ILE B 1133 -12.10 57.71 -46.44
CA ILE B 1133 -12.88 58.14 -45.29
C ILE B 1133 -12.02 59.03 -44.42
N GLY B 1134 -12.57 60.17 -44.00
CA GLY B 1134 -11.86 61.08 -43.13
C GLY B 1134 -10.72 61.83 -43.78
N ILE B 1135 -10.63 61.81 -45.12
CA ILE B 1135 -9.50 62.44 -45.79
C ILE B 1135 -9.57 63.95 -45.59
N VAL B 1136 -8.42 64.60 -45.67
CA VAL B 1136 -8.33 66.05 -45.63
C VAL B 1136 -7.58 66.53 -46.87
N ASN B 1137 -7.66 67.83 -47.11
CA ASN B 1137 -7.12 68.44 -48.31
C ASN B 1137 -5.95 69.35 -47.96
N ASN B 1138 -4.87 69.23 -48.73
CA ASN B 1138 -3.68 70.06 -48.52
C ASN B 1138 -2.90 70.13 -49.83
N THR B 1139 -1.95 71.05 -49.89
CA THR B 1139 -1.10 71.24 -51.05
C THR B 1139 0.09 70.28 -50.97
N VAL B 1140 0.39 69.61 -52.08
CA VAL B 1140 1.50 68.68 -52.18
C VAL B 1140 2.43 69.12 -53.30
N TYR B 1141 3.71 69.27 -52.99
CA TYR B 1141 4.73 69.75 -53.92
C TYR B 1141 5.77 68.66 -54.15
N ASP B 1142 6.10 68.41 -55.42
CA ASP B 1142 7.09 67.45 -55.89
C ASP B 1142 8.48 68.08 -55.89
N PRO B 1143 9.54 67.26 -55.82
CA PRO B 1143 10.89 67.79 -55.93
C PRO B 1143 11.35 68.02 -57.35
N LEU B 1144 10.60 67.55 -58.34
CA LEU B 1144 11.01 67.62 -59.74
C LEU B 1144 10.55 68.89 -60.43
N GLN B 1145 9.88 69.80 -59.73
CA GLN B 1145 9.33 70.99 -60.38
C GLN B 1145 10.40 71.89 -61.01
N PRO B 1146 11.47 72.30 -60.31
CA PRO B 1146 12.42 73.23 -60.94
C PRO B 1146 13.12 72.67 -62.17
N GLU B 1147 13.38 71.36 -62.22
CA GLU B 1147 13.97 70.75 -63.39
C GLU B 1147 12.93 70.26 -64.39
N LEU B 1148 11.65 70.37 -64.06
CA LEU B 1148 10.58 70.01 -64.99
C LEU B 1148 10.27 71.11 -65.99
N ASP B 1149 10.76 72.33 -65.76
CA ASP B 1149 10.50 73.43 -66.67
C ASP B 1149 11.49 74.57 -66.44
N ALA C 33 -48.24 -22.06 -25.69
CA ALA C 33 -48.57 -20.93 -24.83
C ALA C 33 -47.32 -20.28 -24.27
N TYR C 34 -46.55 -19.63 -25.13
CA TYR C 34 -45.31 -18.96 -24.73
C TYR C 34 -45.38 -17.50 -25.14
N THR C 35 -45.05 -16.61 -24.20
CA THR C 35 -45.05 -15.19 -24.47
C THR C 35 -43.76 -14.57 -23.93
N ASN C 36 -43.20 -13.63 -24.69
CA ASN C 36 -42.03 -12.91 -24.19
C ASN C 36 -42.47 -11.96 -23.09
N SER C 37 -41.73 -11.97 -21.99
CA SER C 37 -42.07 -11.12 -20.86
C SER C 37 -41.47 -9.73 -21.06
N PHE C 38 -42.33 -8.72 -21.13
CA PHE C 38 -41.91 -7.34 -21.33
C PHE C 38 -41.40 -6.77 -20.00
N THR C 39 -41.32 -5.44 -19.91
CA THR C 39 -40.73 -4.78 -18.75
C THR C 39 -41.68 -4.94 -17.56
N ARG C 40 -41.60 -6.10 -16.92
CA ARG C 40 -42.40 -6.39 -15.74
C ARG C 40 -41.50 -6.97 -14.65
N GLY C 41 -41.77 -6.56 -13.41
CA GLY C 41 -41.05 -7.06 -12.26
C GLY C 41 -39.98 -6.14 -11.70
N VAL C 42 -39.82 -4.93 -12.24
CA VAL C 42 -38.81 -4.01 -11.74
C VAL C 42 -39.25 -3.47 -10.39
N TYR C 43 -38.34 -3.50 -9.42
CA TYR C 43 -38.64 -3.12 -8.05
C TYR C 43 -37.55 -2.23 -7.48
N TYR C 44 -37.94 -1.43 -6.51
CA TYR C 44 -37.00 -0.59 -5.79
C TYR C 44 -36.12 -1.48 -4.92
N PRO C 45 -34.81 -1.48 -5.12
CA PRO C 45 -33.96 -2.36 -4.30
C PRO C 45 -33.66 -1.80 -2.92
N ASP C 46 -33.52 -0.48 -2.80
CA ASP C 46 -33.07 0.14 -1.55
C ASP C 46 -34.09 1.07 -0.92
N LYS C 47 -35.26 1.25 -1.54
CA LYS C 47 -36.32 2.16 -1.09
C LYS C 47 -35.76 3.47 -0.54
N VAL C 48 -35.05 4.18 -1.41
CA VAL C 48 -34.52 5.50 -1.11
C VAL C 48 -34.96 6.48 -2.19
N PHE C 49 -35.78 7.46 -1.81
CA PHE C 49 -36.27 8.45 -2.76
C PHE C 49 -35.13 9.36 -3.18
N ARG C 50 -34.88 9.44 -4.47
CA ARG C 50 -33.83 10.30 -5.00
C ARG C 50 -34.37 11.02 -6.23
N SER C 51 -33.72 12.13 -6.57
CA SER C 51 -34.28 13.08 -7.53
C SER C 51 -33.39 13.17 -8.77
N SER C 52 -34.00 12.96 -9.94
CA SER C 52 -33.36 13.16 -11.24
C SER C 52 -31.98 12.52 -11.29
N VAL C 53 -31.96 11.22 -11.02
CA VAL C 53 -30.71 10.51 -10.81
C VAL C 53 -30.71 9.19 -11.58
N LEU C 54 -29.56 8.86 -12.16
CA LEU C 54 -29.36 7.60 -12.87
C LEU C 54 -28.54 6.68 -11.97
N HIS C 55 -29.05 5.47 -11.73
CA HIS C 55 -28.41 4.60 -10.76
C HIS C 55 -28.48 3.15 -11.20
N SER C 56 -27.37 2.44 -11.13
CA SER C 56 -27.28 1.05 -11.54
C SER C 56 -27.05 0.16 -10.33
N THR C 57 -27.70 -1.01 -10.33
CA THR C 57 -27.63 -1.95 -9.22
C THR C 57 -27.65 -3.38 -9.72
N GLN C 58 -26.90 -4.23 -9.04
CA GLN C 58 -26.93 -5.68 -9.25
C GLN C 58 -27.89 -6.30 -8.25
N ASP C 59 -28.91 -6.98 -8.75
CA ASP C 59 -29.91 -7.61 -7.89
C ASP C 59 -30.59 -8.73 -8.66
N LEU C 60 -31.50 -9.42 -7.99
CA LEU C 60 -32.28 -10.48 -8.61
C LEU C 60 -33.30 -9.84 -9.55
N PHE C 61 -33.20 -10.14 -10.83
CA PHE C 61 -34.00 -9.49 -11.86
C PHE C 61 -34.65 -10.53 -12.76
N LEU C 62 -35.64 -10.07 -13.50
CA LEU C 62 -36.21 -10.83 -14.60
C LEU C 62 -35.66 -10.27 -15.89
N PRO C 63 -34.77 -10.99 -16.59
CA PRO C 63 -34.25 -10.49 -17.85
C PRO C 63 -35.38 -10.23 -18.85
N PHE C 64 -35.23 -9.14 -19.61
CA PHE C 64 -36.30 -8.62 -20.43
C PHE C 64 -36.54 -9.49 -21.65
N PHE C 65 -37.74 -9.37 -22.21
CA PHE C 65 -38.10 -9.98 -23.50
C PHE C 65 -37.81 -11.47 -23.51
N SER C 66 -37.98 -12.10 -22.36
CA SER C 66 -37.77 -13.53 -22.20
C SER C 66 -39.12 -14.23 -22.04
N ASN C 67 -39.19 -15.47 -22.49
CA ASN C 67 -40.42 -16.24 -22.35
C ASN C 67 -40.66 -16.64 -20.91
N VAL C 68 -41.92 -16.58 -20.49
CA VAL C 68 -42.35 -16.99 -19.16
C VAL C 68 -43.54 -17.91 -19.32
N THR C 69 -43.71 -18.83 -18.37
CA THR C 69 -44.76 -19.84 -18.51
C THR C 69 -46.13 -19.21 -18.28
N TRP C 70 -46.96 -19.22 -19.31
CA TRP C 70 -48.34 -18.77 -19.25
C TRP C 70 -49.22 -19.98 -19.02
N PHE C 71 -49.97 -19.98 -17.93
CA PHE C 71 -50.90 -21.05 -17.63
C PHE C 71 -52.31 -20.47 -17.61
N HIS C 72 -53.23 -21.17 -18.27
CA HIS C 72 -54.62 -20.73 -18.34
C HIS C 72 -55.43 -21.46 -17.26
N VAL C 73 -56.26 -20.71 -16.55
CA VAL C 73 -57.05 -21.25 -15.46
C VAL C 73 -58.31 -21.92 -16.01
N ILE C 74 -58.10 -23.08 -16.62
CA ILE C 74 -59.21 -23.89 -17.10
C ILE C 74 -59.53 -25.02 -16.13
N SER C 75 -58.51 -25.72 -15.63
CA SER C 75 -58.72 -26.81 -14.69
C SER C 75 -57.40 -27.15 -14.02
N GLY C 76 -57.49 -27.72 -12.83
CA GLY C 76 -56.32 -28.15 -12.04
C GLY C 76 -55.31 -27.03 -11.88
N ASP C 84 -49.61 -34.75 -13.00
CA ASP C 84 -50.20 -33.60 -12.32
C ASP C 84 -49.50 -32.31 -12.73
N ASN C 85 -49.62 -31.28 -11.90
CA ASN C 85 -48.94 -30.00 -12.13
C ASN C 85 -47.76 -29.92 -11.18
N PRO C 86 -46.53 -30.08 -11.67
CA PRO C 86 -45.37 -30.16 -10.77
C PRO C 86 -45.13 -28.84 -10.06
N VAL C 87 -44.55 -28.95 -8.87
CA VAL C 87 -44.11 -27.77 -8.13
C VAL C 87 -42.86 -27.23 -8.81
N LEU C 88 -42.97 -26.04 -9.39
CA LEU C 88 -41.82 -25.40 -10.00
C LEU C 88 -40.80 -25.10 -8.91
N PRO C 89 -39.55 -25.55 -9.05
CA PRO C 89 -38.57 -25.24 -8.02
C PRO C 89 -38.23 -23.76 -7.98
N PHE C 90 -37.91 -23.29 -6.79
CA PHE C 90 -37.54 -21.89 -6.55
C PHE C 90 -36.05 -21.76 -6.79
N ASN C 91 -35.68 -21.26 -7.96
CA ASN C 91 -34.26 -21.23 -8.32
C ASN C 91 -33.51 -20.14 -7.58
N ASP C 92 -33.81 -18.88 -7.89
CA ASP C 92 -33.19 -17.77 -7.18
C ASP C 92 -34.23 -16.74 -6.78
N GLY C 93 -35.30 -16.66 -7.56
CA GLY C 93 -36.36 -15.71 -7.31
C GLY C 93 -37.50 -15.97 -8.26
N VAL C 94 -38.71 -15.56 -7.89
CA VAL C 94 -39.89 -15.88 -8.67
C VAL C 94 -40.67 -14.61 -8.94
N TYR C 95 -40.91 -14.33 -10.21
CA TYR C 95 -41.87 -13.30 -10.62
C TYR C 95 -43.17 -14.01 -10.96
N PHE C 96 -44.16 -13.88 -10.09
CA PHE C 96 -45.41 -14.64 -10.19
C PHE C 96 -46.56 -13.65 -10.38
N ALA C 97 -47.21 -13.71 -11.53
CA ALA C 97 -48.33 -12.83 -11.83
C ALA C 97 -49.61 -13.66 -11.95
N SER C 98 -50.71 -13.09 -11.48
CA SER C 98 -52.01 -13.74 -11.60
C SER C 98 -53.05 -12.71 -12.02
N ILE C 99 -53.72 -12.96 -13.14
CA ILE C 99 -54.79 -12.10 -13.63
C ILE C 99 -56.10 -12.88 -13.64
N GLU C 100 -57.11 -12.28 -13.01
CA GLU C 100 -58.42 -12.88 -12.83
C GLU C 100 -59.34 -11.87 -12.15
N LYS C 101 -60.59 -12.25 -11.89
CA LYS C 101 -61.55 -11.34 -11.28
C LYS C 101 -62.29 -11.96 -10.10
N SER C 102 -61.91 -13.17 -9.67
CA SER C 102 -62.63 -13.83 -8.60
C SER C 102 -61.70 -14.51 -7.59
N ASN C 103 -60.43 -14.09 -7.54
CA ASN C 103 -59.46 -14.60 -6.56
C ASN C 103 -59.30 -16.12 -6.65
N ILE C 104 -58.85 -16.57 -7.81
CA ILE C 104 -58.54 -17.99 -7.96
C ILE C 104 -57.29 -18.36 -7.16
N ILE C 105 -56.28 -17.51 -7.19
CA ILE C 105 -55.03 -17.77 -6.49
C ILE C 105 -55.16 -17.31 -5.05
N ARG C 106 -55.13 -18.26 -4.12
CA ARG C 106 -55.38 -17.97 -2.71
C ARG C 106 -54.26 -18.46 -1.80
N GLY C 107 -53.05 -18.65 -2.33
CA GLY C 107 -51.95 -19.04 -1.48
C GLY C 107 -50.83 -19.69 -2.26
N TRP C 108 -49.90 -20.26 -1.49
CA TRP C 108 -48.70 -20.90 -2.00
C TRP C 108 -48.27 -22.02 -1.06
N ILE C 109 -47.48 -22.94 -1.60
CA ILE C 109 -46.77 -23.95 -0.80
C ILE C 109 -45.28 -23.76 -1.02
N PHE C 110 -44.56 -23.48 0.06
CA PHE C 110 -43.14 -23.18 0.03
C PHE C 110 -42.43 -24.15 0.97
N GLY C 111 -41.13 -24.33 0.76
CA GLY C 111 -40.39 -25.21 1.64
C GLY C 111 -39.49 -26.20 0.93
N THR C 112 -38.85 -27.07 1.71
CA THR C 112 -37.90 -28.04 1.17
C THR C 112 -38.37 -29.48 1.29
N THR C 113 -39.30 -29.79 2.19
CA THR C 113 -39.74 -31.16 2.39
C THR C 113 -41.21 -31.17 2.77
N LEU C 114 -42.00 -31.95 2.01
CA LEU C 114 -43.44 -32.00 2.24
C LEU C 114 -43.82 -32.90 3.41
N ASP C 115 -42.92 -33.75 3.87
CA ASP C 115 -43.19 -34.66 4.98
C ASP C 115 -43.12 -33.89 6.29
N SER C 116 -43.19 -34.63 7.40
CA SER C 116 -43.13 -34.03 8.73
C SER C 116 -41.71 -33.89 9.26
N LYS C 117 -40.70 -34.40 8.54
CA LYS C 117 -39.33 -34.32 9.03
C LYS C 117 -38.81 -32.89 9.02
N THR C 118 -39.20 -32.08 8.03
CA THR C 118 -38.76 -30.70 7.91
C THR C 118 -39.97 -29.78 7.78
N GLN C 119 -39.92 -28.64 8.46
CA GLN C 119 -41.06 -27.72 8.58
C GLN C 119 -41.13 -26.81 7.37
N SER C 120 -41.96 -27.18 6.40
CA SER C 120 -42.22 -26.34 5.24
C SER C 120 -43.35 -25.36 5.52
N LEU C 121 -43.47 -24.35 4.67
CA LEU C 121 -44.34 -23.21 4.90
C LEU C 121 -45.52 -23.21 3.94
N LEU C 122 -46.62 -22.61 4.38
CA LEU C 122 -47.86 -22.50 3.64
C LEU C 122 -48.36 -21.08 3.72
N ILE C 123 -48.94 -20.59 2.62
CA ILE C 123 -49.64 -19.31 2.60
C ILE C 123 -51.05 -19.56 2.11
N VAL C 124 -52.03 -19.09 2.88
CA VAL C 124 -53.44 -19.22 2.54
C VAL C 124 -54.06 -17.82 2.53
N ASN C 125 -54.71 -17.46 1.43
CA ASN C 125 -55.32 -16.15 1.27
C ASN C 125 -56.84 -16.26 1.36
N ASN C 126 -57.44 -15.31 2.08
CA ASN C 126 -58.88 -15.28 2.23
C ASN C 126 -59.32 -13.82 2.40
N ALA C 127 -60.58 -13.55 2.06
CA ALA C 127 -61.11 -12.21 2.15
C ALA C 127 -61.20 -11.71 3.59
N THR C 128 -61.09 -12.61 4.57
CA THR C 128 -61.07 -12.21 5.97
C THR C 128 -59.65 -11.89 6.44
N ASN C 129 -58.73 -12.82 6.25
CA ASN C 129 -57.37 -12.66 6.75
C ASN C 129 -56.45 -13.66 6.04
N VAL C 130 -55.18 -13.26 5.90
CA VAL C 130 -54.16 -14.04 5.21
C VAL C 130 -53.31 -14.74 6.25
N VAL C 131 -53.10 -16.04 6.09
CA VAL C 131 -52.46 -16.89 7.10
C VAL C 131 -51.23 -17.53 6.51
N ILE C 132 -50.08 -17.31 7.14
CA ILE C 132 -48.81 -17.94 6.76
C ILE C 132 -48.39 -18.84 7.92
N LYS C 133 -48.33 -20.15 7.67
CA LYS C 133 -48.08 -21.10 8.75
C LYS C 133 -47.01 -22.11 8.36
N VAL C 134 -46.17 -22.47 9.33
CA VAL C 134 -45.17 -23.51 9.17
C VAL C 134 -45.33 -24.51 10.30
N CYS C 135 -45.67 -25.75 9.96
CA CYS C 135 -45.93 -26.78 10.96
C CYS C 135 -45.38 -28.15 10.60
N GLU C 136 -44.64 -28.29 9.50
CA GLU C 136 -44.19 -29.59 9.00
C GLU C 136 -45.37 -30.51 8.71
N PHE C 137 -46.44 -29.94 8.16
CA PHE C 137 -47.64 -30.71 7.84
C PHE C 137 -47.41 -31.57 6.60
N GLN C 138 -48.13 -32.68 6.53
CA GLN C 138 -48.02 -33.58 5.39
C GLN C 138 -49.14 -33.33 4.40
N PHE C 139 -48.77 -33.21 3.12
CA PHE C 139 -49.72 -32.98 2.03
C PHE C 139 -49.75 -34.19 1.10
N CYS C 140 -50.49 -34.04 0.02
CA CYS C 140 -50.58 -35.08 -1.01
C CYS C 140 -49.70 -34.71 -2.20
N ASN C 141 -49.80 -35.48 -3.28
CA ASN C 141 -49.08 -35.16 -4.51
C ASN C 141 -49.67 -33.97 -5.23
N ASP C 142 -50.85 -33.50 -4.84
CA ASP C 142 -51.46 -32.30 -5.38
C ASP C 142 -51.88 -31.39 -4.23
N PRO C 143 -51.85 -30.08 -4.42
CA PRO C 143 -52.28 -29.16 -3.35
C PRO C 143 -53.74 -29.38 -2.97
N PHE C 144 -54.03 -29.24 -1.68
CA PHE C 144 -55.37 -29.42 -1.18
C PHE C 144 -56.29 -28.30 -1.64
N LEU C 145 -57.58 -28.47 -1.42
CA LEU C 145 -58.60 -27.51 -1.82
C LEU C 145 -59.31 -26.97 -0.59
N ASP C 146 -59.49 -25.65 -0.56
CA ASP C 146 -60.21 -24.99 0.53
C ASP C 146 -61.45 -24.26 0.01
N CYS C 167 -46.50 -26.55 14.99
CA CYS C 167 -46.27 -25.29 14.29
C CYS C 167 -45.18 -24.48 14.98
N THR C 168 -44.23 -23.99 14.18
CA THR C 168 -43.15 -23.15 14.68
C THR C 168 -43.38 -21.67 14.36
N PHE C 169 -44.36 -21.35 13.53
CA PHE C 169 -44.67 -19.95 13.21
C PHE C 169 -46.02 -19.90 12.49
N GLU C 170 -46.82 -18.89 12.83
CA GLU C 170 -48.04 -18.59 12.10
C GLU C 170 -48.35 -17.11 12.22
N TYR C 171 -48.74 -16.50 11.11
CA TYR C 171 -48.93 -15.07 10.99
C TYR C 171 -50.23 -14.77 10.27
N VAL C 172 -50.99 -13.82 10.82
CA VAL C 172 -52.29 -13.44 10.28
C VAL C 172 -52.27 -11.96 9.91
N SER C 173 -52.81 -11.64 8.74
CA SER C 173 -52.81 -10.27 8.23
C SER C 173 -54.13 -9.96 7.55
N GLN C 174 -54.24 -8.71 7.09
CA GLN C 174 -55.40 -8.26 6.34
C GLN C 174 -55.31 -8.67 4.87
N PRO C 175 -56.45 -8.86 4.21
CA PRO C 175 -56.43 -9.16 2.78
C PRO C 175 -55.98 -7.94 1.97
N PHE C 176 -55.49 -8.22 0.76
CA PHE C 176 -55.03 -7.19 -0.15
C PHE C 176 -56.19 -6.56 -0.90
N LEU C 177 -57.23 -6.16 -0.16
CA LEU C 177 -58.41 -5.58 -0.77
C LEU C 177 -58.61 -4.15 -0.29
N LYS C 188 -60.25 -9.39 -14.64
CA LYS C 188 -60.02 -7.98 -14.96
C LYS C 188 -59.08 -7.32 -13.93
N ASN C 189 -58.45 -8.15 -13.10
CA ASN C 189 -57.50 -7.70 -12.09
C ASN C 189 -56.18 -8.43 -12.29
N LEU C 190 -55.07 -7.73 -12.11
CA LEU C 190 -53.74 -8.31 -12.21
C LEU C 190 -52.96 -8.04 -10.94
N ARG C 191 -52.34 -9.09 -10.39
CA ARG C 191 -51.47 -8.96 -9.23
C ARG C 191 -50.09 -9.49 -9.57
N GLU C 192 -49.08 -8.69 -9.29
CA GLU C 192 -47.68 -9.07 -9.46
C GLU C 192 -47.05 -9.31 -8.10
N PHE C 193 -46.33 -10.43 -7.97
CA PHE C 193 -45.61 -10.76 -6.77
C PHE C 193 -44.17 -11.10 -7.14
N VAL C 194 -43.24 -10.63 -6.33
CA VAL C 194 -41.85 -11.05 -6.43
C VAL C 194 -41.48 -11.75 -5.13
N PHE C 195 -41.04 -13.00 -5.25
CA PHE C 195 -40.66 -13.84 -4.13
C PHE C 195 -39.14 -13.99 -4.16
N LYS C 196 -38.49 -13.65 -3.05
CA LYS C 196 -37.05 -13.56 -3.02
C LYS C 196 -36.52 -14.10 -1.70
N ASN C 197 -35.28 -14.59 -1.74
CA ASN C 197 -34.58 -14.99 -0.53
C ASN C 197 -33.09 -14.86 -0.83
N ILE C 198 -32.50 -13.75 -0.38
CA ILE C 198 -31.10 -13.47 -0.65
C ILE C 198 -30.29 -13.60 0.62
N ASP C 199 -30.60 -12.78 1.62
CA ASP C 199 -29.87 -12.76 2.88
C ASP C 199 -30.50 -13.67 3.93
N GLY C 200 -31.14 -14.76 3.49
CA GLY C 200 -31.90 -15.60 4.40
C GLY C 200 -33.26 -15.04 4.76
N TYR C 201 -33.63 -13.90 4.17
CA TYR C 201 -34.87 -13.23 4.47
C TYR C 201 -35.89 -13.53 3.39
N PHE C 202 -37.07 -13.98 3.80
CA PHE C 202 -38.13 -14.34 2.86
C PHE C 202 -38.90 -13.06 2.51
N LYS C 203 -38.67 -12.55 1.31
CA LYS C 203 -39.15 -11.24 0.90
C LYS C 203 -40.24 -11.41 -0.15
N ILE C 204 -41.37 -10.74 0.06
CA ILE C 204 -42.48 -10.74 -0.87
C ILE C 204 -42.83 -9.30 -1.20
N TYR C 205 -42.81 -8.98 -2.49
CA TYR C 205 -43.06 -7.64 -2.98
C TYR C 205 -44.32 -7.68 -3.84
N SER C 206 -45.26 -6.77 -3.59
CA SER C 206 -46.58 -6.89 -4.19
C SER C 206 -46.94 -5.64 -4.98
N LYS C 207 -47.77 -5.84 -6.00
CA LYS C 207 -48.31 -4.74 -6.80
C LYS C 207 -49.64 -5.18 -7.41
N HIS C 208 -50.58 -4.24 -7.52
CA HIS C 208 -51.90 -4.48 -8.07
C HIS C 208 -52.20 -3.51 -9.21
N THR C 209 -52.89 -4.00 -10.24
CA THR C 209 -53.24 -3.19 -11.40
C THR C 209 -54.58 -3.66 -11.94
N PRO C 210 -55.38 -2.76 -12.51
CA PRO C 210 -56.61 -3.20 -13.17
C PRO C 210 -56.40 -3.58 -14.62
N ILE C 211 -57.50 -3.91 -15.31
CA ILE C 211 -57.45 -4.20 -16.74
C ILE C 211 -58.65 -3.56 -17.42
N ASP C 218 -52.05 -10.96 -25.29
CA ASP C 218 -52.72 -9.67 -25.16
C ASP C 218 -51.94 -8.73 -24.26
N LEU C 219 -50.71 -9.12 -23.93
CA LEU C 219 -49.93 -8.37 -22.97
C LEU C 219 -49.49 -7.02 -23.54
N PRO C 220 -49.44 -5.98 -22.72
CA PRO C 220 -49.17 -4.63 -23.21
C PRO C 220 -47.68 -4.31 -23.24
N GLN C 221 -47.40 -3.05 -23.61
CA GLN C 221 -46.06 -2.49 -23.61
C GLN C 221 -45.82 -1.58 -22.41
N GLY C 222 -46.62 -1.72 -21.35
CA GLY C 222 -46.61 -0.77 -20.26
C GLY C 222 -45.44 -0.90 -19.31
N PHE C 223 -45.22 0.18 -18.56
CA PHE C 223 -44.18 0.25 -17.55
C PHE C 223 -44.78 0.51 -16.18
N SER C 224 -44.36 -0.28 -15.20
CA SER C 224 -44.83 -0.12 -13.83
C SER C 224 -43.72 -0.54 -12.88
N ALA C 225 -43.71 0.04 -11.69
CA ALA C 225 -42.73 -0.26 -10.66
C ALA C 225 -43.30 -1.26 -9.66
N LEU C 226 -42.46 -1.67 -8.73
CA LEU C 226 -42.84 -2.58 -7.66
C LEU C 226 -42.40 -2.02 -6.32
N GLU C 227 -43.30 -2.04 -5.34
CA GLU C 227 -43.00 -1.59 -4.00
C GLU C 227 -42.78 -2.79 -3.09
N PRO C 228 -41.58 -2.99 -2.55
CA PRO C 228 -41.32 -4.15 -1.67
C PRO C 228 -42.11 -4.03 -0.38
N LEU C 229 -42.98 -5.00 -0.13
CA LEU C 229 -43.90 -4.90 1.01
C LEU C 229 -43.37 -5.59 2.27
N VAL C 230 -43.16 -6.90 2.23
CA VAL C 230 -42.99 -7.67 3.45
C VAL C 230 -41.69 -8.48 3.37
N ASP C 231 -41.02 -8.65 4.50
CA ASP C 231 -39.79 -9.44 4.56
C ASP C 231 -39.73 -10.16 5.90
N LEU C 232 -40.09 -11.41 5.92
CA LEU C 232 -39.93 -12.22 7.12
C LEU C 232 -38.46 -12.59 7.30
N PRO C 233 -37.99 -12.72 8.54
CA PRO C 233 -36.59 -13.10 8.80
C PRO C 233 -36.34 -14.59 8.95
N ILE C 234 -37.29 -15.44 8.58
CA ILE C 234 -37.17 -16.87 8.84
C ILE C 234 -36.04 -17.46 8.01
N GLY C 235 -35.22 -18.31 8.64
CA GLY C 235 -34.08 -18.94 8.00
C GLY C 235 -34.33 -20.32 7.43
N ILE C 236 -35.16 -20.41 6.38
CA ILE C 236 -35.44 -21.67 5.72
C ILE C 236 -34.87 -21.64 4.31
N ASN C 237 -34.21 -22.72 3.91
CA ASN C 237 -33.64 -22.87 2.57
C ASN C 237 -34.73 -23.39 1.64
N ILE C 238 -35.62 -22.49 1.21
CA ILE C 238 -36.77 -22.89 0.40
C ILE C 238 -36.34 -23.02 -1.05
N THR C 239 -36.63 -24.17 -1.66
CA THR C 239 -36.18 -24.50 -2.99
C THR C 239 -37.31 -24.80 -3.96
N ARG C 240 -38.48 -25.25 -3.49
CA ARG C 240 -39.60 -25.55 -4.37
C ARG C 240 -40.78 -24.67 -4.00
N PHE C 241 -41.39 -24.05 -5.02
CA PHE C 241 -42.49 -23.12 -4.84
C PHE C 241 -43.67 -23.53 -5.72
N GLN C 242 -44.86 -23.46 -5.16
CA GLN C 242 -46.09 -23.65 -5.93
C GLN C 242 -47.21 -22.90 -5.21
N THR C 243 -48.14 -22.40 -6.01
CA THR C 243 -49.24 -21.60 -5.47
C THR C 243 -50.43 -22.49 -5.11
N LEU C 244 -51.38 -21.89 -4.39
CA LEU C 244 -52.59 -22.58 -3.95
C LEU C 244 -53.80 -21.96 -4.64
N LEU C 245 -54.77 -22.81 -4.95
CA LEU C 245 -55.99 -22.39 -5.62
C LEU C 245 -57.20 -22.83 -4.79
N ALA C 246 -58.34 -22.18 -5.06
CA ALA C 246 -59.59 -22.51 -4.40
C ALA C 246 -60.73 -22.05 -5.30
N LEU C 247 -61.94 -22.50 -4.98
CA LEU C 247 -63.10 -22.21 -5.82
C LEU C 247 -64.33 -22.06 -4.94
N HIS C 248 -65.34 -21.40 -5.49
CA HIS C 248 -66.60 -21.16 -4.80
C HIS C 248 -67.47 -22.41 -4.85
N ARG C 249 -68.10 -22.72 -3.71
CA ARG C 249 -68.93 -23.92 -3.59
C ARG C 249 -68.16 -25.17 -3.97
N SER C 250 -66.89 -25.22 -3.56
CA SER C 250 -65.97 -26.29 -3.92
C SER C 250 -65.85 -27.27 -2.76
N TYR C 251 -65.99 -28.56 -3.05
CA TYR C 251 -65.90 -29.59 -2.04
C TYR C 251 -64.46 -30.05 -1.85
N LEU C 252 -64.11 -30.32 -0.60
CA LEU C 252 -62.79 -30.85 -0.23
C LEU C 252 -62.95 -32.32 0.14
N THR C 253 -62.17 -33.16 -0.50
CA THR C 253 -62.15 -34.60 -0.26
C THR C 253 -60.70 -35.05 -0.19
N PRO C 254 -60.44 -36.22 0.42
CA PRO C 254 -59.07 -36.75 0.38
C PRO C 254 -58.54 -36.94 -1.03
N GLY C 255 -59.39 -37.25 -1.98
CA GLY C 255 -58.99 -37.36 -3.38
C GLY C 255 -59.79 -36.41 -4.24
N ASP C 256 -59.14 -35.94 -5.31
CA ASP C 256 -59.75 -34.98 -6.22
C ASP C 256 -59.65 -35.49 -7.65
N SER C 257 -60.65 -35.16 -8.46
CA SER C 257 -60.64 -35.47 -9.87
C SER C 257 -59.90 -34.36 -10.62
N SER C 258 -59.65 -34.60 -11.91
CA SER C 258 -58.92 -33.64 -12.73
C SER C 258 -59.83 -32.61 -13.41
N SER C 259 -61.14 -32.73 -13.26
CA SER C 259 -62.05 -31.76 -13.87
C SER C 259 -61.94 -30.40 -13.21
N GLY C 260 -61.84 -30.38 -11.87
CA GLY C 260 -61.78 -29.13 -11.15
C GLY C 260 -63.16 -28.57 -10.82
N TRP C 261 -63.29 -27.24 -10.94
CA TRP C 261 -64.53 -26.55 -10.63
C TRP C 261 -64.81 -25.53 -11.73
N THR C 262 -66.10 -25.36 -12.04
CA THR C 262 -66.50 -24.44 -13.09
C THR C 262 -66.42 -23.00 -12.59
N ALA C 263 -65.76 -22.15 -13.36
CA ALA C 263 -65.60 -20.74 -13.00
C ALA C 263 -65.27 -19.95 -14.27
N GLY C 264 -65.00 -18.66 -14.09
CA GLY C 264 -64.66 -17.82 -15.22
C GLY C 264 -63.21 -17.95 -15.64
N ALA C 265 -62.89 -17.36 -16.79
CA ALA C 265 -61.56 -17.46 -17.36
C ALA C 265 -60.57 -16.62 -16.57
N ALA C 266 -59.29 -16.95 -16.72
CA ALA C 266 -58.22 -16.24 -16.03
C ALA C 266 -56.89 -16.58 -16.71
N ALA C 267 -55.80 -16.16 -16.09
CA ALA C 267 -54.46 -16.55 -16.50
C ALA C 267 -53.48 -16.30 -15.36
N TYR C 268 -52.34 -16.98 -15.41
CA TYR C 268 -51.26 -16.66 -14.50
C TYR C 268 -49.91 -17.04 -15.09
N TYR C 269 -48.93 -16.16 -14.87
CA TYR C 269 -47.61 -16.27 -15.44
C TYR C 269 -46.60 -16.58 -14.35
N VAL C 270 -45.62 -17.42 -14.68
CA VAL C 270 -44.51 -17.73 -13.79
C VAL C 270 -43.22 -17.45 -14.53
N GLY C 271 -42.31 -16.71 -13.89
CA GLY C 271 -41.01 -16.46 -14.46
C GLY C 271 -39.96 -16.48 -13.35
N TYR C 272 -38.71 -16.67 -13.78
CA TYR C 272 -37.62 -16.87 -12.84
C TYR C 272 -36.79 -15.59 -12.70
N LEU C 273 -36.26 -15.37 -11.50
CA LEU C 273 -35.45 -14.20 -11.20
C LEU C 273 -34.03 -14.64 -10.90
N GLN C 274 -33.08 -14.10 -11.65
CA GLN C 274 -31.68 -14.47 -11.59
C GLN C 274 -30.84 -13.21 -11.43
N PRO C 275 -29.62 -13.33 -10.92
CA PRO C 275 -28.81 -12.13 -10.67
C PRO C 275 -28.44 -11.42 -11.95
N ARG C 276 -28.99 -10.22 -12.13
CA ARG C 276 -28.63 -9.36 -13.24
C ARG C 276 -28.39 -7.96 -12.70
N THR C 277 -28.20 -7.01 -13.60
CA THR C 277 -27.89 -5.64 -13.23
C THR C 277 -28.70 -4.68 -14.08
N PHE C 278 -29.24 -3.65 -13.45
CA PHE C 278 -30.13 -2.69 -14.09
C PHE C 278 -29.64 -1.27 -13.90
N LEU C 279 -29.93 -0.44 -14.89
CA LEU C 279 -29.80 1.01 -14.77
C LEU C 279 -31.19 1.63 -14.74
N LEU C 280 -31.43 2.49 -13.75
CA LEU C 280 -32.70 3.14 -13.51
C LEU C 280 -32.55 4.64 -13.71
N LYS C 281 -33.60 5.27 -14.23
CA LYS C 281 -33.65 6.72 -14.36
C LYS C 281 -34.75 7.26 -13.45
N TYR C 282 -34.42 8.30 -12.68
CA TYR C 282 -35.38 8.97 -11.81
C TYR C 282 -35.52 10.42 -12.27
N ASN C 283 -36.76 10.86 -12.46
CA ASN C 283 -37.04 12.19 -12.99
C ASN C 283 -36.92 13.25 -11.89
N GLU C 284 -37.23 14.50 -12.24
CA GLU C 284 -37.10 15.60 -11.29
C GLU C 284 -38.06 15.45 -10.10
N ASN C 285 -39.19 14.78 -10.29
CA ASN C 285 -40.13 14.55 -9.21
C ASN C 285 -39.73 13.36 -8.34
N GLY C 286 -38.79 12.53 -8.79
CA GLY C 286 -38.23 11.48 -7.98
C GLY C 286 -38.86 10.11 -8.11
N THR C 287 -39.46 9.81 -9.26
CA THR C 287 -40.12 8.54 -9.46
C THR C 287 -39.45 7.74 -10.58
N ILE C 288 -39.60 6.42 -10.53
CA ILE C 288 -39.00 5.55 -11.53
C ILE C 288 -39.70 5.74 -12.87
N THR C 289 -38.92 5.93 -13.93
CA THR C 289 -39.47 6.12 -15.26
C THR C 289 -38.96 5.12 -16.29
N ASP C 290 -37.67 4.79 -16.29
CA ASP C 290 -37.11 3.91 -17.30
C ASP C 290 -36.06 3.01 -16.69
N ALA C 291 -36.17 1.71 -16.98
CA ALA C 291 -35.29 0.69 -16.45
C ALA C 291 -34.70 -0.12 -17.60
N VAL C 292 -33.39 -0.34 -17.57
CA VAL C 292 -32.70 -1.04 -18.64
C VAL C 292 -31.80 -2.12 -18.02
N ASP C 293 -31.75 -3.28 -18.66
CA ASP C 293 -30.83 -4.31 -18.27
C ASP C 293 -29.42 -3.95 -18.73
N CYS C 294 -28.42 -4.37 -17.97
CA CYS C 294 -27.05 -4.03 -18.30
C CYS C 294 -26.36 -5.11 -19.13
N ALA C 295 -27.05 -6.21 -19.44
CA ALA C 295 -26.45 -7.26 -20.25
C ALA C 295 -27.44 -7.86 -21.23
N LEU C 296 -28.64 -7.27 -21.37
CA LEU C 296 -29.62 -7.78 -22.32
C LEU C 296 -29.10 -7.71 -23.74
N ASP C 297 -28.87 -6.51 -24.24
CA ASP C 297 -28.40 -6.25 -25.59
C ASP C 297 -27.24 -5.28 -25.49
N PRO C 298 -26.37 -5.24 -26.51
CA PRO C 298 -25.22 -4.33 -26.43
C PRO C 298 -25.64 -2.88 -26.22
N LEU C 299 -26.73 -2.44 -26.85
CA LEU C 299 -27.20 -1.08 -26.59
C LEU C 299 -27.60 -0.91 -25.13
N SER C 300 -28.21 -1.93 -24.55
CA SER C 300 -28.59 -1.86 -23.15
C SER C 300 -27.37 -1.66 -22.27
N GLU C 301 -26.28 -2.38 -22.56
CA GLU C 301 -25.07 -2.23 -21.75
C GLU C 301 -24.41 -0.88 -21.97
N THR C 302 -24.45 -0.35 -23.19
CA THR C 302 -23.90 0.99 -23.40
C THR C 302 -24.68 2.02 -22.59
N LYS C 303 -26.01 1.91 -22.58
CA LYS C 303 -26.80 2.76 -21.70
C LYS C 303 -26.40 2.56 -20.25
N CYS C 304 -26.14 1.31 -19.88
CA CYS C 304 -25.73 1.00 -18.52
C CYS C 304 -24.44 1.71 -18.13
N THR C 305 -23.48 1.75 -19.05
CA THR C 305 -22.16 2.27 -18.71
C THR C 305 -22.10 3.79 -18.80
N LEU C 306 -22.58 4.37 -19.91
CA LEU C 306 -22.56 5.82 -20.00
C LEU C 306 -23.64 6.48 -19.17
N LYS C 307 -24.57 5.69 -18.61
CA LYS C 307 -25.56 6.15 -17.64
C LYS C 307 -26.41 7.29 -18.19
N SER C 308 -27.16 6.94 -19.23
CA SER C 308 -28.21 7.80 -19.77
C SER C 308 -29.09 6.94 -20.66
N PHE C 309 -30.34 7.34 -20.81
CA PHE C 309 -31.17 6.78 -21.85
C PHE C 309 -31.13 7.62 -23.11
N THR C 310 -30.57 8.82 -23.01
CA THR C 310 -30.35 9.71 -24.15
C THR C 310 -28.85 9.77 -24.35
N VAL C 311 -28.32 8.78 -25.06
CA VAL C 311 -26.89 8.63 -25.26
C VAL C 311 -26.55 9.16 -26.65
N GLU C 312 -25.53 10.02 -26.74
CA GLU C 312 -25.20 10.63 -28.01
C GLU C 312 -24.50 9.62 -28.91
N LYS C 313 -23.93 10.10 -30.01
CA LYS C 313 -23.39 9.25 -31.05
C LYS C 313 -21.87 9.13 -30.91
N GLY C 314 -21.39 7.93 -30.68
CA GLY C 314 -19.95 7.73 -30.56
C GLY C 314 -19.58 6.28 -30.32
N ILE C 315 -18.27 6.04 -30.31
CA ILE C 315 -17.69 4.72 -30.06
C ILE C 315 -17.62 4.50 -28.56
N TYR C 316 -18.21 3.41 -28.08
CA TYR C 316 -18.34 3.17 -26.65
C TYR C 316 -17.70 1.83 -26.35
N GLN C 317 -16.44 1.83 -25.93
CA GLN C 317 -15.86 0.59 -25.45
C GLN C 317 -16.52 0.27 -24.12
N THR C 318 -17.10 -0.93 -24.01
CA THR C 318 -17.80 -1.33 -22.81
C THR C 318 -16.97 -2.27 -21.95
N SER C 319 -16.58 -3.40 -22.50
CA SER C 319 -15.91 -4.44 -21.71
C SER C 319 -15.01 -5.24 -22.64
N ASN C 320 -14.56 -6.39 -22.17
CA ASN C 320 -13.71 -7.27 -22.95
C ASN C 320 -14.47 -8.55 -23.25
N PHE C 321 -13.78 -9.45 -23.95
CA PHE C 321 -14.20 -10.83 -24.06
C PHE C 321 -12.99 -11.68 -24.42
N ARG C 322 -12.87 -12.81 -23.75
CA ARG C 322 -11.93 -13.86 -24.11
C ARG C 322 -12.74 -15.12 -24.35
N VAL C 323 -12.49 -15.76 -25.50
CA VAL C 323 -13.25 -16.96 -25.84
C VAL C 323 -13.10 -17.98 -24.74
N GLN C 324 -14.20 -18.63 -24.39
CA GLN C 324 -14.18 -19.58 -23.30
C GLN C 324 -13.34 -20.79 -23.68
N PRO C 325 -12.79 -21.51 -22.71
CA PRO C 325 -12.04 -22.72 -23.03
C PRO C 325 -12.89 -23.75 -23.75
N THR C 326 -12.57 -23.99 -25.03
CA THR C 326 -13.29 -25.03 -25.77
C THR C 326 -13.02 -26.41 -25.19
N GLU C 327 -11.88 -26.60 -24.54
CA GLU C 327 -11.53 -27.90 -24.00
C GLU C 327 -10.48 -27.71 -22.92
N SER C 328 -10.37 -28.73 -22.06
CA SER C 328 -9.39 -28.74 -20.97
C SER C 328 -8.62 -30.04 -21.03
N ILE C 329 -7.29 -29.94 -21.01
CA ILE C 329 -6.41 -31.10 -21.02
C ILE C 329 -5.47 -31.02 -19.83
N VAL C 330 -5.32 -32.13 -19.12
CA VAL C 330 -4.46 -32.21 -17.94
C VAL C 330 -3.62 -33.47 -18.03
N ARG C 331 -2.30 -33.32 -17.91
CA ARG C 331 -1.38 -34.46 -17.96
C ARG C 331 -0.42 -34.37 -16.78
N PHE C 332 -0.75 -35.09 -15.72
CA PHE C 332 0.18 -35.27 -14.63
C PHE C 332 1.40 -36.05 -15.12
N PRO C 333 2.58 -35.78 -14.57
CA PRO C 333 3.80 -36.41 -15.09
C PRO C 333 3.71 -37.92 -15.05
N ASN C 334 4.05 -38.54 -16.19
CA ASN C 334 4.01 -39.99 -16.29
C ASN C 334 5.42 -40.57 -16.34
N PRO C 340 8.53 -50.30 -13.74
CA PRO C 340 7.20 -49.91 -13.25
C PRO C 340 6.35 -51.11 -12.88
N PHE C 341 5.14 -51.16 -13.44
CA PHE C 341 4.27 -52.31 -13.28
C PHE C 341 4.40 -53.31 -14.42
N ASP C 342 5.20 -52.99 -15.45
CA ASP C 342 5.40 -53.92 -16.55
C ASP C 342 6.25 -55.11 -16.12
N GLU C 343 7.37 -54.85 -15.46
CA GLU C 343 8.31 -55.88 -15.07
C GLU C 343 7.83 -56.72 -13.89
N VAL C 344 6.74 -56.33 -13.24
CA VAL C 344 6.17 -57.12 -12.16
C VAL C 344 5.17 -58.13 -12.69
N PHE C 345 4.37 -57.73 -13.68
CA PHE C 345 3.34 -58.62 -14.23
C PHE C 345 3.92 -59.58 -15.26
N ASN C 346 4.73 -59.07 -16.19
CA ASN C 346 5.23 -59.87 -17.31
C ASN C 346 6.45 -60.69 -16.95
N ALA C 347 6.69 -60.91 -15.66
CA ALA C 347 7.76 -61.81 -15.24
C ALA C 347 7.42 -63.23 -15.68
N THR C 348 8.40 -63.90 -16.29
CA THR C 348 8.16 -65.24 -16.81
C THR C 348 7.84 -66.23 -15.69
N ARG C 349 8.57 -66.16 -14.58
CA ARG C 349 8.43 -67.10 -13.48
C ARG C 349 8.24 -66.36 -12.16
N PHE C 350 7.54 -66.99 -11.23
CA PHE C 350 7.30 -66.44 -9.91
C PHE C 350 7.93 -67.35 -8.86
N ALA C 351 7.80 -66.94 -7.59
CA ALA C 351 8.36 -67.70 -6.49
C ALA C 351 7.29 -68.58 -5.84
N SER C 352 7.68 -69.27 -4.78
CA SER C 352 6.77 -70.17 -4.08
C SER C 352 5.68 -69.39 -3.35
N VAL C 353 4.53 -70.04 -3.19
CA VAL C 353 3.40 -69.38 -2.53
C VAL C 353 3.70 -69.10 -1.07
N TYR C 354 4.30 -70.05 -0.36
CA TYR C 354 4.62 -69.83 1.04
C TYR C 354 5.62 -68.69 1.18
N ALA C 355 6.67 -68.71 0.37
CA ALA C 355 7.66 -67.64 0.36
C ALA C 355 7.40 -66.70 -0.82
N TRP C 356 6.26 -66.01 -0.75
CA TRP C 356 5.93 -65.03 -1.79
C TRP C 356 6.83 -63.80 -1.64
N ASN C 357 7.46 -63.42 -2.75
CA ASN C 357 8.40 -62.30 -2.70
C ASN C 357 7.66 -60.98 -2.57
N ARG C 358 8.30 -60.03 -1.90
CA ARG C 358 7.73 -58.71 -1.67
C ARG C 358 8.65 -57.67 -2.30
N LYS C 359 8.06 -56.76 -3.08
CA LYS C 359 8.83 -55.80 -3.86
C LYS C 359 8.20 -54.42 -3.76
N ARG C 360 9.05 -53.39 -3.94
CA ARG C 360 8.62 -52.00 -3.91
C ARG C 360 8.72 -51.42 -5.31
N ILE C 361 7.71 -50.65 -5.71
CA ILE C 361 7.65 -50.00 -7.02
C ILE C 361 7.60 -48.49 -6.79
N SER C 362 8.59 -47.78 -7.33
CA SER C 362 8.65 -46.33 -7.17
C SER C 362 9.55 -45.74 -8.24
N ASN C 363 9.28 -44.48 -8.57
CA ASN C 363 10.06 -43.70 -9.54
C ASN C 363 10.14 -44.40 -10.89
N CYS C 364 8.97 -44.49 -11.53
CA CYS C 364 8.85 -45.18 -12.80
C CYS C 364 7.86 -44.42 -13.68
N VAL C 365 7.74 -44.87 -14.93
CA VAL C 365 6.74 -44.37 -15.86
C VAL C 365 5.72 -45.48 -16.10
N ALA C 366 4.45 -45.17 -15.83
CA ALA C 366 3.36 -46.12 -15.94
C ALA C 366 2.36 -45.59 -16.95
N ASP C 367 2.13 -46.36 -18.02
CA ASP C 367 1.18 -45.99 -19.07
C ASP C 367 -0.06 -46.86 -18.88
N TYR C 368 -1.14 -46.26 -18.37
CA TYR C 368 -2.36 -46.99 -18.06
C TYR C 368 -3.25 -47.22 -19.26
N SER C 369 -3.17 -46.37 -20.29
CA SER C 369 -4.06 -46.48 -21.44
C SER C 369 -3.90 -47.81 -22.16
N VAL C 370 -2.66 -48.32 -22.21
CA VAL C 370 -2.41 -49.61 -22.84
C VAL C 370 -3.05 -50.71 -21.99
N LEU C 371 -3.42 -51.80 -22.66
CA LEU C 371 -3.95 -52.98 -21.99
C LEU C 371 -2.81 -53.90 -21.57
N TYR C 372 -2.58 -54.06 -20.27
CA TYR C 372 -1.45 -54.87 -19.81
C TYR C 372 -1.52 -56.31 -20.28
N ASN C 373 -2.70 -56.92 -20.21
CA ASN C 373 -2.87 -58.31 -20.62
C ASN C 373 -4.02 -58.48 -21.61
N LEU C 374 -4.43 -57.38 -22.25
CA LEU C 374 -5.64 -57.35 -23.08
C LEU C 374 -6.87 -57.75 -22.26
N ALA C 375 -6.85 -57.37 -20.98
CA ALA C 375 -7.94 -57.51 -20.03
C ALA C 375 -8.59 -58.90 -20.03
N PRO C 376 -7.85 -59.96 -19.70
CA PRO C 376 -8.48 -61.27 -19.47
C PRO C 376 -8.80 -61.53 -18.01
N PHE C 377 -8.72 -60.52 -17.16
CA PHE C 377 -8.72 -60.67 -15.71
C PHE C 377 -10.14 -60.99 -15.27
N PHE C 378 -10.36 -62.23 -14.86
CA PHE C 378 -11.66 -62.64 -14.35
C PHE C 378 -12.05 -61.79 -13.15
N THR C 379 -11.07 -61.40 -12.34
CA THR C 379 -11.28 -60.43 -11.26
C THR C 379 -10.54 -59.14 -11.61
N PHE C 380 -11.27 -58.11 -12.00
CA PHE C 380 -10.66 -56.80 -12.28
C PHE C 380 -11.54 -55.75 -11.58
N LYS C 381 -11.19 -55.47 -10.33
CA LYS C 381 -12.01 -54.66 -9.44
C LYS C 381 -11.20 -54.37 -8.18
N CYS C 382 -11.37 -53.18 -7.64
CA CYS C 382 -10.64 -52.75 -6.46
C CYS C 382 -11.59 -52.49 -5.30
N TYR C 383 -11.06 -52.63 -4.09
CA TYR C 383 -11.83 -52.53 -2.86
C TYR C 383 -11.33 -51.32 -2.06
N GLY C 384 -12.27 -50.55 -1.53
CA GLY C 384 -11.94 -49.39 -0.73
C GLY C 384 -11.77 -48.11 -1.52
N VAL C 385 -10.83 -48.10 -2.44
CA VAL C 385 -10.53 -46.90 -3.23
C VAL C 385 -11.29 -46.97 -4.55
N SER C 386 -11.44 -45.81 -5.19
CA SER C 386 -12.09 -45.71 -6.48
C SER C 386 -11.09 -46.00 -7.60
N PRO C 387 -11.25 -47.09 -8.34
CA PRO C 387 -10.34 -47.35 -9.46
C PRO C 387 -10.36 -46.27 -10.53
N THR C 388 -11.52 -45.62 -10.73
CA THR C 388 -11.61 -44.59 -11.76
C THR C 388 -10.73 -43.40 -11.45
N LYS C 389 -10.73 -42.94 -10.20
CA LYS C 389 -9.90 -41.81 -9.80
C LYS C 389 -8.43 -42.16 -9.67
N LEU C 390 -8.11 -43.46 -9.67
CA LEU C 390 -6.72 -43.88 -9.51
C LEU C 390 -5.83 -43.32 -10.63
N ASN C 391 -6.40 -43.06 -11.81
CA ASN C 391 -5.61 -42.49 -12.89
C ASN C 391 -5.13 -41.08 -12.54
N ASP C 392 -6.03 -40.24 -12.05
CA ASP C 392 -5.67 -38.89 -11.66
C ASP C 392 -5.25 -38.81 -10.20
N LEU C 393 -5.36 -39.90 -9.45
CA LEU C 393 -4.90 -39.92 -8.07
C LEU C 393 -3.37 -39.90 -8.03
N CYS C 394 -2.85 -39.70 -6.82
CA CYS C 394 -1.41 -39.65 -6.61
C CYS C 394 -1.07 -40.29 -5.27
N PHE C 395 -0.29 -41.37 -5.31
CA PHE C 395 0.17 -42.05 -4.11
C PHE C 395 1.68 -42.28 -4.21
N THR C 396 2.31 -42.44 -3.05
CA THR C 396 3.76 -42.60 -3.00
C THR C 396 4.20 -43.95 -3.55
N ASN C 397 3.50 -45.03 -3.20
CA ASN C 397 3.98 -46.35 -3.51
C ASN C 397 2.82 -47.32 -3.68
N VAL C 398 3.03 -48.32 -4.54
CA VAL C 398 2.16 -49.48 -4.65
C VAL C 398 3.04 -50.72 -4.66
N TYR C 399 2.70 -51.72 -3.85
CA TYR C 399 3.50 -52.91 -3.68
C TYR C 399 2.77 -54.11 -4.24
N ALA C 400 3.44 -54.87 -5.12
CA ALA C 400 2.82 -56.00 -5.81
C ALA C 400 3.54 -57.28 -5.40
N ASP C 401 2.85 -58.15 -4.66
CA ASP C 401 3.41 -59.40 -4.18
C ASP C 401 2.94 -60.54 -5.07
N SER C 402 3.89 -61.23 -5.71
CA SER C 402 3.60 -62.22 -6.73
C SER C 402 3.94 -63.62 -6.25
N PHE C 403 3.12 -64.58 -6.64
CA PHE C 403 3.28 -65.99 -6.26
C PHE C 403 2.31 -66.83 -7.09
N VAL C 404 2.31 -68.13 -6.84
CA VAL C 404 1.58 -69.09 -7.67
C VAL C 404 0.73 -69.98 -6.76
N ILE C 405 -0.57 -70.09 -7.07
CA ILE C 405 -1.47 -71.04 -6.45
C ILE C 405 -2.27 -71.76 -7.53
N ARG C 406 -3.21 -72.58 -7.08
CA ARG C 406 -4.08 -73.35 -7.98
C ARG C 406 -5.35 -72.57 -8.30
N GLY C 407 -6.19 -73.16 -9.16
CA GLY C 407 -7.30 -72.42 -9.73
C GLY C 407 -8.37 -72.03 -8.72
N ASP C 408 -8.75 -72.95 -7.84
CA ASP C 408 -9.92 -72.76 -7.00
C ASP C 408 -9.63 -72.03 -5.69
N GLU C 409 -8.39 -71.61 -5.46
CA GLU C 409 -8.04 -70.85 -4.26
C GLU C 409 -7.91 -69.36 -4.52
N VAL C 410 -8.19 -68.90 -5.74
CA VAL C 410 -8.15 -67.47 -6.02
C VAL C 410 -9.32 -66.75 -5.35
N ARG C 411 -10.49 -67.40 -5.31
CA ARG C 411 -11.68 -66.78 -4.74
C ARG C 411 -11.47 -66.37 -3.28
N GLN C 412 -10.66 -67.12 -2.54
CA GLN C 412 -10.43 -66.80 -1.13
C GLN C 412 -9.59 -65.55 -0.93
N ILE C 413 -9.00 -65.00 -1.99
CA ILE C 413 -8.20 -63.80 -1.86
C ILE C 413 -9.13 -62.59 -1.87
N ALA C 414 -9.64 -62.23 -0.70
CA ALA C 414 -10.55 -61.12 -0.52
C ALA C 414 -10.64 -60.80 0.97
N PRO C 415 -11.03 -59.59 1.33
CA PRO C 415 -11.20 -59.25 2.75
C PRO C 415 -12.35 -60.04 3.37
N GLY C 416 -12.19 -60.34 4.66
CA GLY C 416 -13.20 -61.08 5.40
C GLY C 416 -13.39 -62.51 4.96
N GLN C 417 -12.30 -63.26 4.84
CA GLN C 417 -12.35 -64.66 4.44
C GLN C 417 -11.71 -65.53 5.52
N THR C 418 -12.25 -66.74 5.67
CA THR C 418 -11.81 -67.66 6.71
C THR C 418 -11.60 -69.06 6.13
N GLY C 419 -10.80 -69.84 6.83
CA GLY C 419 -10.46 -71.19 6.42
C GLY C 419 -8.99 -71.48 6.62
N ASN C 420 -8.62 -72.72 6.29
CA ASN C 420 -7.22 -73.13 6.40
C ASN C 420 -6.34 -72.38 5.40
N ILE C 421 -6.73 -72.39 4.13
CA ILE C 421 -5.88 -71.79 3.09
C ILE C 421 -5.88 -70.27 3.22
N ALA C 422 -7.03 -69.68 3.54
CA ALA C 422 -7.10 -68.23 3.66
C ALA C 422 -6.33 -67.74 4.89
N ASP C 423 -6.07 -68.62 5.85
CA ASP C 423 -5.43 -68.19 7.09
C ASP C 423 -4.12 -68.89 7.40
N TYR C 424 -3.85 -70.05 6.83
CA TYR C 424 -2.59 -70.73 7.07
C TYR C 424 -1.68 -70.79 5.85
N ASN C 425 -2.04 -70.12 4.75
CA ASN C 425 -1.16 -69.97 3.60
C ASN C 425 -0.85 -68.50 3.29
N TYR C 426 -1.88 -67.65 3.23
CA TYR C 426 -1.69 -66.23 2.96
C TYR C 426 -2.80 -65.46 3.67
N LYS C 427 -2.42 -64.61 4.62
CA LYS C 427 -3.36 -63.76 5.34
C LYS C 427 -3.15 -62.30 4.93
N LEU C 428 -4.26 -61.61 4.61
CA LEU C 428 -4.32 -60.19 4.34
C LEU C 428 -4.87 -59.44 5.54
N PRO C 429 -4.39 -58.23 5.80
CA PRO C 429 -4.90 -57.45 6.93
C PRO C 429 -6.37 -57.11 6.74
N ASP C 430 -7.08 -56.98 7.86
CA ASP C 430 -8.50 -56.69 7.81
C ASP C 430 -8.81 -55.29 7.33
N ASP C 431 -7.83 -54.40 7.29
CA ASP C 431 -8.00 -53.06 6.71
C ASP C 431 -7.46 -52.98 5.30
N PHE C 432 -7.57 -54.06 4.53
CA PHE C 432 -6.98 -54.12 3.20
C PHE C 432 -7.74 -53.21 2.25
N THR C 433 -6.99 -52.35 1.55
CA THR C 433 -7.55 -51.46 0.54
C THR C 433 -6.64 -51.47 -0.67
N GLY C 434 -7.23 -51.66 -1.85
CA GLY C 434 -6.45 -51.73 -3.07
C GLY C 434 -7.20 -52.51 -4.13
N CYS C 435 -6.45 -53.24 -4.94
CA CYS C 435 -7.01 -54.09 -5.97
C CYS C 435 -6.47 -55.50 -5.81
N VAL C 436 -7.24 -56.48 -6.28
CA VAL C 436 -6.87 -57.89 -6.27
C VAL C 436 -6.70 -58.34 -7.71
N ILE C 437 -5.53 -58.89 -8.02
CA ILE C 437 -5.13 -59.16 -9.40
C ILE C 437 -4.64 -60.59 -9.54
N ALA C 438 -5.15 -61.27 -10.57
CA ALA C 438 -4.70 -62.62 -10.92
C ALA C 438 -4.98 -62.85 -12.40
N TRP C 439 -4.25 -63.80 -12.98
CA TRP C 439 -4.44 -64.17 -14.37
C TRP C 439 -3.89 -65.57 -14.61
N ASN C 440 -4.26 -66.15 -15.75
CA ASN C 440 -3.86 -67.51 -16.05
C ASN C 440 -2.37 -67.59 -16.38
N SER C 441 -1.72 -68.65 -15.90
CA SER C 441 -0.31 -68.91 -16.17
C SER C 441 -0.08 -70.39 -16.43
N ASN C 442 -0.94 -71.00 -17.23
CA ASN C 442 -0.77 -72.42 -17.54
C ASN C 442 0.48 -72.66 -18.38
N LYS C 443 0.76 -71.80 -19.36
CA LYS C 443 1.94 -71.97 -20.20
C LYS C 443 3.22 -71.49 -19.54
N LEU C 444 3.14 -70.84 -18.38
CA LEU C 444 4.30 -70.30 -17.70
C LEU C 444 4.81 -71.19 -16.57
N ASP C 445 3.97 -72.02 -15.99
CA ASP C 445 4.35 -72.82 -14.83
C ASP C 445 4.11 -74.31 -15.05
N SER C 446 4.16 -74.76 -16.30
CA SER C 446 3.93 -76.16 -16.65
C SER C 446 5.21 -76.78 -17.20
N LYS C 447 5.61 -77.90 -16.62
CA LYS C 447 6.74 -78.69 -17.09
C LYS C 447 6.25 -79.94 -17.80
N VAL C 448 7.04 -80.41 -18.75
CA VAL C 448 6.59 -81.50 -19.63
C VAL C 448 6.37 -82.78 -18.83
N SER C 449 7.28 -83.11 -17.91
CA SER C 449 7.16 -84.32 -17.10
C SER C 449 6.69 -84.03 -15.67
N GLY C 450 6.29 -82.80 -15.38
CA GLY C 450 5.86 -82.46 -14.02
C GLY C 450 6.66 -81.31 -13.46
N ASN C 451 5.94 -80.35 -12.88
CA ASN C 451 6.56 -79.16 -12.29
C ASN C 451 6.80 -79.38 -10.80
N TYR C 452 8.00 -79.00 -10.35
CA TYR C 452 8.30 -78.99 -8.92
C TYR C 452 8.98 -77.71 -8.48
N ASN C 453 9.11 -76.72 -9.38
CA ASN C 453 9.67 -75.43 -8.98
C ASN C 453 8.79 -74.71 -7.97
N TYR C 454 7.52 -75.07 -7.88
CA TYR C 454 6.60 -74.50 -6.90
C TYR C 454 6.25 -75.58 -5.88
N LEU C 455 6.28 -75.20 -4.61
CA LEU C 455 5.89 -76.08 -3.51
C LEU C 455 5.02 -75.31 -2.54
N TYR C 456 4.19 -76.04 -1.81
CA TYR C 456 3.33 -75.44 -0.79
C TYR C 456 3.19 -76.41 0.37
N ARG C 457 3.27 -75.86 1.58
CA ARG C 457 3.17 -76.66 2.80
C ARG C 457 2.52 -75.85 3.91
N LEU C 464 -2.28 -63.90 11.78
CA LEU C 464 -1.01 -63.30 12.16
C LEU C 464 -1.09 -61.77 12.12
N LYS C 465 -0.02 -61.12 12.55
CA LYS C 465 0.06 -59.68 12.48
C LYS C 465 0.05 -59.24 11.00
N PRO C 466 -0.56 -58.09 10.70
CA PRO C 466 -0.72 -57.69 9.31
C PRO C 466 0.62 -57.54 8.59
N PHE C 467 0.62 -57.94 7.31
CA PHE C 467 1.77 -57.80 6.42
C PHE C 467 3.03 -58.47 6.98
N GLU C 468 2.87 -59.60 7.66
CA GLU C 468 4.01 -60.34 8.17
C GLU C 468 4.27 -61.58 7.32
N ARG C 469 5.51 -61.71 6.86
CA ARG C 469 5.94 -62.83 6.03
C ARG C 469 6.59 -63.88 6.91
N ASP C 470 6.05 -65.10 6.86
CA ASP C 470 6.55 -66.19 7.69
C ASP C 470 6.79 -67.40 6.80
N ILE C 471 7.99 -67.96 6.87
CA ILE C 471 8.35 -69.18 6.16
C ILE C 471 8.86 -70.25 7.12
N SER C 472 8.93 -69.94 8.41
CA SER C 472 9.42 -70.88 9.40
C SER C 472 8.39 -71.97 9.67
N THR C 473 8.88 -73.17 9.97
CA THR C 473 8.04 -74.35 10.14
C THR C 473 7.75 -74.67 11.60
N GLU C 474 8.13 -73.79 12.52
CA GLU C 474 7.87 -74.01 13.94
C GLU C 474 6.84 -73.02 14.49
N LEU C 495 6.08 -79.64 0.83
CA LEU C 495 6.77 -80.89 0.52
C LEU C 495 5.89 -81.82 -0.32
N ARG C 496 5.19 -81.23 -1.29
CA ARG C 496 4.35 -81.98 -2.22
C ARG C 496 4.61 -81.47 -3.62
N SER C 497 4.36 -82.33 -4.61
CA SER C 497 4.68 -82.05 -6.01
C SER C 497 3.42 -81.68 -6.77
N TYR C 498 3.46 -80.55 -7.48
CA TYR C 498 2.35 -80.16 -8.33
C TYR C 498 2.20 -81.11 -9.50
N SER C 499 0.96 -81.48 -9.80
CA SER C 499 0.65 -82.36 -10.92
C SER C 499 0.04 -81.51 -12.03
N PHE C 500 0.79 -81.33 -13.12
CA PHE C 500 0.40 -80.46 -14.22
C PHE C 500 0.34 -81.28 -15.50
N ARG C 501 -0.83 -81.86 -15.78
CA ARG C 501 -1.09 -82.48 -17.08
C ARG C 501 -2.09 -81.63 -17.86
N PRO C 502 -1.97 -81.57 -19.18
CA PRO C 502 -2.92 -80.76 -19.97
C PRO C 502 -4.35 -81.26 -19.89
N THR C 503 -4.58 -82.53 -19.52
CA THR C 503 -5.90 -83.11 -19.52
C THR C 503 -6.58 -83.09 -18.15
N TYR C 504 -5.95 -82.49 -17.14
CA TYR C 504 -6.56 -82.42 -15.81
C TYR C 504 -7.48 -81.20 -15.72
N GLY C 505 -8.11 -81.05 -14.55
CA GLY C 505 -9.04 -79.97 -14.36
C GLY C 505 -8.36 -78.61 -14.29
N VAL C 506 -9.18 -77.56 -14.45
CA VAL C 506 -8.65 -76.20 -14.44
C VAL C 506 -8.23 -75.79 -13.03
N GLY C 507 -8.80 -76.43 -12.01
CA GLY C 507 -8.44 -76.08 -10.65
C GLY C 507 -6.99 -76.40 -10.31
N HIS C 508 -6.50 -77.57 -10.73
CA HIS C 508 -5.13 -77.97 -10.46
C HIS C 508 -4.13 -77.16 -11.26
N GLN C 509 -4.56 -76.50 -12.34
CA GLN C 509 -3.65 -75.68 -13.12
C GLN C 509 -3.17 -74.49 -12.29
N PRO C 510 -1.90 -74.11 -12.42
CA PRO C 510 -1.39 -73.02 -11.60
C PRO C 510 -2.06 -71.70 -11.92
N TYR C 511 -2.19 -70.86 -10.91
CA TYR C 511 -2.73 -69.52 -11.05
C TYR C 511 -1.86 -68.55 -10.28
N ARG C 512 -1.47 -67.47 -10.92
CA ARG C 512 -0.59 -66.47 -10.31
C ARG C 512 -1.43 -65.36 -9.68
N VAL C 513 -1.14 -65.06 -8.42
CA VAL C 513 -1.90 -64.10 -7.64
C VAL C 513 -0.98 -62.97 -7.21
N VAL C 514 -1.42 -61.73 -7.44
CA VAL C 514 -0.65 -60.53 -7.11
C VAL C 514 -1.49 -59.68 -6.16
N VAL C 515 -0.85 -59.17 -5.10
CA VAL C 515 -1.51 -58.40 -4.05
C VAL C 515 -1.02 -56.96 -4.11
N LEU C 516 -1.94 -56.01 -4.14
CA LEU C 516 -1.62 -54.59 -4.15
C LEU C 516 -2.12 -53.96 -2.86
N SER C 517 -1.22 -53.29 -2.14
CA SER C 517 -1.57 -52.55 -0.92
C SER C 517 -1.27 -51.07 -1.14
N PHE C 518 -2.25 -50.21 -0.86
CA PHE C 518 -2.12 -48.78 -1.07
C PHE C 518 -1.68 -48.10 0.22
N GLU C 519 -0.62 -47.31 0.12
CA GLU C 519 -0.04 -46.61 1.26
C GLU C 519 -0.11 -45.11 1.03
N LEU C 520 -0.60 -44.39 2.04
CA LEU C 520 -0.68 -42.93 2.02
C LEU C 520 0.16 -42.41 3.18
N LEU C 521 1.19 -41.64 2.88
CA LEU C 521 2.08 -41.09 3.88
C LEU C 521 2.38 -39.62 3.57
N HIS C 522 3.35 -39.07 4.30
CA HIS C 522 3.73 -37.67 4.18
C HIS C 522 4.76 -37.42 3.07
N ALA C 523 4.97 -38.39 2.19
CA ALA C 523 5.92 -38.16 1.12
C ALA C 523 5.20 -37.75 -0.16
N PRO C 524 5.83 -36.96 -1.02
CA PRO C 524 5.20 -36.63 -2.31
C PRO C 524 4.96 -37.88 -3.13
N ALA C 525 3.84 -37.89 -3.84
CA ALA C 525 3.50 -39.03 -4.68
C ALA C 525 4.33 -39.02 -5.95
N THR C 526 4.75 -40.21 -6.38
CA THR C 526 5.66 -40.35 -7.51
C THR C 526 4.96 -40.67 -8.82
N VAL C 527 3.97 -41.56 -8.81
CA VAL C 527 3.32 -42.03 -10.02
C VAL C 527 1.93 -41.39 -10.08
N CYS C 528 1.67 -40.63 -11.15
CA CYS C 528 0.36 -40.04 -11.40
C CYS C 528 0.08 -40.09 -12.89
N GLY C 529 -1.13 -40.51 -13.24
CA GLY C 529 -1.48 -40.73 -14.62
C GLY C 529 -2.11 -39.52 -15.25
N PRO C 530 -1.84 -39.31 -16.55
CA PRO C 530 -2.37 -38.18 -17.33
C PRO C 530 -3.89 -38.19 -17.40
N ASN C 535 -3.79 -35.81 -26.98
CA ASN C 535 -4.95 -35.03 -27.38
C ASN C 535 -4.50 -33.70 -27.96
N LEU C 536 -4.11 -33.73 -29.23
CA LEU C 536 -3.69 -32.54 -29.93
C LEU C 536 -4.86 -31.57 -30.07
N VAL C 537 -4.55 -30.28 -29.93
CA VAL C 537 -5.51 -29.21 -30.18
C VAL C 537 -4.86 -28.24 -31.16
N LYS C 538 -5.60 -27.87 -32.20
CA LYS C 538 -5.09 -26.97 -33.21
C LYS C 538 -6.06 -25.83 -33.47
N ASN C 539 -5.54 -24.61 -33.43
CA ASN C 539 -6.26 -23.42 -33.89
C ASN C 539 -7.59 -23.22 -33.15
N LYS C 540 -7.58 -23.51 -31.85
CA LYS C 540 -8.73 -23.23 -31.01
C LYS C 540 -8.31 -23.18 -29.56
N CYS C 541 -8.93 -22.26 -28.81
CA CYS C 541 -8.52 -21.97 -27.43
C CYS C 541 -8.86 -23.13 -26.53
N VAL C 542 -7.85 -23.63 -25.80
CA VAL C 542 -8.04 -24.63 -24.78
C VAL C 542 -7.17 -24.31 -23.57
N ASN C 543 -7.49 -24.96 -22.47
CA ASN C 543 -6.66 -24.95 -21.27
C ASN C 543 -5.73 -26.16 -21.33
N PHE C 544 -4.44 -25.92 -21.09
CA PHE C 544 -3.46 -27.00 -21.15
C PHE C 544 -2.69 -27.10 -19.85
N ASN C 545 -2.57 -28.34 -19.36
CA ASN C 545 -1.65 -28.75 -18.30
C ASN C 545 -0.70 -29.73 -18.95
N PHE C 546 0.36 -29.18 -19.55
CA PHE C 546 1.44 -29.96 -20.14
C PHE C 546 2.49 -30.24 -19.08
N ASN C 547 2.46 -31.45 -18.54
CA ASN C 547 3.48 -31.93 -17.61
C ASN C 547 3.63 -30.99 -16.41
N GLY C 548 2.52 -30.46 -15.91
CA GLY C 548 2.52 -29.54 -14.81
C GLY C 548 2.36 -28.09 -15.20
N LEU C 549 2.62 -27.75 -16.46
CA LEU C 549 2.50 -26.35 -16.92
C LEU C 549 1.06 -26.05 -17.25
N LYS C 550 0.49 -25.06 -16.57
CA LYS C 550 -0.88 -24.65 -16.79
C LYS C 550 -0.91 -23.34 -17.58
N GLY C 551 -1.76 -23.31 -18.60
CA GLY C 551 -1.87 -22.11 -19.41
C GLY C 551 -3.07 -22.22 -20.33
N THR C 552 -3.28 -21.16 -21.11
CA THR C 552 -4.43 -21.07 -22.00
C THR C 552 -3.99 -20.62 -23.38
N GLY C 553 -4.77 -21.01 -24.38
CA GLY C 553 -4.61 -20.42 -25.69
C GLY C 553 -4.85 -21.42 -26.80
N VAL C 554 -4.57 -20.96 -28.02
CA VAL C 554 -4.61 -21.78 -29.20
C VAL C 554 -3.23 -22.37 -29.43
N LEU C 555 -3.18 -23.49 -30.14
CA LEU C 555 -1.94 -24.23 -30.35
C LEU C 555 -1.69 -24.39 -31.84
N THR C 556 -0.44 -24.17 -32.24
CA THR C 556 -0.05 -24.13 -33.65
C THR C 556 1.16 -25.04 -33.87
N GLU C 557 1.35 -25.44 -35.12
CA GLU C 557 2.56 -26.19 -35.47
C GLU C 557 3.79 -25.33 -35.24
N SER C 558 4.85 -25.96 -34.74
CA SER C 558 6.07 -25.24 -34.39
C SER C 558 6.91 -24.98 -35.63
N ASN C 559 7.36 -23.74 -35.79
CA ASN C 559 8.19 -23.35 -36.92
C ASN C 559 9.65 -23.17 -36.56
N LYS C 560 10.00 -23.28 -35.27
CA LYS C 560 11.36 -23.10 -34.80
C LYS C 560 11.89 -24.40 -34.21
N LYS C 561 13.21 -24.54 -34.21
CA LYS C 561 13.87 -25.78 -33.81
C LYS C 561 14.33 -25.66 -32.36
N PHE C 562 13.91 -26.63 -31.54
CA PHE C 562 14.19 -26.65 -30.12
C PHE C 562 14.93 -27.94 -29.76
N LEU C 563 15.95 -27.81 -28.92
CA LEU C 563 16.79 -28.96 -28.62
C LEU C 563 16.00 -30.01 -27.84
N PRO C 564 16.07 -31.28 -28.24
CA PRO C 564 15.17 -32.29 -27.68
C PRO C 564 15.31 -32.52 -26.18
N PHE C 565 16.50 -32.33 -25.62
CA PHE C 565 16.73 -32.58 -24.20
C PHE C 565 16.08 -31.55 -23.31
N GLN C 566 15.21 -30.70 -23.85
CA GLN C 566 14.58 -29.63 -23.10
C GLN C 566 13.09 -29.88 -22.99
N GLN C 567 12.46 -29.18 -22.04
CA GLN C 567 11.06 -29.42 -21.69
C GLN C 567 10.14 -28.30 -22.11
N PHE C 568 10.48 -27.04 -21.84
CA PHE C 568 9.57 -25.93 -22.07
C PHE C 568 10.30 -24.78 -22.75
N GLY C 569 9.54 -23.94 -23.44
CA GLY C 569 10.08 -22.79 -24.14
C GLY C 569 9.36 -21.52 -23.73
N ARG C 570 10.15 -20.51 -23.37
CA ARG C 570 9.63 -19.24 -22.89
C ARG C 570 10.02 -18.14 -23.87
N ASP C 571 9.05 -17.30 -24.23
CA ASP C 571 9.29 -16.22 -25.16
C ASP C 571 9.67 -14.95 -24.40
N ILE C 572 9.61 -13.81 -25.10
CA ILE C 572 10.02 -12.54 -24.51
C ILE C 572 9.17 -12.25 -23.28
N ALA C 573 9.86 -11.91 -22.18
CA ALA C 573 9.22 -11.42 -20.95
C ALA C 573 8.29 -12.48 -20.36
N ASP C 574 8.86 -13.64 -20.05
CA ASP C 574 8.17 -14.69 -19.30
C ASP C 574 6.84 -15.08 -19.96
N THR C 575 6.85 -15.15 -21.29
CA THR C 575 5.68 -15.59 -22.04
C THR C 575 5.96 -16.99 -22.60
N THR C 576 5.05 -17.93 -22.32
CA THR C 576 5.19 -19.27 -22.85
C THR C 576 5.08 -19.23 -24.37
N ASP C 577 6.01 -19.89 -25.06
CA ASP C 577 6.01 -19.88 -26.51
C ASP C 577 5.78 -21.25 -27.13
N ALA C 578 6.43 -22.29 -26.59
CA ALA C 578 6.31 -23.62 -27.16
C ALA C 578 6.18 -24.63 -26.03
N VAL C 579 5.86 -25.86 -26.41
CA VAL C 579 5.70 -26.96 -25.46
C VAL C 579 5.71 -28.26 -26.23
N ARG C 580 5.96 -29.37 -25.52
CA ARG C 580 5.82 -30.68 -26.13
C ARG C 580 5.70 -31.76 -25.06
N ASP C 581 4.95 -32.81 -25.37
CA ASP C 581 4.80 -33.99 -24.54
C ASP C 581 5.46 -35.20 -25.18
N PRO C 582 5.70 -36.27 -24.41
CA PRO C 582 6.44 -37.42 -24.97
C PRO C 582 5.62 -38.26 -25.93
N GLN C 583 4.49 -37.72 -26.41
CA GLN C 583 3.67 -38.46 -27.36
C GLN C 583 4.47 -38.81 -28.62
N THR C 584 4.88 -37.79 -29.37
CA THR C 584 5.70 -38.00 -30.55
C THR C 584 6.79 -36.93 -30.65
N LEU C 585 6.80 -35.95 -29.75
CA LEU C 585 7.75 -34.85 -29.71
C LEU C 585 7.63 -33.91 -30.90
N GLU C 586 6.48 -33.89 -31.57
CA GLU C 586 6.20 -32.86 -32.57
C GLU C 586 5.89 -31.57 -31.83
N ILE C 587 6.92 -30.77 -31.59
CA ILE C 587 6.87 -29.57 -30.78
C ILE C 587 5.74 -28.64 -31.23
N LEU C 588 5.24 -27.84 -30.30
CA LEU C 588 3.99 -27.11 -30.50
C LEU C 588 4.18 -25.68 -30.03
N ASP C 589 3.46 -24.74 -30.64
CA ASP C 589 3.48 -23.34 -30.24
C ASP C 589 2.17 -22.98 -29.55
N ILE C 590 2.26 -22.08 -28.58
CA ILE C 590 1.11 -21.59 -27.83
C ILE C 590 0.94 -20.11 -28.10
N THR C 591 -0.29 -19.71 -28.37
CA THR C 591 -0.64 -18.31 -28.56
C THR C 591 -1.81 -18.01 -27.62
N PRO C 592 -1.78 -16.91 -26.87
CA PRO C 592 -2.93 -16.59 -26.01
C PRO C 592 -4.17 -16.42 -26.86
N CYS C 593 -5.15 -17.32 -26.64
CA CYS C 593 -6.26 -17.44 -27.57
C CYS C 593 -7.00 -16.11 -27.71
N SER C 594 -7.47 -15.86 -28.92
CA SER C 594 -7.93 -14.54 -29.34
C SER C 594 -8.85 -13.92 -28.31
N PHE C 595 -8.40 -12.80 -27.74
CA PHE C 595 -9.15 -12.06 -26.74
C PHE C 595 -9.00 -10.58 -27.03
N GLY C 596 -10.05 -9.81 -26.73
CA GLY C 596 -9.97 -8.39 -27.03
C GLY C 596 -11.17 -7.66 -26.50
N GLY C 597 -11.11 -6.33 -26.61
CA GLY C 597 -12.18 -5.50 -26.14
C GLY C 597 -13.37 -5.52 -27.08
N VAL C 598 -14.45 -4.88 -26.63
CA VAL C 598 -15.64 -4.71 -27.45
C VAL C 598 -16.00 -3.23 -27.47
N SER C 599 -16.24 -2.71 -28.66
CA SER C 599 -16.78 -1.38 -28.87
C SER C 599 -18.20 -1.53 -29.41
N VAL C 600 -18.97 -0.45 -29.35
CA VAL C 600 -20.35 -0.49 -29.81
C VAL C 600 -20.56 0.64 -30.81
N ILE C 601 -21.15 0.30 -31.94
CA ILE C 601 -21.53 1.27 -32.96
C ILE C 601 -23.01 1.57 -32.72
N THR C 602 -23.31 2.76 -32.21
CA THR C 602 -24.68 3.20 -32.01
C THR C 602 -24.71 4.70 -32.21
N PRO C 603 -25.58 5.20 -33.10
CA PRO C 603 -25.57 6.63 -33.45
C PRO C 603 -26.48 7.52 -32.60
N GLY C 604 -26.98 7.04 -31.47
CA GLY C 604 -27.80 7.87 -30.60
C GLY C 604 -29.23 7.39 -30.49
N THR C 605 -29.76 7.36 -29.28
CA THR C 605 -31.12 6.84 -29.06
C THR C 605 -32.13 7.66 -29.85
N ASN C 606 -31.91 8.96 -29.99
CA ASN C 606 -32.83 9.79 -30.75
C ASN C 606 -32.92 9.35 -32.20
N THR C 607 -31.78 9.05 -32.82
CA THR C 607 -31.80 8.62 -34.22
C THR C 607 -32.39 7.22 -34.37
N SER C 608 -31.95 6.27 -33.57
CA SER C 608 -32.40 4.89 -33.70
C SER C 608 -31.97 4.11 -32.47
N ASN C 609 -32.12 2.79 -32.53
CA ASN C 609 -31.69 1.89 -31.48
C ASN C 609 -30.92 0.69 -31.98
N GLN C 610 -30.62 0.62 -33.28
CA GLN C 610 -29.81 -0.47 -33.80
C GLN C 610 -28.41 -0.38 -33.22
N VAL C 611 -27.93 -1.50 -32.66
CA VAL C 611 -26.62 -1.55 -32.02
C VAL C 611 -25.76 -2.57 -32.74
N ALA C 612 -24.57 -2.14 -33.14
CA ALA C 612 -23.58 -3.01 -33.76
C ALA C 612 -22.41 -3.20 -32.80
N VAL C 613 -21.69 -4.29 -32.98
CA VAL C 613 -20.61 -4.66 -32.06
C VAL C 613 -19.31 -4.74 -32.82
N LEU C 614 -18.22 -4.33 -32.18
CA LEU C 614 -16.86 -4.43 -32.70
C LEU C 614 -16.00 -5.20 -31.71
N TYR C 615 -15.28 -6.19 -32.18
CA TYR C 615 -14.28 -6.88 -31.40
C TYR C 615 -12.91 -6.54 -31.98
N GLN C 616 -11.96 -6.17 -31.11
CA GLN C 616 -10.67 -5.67 -31.58
C GLN C 616 -9.58 -6.74 -31.63
N GLY C 617 -9.26 -7.36 -30.49
CA GLY C 617 -8.12 -8.25 -30.43
C GLY C 617 -8.41 -9.66 -30.88
N VAL C 618 -9.32 -9.83 -31.85
CA VAL C 618 -9.70 -11.15 -32.35
C VAL C 618 -9.96 -11.04 -33.84
N ASN C 619 -10.32 -12.18 -34.42
CA ASN C 619 -10.71 -12.30 -35.82
C ASN C 619 -12.16 -12.77 -35.90
N CYS C 620 -12.75 -12.65 -37.10
CA CYS C 620 -14.08 -13.18 -37.29
C CYS C 620 -14.10 -14.70 -37.30
N THR C 621 -12.95 -15.35 -37.51
CA THR C 621 -12.93 -16.81 -37.56
C THR C 621 -13.25 -17.42 -36.21
N GLU C 622 -12.91 -16.74 -35.12
CA GLU C 622 -13.15 -17.30 -33.79
C GLU C 622 -14.05 -16.36 -33.00
N VAL C 623 -15.11 -15.86 -33.63
CA VAL C 623 -16.04 -14.96 -32.97
C VAL C 623 -16.94 -15.75 -32.04
N ASN C 644 -25.34 -10.38 -39.53
CA ASN C 644 -24.29 -10.48 -40.53
C ASN C 644 -22.95 -10.16 -39.89
N VAL C 645 -21.86 -10.57 -40.53
CA VAL C 645 -20.51 -10.45 -39.97
C VAL C 645 -19.55 -9.95 -41.04
N PHE C 646 -18.73 -8.96 -40.68
CA PHE C 646 -17.69 -8.41 -41.52
C PHE C 646 -16.37 -8.48 -40.78
N GLN C 647 -15.28 -8.72 -41.51
CA GLN C 647 -13.96 -8.80 -40.89
C GLN C 647 -13.20 -7.51 -41.16
N THR C 648 -12.96 -6.72 -40.11
CA THR C 648 -12.34 -5.42 -40.20
C THR C 648 -10.83 -5.53 -40.03
N ARG C 649 -10.11 -4.57 -40.60
CA ARG C 649 -8.67 -4.54 -40.45
C ARG C 649 -8.23 -4.34 -39.02
N ALA C 650 -9.15 -3.92 -38.13
CA ALA C 650 -8.89 -3.83 -36.70
C ALA C 650 -9.50 -4.97 -35.91
N GLY C 651 -10.36 -5.79 -36.52
CA GLY C 651 -10.96 -6.88 -35.78
C GLY C 651 -12.13 -7.54 -36.48
N CYS C 652 -13.22 -7.75 -35.78
CA CYS C 652 -14.40 -8.40 -36.34
C CYS C 652 -15.64 -7.57 -35.97
N LEU C 653 -16.53 -7.37 -36.93
CA LEU C 653 -17.67 -6.47 -36.80
C LEU C 653 -18.95 -7.27 -36.99
N ILE C 654 -19.90 -7.07 -36.07
CA ILE C 654 -21.21 -7.71 -36.13
C ILE C 654 -22.26 -6.60 -36.21
N GLY C 655 -23.23 -6.78 -37.08
CA GLY C 655 -24.22 -5.74 -37.25
C GLY C 655 -23.74 -4.56 -38.05
N ALA C 656 -22.71 -4.73 -38.86
CA ALA C 656 -22.29 -3.71 -39.80
C ALA C 656 -21.79 -4.39 -41.07
N GLU C 657 -22.10 -3.77 -42.20
CA GLU C 657 -21.74 -4.30 -43.51
C GLU C 657 -20.87 -3.29 -44.23
N TYR C 658 -19.68 -3.73 -44.62
CA TYR C 658 -18.76 -2.84 -45.32
C TYR C 658 -19.34 -2.42 -46.65
N VAL C 659 -19.08 -1.18 -47.04
CA VAL C 659 -19.50 -0.65 -48.33
C VAL C 659 -18.27 -0.09 -49.03
N ASN C 660 -18.19 -0.32 -50.34
CA ASN C 660 -17.02 0.12 -51.10
C ASN C 660 -16.87 1.63 -51.05
N ASN C 661 -17.97 2.36 -51.23
CA ASN C 661 -17.90 3.81 -51.23
C ASN C 661 -17.56 4.32 -49.84
N SER C 662 -16.93 5.48 -49.79
CA SER C 662 -16.53 6.11 -48.54
C SER C 662 -16.83 7.60 -48.59
N TYR C 663 -17.09 8.17 -47.41
CA TYR C 663 -17.38 9.59 -47.28
C TYR C 663 -16.76 10.05 -45.96
N GLU C 664 -17.15 11.23 -45.50
CA GLU C 664 -16.66 11.72 -44.22
C GLU C 664 -17.10 10.82 -43.08
N CYS C 665 -16.37 10.90 -41.97
CA CYS C 665 -16.51 9.99 -40.83
C CYS C 665 -17.01 10.71 -39.59
N ASP C 666 -17.77 10.00 -38.77
CA ASP C 666 -18.15 10.51 -37.46
C ASP C 666 -17.86 9.49 -36.38
N ILE C 667 -18.07 8.21 -36.66
CA ILE C 667 -17.86 7.14 -35.70
C ILE C 667 -16.75 6.24 -36.22
N PRO C 668 -15.56 6.32 -35.64
CA PRO C 668 -14.45 5.50 -36.12
C PRO C 668 -14.38 4.12 -35.48
N ILE C 669 -14.59 3.06 -36.27
CA ILE C 669 -14.42 1.70 -35.75
C ILE C 669 -12.96 1.37 -35.53
N GLY C 670 -12.10 1.76 -36.47
CA GLY C 670 -10.68 1.53 -36.30
C GLY C 670 -9.97 1.01 -37.53
N ALA C 671 -8.64 1.12 -37.53
CA ALA C 671 -7.81 0.70 -38.66
C ALA C 671 -8.27 1.34 -39.97
N GLY C 672 -8.78 2.57 -39.90
CA GLY C 672 -9.31 3.22 -41.08
C GLY C 672 -10.72 2.86 -41.44
N ILE C 673 -11.53 2.43 -40.47
CA ILE C 673 -12.89 2.00 -40.71
C ILE C 673 -13.81 2.86 -39.87
N CYS C 674 -14.77 3.51 -40.52
CA CYS C 674 -15.73 4.40 -39.89
C CYS C 674 -17.14 3.96 -40.21
N ALA C 675 -18.09 4.58 -39.51
CA ALA C 675 -19.47 4.14 -39.54
C ALA C 675 -20.36 5.19 -40.20
N SER C 676 -21.57 4.75 -40.53
CA SER C 676 -22.61 5.64 -41.02
C SER C 676 -23.94 4.91 -40.85
N TYR C 677 -25.03 5.67 -40.97
CA TYR C 677 -26.36 5.08 -40.95
C TYR C 677 -26.90 5.03 -42.38
N GLN C 678 -27.50 3.90 -42.73
CA GLN C 678 -27.96 3.73 -44.11
C GLN C 678 -29.04 4.74 -44.46
N THR C 679 -29.97 4.98 -43.54
CA THR C 679 -31.10 5.89 -43.75
C THR C 679 -31.89 5.50 -44.99
N GLN C 693 -31.83 2.00 -43.69
CA GLN C 693 -31.65 2.47 -42.32
C GLN C 693 -31.00 1.42 -41.44
N SER C 694 -29.67 1.38 -41.46
CA SER C 694 -28.92 0.41 -40.68
C SER C 694 -27.53 0.98 -40.44
N ILE C 695 -26.66 0.17 -39.83
CA ILE C 695 -25.31 0.57 -39.46
C ILE C 695 -24.35 0.03 -40.49
N ILE C 696 -23.83 0.90 -41.36
CA ILE C 696 -22.87 0.52 -42.38
C ILE C 696 -21.49 0.92 -41.89
N ALA C 697 -20.49 0.11 -42.23
CA ALA C 697 -19.10 0.50 -42.05
C ALA C 697 -18.48 0.74 -43.43
N TYR C 698 -17.46 1.57 -43.46
CA TYR C 698 -16.77 1.86 -44.71
C TYR C 698 -15.36 2.30 -44.40
N THR C 699 -14.53 2.32 -45.44
CA THR C 699 -13.16 2.79 -45.30
C THR C 699 -13.17 4.24 -44.84
N MET C 700 -12.33 4.56 -43.87
CA MET C 700 -12.17 5.94 -43.47
C MET C 700 -11.59 6.76 -44.62
N SER C 701 -12.42 7.56 -45.27
CA SER C 701 -11.94 8.42 -46.35
C SER C 701 -11.33 9.65 -45.72
N LEU C 702 -10.07 9.86 -45.96
CA LEU C 702 -9.40 10.96 -45.32
C LEU C 702 -9.80 12.29 -45.89
N GLY C 703 -10.83 12.30 -46.72
CA GLY C 703 -11.43 13.48 -47.29
C GLY C 703 -11.50 13.40 -48.80
N ALA C 704 -11.60 14.57 -49.42
CA ALA C 704 -11.55 14.64 -50.87
C ALA C 704 -10.15 14.32 -51.38
N GLU C 705 -10.08 13.97 -52.65
CA GLU C 705 -8.81 13.62 -53.29
C GLU C 705 -8.63 14.59 -54.46
N ASN C 706 -7.88 15.67 -54.24
CA ASN C 706 -7.76 16.74 -55.20
C ASN C 706 -6.38 16.69 -55.85
N SER C 707 -6.35 16.49 -57.15
CA SER C 707 -5.11 16.53 -57.91
C SER C 707 -4.77 17.99 -58.18
N VAL C 708 -3.99 18.59 -57.29
CA VAL C 708 -3.70 20.01 -57.39
C VAL C 708 -2.82 20.26 -58.60
N ALA C 709 -3.16 21.29 -59.38
CA ALA C 709 -2.56 21.54 -60.69
C ALA C 709 -1.22 22.23 -60.54
N TYR C 710 -0.16 21.43 -60.43
CA TYR C 710 1.18 21.97 -60.61
C TYR C 710 1.35 22.51 -62.01
N SER C 711 2.11 23.60 -62.13
CA SER C 711 2.53 24.07 -63.44
C SER C 711 3.69 25.03 -63.28
N ASN C 712 4.66 24.93 -64.18
CA ASN C 712 5.80 25.83 -64.20
C ASN C 712 5.43 27.22 -64.68
N ASN C 713 4.32 27.36 -65.43
CA ASN C 713 3.94 28.64 -66.00
C ASN C 713 2.47 28.96 -65.77
N SER C 714 1.84 28.34 -64.78
CA SER C 714 0.51 28.71 -64.34
C SER C 714 0.58 29.18 -62.89
N ILE C 715 0.08 30.39 -62.64
CA ILE C 715 0.15 31.03 -61.35
C ILE C 715 -1.26 31.42 -60.95
N ALA C 716 -1.69 30.94 -59.78
CA ALA C 716 -3.02 31.22 -59.27
C ALA C 716 -2.93 32.34 -58.23
N ILE C 717 -3.78 33.35 -58.39
CA ILE C 717 -3.78 34.51 -57.49
C ILE C 717 -5.23 34.86 -57.19
N PRO C 718 -5.59 35.17 -55.93
CA PRO C 718 -7.00 35.38 -55.60
C PRO C 718 -7.50 36.76 -56.00
N THR C 719 -8.66 36.77 -56.63
CA THR C 719 -9.33 38.00 -57.05
C THR C 719 -10.18 38.61 -55.96
N ASN C 720 -10.33 37.93 -54.83
CA ASN C 720 -11.19 38.36 -53.74
C ASN C 720 -10.60 37.85 -52.45
N PHE C 721 -11.32 38.07 -51.36
CA PHE C 721 -10.95 37.44 -50.09
C PHE C 721 -12.17 37.30 -49.21
N THR C 722 -12.42 36.08 -48.78
CA THR C 722 -13.52 35.75 -47.89
C THR C 722 -12.99 35.72 -46.47
N ILE C 723 -13.68 36.40 -45.57
CA ILE C 723 -13.33 36.37 -44.17
C ILE C 723 -14.41 35.58 -43.44
N SER C 724 -14.04 34.96 -42.33
CA SER C 724 -15.03 34.41 -41.43
C SER C 724 -14.44 34.38 -40.03
N VAL C 725 -15.14 33.77 -39.09
CA VAL C 725 -14.69 33.68 -37.71
C VAL C 725 -14.86 32.26 -37.22
N THR C 726 -14.01 31.85 -36.30
CA THR C 726 -14.05 30.50 -35.74
C THR C 726 -13.95 30.55 -34.23
N THR C 727 -14.74 29.71 -33.56
CA THR C 727 -14.85 29.73 -32.10
C THR C 727 -13.98 28.63 -31.52
N GLU C 728 -12.85 28.99 -30.92
CA GLU C 728 -11.99 28.00 -30.31
C GLU C 728 -12.12 28.04 -28.80
N ILE C 729 -12.20 26.86 -28.21
CA ILE C 729 -12.39 26.66 -26.79
C ILE C 729 -11.03 26.43 -26.16
N LEU C 730 -10.75 27.08 -25.03
CA LEU C 730 -9.49 26.87 -24.32
C LEU C 730 -9.75 26.85 -22.83
N PRO C 731 -9.70 25.70 -22.17
CA PRO C 731 -9.83 25.69 -20.70
C PRO C 731 -8.69 26.45 -20.07
N VAL C 732 -9.00 27.20 -19.03
CA VAL C 732 -8.09 28.16 -18.42
C VAL C 732 -7.87 27.89 -16.95
N SER C 733 -8.95 27.67 -16.23
CA SER C 733 -8.86 27.51 -14.81
C SER C 733 -9.60 26.24 -14.42
N MET C 734 -9.11 25.61 -13.39
CA MET C 734 -9.80 24.53 -12.72
C MET C 734 -10.58 25.08 -11.53
N THR C 735 -11.65 24.39 -11.15
CA THR C 735 -12.28 24.63 -9.87
C THR C 735 -11.28 24.28 -8.76
N LYS C 736 -10.71 25.29 -8.11
CA LYS C 736 -9.73 25.02 -7.07
C LYS C 736 -10.38 24.22 -5.95
N THR C 737 -9.63 23.28 -5.38
CA THR C 737 -10.19 22.34 -4.44
C THR C 737 -9.31 22.20 -3.22
N SER C 738 -9.93 22.05 -2.05
CA SER C 738 -9.22 21.86 -0.79
C SER C 738 -9.78 20.65 -0.05
N VAL C 739 -8.90 20.00 0.70
CA VAL C 739 -9.20 18.72 1.33
C VAL C 739 -8.74 18.76 2.78
N ASP C 740 -9.65 18.41 3.70
CA ASP C 740 -9.27 18.16 5.09
C ASP C 740 -9.30 16.65 5.31
N CYS C 741 -8.24 16.11 5.88
CA CYS C 741 -8.10 14.66 5.91
C CYS C 741 -8.98 14.02 6.98
N THR C 742 -9.26 14.73 8.08
CA THR C 742 -9.89 14.08 9.23
C THR C 742 -11.29 13.56 8.89
N MET C 743 -12.20 14.45 8.54
CA MET C 743 -13.53 13.98 8.15
C MET C 743 -13.51 13.31 6.81
N TYR C 744 -12.47 13.53 6.01
CA TYR C 744 -12.23 12.67 4.86
C TYR C 744 -12.11 11.22 5.29
N ILE C 745 -11.50 11.00 6.46
CA ILE C 745 -11.42 9.64 7.00
C ILE C 745 -12.77 9.22 7.58
N CYS C 746 -13.21 9.90 8.65
CA CYS C 746 -14.31 9.36 9.43
C CYS C 746 -15.29 10.42 9.93
N GLY C 747 -15.50 11.49 9.19
CA GLY C 747 -16.35 12.54 9.70
C GLY C 747 -15.78 13.22 10.92
N ASP C 748 -14.45 13.34 10.99
CA ASP C 748 -13.73 14.07 12.03
C ASP C 748 -13.99 13.46 13.41
N SER C 749 -13.55 12.22 13.56
CA SER C 749 -13.62 11.51 14.83
C SER C 749 -12.24 11.49 15.48
N THR C 750 -12.22 11.57 16.81
CA THR C 750 -10.96 11.72 17.54
C THR C 750 -10.05 10.52 17.32
N GLU C 751 -10.59 9.30 17.44
CA GLU C 751 -9.77 8.10 17.37
C GLU C 751 -9.04 8.00 16.05
N CYS C 752 -9.63 8.53 14.97
CA CYS C 752 -8.98 8.50 13.66
C CYS C 752 -7.70 9.33 13.67
N SER C 753 -7.80 10.58 14.11
CA SER C 753 -6.64 11.45 14.15
C SER C 753 -5.60 10.94 15.13
N ASN C 754 -6.05 10.33 16.24
CA ASN C 754 -5.13 9.85 17.26
C ASN C 754 -4.11 8.88 16.69
N LEU C 755 -4.46 8.20 15.61
CA LEU C 755 -3.55 7.30 14.93
C LEU C 755 -3.01 7.85 13.63
N LEU C 756 -3.74 8.76 12.97
CA LEU C 756 -3.28 9.34 11.72
C LEU C 756 -2.11 10.29 11.95
N LEU C 757 -2.24 11.21 12.91
CA LEU C 757 -1.20 12.21 13.13
C LEU C 757 0.10 11.56 13.56
N GLN C 758 0.02 10.55 14.43
CA GLN C 758 1.23 9.87 14.86
C GLN C 758 1.87 9.08 13.72
N TYR C 759 1.07 8.46 12.84
CA TYR C 759 1.64 7.87 11.63
C TYR C 759 2.28 8.90 10.72
N GLY C 760 1.87 10.15 10.79
CA GLY C 760 2.49 11.16 9.96
C GLY C 760 1.56 12.32 9.74
N SER C 761 2.06 13.28 8.96
CA SER C 761 1.36 14.51 8.65
C SER C 761 1.12 14.60 7.15
N PHE C 762 0.67 13.49 6.56
CA PHE C 762 0.44 13.45 5.13
C PHE C 762 -0.56 14.53 4.72
N CYS C 763 -1.53 14.78 5.59
CA CYS C 763 -2.56 15.77 5.33
C CYS C 763 -1.93 17.09 4.90
N THR C 764 -0.89 17.51 5.61
CA THR C 764 -0.30 18.82 5.36
C THR C 764 0.35 18.88 3.98
N GLN C 765 1.14 17.86 3.62
CA GLN C 765 1.81 17.95 2.34
C GLN C 765 0.81 17.88 1.19
N LEU C 766 -0.18 17.01 1.28
CA LEU C 766 -1.16 16.98 0.20
C LEU C 766 -1.95 18.29 0.15
N LYS C 767 -2.28 18.85 1.32
CA LYS C 767 -3.06 20.08 1.35
C LYS C 767 -2.28 21.22 0.70
N ARG C 768 -1.01 21.38 1.05
CA ARG C 768 -0.35 22.53 0.46
C ARG C 768 0.04 22.28 -0.99
N ALA C 769 0.16 21.02 -1.41
CA ALA C 769 0.22 20.77 -2.83
C ALA C 769 -1.03 21.32 -3.51
N LEU C 770 -2.19 21.05 -2.92
CA LEU C 770 -3.43 21.58 -3.47
C LEU C 770 -3.46 23.09 -3.43
N THR C 771 -2.88 23.69 -2.39
CA THR C 771 -2.85 25.14 -2.30
C THR C 771 -2.02 25.72 -3.43
N GLY C 772 -0.88 25.08 -3.72
CA GLY C 772 -0.12 25.47 -4.90
C GLY C 772 -0.95 25.35 -6.15
N ILE C 773 -1.75 24.28 -6.25
CA ILE C 773 -2.66 24.14 -7.38
C ILE C 773 -3.61 25.32 -7.45
N ALA C 774 -4.15 25.72 -6.31
CA ALA C 774 -5.15 26.78 -6.29
C ALA C 774 -4.53 28.12 -6.69
N VAL C 775 -3.43 28.49 -6.05
CA VAL C 775 -2.77 29.73 -6.43
C VAL C 775 -2.37 29.67 -7.88
N GLU C 776 -2.00 28.49 -8.35
CA GLU C 776 -1.61 28.33 -9.74
C GLU C 776 -2.78 28.61 -10.66
N GLN C 777 -3.96 28.09 -10.32
CA GLN C 777 -5.09 28.33 -11.21
C GLN C 777 -5.53 29.78 -11.15
N ASP C 778 -5.39 30.41 -9.99
CA ASP C 778 -5.68 31.83 -9.92
C ASP C 778 -4.70 32.63 -10.76
N LYS C 779 -3.42 32.27 -10.73
CA LYS C 779 -2.44 33.03 -11.49
C LYS C 779 -2.57 32.78 -12.98
N ASN C 780 -3.04 31.60 -13.40
CA ASN C 780 -3.43 31.44 -14.78
C ASN C 780 -4.61 32.34 -15.12
N THR C 781 -5.60 32.41 -14.24
CA THR C 781 -6.71 33.31 -14.46
C THR C 781 -6.20 34.73 -14.67
N GLN C 782 -5.26 35.13 -13.82
CA GLN C 782 -4.63 36.45 -13.91
C GLN C 782 -3.92 36.64 -15.24
N GLU C 783 -3.03 35.71 -15.59
CA GLU C 783 -2.22 35.88 -16.80
C GLU C 783 -3.10 35.86 -18.05
N VAL C 784 -4.06 34.94 -18.10
CA VAL C 784 -4.90 34.78 -19.27
C VAL C 784 -5.80 35.99 -19.44
N PHE C 785 -6.34 36.50 -18.33
CA PHE C 785 -7.28 37.62 -18.39
C PHE C 785 -6.61 38.97 -18.21
N ALA C 786 -5.95 39.20 -17.07
CA ALA C 786 -5.36 40.51 -16.83
C ALA C 786 -3.93 40.58 -17.33
N GLN C 787 -3.75 40.37 -18.64
CA GLN C 787 -2.52 40.81 -19.28
C GLN C 787 -2.36 42.31 -19.15
N VAL C 788 -3.47 43.02 -19.03
CA VAL C 788 -3.49 44.45 -18.73
C VAL C 788 -4.12 44.62 -17.36
N LYS C 789 -3.64 45.64 -16.63
CA LYS C 789 -3.98 45.80 -15.22
C LYS C 789 -5.18 46.69 -14.98
N GLN C 790 -5.35 47.76 -15.76
CA GLN C 790 -6.42 48.73 -15.54
C GLN C 790 -7.61 48.36 -16.41
N ILE C 791 -8.79 48.27 -15.79
CA ILE C 791 -10.01 47.92 -16.53
C ILE C 791 -10.50 49.17 -17.24
N TYR C 792 -10.20 49.27 -18.53
CA TYR C 792 -10.69 50.39 -19.32
C TYR C 792 -12.20 50.31 -19.45
N LYS C 793 -12.84 51.47 -19.53
CA LYS C 793 -14.28 51.52 -19.70
C LYS C 793 -14.65 51.50 -21.18
N THR C 794 -15.85 50.98 -21.45
CA THR C 794 -16.38 51.03 -22.80
C THR C 794 -16.60 52.48 -23.21
N PRO C 795 -16.11 52.92 -24.36
CA PRO C 795 -16.38 54.29 -24.82
C PRO C 795 -17.86 54.54 -24.89
N PRO C 796 -18.32 55.75 -24.53
CA PRO C 796 -19.75 55.93 -24.20
C PRO C 796 -20.71 55.59 -25.33
N ILE C 797 -20.36 55.90 -26.57
CA ILE C 797 -21.22 55.64 -27.71
C ILE C 797 -20.60 54.51 -28.52
N LYS C 798 -21.34 53.41 -28.68
CA LYS C 798 -20.84 52.28 -29.42
C LYS C 798 -21.04 52.52 -30.91
N TYR C 799 -20.62 53.71 -31.36
CA TYR C 799 -20.66 54.13 -32.75
C TYR C 799 -19.22 54.28 -33.24
N PHE C 800 -18.94 53.76 -34.43
CA PHE C 800 -17.64 53.93 -35.05
C PHE C 800 -17.80 54.23 -36.53
N GLY C 801 -18.91 54.88 -36.90
CA GLY C 801 -19.14 55.19 -38.30
C GLY C 801 -19.31 53.95 -39.17
N GLY C 802 -20.12 53.00 -38.72
CA GLY C 802 -20.31 51.77 -39.49
C GLY C 802 -19.25 50.72 -39.25
N PHE C 803 -18.43 50.88 -38.22
CA PHE C 803 -17.44 49.88 -37.85
C PHE C 803 -17.82 49.38 -36.46
N ASN C 804 -18.79 48.47 -36.40
CA ASN C 804 -19.55 48.25 -35.17
C ASN C 804 -18.87 47.21 -34.30
N PHE C 805 -19.00 47.40 -32.98
CA PHE C 805 -18.51 46.50 -31.96
C PHE C 805 -19.56 46.28 -30.87
N SER C 806 -20.81 46.66 -31.13
CA SER C 806 -21.81 46.70 -30.08
C SER C 806 -22.28 45.30 -29.68
N GLN C 807 -22.42 44.39 -30.64
CA GLN C 807 -22.85 43.03 -30.31
C GLN C 807 -21.79 42.25 -29.55
N ILE C 808 -20.55 42.72 -29.57
CA ILE C 808 -19.46 42.06 -28.87
C ILE C 808 -19.05 42.83 -27.63
N LEU C 809 -19.10 44.16 -27.66
CA LEU C 809 -18.93 44.93 -26.44
C LEU C 809 -20.14 44.69 -25.54
N PRO C 810 -19.92 44.57 -24.23
CA PRO C 810 -21.04 44.27 -23.33
C PRO C 810 -22.05 45.41 -23.29
N ASP C 811 -23.31 45.05 -23.05
CA ASP C 811 -24.36 46.03 -22.82
C ASP C 811 -24.33 46.42 -21.35
N PRO C 812 -23.93 47.65 -21.02
CA PRO C 812 -23.88 48.02 -19.60
C PRO C 812 -25.24 47.96 -18.91
N SER C 813 -26.32 48.19 -19.65
CA SER C 813 -27.65 48.28 -19.05
C SER C 813 -28.15 46.96 -18.49
N LYS C 814 -27.62 45.83 -18.95
CA LYS C 814 -28.11 44.55 -18.47
C LYS C 814 -27.72 44.35 -17.01
N PRO C 815 -28.60 43.74 -16.21
CA PRO C 815 -28.23 43.44 -14.82
C PRO C 815 -27.07 42.48 -14.70
N SER C 816 -26.76 41.73 -15.77
CA SER C 816 -25.67 40.79 -15.78
C SER C 816 -24.33 41.40 -16.18
N LYS C 817 -24.33 42.56 -16.82
CA LYS C 817 -23.11 43.29 -17.16
C LYS C 817 -22.20 42.41 -18.02
N ARG C 818 -22.69 42.07 -19.21
CA ARG C 818 -22.01 41.16 -20.12
C ARG C 818 -22.40 41.53 -21.54
N SER C 819 -21.67 40.97 -22.51
CA SER C 819 -22.11 41.00 -23.89
C SER C 819 -22.98 39.77 -24.19
N PHE C 820 -23.81 39.83 -25.24
CA PHE C 820 -24.69 38.67 -25.51
C PHE C 820 -23.90 37.40 -25.72
N ILE C 821 -22.67 37.52 -26.19
CA ILE C 821 -21.85 36.35 -26.48
C ILE C 821 -21.72 35.49 -25.23
N GLU C 822 -21.06 36.03 -24.21
CA GLU C 822 -20.87 35.26 -22.98
C GLU C 822 -22.17 35.08 -22.23
N ASP C 823 -23.18 35.91 -22.51
CA ASP C 823 -24.50 35.61 -21.99
C ASP C 823 -24.94 34.23 -22.43
N LEU C 824 -24.90 33.99 -23.74
CA LEU C 824 -25.29 32.67 -24.25
C LEU C 824 -24.27 31.61 -23.86
N LEU C 825 -23.03 32.02 -23.65
CA LEU C 825 -22.00 31.06 -23.25
C LEU C 825 -22.27 30.52 -21.85
N PHE C 826 -22.50 31.42 -20.89
CA PHE C 826 -22.78 30.99 -19.53
C PHE C 826 -24.13 30.28 -19.45
N ASN C 827 -25.17 30.84 -20.07
CA ASN C 827 -26.46 30.21 -19.95
C ASN C 827 -26.54 28.90 -20.72
N LYS C 828 -25.63 28.70 -21.67
CA LYS C 828 -25.64 27.50 -22.48
C LYS C 828 -25.17 26.28 -21.71
N VAL C 829 -24.31 26.45 -20.72
CA VAL C 829 -23.79 25.35 -19.93
C VAL C 829 -24.69 25.15 -18.72
N THR C 830 -25.07 23.91 -18.47
CA THR C 830 -25.86 23.54 -17.30
C THR C 830 -25.09 22.51 -16.50
N LEU C 831 -25.07 22.70 -15.19
CA LEU C 831 -24.36 21.80 -14.29
C LEU C 831 -25.21 21.54 -13.06
N PHE C 858 -20.71 18.39 -0.16
CA PHE C 858 -19.52 18.48 0.68
C PHE C 858 -19.41 17.28 1.59
N LYS C 859 -18.33 16.46 1.40
CA LYS C 859 -18.10 15.26 2.18
C LYS C 859 -16.63 15.15 2.54
N GLY C 860 -16.10 16.24 3.10
CA GLY C 860 -14.69 16.32 3.39
C GLY C 860 -13.86 16.99 2.31
N LEU C 861 -14.48 17.39 1.21
CA LEU C 861 -13.80 17.97 0.05
C LEU C 861 -14.57 19.20 -0.38
N THR C 862 -13.87 20.30 -0.60
CA THR C 862 -14.53 21.57 -0.88
C THR C 862 -14.01 22.19 -2.16
N VAL C 863 -14.91 22.79 -2.91
CA VAL C 863 -14.55 23.71 -3.98
C VAL C 863 -14.37 25.09 -3.36
N LEU C 864 -13.42 25.84 -3.85
CA LEU C 864 -13.30 27.13 -3.21
C LEU C 864 -13.59 28.24 -4.20
N PRO C 865 -14.10 29.38 -3.72
CA PRO C 865 -14.57 30.40 -4.65
C PRO C 865 -13.43 30.93 -5.48
N PRO C 866 -13.69 31.35 -6.71
CA PRO C 866 -12.63 31.89 -7.56
C PRO C 866 -12.08 33.16 -6.96
N LEU C 867 -10.77 33.35 -7.14
CA LEU C 867 -10.17 34.62 -6.72
C LEU C 867 -10.73 35.77 -7.54
N LEU C 868 -10.87 35.56 -8.84
CA LEU C 868 -11.45 36.58 -9.71
C LEU C 868 -12.87 36.14 -10.06
N THR C 869 -13.85 36.99 -9.74
CA THR C 869 -15.24 36.62 -9.90
C THR C 869 -15.68 36.79 -11.34
N ASP C 870 -16.68 36.00 -11.71
CA ASP C 870 -17.20 35.99 -13.08
C ASP C 870 -17.57 37.39 -13.56
N GLU C 871 -18.19 38.20 -12.71
CA GLU C 871 -18.49 39.57 -13.12
C GLU C 871 -17.22 40.37 -13.30
N MET C 872 -16.26 40.20 -12.39
CA MET C 872 -14.96 40.85 -12.58
C MET C 872 -14.26 40.29 -13.81
N ILE C 873 -14.39 38.99 -14.05
CA ILE C 873 -13.80 38.39 -15.25
C ILE C 873 -14.40 39.05 -16.48
N ALA C 874 -15.70 39.29 -16.46
CA ALA C 874 -16.37 39.97 -17.57
C ALA C 874 -15.88 41.39 -17.71
N GLN C 875 -15.62 42.07 -16.59
CA GLN C 875 -14.99 43.38 -16.66
C GLN C 875 -13.62 43.28 -17.33
N TYR C 876 -12.86 42.24 -16.99
CA TYR C 876 -11.57 42.04 -17.64
C TYR C 876 -11.75 41.89 -19.14
N THR C 877 -12.71 41.05 -19.53
CA THR C 877 -12.99 40.85 -20.94
C THR C 877 -13.36 42.16 -21.60
N SER C 878 -14.19 42.96 -20.94
CA SER C 878 -14.61 44.23 -21.49
C SER C 878 -13.41 45.14 -21.71
N ALA C 879 -12.51 45.18 -20.73
CA ALA C 879 -11.30 45.98 -20.89
C ALA C 879 -10.47 45.46 -22.06
N LEU C 880 -10.41 44.14 -22.19
CA LEU C 880 -9.68 43.55 -23.29
C LEU C 880 -10.25 44.05 -24.61
N LEU C 881 -11.56 44.00 -24.76
CA LEU C 881 -12.22 44.50 -25.96
C LEU C 881 -11.93 45.98 -26.15
N ALA C 882 -12.10 46.78 -25.10
CA ALA C 882 -11.97 48.22 -25.24
C ALA C 882 -10.57 48.59 -25.71
N GLY C 883 -9.55 48.00 -25.09
CA GLY C 883 -8.20 48.27 -25.53
C GLY C 883 -7.97 47.82 -26.96
N THR C 884 -8.31 46.56 -27.25
CA THR C 884 -8.02 46.02 -28.58
C THR C 884 -8.85 46.68 -29.67
N ILE C 885 -9.87 47.46 -29.32
CA ILE C 885 -10.74 48.09 -30.29
C ILE C 885 -10.44 49.58 -30.45
N THR C 886 -10.59 50.37 -29.39
CA THR C 886 -10.32 51.79 -29.53
C THR C 886 -8.83 52.10 -29.52
N SER C 887 -7.99 51.14 -29.12
CA SER C 887 -6.57 51.40 -29.00
C SER C 887 -5.76 50.31 -29.68
N GLY C 888 -6.28 49.09 -29.66
CA GLY C 888 -5.60 47.98 -30.29
C GLY C 888 -4.36 47.50 -29.56
N TRP C 889 -3.19 47.75 -30.16
CA TRP C 889 -1.96 47.08 -29.74
C TRP C 889 -1.53 47.49 -28.34
N THR C 890 -1.88 48.70 -27.91
CA THR C 890 -1.14 49.35 -26.85
C THR C 890 -1.65 49.05 -25.44
N PHE C 891 -2.79 48.38 -25.25
CA PHE C 891 -3.33 48.37 -23.90
C PHE C 891 -2.59 47.39 -23.01
N GLY C 892 -2.20 46.23 -23.54
CA GLY C 892 -1.71 45.12 -22.74
C GLY C 892 -0.46 45.38 -21.93
N ALA C 893 0.16 46.55 -22.09
CA ALA C 893 1.31 46.91 -21.28
C ALA C 893 1.34 48.40 -20.94
N GLY C 894 0.17 49.03 -20.74
CA GLY C 894 0.14 50.43 -20.37
C GLY C 894 -1.00 51.19 -21.02
N ALA C 895 -0.77 52.49 -21.23
CA ALA C 895 -1.83 53.34 -21.82
C ALA C 895 -2.33 52.81 -23.15
N ALA C 896 -3.64 52.91 -23.34
CA ALA C 896 -4.31 52.41 -24.54
C ALA C 896 -4.57 53.60 -25.47
N LEU C 897 -3.58 53.91 -26.30
CA LEU C 897 -3.63 55.12 -27.12
C LEU C 897 -4.86 55.14 -28.02
N GLN C 898 -5.54 56.28 -28.07
CA GLN C 898 -6.65 56.41 -29.01
C GLN C 898 -6.10 56.37 -30.43
N ILE C 899 -6.85 55.72 -31.32
CA ILE C 899 -6.36 55.52 -32.68
C ILE C 899 -7.52 55.18 -33.60
N PRO C 900 -7.60 55.80 -34.78
CA PRO C 900 -8.65 55.43 -35.74
C PRO C 900 -8.57 53.96 -36.12
N PHE C 901 -9.74 53.34 -36.20
CA PHE C 901 -9.81 51.93 -36.56
C PHE C 901 -9.31 51.67 -37.98
N ALA C 902 -9.63 52.50 -39.00
CA ALA C 902 -9.00 52.29 -40.31
C ALA C 902 -7.48 52.35 -40.25
N MET C 903 -6.94 53.21 -39.38
CA MET C 903 -5.49 53.28 -39.18
C MET C 903 -4.96 51.96 -38.63
N GLN C 904 -5.71 51.35 -37.71
CA GLN C 904 -5.34 50.05 -37.14
C GLN C 904 -5.32 48.97 -38.23
N MET C 905 -6.41 48.86 -39.00
CA MET C 905 -6.41 47.95 -40.14
C MET C 905 -5.32 48.28 -41.14
N ALA C 906 -4.95 49.56 -41.28
CA ALA C 906 -3.92 49.93 -42.23
C ALA C 906 -2.57 49.36 -41.80
N TYR C 907 -2.18 49.58 -40.54
CA TYR C 907 -0.93 48.96 -40.07
C TYR C 907 -0.98 47.45 -40.08
N ARG C 908 -2.12 46.84 -39.75
CA ARG C 908 -2.09 45.38 -39.73
C ARG C 908 -2.13 44.76 -41.12
N PHE C 909 -2.78 45.40 -42.09
CA PHE C 909 -2.62 44.97 -43.47
C PHE C 909 -1.20 45.23 -43.97
N ASN C 910 -0.56 46.30 -43.49
CA ASN C 910 0.87 46.44 -43.75
C ASN C 910 1.63 45.26 -43.17
N GLY C 911 1.18 44.76 -42.02
CA GLY C 911 1.82 43.60 -41.41
C GLY C 911 1.64 42.33 -42.22
N ILE C 912 0.42 42.08 -42.71
CA ILE C 912 0.16 40.91 -43.54
C ILE C 912 0.34 41.28 -45.01
N GLY C 913 0.99 42.41 -45.27
CA GLY C 913 1.31 42.77 -46.64
C GLY C 913 0.10 42.97 -47.53
N VAL C 914 -0.99 43.49 -46.96
CA VAL C 914 -2.17 43.90 -47.72
C VAL C 914 -2.11 45.40 -47.87
N THR C 915 -2.11 45.88 -49.12
CA THR C 915 -1.92 47.29 -49.36
C THR C 915 -3.06 48.12 -48.79
N GLN C 916 -2.77 49.39 -48.53
CA GLN C 916 -3.76 50.28 -47.94
C GLN C 916 -4.87 50.68 -48.90
N ASN C 917 -4.64 50.58 -50.22
CA ASN C 917 -5.69 50.94 -51.18
C ASN C 917 -6.89 50.02 -51.06
N VAL C 918 -6.65 48.72 -50.87
CA VAL C 918 -7.76 47.78 -50.68
C VAL C 918 -8.59 48.17 -49.48
N LEU C 919 -7.92 48.50 -48.37
CA LEU C 919 -8.63 48.89 -47.16
C LEU C 919 -9.41 50.18 -47.37
N TYR C 920 -8.83 51.16 -48.07
CA TYR C 920 -9.50 52.44 -48.21
C TYR C 920 -10.74 52.36 -49.09
N GLU C 921 -10.91 51.27 -49.84
CA GLU C 921 -12.02 51.14 -50.78
C GLU C 921 -13.03 50.07 -50.41
N ASN C 922 -12.70 49.18 -49.48
CA ASN C 922 -13.54 48.02 -49.21
C ASN C 922 -14.03 48.02 -47.77
N GLN C 923 -14.15 49.21 -47.17
CA GLN C 923 -14.51 49.28 -45.75
C GLN C 923 -15.91 48.72 -45.51
N LYS C 924 -16.89 49.20 -46.27
CA LYS C 924 -18.28 48.87 -45.99
C LYS C 924 -18.55 47.40 -46.24
N LEU C 925 -18.01 46.85 -47.35
CA LEU C 925 -18.33 45.47 -47.70
C LEU C 925 -17.71 44.50 -46.70
N ILE C 926 -16.45 44.72 -46.31
CA ILE C 926 -15.84 43.83 -45.33
C ILE C 926 -16.53 43.98 -43.98
N ALA C 927 -16.95 45.19 -43.63
CA ALA C 927 -17.66 45.40 -42.38
C ALA C 927 -18.96 44.60 -42.38
N ASN C 928 -19.74 44.71 -43.47
CA ASN C 928 -21.02 44.00 -43.53
C ASN C 928 -20.80 42.50 -43.55
N GLN C 929 -19.77 42.03 -44.24
CA GLN C 929 -19.50 40.60 -44.25
C GLN C 929 -19.16 40.12 -42.85
N PHE C 930 -18.35 40.88 -42.12
CA PHE C 930 -18.16 40.63 -40.71
C PHE C 930 -19.49 40.56 -39.98
N ASN C 931 -20.37 41.52 -40.22
CA ASN C 931 -21.62 41.58 -39.48
C ASN C 931 -22.38 40.29 -39.67
N SER C 932 -22.57 39.90 -40.93
CA SER C 932 -23.34 38.71 -41.24
C SER C 932 -22.68 37.46 -40.67
N ALA C 933 -21.35 37.33 -40.87
CA ALA C 933 -20.67 36.12 -40.43
C ALA C 933 -20.70 35.99 -38.92
N ILE C 934 -20.48 37.08 -38.20
CA ILE C 934 -20.48 36.99 -36.75
C ILE C 934 -21.88 36.72 -36.23
N GLY C 935 -22.90 37.39 -36.79
CA GLY C 935 -24.24 37.12 -36.33
C GLY C 935 -24.62 35.67 -36.55
N LYS C 936 -24.32 35.15 -37.74
CA LYS C 936 -24.64 33.76 -38.03
C LYS C 936 -23.86 32.81 -37.14
N ILE C 937 -22.61 33.13 -36.82
CA ILE C 937 -21.84 32.19 -36.02
C ILE C 937 -22.36 32.14 -34.58
N GLN C 938 -22.72 33.29 -34.00
CA GLN C 938 -23.35 33.20 -32.68
C GLN C 938 -24.69 32.49 -32.76
N ASP C 939 -25.46 32.74 -33.81
CA ASP C 939 -26.74 32.05 -33.95
C ASP C 939 -26.54 30.54 -34.00
N SER C 940 -25.57 30.09 -34.80
CA SER C 940 -25.29 28.66 -34.90
C SER C 940 -24.76 28.10 -33.59
N LEU C 941 -23.87 28.83 -32.93
CA LEU C 941 -23.33 28.36 -31.66
C LEU C 941 -24.43 28.20 -30.63
N SER C 942 -25.35 29.16 -30.57
CA SER C 942 -26.50 29.02 -29.69
C SER C 942 -27.34 27.82 -30.10
N SER C 943 -27.56 27.65 -31.40
CA SER C 943 -28.31 26.49 -31.89
C SER C 943 -27.52 25.20 -31.73
N THR C 944 -26.20 25.27 -31.92
CA THR C 944 -25.38 24.07 -31.76
C THR C 944 -25.35 23.69 -30.28
N ALA C 945 -25.84 22.51 -29.90
CA ALA C 945 -25.91 22.16 -28.48
C ALA C 945 -24.70 21.41 -27.95
N SER C 946 -23.73 21.07 -28.79
CA SER C 946 -22.52 20.38 -28.35
C SER C 946 -21.26 21.12 -28.80
N ALA C 947 -21.40 22.40 -29.17
CA ALA C 947 -20.27 23.17 -29.66
C ALA C 947 -19.33 23.61 -28.55
N LEU C 948 -19.70 23.39 -27.28
CA LEU C 948 -18.87 23.74 -26.13
C LEU C 948 -18.21 22.52 -25.52
N GLY C 949 -17.67 21.65 -26.38
CA GLY C 949 -17.33 20.31 -25.96
C GLY C 949 -16.38 20.27 -24.77
N LYS C 950 -15.23 20.92 -24.88
CA LYS C 950 -14.14 20.54 -24.00
C LYS C 950 -14.04 21.38 -22.73
N LEU C 951 -14.65 22.57 -22.68
CA LEU C 951 -14.91 23.14 -21.37
C LEU C 951 -15.80 22.22 -20.56
N GLN C 952 -16.88 21.77 -21.19
CA GLN C 952 -17.74 20.77 -20.57
C GLN C 952 -16.91 19.54 -20.19
N ASP C 953 -15.97 19.16 -21.06
CA ASP C 953 -15.16 17.98 -20.81
C ASP C 953 -14.26 18.16 -19.59
N VAL C 954 -13.66 19.34 -19.44
CA VAL C 954 -12.90 19.63 -18.23
C VAL C 954 -13.80 19.47 -17.02
N VAL C 955 -15.01 20.01 -17.10
CA VAL C 955 -15.95 19.88 -16.00
C VAL C 955 -16.27 18.42 -15.72
N ASN C 956 -16.47 17.65 -16.79
CA ASN C 956 -16.79 16.23 -16.63
C ASN C 956 -15.63 15.50 -15.97
N HIS C 957 -14.41 15.77 -16.41
CA HIS C 957 -13.24 15.13 -15.82
C HIS C 957 -13.19 15.43 -14.33
N ASN C 958 -13.33 16.71 -13.98
CA ASN C 958 -13.24 17.11 -12.58
C ASN C 958 -14.32 16.44 -11.76
N ALA C 959 -15.56 16.47 -12.26
CA ALA C 959 -16.69 15.94 -11.52
C ALA C 959 -16.53 14.45 -11.31
N GLN C 960 -16.22 13.72 -12.38
CA GLN C 960 -16.05 12.28 -12.24
C GLN C 960 -14.86 11.92 -11.36
N ALA C 961 -13.77 12.68 -11.43
CA ALA C 961 -12.64 12.39 -10.56
C ALA C 961 -13.02 12.60 -9.10
N LEU C 962 -13.74 13.68 -8.81
CA LEU C 962 -14.20 13.90 -7.46
C LEU C 962 -15.16 12.80 -7.02
N ASN C 963 -16.01 12.35 -7.93
CA ASN C 963 -16.94 11.27 -7.62
C ASN C 963 -16.18 9.99 -7.30
N THR C 964 -15.12 9.72 -8.05
CA THR C 964 -14.28 8.58 -7.72
C THR C 964 -13.70 8.76 -6.33
N LEU C 965 -13.08 9.90 -6.07
CA LEU C 965 -12.49 10.16 -4.76
C LEU C 965 -13.52 9.96 -3.66
N VAL C 966 -14.80 10.15 -3.98
CA VAL C 966 -15.85 9.72 -3.09
C VAL C 966 -15.91 8.19 -3.02
N LYS C 967 -15.91 7.53 -4.18
CA LYS C 967 -16.30 6.13 -4.17
C LYS C 967 -15.22 5.23 -3.58
N GLN C 968 -13.96 5.62 -3.67
CA GLN C 968 -12.96 4.84 -2.93
C GLN C 968 -13.22 4.91 -1.43
N LEU C 969 -13.87 5.96 -0.94
CA LEU C 969 -14.30 5.95 0.46
C LEU C 969 -15.32 4.86 0.72
N SER C 970 -16.02 4.40 -0.32
CA SER C 970 -16.82 3.20 -0.24
C SER C 970 -16.03 1.94 -0.56
N SER C 971 -14.80 2.09 -1.05
CA SER C 971 -13.96 0.92 -1.32
C SER C 971 -13.50 0.31 -0.02
N LYS C 972 -13.83 -0.97 0.18
CA LYS C 972 -13.88 -1.54 1.53
C LYS C 972 -12.47 -1.73 2.09
N PHE C 973 -11.52 -2.11 1.24
CA PHE C 973 -10.09 -2.19 1.57
C PHE C 973 -9.78 -3.23 2.65
N GLY C 974 -10.63 -4.24 2.83
CA GLY C 974 -10.21 -5.48 3.45
C GLY C 974 -10.56 -5.67 4.92
N ALA C 975 -11.17 -4.69 5.58
CA ALA C 975 -11.56 -4.84 6.98
C ALA C 975 -12.99 -5.34 7.05
N ILE C 976 -13.63 -5.17 8.21
CA ILE C 976 -14.98 -5.66 8.42
C ILE C 976 -16.00 -4.53 8.34
N SER C 977 -15.57 -3.29 8.62
CA SER C 977 -16.48 -2.15 8.60
C SER C 977 -15.68 -0.88 8.32
N SER C 978 -15.85 -0.34 7.11
CA SER C 978 -15.13 0.87 6.72
C SER C 978 -15.47 2.05 7.63
N VAL C 979 -16.68 2.07 8.18
CA VAL C 979 -17.00 3.04 9.22
C VAL C 979 -16.23 2.68 10.49
N LEU C 980 -15.59 3.68 11.08
CA LEU C 980 -14.76 3.47 12.26
C LEU C 980 -15.55 2.94 13.44
N ASN C 981 -16.85 3.24 13.48
CA ASN C 981 -17.66 2.95 14.66
C ASN C 981 -17.67 1.46 14.98
N ASP C 982 -17.88 0.63 13.97
CA ASP C 982 -17.98 -0.80 14.23
C ASP C 982 -16.62 -1.47 14.37
N ILE C 983 -15.54 -0.82 13.91
CA ILE C 983 -14.21 -1.32 14.24
C ILE C 983 -13.90 -1.07 15.71
N PHE C 984 -14.23 0.12 16.21
CA PHE C 984 -13.87 0.51 17.57
C PHE C 984 -14.92 0.12 18.61
N SER C 985 -16.08 -0.37 18.21
CA SER C 985 -17.15 -0.66 19.15
C SER C 985 -17.16 -2.12 19.60
N ARG C 986 -17.35 -3.03 18.66
CA ARG C 986 -17.53 -4.45 18.95
C ARG C 986 -16.24 -5.24 18.95
N LEU C 987 -15.10 -4.57 18.77
CA LEU C 987 -13.79 -5.21 18.79
C LEU C 987 -12.88 -4.43 19.71
N ASP C 988 -11.86 -5.10 20.23
CA ASP C 988 -10.95 -4.46 21.16
C ASP C 988 -10.20 -3.31 20.47
N PRO C 989 -10.06 -2.17 21.14
CA PRO C 989 -9.25 -1.10 20.60
C PRO C 989 -7.87 -1.58 20.18
N PRO C 990 -7.20 -2.46 20.94
CA PRO C 990 -5.92 -2.99 20.43
C PRO C 990 -6.05 -3.67 19.08
N GLU C 991 -7.14 -4.39 18.85
CA GLU C 991 -7.39 -4.95 17.52
C GLU C 991 -7.90 -3.90 16.56
N ALA C 992 -8.64 -2.92 17.06
CA ALA C 992 -9.19 -1.89 16.19
C ALA C 992 -8.09 -1.05 15.55
N GLU C 993 -7.01 -0.80 16.28
CA GLU C 993 -5.91 -0.02 15.72
C GLU C 993 -5.31 -0.72 14.50
N VAL C 994 -4.99 -2.01 14.65
CA VAL C 994 -4.38 -2.75 13.55
C VAL C 994 -5.40 -3.07 12.46
N GLN C 995 -6.69 -3.04 12.78
CA GLN C 995 -7.69 -3.18 11.73
C GLN C 995 -7.77 -1.90 10.90
N ILE C 996 -7.77 -0.74 11.55
CA ILE C 996 -7.89 0.52 10.82
C ILE C 996 -6.58 0.99 10.23
N ASP C 997 -5.46 0.39 10.59
CA ASP C 997 -4.20 0.75 9.93
C ASP C 997 -4.35 0.61 8.41
N ARG C 998 -4.82 -0.56 7.96
CA ARG C 998 -5.03 -0.78 6.54
C ARG C 998 -6.07 0.16 5.98
N LEU C 999 -7.15 0.38 6.72
CA LEU C 999 -8.22 1.24 6.24
C LEU C 999 -7.72 2.65 5.98
N ILE C 1000 -7.06 3.24 6.99
CA ILE C 1000 -6.61 4.61 6.87
C ILE C 1000 -5.54 4.73 5.80
N THR C 1001 -4.64 3.74 5.71
CA THR C 1001 -3.62 3.85 4.67
C THR C 1001 -4.25 3.74 3.30
N GLY C 1002 -5.28 2.92 3.15
CA GLY C 1002 -5.95 2.82 1.87
C GLY C 1002 -6.59 4.12 1.46
N ARG C 1003 -7.31 4.77 2.39
CA ARG C 1003 -7.90 6.05 2.06
C ARG C 1003 -6.85 7.12 1.79
N LEU C 1004 -5.78 7.17 2.58
CA LEU C 1004 -4.78 8.19 2.31
C LEU C 1004 -4.09 7.95 0.98
N GLN C 1005 -3.87 6.69 0.62
CA GLN C 1005 -3.31 6.38 -0.69
C GLN C 1005 -4.26 6.78 -1.80
N SER C 1006 -5.56 6.55 -1.59
CA SER C 1006 -6.54 6.97 -2.59
C SER C 1006 -6.46 8.47 -2.80
N LEU C 1007 -6.41 9.22 -1.70
CA LEU C 1007 -6.25 10.66 -1.80
C LEU C 1007 -4.97 11.03 -2.50
N GLN C 1008 -3.87 10.34 -2.17
CA GLN C 1008 -2.59 10.62 -2.80
C GLN C 1008 -2.67 10.46 -4.30
N THR C 1009 -3.15 9.31 -4.76
CA THR C 1009 -3.24 9.08 -6.20
C THR C 1009 -4.14 10.10 -6.85
N TYR C 1010 -5.26 10.39 -6.20
CA TYR C 1010 -6.12 11.47 -6.66
C TYR C 1010 -5.34 12.76 -6.87
N VAL C 1011 -4.57 13.17 -5.86
CA VAL C 1011 -3.85 14.42 -5.95
C VAL C 1011 -2.77 14.34 -7.01
N THR C 1012 -2.24 13.14 -7.26
CA THR C 1012 -1.26 12.99 -8.33
C THR C 1012 -1.88 13.33 -9.67
N GLN C 1013 -3.03 12.72 -9.97
CA GLN C 1013 -3.75 13.13 -11.17
C GLN C 1013 -4.10 14.61 -11.12
N GLN C 1014 -4.33 15.13 -9.91
CA GLN C 1014 -4.69 16.52 -9.78
C GLN C 1014 -3.57 17.40 -10.30
N LEU C 1015 -2.35 17.14 -9.84
CA LEU C 1015 -1.18 17.83 -10.37
C LEU C 1015 -0.99 17.55 -11.85
N ILE C 1016 -1.29 16.32 -12.29
CA ILE C 1016 -1.04 16.01 -13.70
C ILE C 1016 -1.88 16.89 -14.60
N ARG C 1017 -3.20 16.83 -14.48
CA ARG C 1017 -3.88 17.71 -15.41
C ARG C 1017 -3.74 19.14 -14.94
N ALA C 1018 -3.29 19.36 -13.71
CA ALA C 1018 -2.95 20.72 -13.32
C ALA C 1018 -1.91 21.29 -14.26
N ALA C 1019 -0.85 20.54 -14.49
CA ALA C 1019 0.15 20.94 -15.47
C ALA C 1019 -0.44 20.99 -16.86
N GLU C 1020 -1.41 20.11 -17.13
CA GLU C 1020 -2.10 20.15 -18.42
C GLU C 1020 -2.76 21.50 -18.66
N ILE C 1021 -3.75 21.83 -17.83
CA ILE C 1021 -4.37 23.14 -17.89
C ILE C 1021 -3.35 24.26 -17.70
N ARG C 1022 -2.21 23.99 -17.08
CA ARG C 1022 -1.18 25.01 -16.97
C ARG C 1022 -0.61 25.34 -18.34
N ALA C 1023 -0.29 24.30 -19.10
CA ALA C 1023 0.12 24.51 -20.48
C ALA C 1023 -1.00 25.17 -21.26
N SER C 1024 -2.23 24.78 -21.00
CA SER C 1024 -3.36 25.40 -21.66
C SER C 1024 -3.45 26.87 -21.32
N ALA C 1025 -3.09 27.23 -20.09
CA ALA C 1025 -3.12 28.63 -19.68
C ALA C 1025 -2.00 29.41 -20.35
N ASN C 1026 -0.83 28.81 -20.44
CA ASN C 1026 0.21 29.37 -21.30
C ASN C 1026 -0.36 29.65 -22.69
N LEU C 1027 -1.05 28.66 -23.24
CA LEU C 1027 -1.65 28.81 -24.56
C LEU C 1027 -2.59 30.00 -24.61
N ALA C 1028 -3.53 30.04 -23.67
CA ALA C 1028 -4.55 31.09 -23.70
C ALA C 1028 -3.93 32.45 -23.50
N ALA C 1029 -2.93 32.54 -22.62
CA ALA C 1029 -2.23 33.79 -22.45
C ALA C 1029 -1.56 34.20 -23.75
N THR C 1030 -0.92 33.26 -24.44
CA THR C 1030 -0.27 33.60 -25.70
C THR C 1030 -1.31 34.06 -26.73
N LYS C 1031 -2.48 33.44 -26.73
CA LYS C 1031 -3.53 33.86 -27.64
C LYS C 1031 -3.93 35.30 -27.33
N MET C 1032 -4.26 35.56 -26.08
CA MET C 1032 -4.64 36.89 -25.63
C MET C 1032 -3.53 37.88 -25.83
N SER C 1033 -2.30 37.39 -25.96
CA SER C 1033 -1.14 38.26 -25.98
C SER C 1033 -0.77 38.66 -27.39
N GLU C 1034 -0.39 37.69 -28.23
CA GLU C 1034 -0.02 37.97 -29.60
C GLU C 1034 -1.19 37.85 -30.56
N CYS C 1035 -2.07 36.87 -30.35
CA CYS C 1035 -3.23 36.74 -31.22
C CYS C 1035 -4.13 37.96 -31.15
N VAL C 1036 -4.02 38.76 -30.09
CA VAL C 1036 -4.97 39.84 -29.85
C VAL C 1036 -4.28 41.20 -29.96
N LEU C 1037 -3.23 41.41 -29.17
CA LEU C 1037 -2.59 42.73 -29.15
C LEU C 1037 -2.03 43.10 -30.51
N GLY C 1038 -1.28 42.18 -31.13
CA GLY C 1038 -0.72 42.44 -32.44
C GLY C 1038 -1.14 41.40 -33.45
N GLN C 1039 -0.47 41.36 -34.60
CA GLN C 1039 -0.79 40.41 -35.66
C GLN C 1039 0.22 39.28 -35.63
N SER C 1040 -0.26 38.05 -35.46
CA SER C 1040 0.61 36.90 -35.36
C SER C 1040 0.68 36.21 -36.73
N LYS C 1041 1.88 36.18 -37.31
CA LYS C 1041 2.06 35.45 -38.55
C LYS C 1041 1.91 33.95 -38.34
N ARG C 1042 1.85 33.49 -37.10
CA ARG C 1042 1.76 32.07 -36.80
C ARG C 1042 0.36 31.56 -37.14
N VAL C 1043 0.32 30.40 -37.77
CA VAL C 1043 -0.91 29.80 -38.28
C VAL C 1043 -1.33 28.66 -37.38
N ASP C 1044 -2.63 28.37 -37.33
CA ASP C 1044 -3.17 27.23 -36.57
C ASP C 1044 -2.89 27.36 -35.08
N PHE C 1045 -2.39 28.51 -34.65
CA PHE C 1045 -2.32 28.85 -33.24
C PHE C 1045 -3.35 29.92 -32.90
N CYS C 1046 -3.31 31.03 -33.62
CA CYS C 1046 -4.33 32.06 -33.52
C CYS C 1046 -5.51 31.73 -34.43
N GLY C 1047 -6.00 30.49 -34.33
CA GLY C 1047 -7.05 30.03 -35.21
C GLY C 1047 -6.56 29.77 -36.62
N LYS C 1048 -7.25 28.89 -37.33
CA LYS C 1048 -6.87 28.60 -38.70
C LYS C 1048 -6.99 29.84 -39.58
N GLY C 1049 -6.00 30.04 -40.44
CA GLY C 1049 -6.05 31.08 -41.46
C GLY C 1049 -5.06 32.19 -41.21
N TYR C 1050 -4.84 32.98 -42.26
CA TYR C 1050 -3.92 34.12 -42.22
C TYR C 1050 -4.44 35.15 -41.23
N HIS C 1051 -3.80 35.27 -40.07
CA HIS C 1051 -4.48 35.83 -38.92
C HIS C 1051 -4.49 37.35 -38.95
N LEU C 1052 -5.58 37.93 -38.45
CA LEU C 1052 -5.70 39.36 -38.20
C LEU C 1052 -5.77 39.68 -36.72
N MET C 1053 -6.75 39.12 -36.00
CA MET C 1053 -6.86 39.29 -34.56
C MET C 1053 -7.86 38.26 -34.04
N SER C 1054 -7.92 38.14 -32.73
CA SER C 1054 -8.90 37.31 -32.05
C SER C 1054 -9.63 38.16 -31.04
N PHE C 1055 -10.83 37.71 -30.65
CA PHE C 1055 -11.60 38.43 -29.67
C PHE C 1055 -11.96 37.51 -28.52
N PRO C 1056 -11.81 37.96 -27.28
CA PRO C 1056 -11.92 37.07 -26.12
C PRO C 1056 -13.31 37.06 -25.51
N GLN C 1057 -13.69 35.90 -25.00
CA GLN C 1057 -14.96 35.81 -24.31
C GLN C 1057 -14.83 34.78 -23.19
N SER C 1058 -15.55 35.05 -22.10
CA SER C 1058 -15.44 34.27 -20.89
C SER C 1058 -16.13 32.91 -21.04
N ALA C 1059 -16.22 32.20 -19.94
CA ALA C 1059 -16.73 30.85 -19.84
C ALA C 1059 -16.72 30.49 -18.37
N PRO C 1060 -17.40 29.41 -17.95
CA PRO C 1060 -17.33 29.04 -16.52
C PRO C 1060 -15.93 28.74 -16.05
N HIS C 1061 -15.10 28.10 -16.86
CA HIS C 1061 -13.77 27.77 -16.37
C HIS C 1061 -12.69 27.88 -17.43
N GLY C 1062 -13.00 28.45 -18.57
CA GLY C 1062 -12.04 28.61 -19.63
C GLY C 1062 -12.37 29.85 -20.39
N VAL C 1063 -12.14 29.80 -21.69
CA VAL C 1063 -12.43 30.92 -22.58
C VAL C 1063 -12.88 30.38 -23.93
N VAL C 1064 -13.52 31.25 -24.70
CA VAL C 1064 -13.67 31.04 -26.13
C VAL C 1064 -13.04 32.24 -26.83
N PHE C 1065 -12.19 31.96 -27.80
CA PHE C 1065 -11.57 32.99 -28.60
C PHE C 1065 -12.10 32.90 -30.02
N LEU C 1066 -12.58 34.02 -30.51
CA LEU C 1066 -13.22 34.11 -31.82
C LEU C 1066 -12.14 34.63 -32.75
N HIS C 1067 -11.59 33.76 -33.57
CA HIS C 1067 -10.46 34.09 -34.43
C HIS C 1067 -10.94 34.59 -35.78
N VAL C 1068 -10.27 35.64 -36.27
CA VAL C 1068 -10.53 36.26 -37.55
C VAL C 1068 -9.76 35.48 -38.62
N THR C 1069 -10.46 34.68 -39.41
CA THR C 1069 -9.84 33.93 -40.51
C THR C 1069 -10.00 34.71 -41.80
N TYR C 1070 -8.89 34.98 -42.47
CA TYR C 1070 -8.78 35.95 -43.55
C TYR C 1070 -8.24 35.26 -44.80
N VAL C 1071 -9.12 34.62 -45.56
CA VAL C 1071 -8.67 33.74 -46.64
C VAL C 1071 -8.75 34.53 -47.95
N PRO C 1072 -7.63 34.85 -48.59
CA PRO C 1072 -7.70 35.39 -49.95
C PRO C 1072 -8.10 34.29 -50.93
N ALA C 1073 -9.23 34.50 -51.61
CA ALA C 1073 -9.88 33.44 -52.37
C ALA C 1073 -10.39 34.00 -53.68
N GLN C 1074 -11.26 33.23 -54.33
CA GLN C 1074 -11.75 33.54 -55.68
C GLN C 1074 -10.57 33.62 -56.65
N GLU C 1075 -9.92 32.47 -56.82
CA GLU C 1075 -8.65 32.40 -57.54
C GLU C 1075 -8.84 32.52 -59.04
N LYS C 1076 -7.86 33.15 -59.69
CA LYS C 1076 -7.75 33.16 -61.14
C LYS C 1076 -6.32 32.77 -61.52
N ASN C 1077 -6.19 32.05 -62.63
CA ASN C 1077 -4.92 31.48 -63.04
C ASN C 1077 -4.43 32.18 -64.31
N PHE C 1078 -3.21 32.69 -64.26
CA PHE C 1078 -2.61 33.35 -65.41
C PHE C 1078 -1.16 32.93 -65.57
N THR C 1079 -0.48 33.56 -66.52
CA THR C 1079 0.82 33.13 -67.00
C THR C 1079 1.84 34.26 -66.86
N THR C 1080 3.04 33.90 -66.41
CA THR C 1080 4.07 34.89 -66.12
C THR C 1080 5.44 34.40 -66.59
N ALA C 1081 6.29 35.35 -66.97
CA ALA C 1081 7.71 35.12 -67.13
C ALA C 1081 8.45 35.95 -66.09
N PRO C 1082 9.39 35.39 -65.33
CA PRO C 1082 9.88 36.07 -64.13
C PRO C 1082 10.55 37.41 -64.39
N ALA C 1083 10.99 37.68 -65.61
CA ALA C 1083 11.60 38.96 -65.93
C ALA C 1083 11.23 39.35 -67.35
N ILE C 1084 11.35 40.65 -67.65
CA ILE C 1084 11.13 41.16 -68.99
C ILE C 1084 12.44 41.75 -69.49
N CYS C 1085 12.87 41.33 -70.67
CA CYS C 1085 14.14 41.77 -71.23
C CYS C 1085 13.90 43.04 -72.04
N HIS C 1086 14.30 44.17 -71.48
CA HIS C 1086 14.23 45.46 -72.16
C HIS C 1086 15.58 46.15 -72.05
N ASP C 1087 15.98 46.83 -73.12
CA ASP C 1087 17.23 47.59 -73.16
C ASP C 1087 18.43 46.72 -72.84
N GLY C 1088 18.38 45.45 -73.22
CA GLY C 1088 19.47 44.53 -72.98
C GLY C 1088 19.58 44.04 -71.56
N LYS C 1089 18.61 44.32 -70.71
CA LYS C 1089 18.64 43.91 -69.31
C LYS C 1089 17.31 43.29 -68.92
N ALA C 1090 17.35 42.34 -68.01
CA ALA C 1090 16.14 41.76 -67.46
C ALA C 1090 15.62 42.64 -66.33
N HIS C 1091 14.30 42.80 -66.29
CA HIS C 1091 13.63 43.59 -65.28
C HIS C 1091 12.76 42.65 -64.44
N PHE C 1092 12.86 42.76 -63.13
CA PHE C 1092 12.25 41.87 -62.16
C PHE C 1092 11.36 42.67 -61.23
N PRO C 1093 10.34 42.04 -60.64
CA PRO C 1093 9.35 42.79 -59.87
C PRO C 1093 9.72 42.99 -58.41
N ARG C 1094 9.14 44.04 -57.82
CA ARG C 1094 9.42 44.38 -56.43
C ARG C 1094 8.79 43.38 -55.46
N GLU C 1095 7.46 43.34 -55.42
CA GLU C 1095 6.72 42.32 -54.68
C GLU C 1095 5.43 42.07 -55.42
N GLY C 1096 5.26 40.84 -55.88
CA GLY C 1096 4.23 40.47 -56.82
C GLY C 1096 4.83 39.69 -57.98
N VAL C 1097 3.97 39.35 -58.94
CA VAL C 1097 4.36 38.54 -60.07
C VAL C 1097 3.80 39.20 -61.33
N PHE C 1098 4.44 38.91 -62.47
CA PHE C 1098 4.14 39.53 -63.77
C PHE C 1098 2.93 38.83 -64.42
N VAL C 1099 1.78 39.01 -63.80
CA VAL C 1099 0.54 38.40 -64.27
C VAL C 1099 -0.06 39.25 -65.39
N SER C 1100 -0.58 38.59 -66.41
CA SER C 1100 -1.30 39.26 -67.49
C SER C 1100 -2.79 39.16 -67.25
N ASN C 1101 -3.48 40.29 -67.32
CA ASN C 1101 -4.93 40.33 -67.15
C ASN C 1101 -5.68 39.98 -68.42
N GLY C 1102 -4.95 39.67 -69.50
CA GLY C 1102 -5.53 39.48 -70.81
C GLY C 1102 -5.31 40.64 -71.76
N THR C 1103 -4.83 41.77 -71.26
CA THR C 1103 -4.59 42.92 -72.11
C THR C 1103 -3.17 43.44 -71.96
N HIS C 1104 -2.57 43.30 -70.78
CA HIS C 1104 -1.29 43.90 -70.48
C HIS C 1104 -0.53 43.04 -69.49
N TRP C 1105 0.62 43.55 -69.05
CA TRP C 1105 1.41 42.95 -67.98
C TRP C 1105 1.27 43.77 -66.70
N PHE C 1106 1.24 43.09 -65.56
CA PHE C 1106 1.12 43.76 -64.27
C PHE C 1106 1.90 43.01 -63.20
N VAL C 1107 2.23 43.72 -62.13
CA VAL C 1107 2.81 43.13 -60.93
C VAL C 1107 1.71 43.05 -59.87
N THR C 1108 1.38 41.83 -59.45
CA THR C 1108 0.30 41.66 -58.48
C THR C 1108 0.76 40.81 -57.30
N GLN C 1109 0.14 41.07 -56.15
CA GLN C 1109 0.60 40.48 -54.90
C GLN C 1109 0.28 38.99 -54.87
N ARG C 1110 0.92 38.31 -53.90
CA ARG C 1110 0.77 36.86 -53.79
C ARG C 1110 -0.61 36.48 -53.24
N ASN C 1111 -1.09 37.19 -52.23
CA ASN C 1111 -2.36 36.85 -51.61
C ASN C 1111 -3.48 37.80 -51.98
N PHE C 1112 -3.43 38.41 -53.16
CA PHE C 1112 -4.61 39.03 -53.75
C PHE C 1112 -4.28 39.43 -55.19
N TYR C 1113 -5.33 39.65 -55.97
CA TYR C 1113 -5.16 40.11 -57.36
C TYR C 1113 -5.06 41.63 -57.35
N GLU C 1114 -3.84 42.13 -57.22
CA GLU C 1114 -3.59 43.57 -57.13
C GLU C 1114 -2.57 43.97 -58.20
N PRO C 1115 -3.01 44.11 -59.44
CA PRO C 1115 -2.09 44.46 -60.53
C PRO C 1115 -1.56 45.87 -60.39
N GLN C 1116 -0.42 46.10 -61.04
CA GLN C 1116 0.18 47.43 -61.12
C GLN C 1116 1.09 47.48 -62.34
N ILE C 1117 1.27 48.70 -62.87
CA ILE C 1117 2.05 48.88 -64.09
C ILE C 1117 3.54 48.70 -63.80
N ILE C 1118 4.23 47.98 -64.67
CA ILE C 1118 5.67 47.80 -64.54
C ILE C 1118 6.35 49.09 -64.97
N THR C 1119 6.98 49.78 -64.02
CA THR C 1119 7.69 51.02 -64.29
C THR C 1119 9.08 50.93 -63.66
N THR C 1120 9.84 52.01 -63.76
CA THR C 1120 11.16 52.05 -63.13
C THR C 1120 11.06 51.95 -61.62
N ASP C 1121 10.06 52.60 -61.03
CA ASP C 1121 9.92 52.60 -59.58
C ASP C 1121 9.64 51.20 -59.05
N ASN C 1122 8.75 50.46 -59.70
CA ASN C 1122 8.24 49.20 -59.16
C ASN C 1122 8.97 47.98 -59.70
N THR C 1123 10.18 48.14 -60.22
CA THR C 1123 10.98 47.02 -60.69
C THR C 1123 12.45 47.27 -60.37
N PHE C 1124 13.23 46.19 -60.40
CA PHE C 1124 14.67 46.26 -60.20
C PHE C 1124 15.39 45.48 -61.30
N VAL C 1125 16.68 45.78 -61.44
CA VAL C 1125 17.55 45.16 -62.43
C VAL C 1125 18.67 44.46 -61.70
N SER C 1126 18.86 43.17 -61.98
CA SER C 1126 19.94 42.39 -61.37
C SER C 1126 20.31 41.29 -62.37
N GLY C 1127 21.37 41.52 -63.12
CA GLY C 1127 21.77 40.59 -64.17
C GLY C 1127 20.96 40.79 -65.43
N ASN C 1128 21.56 40.37 -66.54
CA ASN C 1128 20.91 40.56 -67.83
C ASN C 1128 19.81 39.51 -68.01
N CYS C 1129 19.17 39.55 -69.19
CA CYS C 1129 18.04 38.69 -69.48
C CYS C 1129 18.45 37.33 -70.05
N ASP C 1130 19.67 36.88 -69.71
CA ASP C 1130 20.10 35.53 -70.06
C ASP C 1130 19.90 34.52 -68.94
N VAL C 1131 19.70 34.98 -67.70
CA VAL C 1131 19.51 34.07 -66.58
C VAL C 1131 18.07 33.55 -66.52
N VAL C 1132 17.13 34.24 -67.14
CA VAL C 1132 15.75 33.77 -67.21
C VAL C 1132 15.60 32.80 -68.37
N ILE C 1133 14.87 31.72 -68.14
CA ILE C 1133 14.75 30.63 -69.11
C ILE C 1133 13.54 30.86 -70.00
N GLY C 1134 13.72 30.74 -71.31
CA GLY C 1134 12.63 30.92 -72.25
C GLY C 1134 12.04 32.32 -72.21
N ILE C 1135 12.90 33.33 -72.11
CA ILE C 1135 12.41 34.69 -71.87
C ILE C 1135 11.76 35.24 -73.14
N VAL C 1136 10.90 36.24 -72.93
CA VAL C 1136 10.24 36.95 -74.02
C VAL C 1136 10.69 38.40 -73.99
N ASN C 1137 10.53 39.07 -75.13
CA ASN C 1137 10.97 40.45 -75.30
C ASN C 1137 9.77 41.37 -75.33
N ASN C 1138 9.82 42.44 -74.53
CA ASN C 1138 8.70 43.37 -74.40
C ASN C 1138 9.26 44.75 -74.06
N THR C 1139 8.41 45.76 -74.26
CA THR C 1139 8.79 47.15 -74.01
C THR C 1139 8.18 47.62 -72.70
N VAL C 1140 9.02 48.17 -71.82
CA VAL C 1140 8.60 48.74 -70.54
C VAL C 1140 9.00 50.21 -70.52
N TYR C 1141 8.05 51.08 -70.23
CA TYR C 1141 8.26 52.51 -70.38
C TYR C 1141 8.66 53.16 -69.06
N ASP C 1142 9.61 54.10 -69.13
CA ASP C 1142 10.09 54.81 -67.94
C ASP C 1142 9.08 55.88 -67.53
N PRO C 1143 8.69 55.94 -66.25
CA PRO C 1143 7.70 56.95 -65.82
C PRO C 1143 8.20 58.38 -65.95
N LEU C 1144 9.50 58.61 -66.08
CA LEU C 1144 10.01 59.97 -66.25
C LEU C 1144 9.60 60.57 -67.58
N GLN C 1145 9.43 59.72 -68.60
CA GLN C 1145 9.15 60.23 -69.95
C GLN C 1145 7.87 61.05 -70.03
N PRO C 1146 6.72 60.60 -69.52
CA PRO C 1146 5.52 61.46 -69.59
C PRO C 1146 5.68 62.80 -68.90
N GLU C 1147 6.44 62.86 -67.81
CA GLU C 1147 6.68 64.13 -67.13
C GLU C 1147 7.55 65.06 -67.97
N LEU C 1148 8.38 64.50 -68.87
CA LEU C 1148 9.30 65.29 -69.69
C LEU C 1148 10.20 66.16 -68.84
N ASP C 1149 10.71 65.61 -67.75
CA ASP C 1149 11.62 66.32 -66.86
C ASP C 1149 13.07 66.04 -67.25
N GLN D 1 -26.94 23.39 26.27
CA GLN D 1 -27.27 24.07 27.51
C GLN D 1 -28.78 24.17 27.70
N VAL D 2 -29.36 23.17 28.36
CA VAL D 2 -30.79 23.15 28.61
C VAL D 2 -31.13 24.23 29.62
N GLN D 3 -32.10 25.08 29.29
CA GLN D 3 -32.47 26.20 30.14
C GLN D 3 -33.98 26.27 30.28
N LEU D 4 -34.43 26.89 31.38
CA LEU D 4 -35.84 27.02 31.68
C LEU D 4 -36.11 28.39 32.30
N VAL D 5 -37.30 28.90 32.06
CA VAL D 5 -37.74 30.17 32.65
C VAL D 5 -39.22 30.05 32.99
N GLU D 6 -39.61 30.77 34.05
CA GLU D 6 -41.01 30.93 34.44
C GLU D 6 -41.36 32.41 34.43
N TRP D 7 -42.65 32.71 34.33
CA TRP D 7 -43.09 34.10 34.32
C TRP D 7 -44.55 34.18 34.75
N GLY D 8 -44.95 35.38 35.15
CA GLY D 8 -46.30 35.62 35.60
C GLY D 8 -46.32 36.83 36.52
N ALA D 9 -47.53 37.16 36.98
CA ALA D 9 -47.70 38.29 37.87
C ALA D 9 -47.11 37.99 39.25
N GLY D 10 -46.49 38.99 39.86
CA GLY D 10 -45.90 38.85 41.17
C GLY D 10 -46.80 39.10 42.35
N LEU D 11 -48.02 39.60 42.12
CA LEU D 11 -48.97 39.88 43.18
C LEU D 11 -50.32 39.28 42.83
N LEU D 12 -50.88 38.49 43.75
CA LEU D 12 -52.21 37.93 43.59
C LEU D 12 -53.04 38.20 44.84
N LYS D 13 -54.36 38.26 44.65
CA LYS D 13 -55.32 38.53 45.70
C LYS D 13 -56.03 37.26 46.13
N PRO D 14 -56.61 37.26 47.34
CA PRO D 14 -57.41 36.10 47.75
C PRO D 14 -58.62 35.89 46.85
N SER D 15 -59.04 34.64 46.73
CA SER D 15 -60.15 34.19 45.91
C SER D 15 -59.92 34.42 44.43
N GLU D 16 -58.67 34.61 44.01
CA GLU D 16 -58.33 34.79 42.61
C GLU D 16 -57.76 33.48 42.07
N THR D 17 -57.66 33.37 40.75
CA THR D 17 -57.01 32.24 40.09
C THR D 17 -55.60 32.65 39.68
N LEU D 18 -54.66 31.74 39.89
CA LEU D 18 -53.24 32.00 39.65
C LEU D 18 -52.79 31.30 38.38
N SER D 19 -52.19 32.06 37.46
CA SER D 19 -51.81 31.55 36.15
C SER D 19 -50.31 31.72 35.95
N LEU D 20 -49.64 30.63 35.54
CA LEU D 20 -48.23 30.65 35.22
C LEU D 20 -47.96 29.83 33.97
N THR D 21 -46.73 29.93 33.47
CA THR D 21 -46.25 29.16 32.33
C THR D 21 -44.72 29.14 32.37
N CYS D 22 -44.15 28.00 32.01
CA CYS D 22 -42.69 27.83 31.96
C CYS D 22 -42.28 27.52 30.53
N ALA D 23 -41.18 28.11 30.09
CA ALA D 23 -40.67 27.92 28.73
C ALA D 23 -39.46 27.01 28.75
N VAL D 24 -39.32 26.24 27.67
CA VAL D 24 -38.24 25.27 27.52
C VAL D 24 -37.23 25.83 26.53
N TYR D 25 -35.98 25.39 26.67
CA TYR D 25 -34.91 25.81 25.78
C TYR D 25 -34.09 24.61 25.36
N GLY D 26 -33.90 24.46 24.06
CA GLY D 26 -32.99 23.45 23.53
C GLY D 26 -33.52 22.04 23.48
N GLY D 27 -34.83 21.85 23.34
CA GLY D 27 -35.35 20.50 23.32
C GLY D 27 -36.83 20.45 22.99
N SER D 28 -37.42 19.31 23.30
CA SER D 28 -38.83 19.02 23.05
C SER D 28 -39.45 18.45 24.31
N PHE D 29 -40.70 17.98 24.18
CA PHE D 29 -41.40 17.34 25.29
C PHE D 29 -41.64 15.84 25.07
N SER D 30 -41.24 15.30 23.93
CA SER D 30 -41.53 13.91 23.61
C SER D 30 -40.78 12.99 24.57
N GLY D 31 -41.50 12.43 25.53
CA GLY D 31 -40.85 11.66 26.57
C GLY D 31 -40.01 12.51 27.50
N TYR D 32 -40.33 13.81 27.61
CA TYR D 32 -39.62 14.70 28.51
C TYR D 32 -40.64 15.38 29.40
N TYR D 33 -40.59 15.07 30.70
CA TYR D 33 -41.63 15.43 31.64
C TYR D 33 -41.30 16.80 32.25
N TRP D 34 -42.32 17.45 32.82
CA TRP D 34 -42.15 18.77 33.42
C TRP D 34 -43.03 18.88 34.66
N SER D 35 -42.50 19.52 35.69
CA SER D 35 -43.20 19.64 36.97
C SER D 35 -43.21 21.09 37.42
N TRP D 36 -44.27 21.46 38.13
CA TRP D 36 -44.42 22.78 38.72
C TRP D 36 -44.27 22.65 40.23
N ILE D 37 -43.22 23.26 40.77
CA ILE D 37 -42.84 23.04 42.16
C ILE D 37 -42.76 24.39 42.85
N ARG D 38 -43.09 24.42 44.14
CA ARG D 38 -43.24 25.67 44.87
C ARG D 38 -42.50 25.59 46.20
N GLN D 39 -42.05 26.76 46.68
CA GLN D 39 -41.35 26.88 47.97
C GLN D 39 -42.19 27.68 48.96
N PRO D 40 -42.98 27.03 49.80
CA PRO D 40 -43.65 27.75 50.89
C PRO D 40 -42.64 28.40 51.81
N PRO D 41 -42.97 29.54 52.41
CA PRO D 41 -41.99 30.30 53.19
C PRO D 41 -41.46 29.49 54.37
N GLY D 42 -40.16 29.22 54.34
CA GLY D 42 -39.51 28.48 55.40
C GLY D 42 -39.70 26.98 55.33
N LYS D 43 -40.39 26.47 54.32
CA LYS D 43 -40.64 25.05 54.17
C LYS D 43 -39.96 24.53 52.90
N GLY D 44 -40.07 23.22 52.68
CA GLY D 44 -39.51 22.59 51.51
C GLY D 44 -40.41 22.72 50.30
N LEU D 45 -39.90 22.22 49.17
CA LEU D 45 -40.61 22.29 47.90
C LEU D 45 -41.76 21.30 47.88
N GLU D 46 -42.77 21.60 47.06
CA GLU D 46 -43.80 20.61 46.73
C GLU D 46 -44.39 20.93 45.36
N TRP D 47 -45.01 19.91 44.77
CA TRP D 47 -45.42 19.90 43.37
C TRP D 47 -46.93 19.76 43.26
N ILE D 48 -47.48 20.22 42.14
CA ILE D 48 -48.93 20.29 41.95
C ILE D 48 -49.39 19.51 40.72
N GLY D 49 -48.72 19.69 39.57
CA GLY D 49 -49.21 19.09 38.34
C GLY D 49 -48.10 18.96 37.31
N LEU D 50 -48.23 17.90 36.50
CA LEU D 50 -47.25 17.59 35.46
C LEU D 50 -47.97 17.40 34.14
N ILE D 51 -47.18 17.33 33.06
CA ILE D 51 -47.69 17.07 31.72
C ILE D 51 -46.54 16.57 30.84
N ASN D 52 -46.90 15.91 29.75
CA ASN D 52 -45.94 15.49 28.73
C ASN D 52 -46.34 16.11 27.40
N HIS D 53 -45.67 15.66 26.32
CA HIS D 53 -45.89 16.26 25.01
C HIS D 53 -47.32 16.08 24.52
N SER D 54 -47.91 14.90 24.74
CA SER D 54 -49.28 14.68 24.30
C SER D 54 -50.27 15.54 25.08
N GLY D 55 -50.17 15.56 26.41
CA GLY D 55 -51.06 16.37 27.22
C GLY D 55 -51.57 15.68 28.47
N SER D 56 -51.22 14.42 28.67
CA SER D 56 -51.65 13.70 29.87
C SER D 56 -51.01 14.31 31.12
N THR D 57 -51.77 14.35 32.20
CA THR D 57 -51.37 15.05 33.41
C THR D 57 -51.51 14.17 34.64
N ASN D 58 -50.73 14.50 35.66
CA ASN D 58 -50.88 13.98 37.02
C ASN D 58 -50.95 15.16 37.97
N TYR D 59 -51.82 15.08 38.97
CA TYR D 59 -52.13 16.21 39.83
C TYR D 59 -51.84 15.89 41.29
N ASN D 60 -51.64 16.95 42.06
CA ASN D 60 -51.55 16.86 43.52
C ASN D 60 -52.94 16.59 44.10
N PRO D 61 -53.10 15.53 44.89
CA PRO D 61 -54.44 15.26 45.46
C PRO D 61 -54.98 16.40 46.30
N SER D 62 -54.12 17.14 47.02
CA SER D 62 -54.58 18.27 47.81
C SER D 62 -54.99 19.45 46.94
N LEU D 63 -54.26 19.73 45.86
CA LEU D 63 -54.58 20.83 44.97
C LEU D 63 -55.23 20.35 43.68
N LYS D 64 -55.82 19.16 43.69
CA LYS D 64 -56.40 18.59 42.48
C LYS D 64 -57.53 19.45 41.94
N SER D 65 -58.39 19.96 42.82
CA SER D 65 -59.53 20.76 42.39
C SER D 65 -59.12 22.15 41.91
N ARG D 66 -57.86 22.56 42.10
CA ARG D 66 -57.43 23.89 41.72
C ARG D 66 -56.27 23.91 40.73
N VAL D 67 -55.93 22.78 40.11
CA VAL D 67 -54.78 22.69 39.21
C VAL D 67 -55.25 22.43 37.80
N THR D 68 -54.59 23.09 36.84
CA THR D 68 -54.79 22.80 35.43
C THR D 68 -53.47 23.09 34.71
N ILE D 69 -52.81 22.05 34.23
CA ILE D 69 -51.54 22.18 33.52
C ILE D 69 -51.75 21.72 32.08
N SER D 70 -51.40 22.59 31.14
CA SER D 70 -51.58 22.33 29.72
C SER D 70 -50.30 22.64 28.96
N LEU D 71 -50.08 21.92 27.88
CA LEU D 71 -48.90 22.10 27.04
C LEU D 71 -49.24 22.83 25.76
N ASP D 72 -48.30 23.66 25.30
CA ASP D 72 -48.39 24.37 24.02
C ASP D 72 -47.20 23.92 23.19
N THR D 73 -47.37 22.81 22.47
CA THR D 73 -46.24 22.18 21.78
C THR D 73 -45.74 23.01 20.61
N SER D 74 -46.56 23.88 20.03
CA SER D 74 -46.10 24.67 18.89
C SER D 74 -45.01 25.66 19.31
N LYS D 75 -45.27 26.43 20.38
CA LYS D 75 -44.30 27.39 20.89
C LYS D 75 -43.45 26.83 22.02
N ASN D 76 -43.67 25.59 22.43
CA ASN D 76 -42.81 24.88 23.39
C ASN D 76 -42.84 25.54 24.78
N GLN D 77 -44.03 25.53 25.39
CA GLN D 77 -44.17 25.88 26.81
C GLN D 77 -45.18 24.95 27.46
N PHE D 78 -45.37 25.15 28.77
CA PHE D 78 -46.40 24.48 29.54
C PHE D 78 -46.83 25.40 30.67
N SER D 79 -48.13 25.42 30.94
CA SER D 79 -48.73 26.45 31.78
C SER D 79 -49.21 25.90 33.11
N LEU D 80 -49.09 26.72 34.15
CA LEU D 80 -49.64 26.45 35.47
C LEU D 80 -50.88 27.30 35.67
N LYS D 81 -51.95 26.67 36.15
CA LYS D 81 -53.19 27.38 36.48
C LYS D 81 -53.64 26.94 37.87
N LEU D 82 -53.73 27.90 38.79
CA LEU D 82 -54.11 27.62 40.18
C LEU D 82 -55.30 28.50 40.53
N THR D 83 -56.49 27.90 40.51
CA THR D 83 -57.71 28.62 40.83
C THR D 83 -57.92 28.68 42.35
N SER D 84 -58.66 29.70 42.78
CA SER D 84 -59.05 29.86 44.19
C SER D 84 -57.82 29.88 45.11
N VAL D 85 -57.05 30.95 44.98
CA VAL D 85 -55.79 31.09 45.71
C VAL D 85 -56.07 31.60 47.12
N THR D 86 -55.47 30.96 48.11
CA THR D 86 -55.67 31.30 49.52
C THR D 86 -54.33 31.69 50.15
N ALA D 87 -54.38 32.04 51.44
CA ALA D 87 -53.19 32.48 52.15
C ALA D 87 -52.15 31.38 52.26
N ALA D 88 -52.58 30.12 52.25
CA ALA D 88 -51.65 29.00 52.33
C ALA D 88 -50.85 28.81 51.04
N ASP D 89 -51.19 29.52 49.98
CA ASP D 89 -50.59 29.34 48.67
C ASP D 89 -49.34 30.18 48.44
N THR D 90 -48.90 30.94 49.44
CA THR D 90 -47.71 31.77 49.26
C THR D 90 -46.47 30.89 49.06
N ALA D 91 -45.71 31.20 48.01
CA ALA D 91 -44.54 30.41 47.61
C ALA D 91 -43.90 31.08 46.39
N VAL D 92 -42.76 30.54 45.98
CA VAL D 92 -42.13 30.85 44.70
C VAL D 92 -42.12 29.59 43.86
N TYR D 93 -42.59 29.70 42.61
CA TYR D 93 -42.95 28.56 41.80
C TYR D 93 -41.81 28.19 40.85
N TYR D 94 -41.46 26.92 40.82
CA TYR D 94 -40.35 26.41 40.01
C TYR D 94 -40.86 25.39 39.00
N CYS D 95 -40.36 25.51 37.77
CA CYS D 95 -40.52 24.49 36.74
C CYS D 95 -39.19 23.77 36.56
N ALA D 96 -39.24 22.45 36.46
CA ALA D 96 -38.02 21.65 36.43
C ALA D 96 -38.09 20.66 35.27
N ARG D 97 -36.90 20.28 34.80
CA ARG D 97 -36.78 19.28 33.75
C ARG D 97 -37.18 17.91 34.30
N GLY D 98 -37.70 17.07 33.41
CA GLY D 98 -38.04 15.72 33.80
C GLY D 98 -37.85 14.72 32.69
N LEU D 99 -37.06 13.68 32.97
CA LEU D 99 -36.95 12.51 32.14
C LEU D 99 -37.47 11.31 32.91
N GLY D 100 -38.18 10.43 32.21
CA GLY D 100 -38.74 9.28 32.88
C GLY D 100 -39.51 8.34 31.98
N ILE D 101 -40.39 7.55 32.60
CA ILE D 101 -41.16 6.55 31.86
C ILE D 101 -42.44 6.25 32.63
N PHE D 102 -43.55 6.08 31.91
CA PHE D 102 -44.79 5.57 32.48
C PHE D 102 -45.33 6.49 33.58
N GLY D 103 -45.04 7.78 33.47
CA GLY D 103 -45.59 8.77 34.36
C GLY D 103 -44.69 9.18 35.52
N VAL D 104 -43.65 8.42 35.83
CA VAL D 104 -42.77 8.72 36.94
C VAL D 104 -41.47 9.29 36.36
N VAL D 105 -41.03 10.42 36.91
CA VAL D 105 -39.79 11.05 36.46
C VAL D 105 -38.61 10.33 37.07
N THR D 106 -37.74 9.81 36.21
CA THR D 106 -36.52 9.14 36.66
C THR D 106 -35.30 10.00 36.50
N LEU D 107 -35.46 11.29 36.20
CA LEU D 107 -34.31 12.16 35.96
C LEU D 107 -34.78 13.61 36.09
N SER D 108 -34.13 14.37 36.98
CA SER D 108 -34.36 15.80 37.13
C SER D 108 -32.99 16.48 37.21
N ASP D 109 -32.48 16.94 36.07
CA ASP D 109 -31.12 17.47 35.99
C ASP D 109 -31.09 18.98 36.25
N VAL D 110 -31.84 19.76 35.47
CA VAL D 110 -31.83 21.20 35.58
C VAL D 110 -33.14 21.67 36.20
N TRP D 111 -33.09 22.84 36.83
CA TRP D 111 -34.23 23.43 37.50
C TRP D 111 -34.39 24.88 37.07
N GLY D 112 -35.64 25.36 37.09
CA GLY D 112 -35.91 26.73 36.77
C GLY D 112 -35.46 27.68 37.85
N GLN D 113 -35.45 28.97 37.51
CA GLN D 113 -35.02 29.99 38.45
C GLN D 113 -36.09 30.27 39.49
N GLY D 114 -37.37 30.09 39.14
CA GLY D 114 -38.45 30.32 40.07
C GLY D 114 -38.97 31.75 40.02
N THR D 115 -40.29 31.91 40.03
CA THR D 115 -40.93 33.22 40.01
C THR D 115 -41.69 33.43 41.31
N THR D 116 -41.73 34.68 41.76
CA THR D 116 -42.32 35.02 43.06
C THR D 116 -43.79 35.36 42.90
N VAL D 117 -44.62 34.73 43.73
CA VAL D 117 -46.06 34.98 43.76
C VAL D 117 -46.45 35.31 45.19
N THR D 118 -47.10 36.45 45.38
CA THR D 118 -47.52 36.90 46.70
C THR D 118 -49.04 36.81 46.80
N VAL D 119 -49.53 36.24 47.90
CA VAL D 119 -50.96 36.11 48.15
C VAL D 119 -51.28 36.85 49.44
N SER D 120 -51.75 38.09 49.30
CA SER D 120 -52.16 38.89 50.45
C SER D 120 -53.11 39.97 49.97
N SER D 121 -53.91 40.48 50.90
CA SER D 121 -54.82 41.58 50.64
C SER D 121 -54.72 42.62 51.75
N ALA D 122 -53.54 42.74 52.34
CA ALA D 122 -53.32 43.65 53.46
C ALA D 122 -52.82 44.99 52.94
N SER D 123 -53.41 46.06 53.44
CA SER D 123 -53.02 47.39 53.06
C SER D 123 -51.80 47.85 53.87
N THR D 124 -51.16 48.90 53.40
CA THR D 124 -50.03 49.47 54.11
C THR D 124 -50.49 50.00 55.48
N LYS D 125 -49.69 49.74 56.50
CA LYS D 125 -50.04 50.13 57.86
C LYS D 125 -48.78 50.57 58.59
N GLY D 126 -48.98 51.39 59.63
CA GLY D 126 -47.90 51.86 60.47
C GLY D 126 -47.66 50.96 61.66
N PRO D 127 -46.39 50.82 62.06
CA PRO D 127 -46.07 49.94 63.18
C PRO D 127 -46.68 50.41 64.49
N SER D 128 -46.95 49.44 65.36
CA SER D 128 -47.39 49.70 66.74
C SER D 128 -46.21 49.34 67.64
N VAL D 129 -45.48 50.36 68.08
CA VAL D 129 -44.23 50.14 68.80
C VAL D 129 -44.53 49.73 70.23
N PHE D 130 -43.87 48.66 70.69
CA PHE D 130 -44.14 48.12 72.02
C PHE D 130 -42.86 47.99 72.83
N PRO D 131 -42.59 48.90 73.77
CA PRO D 131 -41.46 48.68 74.68
C PRO D 131 -41.70 47.48 75.57
N LEU D 132 -40.62 46.75 75.87
CA LEU D 132 -40.65 45.61 76.77
C LEU D 132 -39.69 45.84 77.93
N ALA D 133 -40.19 45.67 79.15
CA ALA D 133 -39.49 45.81 80.41
C ALA D 133 -39.05 44.44 80.94
N PRO D 134 -37.76 44.28 81.25
CA PRO D 134 -37.31 43.02 81.83
C PRO D 134 -37.70 42.90 83.30
N SER D 135 -37.23 41.83 83.95
CA SER D 135 -37.54 41.63 85.36
C SER D 135 -36.86 42.66 86.26
N SER D 136 -35.92 43.43 85.72
CA SER D 136 -35.23 44.49 86.48
C SER D 136 -34.58 43.93 87.74
N LYS D 137 -34.04 42.72 87.62
CA LYS D 137 -33.31 42.10 88.72
C LYS D 137 -31.96 41.62 88.22
N SER D 138 -30.97 41.64 89.10
CA SER D 138 -29.64 41.16 88.77
C SER D 138 -29.69 39.65 88.66
N THR D 139 -29.78 39.15 87.43
CA THR D 139 -29.93 37.73 87.17
C THR D 139 -28.59 37.03 87.37
N SER D 140 -28.51 35.77 86.94
CA SER D 140 -27.27 35.00 87.08
C SER D 140 -26.11 35.73 86.40
N GLY D 141 -26.34 36.24 85.20
CA GLY D 141 -25.37 37.08 84.51
C GLY D 141 -25.77 38.54 84.61
N GLY D 142 -24.79 39.40 84.86
CA GLY D 142 -25.06 40.81 85.06
C GLY D 142 -25.42 41.54 83.79
N THR D 143 -26.47 41.07 83.11
CA THR D 143 -26.91 41.64 81.85
C THR D 143 -28.38 42.02 81.94
N ALA D 144 -28.70 43.26 81.57
CA ALA D 144 -30.07 43.76 81.54
C ALA D 144 -30.49 43.98 80.10
N ALA D 145 -31.54 43.28 79.67
CA ALA D 145 -32.02 43.36 78.31
C ALA D 145 -33.27 44.22 78.25
N LEU D 146 -33.17 45.37 77.59
CA LEU D 146 -34.29 46.28 77.43
C LEU D 146 -34.50 46.54 75.94
N GLY D 147 -35.76 46.67 75.54
CA GLY D 147 -36.03 46.83 74.13
C GLY D 147 -37.47 47.22 73.85
N CYS D 148 -37.75 47.40 72.57
CA CYS D 148 -39.08 47.70 72.08
C CYS D 148 -39.46 46.71 70.99
N LEU D 149 -40.75 46.43 70.89
CA LEU D 149 -41.29 45.44 69.96
C LEU D 149 -42.10 46.16 68.89
N VAL D 150 -41.85 45.79 67.63
CA VAL D 150 -42.52 46.40 66.49
C VAL D 150 -43.47 45.37 65.90
N LYS D 151 -44.71 45.79 65.63
CA LYS D 151 -45.74 44.90 65.12
C LYS D 151 -46.68 45.65 64.19
N ASP D 152 -47.42 44.88 63.39
CA ASP D 152 -48.55 45.36 62.61
C ASP D 152 -48.16 46.50 61.67
N TYR D 153 -47.29 46.16 60.72
CA TYR D 153 -46.89 47.09 59.68
C TYR D 153 -46.78 46.36 58.35
N PHE D 154 -46.82 47.12 57.27
CA PHE D 154 -46.77 46.56 55.93
C PHE D 154 -46.44 47.64 54.92
N PRO D 155 -45.55 47.35 53.94
CA PRO D 155 -44.67 46.19 53.88
C PRO D 155 -43.29 46.47 54.44
N GLU D 156 -42.33 45.61 54.09
CA GLU D 156 -40.96 45.75 54.54
C GLU D 156 -40.28 46.94 53.86
N PRO D 157 -39.18 47.46 54.43
CA PRO D 157 -38.53 47.07 55.67
C PRO D 157 -38.70 48.08 56.81
N VAL D 158 -38.22 47.70 57.99
CA VAL D 158 -38.16 48.58 59.16
C VAL D 158 -36.83 48.33 59.85
N THR D 159 -36.15 49.41 60.23
CA THR D 159 -34.92 49.32 61.02
C THR D 159 -35.10 50.07 62.33
N VAL D 160 -34.62 49.47 63.42
CA VAL D 160 -34.79 50.00 64.76
C VAL D 160 -33.43 50.45 65.27
N SER D 161 -33.35 51.70 65.71
CA SER D 161 -32.14 52.31 66.24
C SER D 161 -32.24 52.42 67.77
N TRP D 162 -31.23 53.03 68.37
CA TRP D 162 -31.15 53.13 69.83
C TRP D 162 -30.39 54.39 70.21
N ASN D 163 -31.07 55.29 70.92
CA ASN D 163 -30.48 56.54 71.40
C ASN D 163 -29.86 57.33 70.25
N SER D 164 -30.55 57.31 69.10
CA SER D 164 -30.03 57.89 67.86
C SER D 164 -28.68 57.29 67.50
N GLY D 165 -28.49 56.00 67.76
CA GLY D 165 -27.25 55.31 67.47
C GLY D 165 -26.18 55.43 68.54
N ALA D 166 -26.43 56.19 69.61
CA ALA D 166 -25.41 56.40 70.63
C ALA D 166 -25.03 55.08 71.31
N LEU D 167 -26.03 54.26 71.64
CA LEU D 167 -25.76 52.97 72.25
C LEU D 167 -25.55 51.92 71.17
N THR D 168 -24.50 51.11 71.33
CA THR D 168 -24.19 50.08 70.35
C THR D 168 -23.77 48.77 70.99
N SER D 169 -23.66 48.71 72.32
CA SER D 169 -23.17 47.50 72.99
C SER D 169 -24.12 46.32 72.78
N GLY D 170 -25.36 46.46 73.23
CA GLY D 170 -26.29 45.36 73.18
C GLY D 170 -27.30 45.44 72.05
N VAL D 171 -27.07 46.33 71.08
CA VAL D 171 -28.01 46.50 70.00
C VAL D 171 -27.94 45.29 69.06
N HIS D 172 -29.10 44.69 68.79
CA HIS D 172 -29.17 43.56 67.86
C HIS D 172 -30.50 43.64 67.12
N THR D 173 -30.46 44.10 65.87
CA THR D 173 -31.63 44.07 65.01
C THR D 173 -31.85 42.66 64.47
N PHE D 174 -33.07 42.42 63.99
CA PHE D 174 -33.50 41.10 63.56
C PHE D 174 -34.20 41.23 62.21
N PRO D 175 -34.34 40.13 61.48
CA PRO D 175 -35.29 40.08 60.37
C PRO D 175 -36.72 40.01 60.90
N ALA D 176 -37.66 40.36 60.02
CA ALA D 176 -39.06 40.47 60.40
C ALA D 176 -39.76 39.10 60.39
N VAL D 177 -40.93 39.03 61.02
CA VAL D 177 -41.74 37.83 61.08
C VAL D 177 -43.05 38.10 60.36
N LEU D 178 -43.78 37.02 60.06
CA LEU D 178 -45.00 37.11 59.24
C LEU D 178 -46.21 36.81 60.11
N GLN D 179 -47.06 37.82 60.29
CA GLN D 179 -48.38 37.59 60.86
C GLN D 179 -49.34 37.11 59.78
N SER D 180 -50.14 36.10 60.12
CA SER D 180 -51.04 35.47 59.16
C SER D 180 -52.12 36.42 58.65
N SER D 181 -52.41 37.50 59.38
CA SER D 181 -53.46 38.42 58.97
C SER D 181 -53.02 39.40 57.89
N GLY D 182 -51.74 39.39 57.51
CA GLY D 182 -51.24 40.29 56.50
C GLY D 182 -50.31 41.37 56.98
N LEU D 183 -50.00 41.42 58.28
CA LEU D 183 -49.05 42.38 58.83
C LEU D 183 -47.78 41.66 59.28
N TYR D 184 -46.79 42.44 59.66
CA TYR D 184 -45.47 41.94 60.00
C TYR D 184 -45.09 42.39 61.41
N SER D 185 -43.95 41.90 61.89
CA SER D 185 -43.46 42.29 63.20
C SER D 185 -41.94 42.19 63.22
N LEU D 186 -41.33 42.89 64.18
CA LEU D 186 -39.88 42.94 64.34
C LEU D 186 -39.51 42.88 65.81
N SER D 187 -38.23 43.09 66.09
CA SER D 187 -37.71 43.01 67.45
C SER D 187 -36.43 43.82 67.57
N SER D 188 -36.23 44.42 68.74
CA SER D 188 -35.00 45.14 69.08
C SER D 188 -34.82 45.14 70.59
N VAL D 189 -33.57 44.97 71.01
CA VAL D 189 -33.23 44.91 72.44
C VAL D 189 -31.81 45.45 72.62
N VAL D 190 -31.52 45.92 73.83
CA VAL D 190 -30.17 46.32 74.22
C VAL D 190 -29.79 45.57 75.49
N THR D 191 -28.60 44.98 75.49
CA THR D 191 -28.09 44.20 76.61
C THR D 191 -27.18 45.12 77.43
N VAL D 192 -27.79 45.96 78.26
CA VAL D 192 -27.05 46.92 79.06
C VAL D 192 -26.59 46.25 80.35
N PRO D 193 -25.49 46.68 80.96
CA PRO D 193 -25.06 46.10 82.23
C PRO D 193 -26.07 46.36 83.33
N SER D 194 -26.12 45.42 84.28
CA SER D 194 -27.09 45.51 85.38
C SER D 194 -26.82 46.72 86.26
N SER D 195 -25.55 47.05 86.48
CA SER D 195 -25.22 48.20 87.32
C SER D 195 -25.73 49.50 86.71
N SER D 196 -25.58 49.64 85.39
CA SER D 196 -26.05 50.84 84.68
C SER D 196 -27.47 50.58 84.18
N LEU D 197 -28.40 50.56 85.13
CA LEU D 197 -29.80 50.27 84.83
C LEU D 197 -30.70 51.01 85.81
N GLY D 198 -31.75 51.62 85.28
CA GLY D 198 -32.72 52.31 86.12
C GLY D 198 -32.74 53.81 85.92
N THR D 199 -31.56 54.40 85.77
CA THR D 199 -31.42 55.85 85.64
C THR D 199 -31.05 56.31 84.24
N GLN D 200 -30.44 55.45 83.43
CA GLN D 200 -30.05 55.84 82.09
C GLN D 200 -31.22 55.71 81.13
N THR D 201 -31.24 56.59 80.12
CA THR D 201 -32.35 56.64 79.17
C THR D 201 -32.12 55.60 78.07
N TYR D 202 -33.14 54.78 77.80
CA TYR D 202 -33.11 53.81 76.72
C TYR D 202 -34.31 54.09 75.80
N ILE D 203 -34.04 54.62 74.61
CA ILE D 203 -35.09 54.96 73.67
C ILE D 203 -34.76 54.36 72.30
N CYS D 204 -35.76 53.79 71.66
CA CYS D 204 -35.63 53.27 70.30
C CYS D 204 -36.43 54.14 69.35
N ASN D 205 -35.87 54.36 68.16
CA ASN D 205 -36.48 55.17 67.12
C ASN D 205 -36.75 54.28 65.92
N VAL D 206 -38.04 54.09 65.59
CA VAL D 206 -38.46 53.14 64.58
C VAL D 206 -38.69 53.87 63.26
N ASN D 207 -38.40 53.19 62.15
CA ASN D 207 -38.55 53.75 60.82
C ASN D 207 -39.31 52.76 59.95
N HIS D 208 -40.40 53.23 59.35
CA HIS D 208 -41.16 52.45 58.37
C HIS D 208 -41.40 53.36 57.17
N LYS D 209 -40.47 53.30 56.21
CA LYS D 209 -40.57 54.15 55.03
C LYS D 209 -41.87 53.97 54.24
N PRO D 210 -42.36 52.75 53.98
CA PRO D 210 -43.64 52.65 53.24
C PRO D 210 -44.81 53.35 53.92
N SER D 211 -44.87 53.33 55.24
CA SER D 211 -45.94 54.00 55.98
C SER D 211 -45.52 55.35 56.54
N ASN D 212 -44.26 55.74 56.37
CA ASN D 212 -43.75 57.03 56.88
C ASN D 212 -44.00 57.19 58.38
N THR D 213 -43.78 56.11 59.12
CA THR D 213 -44.04 56.09 60.56
C THR D 213 -42.72 56.24 61.31
N LYS D 214 -42.62 57.30 62.10
CA LYS D 214 -41.47 57.55 62.96
C LYS D 214 -41.98 57.74 64.39
N VAL D 215 -41.70 56.76 65.24
CA VAL D 215 -42.22 56.74 66.62
C VAL D 215 -41.04 56.56 67.57
N ASP D 216 -41.04 57.35 68.65
CA ASP D 216 -40.03 57.27 69.69
C ASP D 216 -40.68 56.75 70.96
N LYS D 217 -40.11 55.70 71.54
CA LYS D 217 -40.64 55.06 72.73
C LYS D 217 -39.53 54.85 73.74
N LYS D 218 -39.84 55.06 75.02
CA LYS D 218 -38.87 54.95 76.09
C LYS D 218 -39.13 53.67 76.88
N VAL D 219 -38.05 52.98 77.24
CA VAL D 219 -38.11 51.69 77.91
C VAL D 219 -37.71 51.88 79.37
N GLU D 220 -38.47 51.27 80.27
CA GLU D 220 -38.25 51.39 81.71
C GLU D 220 -37.97 50.02 82.30
N PRO D 221 -37.17 49.95 83.37
CA PRO D 221 -36.86 48.65 83.99
C PRO D 221 -38.08 47.97 84.58
N LYS D 222 -38.79 48.66 85.47
CA LYS D 222 -39.94 48.08 86.14
C LYS D 222 -40.80 49.21 86.70
N SER D 223 -41.95 48.83 87.24
CA SER D 223 -42.89 49.78 87.82
C SER D 223 -43.53 49.23 89.08
N ASN E 1 -51.75 10.17 52.52
CA ASN E 1 -51.16 11.40 53.05
C ASN E 1 -49.69 11.20 53.38
N PHE E 2 -48.90 10.86 52.37
CA PHE E 2 -47.46 10.66 52.55
C PHE E 2 -46.76 12.01 52.59
N MET E 3 -45.88 12.20 53.56
CA MET E 3 -45.16 13.45 53.74
C MET E 3 -43.73 13.17 54.18
N LEU E 4 -42.84 14.13 53.93
CA LEU E 4 -41.42 14.01 54.24
C LEU E 4 -41.07 14.93 55.40
N THR E 5 -40.10 14.51 56.21
CA THR E 5 -39.65 15.29 57.36
C THR E 5 -38.13 15.23 57.44
N GLN E 6 -37.53 16.36 57.83
CA GLN E 6 -36.08 16.49 57.95
C GLN E 6 -35.72 17.08 59.30
N PRO E 7 -34.60 16.65 59.89
CA PRO E 7 -34.19 17.17 61.19
C PRO E 7 -33.84 18.66 61.12
N HIS E 8 -34.11 19.36 62.22
CA HIS E 8 -33.90 20.81 62.23
C HIS E 8 -32.43 21.17 62.15
N SER E 9 -31.58 20.44 62.88
CA SER E 9 -30.15 20.71 62.87
C SER E 9 -29.38 19.49 63.39
N VAL E 10 -28.10 19.43 63.01
CA VAL E 10 -27.17 18.44 63.50
C VAL E 10 -25.85 19.15 63.77
N SER E 11 -25.16 18.76 64.85
CA SER E 11 -23.87 19.33 65.19
C SER E 11 -22.78 18.32 64.90
N GLU E 12 -21.77 18.74 64.13
CA GLU E 12 -20.66 17.86 63.79
C GLU E 12 -19.49 18.72 63.32
N SER E 13 -18.30 18.39 63.81
CA SER E 13 -17.09 19.11 63.45
C SER E 13 -16.53 18.59 62.12
N PRO E 14 -15.77 19.41 61.40
CA PRO E 14 -15.10 18.92 60.19
C PRO E 14 -14.09 17.84 60.52
N GLY E 15 -13.88 16.94 59.55
CA GLY E 15 -13.03 15.80 59.74
C GLY E 15 -13.75 14.52 60.13
N LYS E 16 -15.04 14.62 60.46
CA LYS E 16 -15.84 13.45 60.81
C LYS E 16 -16.81 13.14 59.67
N THR E 17 -17.55 12.04 59.83
CA THR E 17 -18.60 11.66 58.89
C THR E 17 -19.96 11.85 59.54
N VAL E 18 -20.85 12.54 58.84
CA VAL E 18 -22.13 12.96 59.40
C VAL E 18 -23.25 12.40 58.52
N THR E 19 -24.43 12.26 59.12
CA THR E 19 -25.59 11.70 58.45
C THR E 19 -26.79 12.64 58.59
N ILE E 20 -27.68 12.57 57.61
CA ILE E 20 -28.90 13.38 57.58
C ILE E 20 -30.07 12.47 57.23
N SER E 21 -31.16 12.57 57.99
CA SER E 21 -32.27 11.64 57.91
C SER E 21 -33.50 12.25 57.23
N CYS E 22 -34.36 11.38 56.73
CA CYS E 22 -35.64 11.76 56.13
C CYS E 22 -36.55 10.55 56.17
N THR E 23 -37.60 10.62 56.99
CA THR E 23 -38.47 9.48 57.27
C THR E 23 -39.87 9.74 56.76
N GLY E 24 -40.45 8.76 56.06
CA GLY E 24 -41.82 8.86 55.63
C GLY E 24 -42.80 8.62 56.76
N SER E 25 -44.07 8.97 56.52
CA SER E 25 -45.11 8.86 57.53
C SER E 25 -46.19 7.85 57.15
N SER E 26 -46.87 8.06 56.03
CA SER E 26 -48.00 7.22 55.62
C SER E 26 -47.70 6.64 54.24
N GLY E 27 -47.25 5.39 54.23
CA GLY E 27 -46.82 4.70 53.03
C GLY E 27 -45.47 4.05 53.29
N SER E 28 -44.76 3.76 52.20
CA SER E 28 -43.42 3.19 52.30
C SER E 28 -42.50 3.94 51.34
N ILE E 29 -41.34 4.36 51.86
CA ILE E 29 -40.35 5.02 51.01
C ILE E 29 -39.70 4.03 50.06
N ALA E 30 -39.87 2.73 50.30
CA ALA E 30 -39.35 1.72 49.38
C ALA E 30 -40.11 1.69 48.06
N SER E 31 -41.23 2.41 47.96
CA SER E 31 -42.01 2.42 46.74
C SER E 31 -41.54 3.45 45.73
N ASN E 32 -40.63 4.35 46.12
CA ASN E 32 -40.12 5.37 45.21
C ASN E 32 -38.67 5.68 45.55
N TYR E 33 -37.99 6.30 44.58
CA TYR E 33 -36.60 6.70 44.78
C TYR E 33 -36.52 7.88 45.75
N VAL E 34 -35.36 8.02 46.39
CA VAL E 34 -35.03 9.21 47.16
C VAL E 34 -34.01 10.01 46.38
N GLN E 35 -34.22 11.32 46.31
CA GLN E 35 -33.27 12.24 45.70
C GLN E 35 -32.97 13.34 46.71
N TRP E 36 -31.69 13.61 46.92
CA TRP E 36 -31.27 14.60 47.89
C TRP E 36 -30.79 15.85 47.16
N TYR E 37 -31.21 17.00 47.64
CA TYR E 37 -30.83 18.28 47.06
C TYR E 37 -30.00 19.05 48.07
N GLN E 38 -28.98 19.74 47.58
CA GLN E 38 -28.21 20.67 48.40
C GLN E 38 -28.53 22.09 47.96
N GLN E 39 -28.67 22.97 48.95
CA GLN E 39 -29.07 24.35 48.72
C GLN E 39 -28.15 25.25 49.55
N ARG E 40 -27.03 25.66 48.97
CA ARG E 40 -26.21 26.67 49.61
C ARG E 40 -27.00 27.97 49.66
N PRO E 41 -26.88 28.75 50.74
CA PRO E 41 -27.72 29.95 50.88
C PRO E 41 -27.58 30.88 49.68
N GLY E 42 -28.72 31.33 49.17
CA GLY E 42 -28.77 32.14 47.98
C GLY E 42 -28.70 31.41 46.67
N SER E 43 -28.92 30.09 46.67
CA SER E 43 -28.79 29.28 45.47
C SER E 43 -29.99 28.36 45.30
N ALA E 44 -30.24 27.98 44.05
CA ALA E 44 -31.30 27.06 43.69
C ALA E 44 -30.92 25.63 44.06
N PRO E 45 -31.90 24.75 44.26
CA PRO E 45 -31.58 23.35 44.61
C PRO E 45 -30.81 22.65 43.50
N THR E 46 -29.85 21.81 43.92
CA THR E 46 -29.10 20.96 43.02
C THR E 46 -28.95 19.58 43.65
N THR E 47 -29.01 18.56 42.80
CA THR E 47 -29.05 17.18 43.28
C THR E 47 -27.67 16.71 43.73
N VAL E 48 -27.64 15.90 44.80
CA VAL E 48 -26.42 15.30 45.31
C VAL E 48 -26.50 13.78 45.35
N ILE E 49 -27.62 13.23 45.83
CA ILE E 49 -27.90 11.80 45.76
C ILE E 49 -28.97 11.56 44.72
N TYR E 50 -28.76 10.56 43.87
CA TYR E 50 -29.52 10.46 42.63
C TYR E 50 -29.81 9.00 42.35
N GLU E 51 -31.09 8.66 42.16
CA GLU E 51 -31.59 7.28 42.09
C GLU E 51 -31.09 6.45 43.27
N ASP E 52 -31.13 7.06 44.45
CA ASP E 52 -30.96 6.43 45.75
C ASP E 52 -29.52 6.02 46.07
N ASN E 53 -28.64 5.96 45.07
CA ASN E 53 -27.24 5.71 45.36
C ASN E 53 -26.26 6.36 44.40
N GLN E 54 -26.69 7.14 43.42
CA GLN E 54 -25.77 7.71 42.45
C GLN E 54 -25.63 9.22 42.67
N ARG E 55 -24.62 9.79 42.04
CA ARG E 55 -24.32 11.20 42.13
C ARG E 55 -24.13 11.78 40.73
N PRO E 56 -24.52 13.03 40.50
CA PRO E 56 -24.34 13.63 39.17
C PRO E 56 -22.88 13.97 38.93
N SER E 57 -22.58 14.25 37.66
CA SER E 57 -21.21 14.55 37.27
C SER E 57 -20.72 15.82 37.96
N GLY E 58 -19.49 15.76 38.47
CA GLY E 58 -18.86 16.89 39.13
C GLY E 58 -18.95 16.88 40.64
N VAL E 59 -19.90 16.13 41.21
CA VAL E 59 -20.03 16.02 42.66
C VAL E 59 -19.08 14.94 43.14
N PRO E 60 -18.25 15.20 44.15
CA PRO E 60 -17.35 14.16 44.65
C PRO E 60 -18.11 12.96 45.16
N ASP E 61 -17.50 11.79 45.03
CA ASP E 61 -18.16 10.53 45.34
C ASP E 61 -18.42 10.35 46.83
N ARG E 62 -17.89 11.23 47.70
CA ARG E 62 -18.11 11.09 49.13
C ARG E 62 -19.56 11.27 49.54
N PHE E 63 -20.37 11.97 48.73
CA PHE E 63 -21.79 12.11 49.01
C PHE E 63 -22.47 10.77 48.77
N SER E 64 -22.72 10.02 49.84
CA SER E 64 -23.31 8.69 49.72
C SER E 64 -24.69 8.70 50.35
N GLY E 65 -25.61 7.96 49.73
CA GLY E 65 -26.96 7.82 50.24
C GLY E 65 -27.33 6.36 50.35
N SER E 66 -28.47 6.12 51.02
CA SER E 66 -28.98 4.78 51.21
C SER E 66 -30.46 4.85 51.50
N ILE E 67 -31.12 3.70 51.40
CA ILE E 67 -32.54 3.57 51.72
C ILE E 67 -32.69 2.46 52.77
N ASP E 68 -33.36 2.78 53.86
CA ASP E 68 -33.63 1.82 54.93
C ASP E 68 -35.15 1.60 54.99
N SER E 69 -35.57 0.39 54.64
CA SER E 69 -36.99 0.04 54.64
C SER E 69 -37.47 -0.50 55.99
N SER E 70 -36.59 -0.61 56.98
CA SER E 70 -37.01 -1.08 58.29
C SER E 70 -37.92 -0.06 58.98
N SER E 71 -37.49 1.20 59.03
CA SER E 71 -38.27 2.27 59.64
C SER E 71 -38.66 3.34 58.63
N ASN E 72 -38.52 3.06 57.33
CA ASN E 72 -38.91 3.97 56.26
C ASN E 72 -38.17 5.30 56.34
N SER E 73 -36.85 5.21 56.47
CA SER E 73 -36.00 6.38 56.61
C SER E 73 -34.92 6.35 55.53
N ALA E 74 -34.52 7.55 55.09
CA ALA E 74 -33.43 7.72 54.14
C ALA E 74 -32.31 8.49 54.81
N SER E 75 -31.07 8.22 54.38
CA SER E 75 -29.89 8.81 55.00
C SER E 75 -29.05 9.51 53.94
N LEU E 76 -28.70 10.76 54.22
CA LEU E 76 -27.69 11.51 53.46
C LEU E 76 -26.40 11.46 54.24
N THR E 77 -25.34 10.93 53.63
CA THR E 77 -24.06 10.75 54.29
C THR E 77 -23.00 11.63 53.63
N ILE E 78 -22.26 12.36 54.45
CA ILE E 78 -21.09 13.12 54.02
C ILE E 78 -19.89 12.58 54.79
N SER E 79 -18.93 12.02 54.06
CA SER E 79 -17.79 11.38 54.70
C SER E 79 -16.74 12.40 55.14
N GLY E 80 -16.17 13.12 54.19
CA GLY E 80 -15.23 14.17 54.49
C GLY E 80 -15.92 15.50 54.74
N LEU E 81 -16.54 15.64 55.92
CA LEU E 81 -17.29 16.85 56.24
C LEU E 81 -16.41 18.08 56.11
N ARG E 82 -16.73 18.94 55.14
CA ARG E 82 -15.92 20.10 54.80
C ARG E 82 -16.64 21.38 55.24
N THR E 83 -15.84 22.42 55.50
CA THR E 83 -16.40 23.72 55.86
C THR E 83 -17.18 24.33 54.69
N GLU E 84 -16.96 23.85 53.46
CA GLU E 84 -17.68 24.32 52.30
C GLU E 84 -18.95 23.52 52.03
N ASP E 85 -19.32 22.61 52.93
CA ASP E 85 -20.54 21.83 52.78
C ASP E 85 -21.77 22.53 53.32
N GLU E 86 -21.62 23.69 53.95
CA GLU E 86 -22.76 24.38 54.56
C GLU E 86 -23.81 24.73 53.52
N ALA E 87 -24.97 24.08 53.62
CA ALA E 87 -26.05 24.26 52.66
C ALA E 87 -27.34 23.75 53.28
N ASP E 88 -28.42 23.85 52.53
CA ASP E 88 -29.70 23.29 52.93
C ASP E 88 -29.91 21.95 52.22
N TYR E 89 -30.12 20.90 53.01
CA TYR E 89 -30.26 19.55 52.48
C TYR E 89 -31.72 19.14 52.52
N TYR E 90 -32.24 18.70 51.38
CA TYR E 90 -33.62 18.27 51.25
C TYR E 90 -33.67 16.85 50.69
N CYS E 91 -34.75 16.14 51.02
CA CYS E 91 -34.98 14.78 50.56
C CYS E 91 -36.16 14.74 49.60
N GLN E 92 -36.20 13.72 48.76
CA GLN E 92 -37.28 13.54 47.80
C GLN E 92 -37.92 12.16 47.92
N SER E 93 -39.24 12.12 47.86
CA SER E 93 -40.01 10.90 47.68
C SER E 93 -41.24 11.23 46.87
N TYR E 94 -41.82 10.22 46.22
CA TYR E 94 -42.97 10.43 45.36
C TYR E 94 -44.21 9.79 45.96
N ASP E 95 -45.28 10.60 46.04
CA ASP E 95 -46.59 10.17 46.52
C ASP E 95 -47.51 10.21 45.30
N SER E 96 -47.52 9.11 44.54
CA SER E 96 -48.16 9.07 43.23
C SER E 96 -47.62 10.16 42.31
N GLY E 97 -46.32 10.41 42.40
CA GLY E 97 -45.65 11.42 41.61
C GLY E 97 -45.44 12.75 42.32
N ILE E 98 -45.86 12.88 43.57
CA ILE E 98 -45.75 14.15 44.28
C ILE E 98 -44.28 14.44 44.55
N TRP E 99 -43.82 15.63 44.15
CA TRP E 99 -42.47 16.07 44.50
C TRP E 99 -42.51 16.78 45.83
N VAL E 100 -42.75 16.01 46.90
CA VAL E 100 -42.88 16.54 48.25
C VAL E 100 -41.50 16.61 48.88
N PHE E 101 -41.35 17.52 49.85
CA PHE E 101 -40.10 17.71 50.57
C PHE E 101 -40.34 17.70 52.07
N GLY E 102 -39.24 17.64 52.82
CA GLY E 102 -39.29 17.71 54.25
C GLY E 102 -39.26 19.14 54.77
N GLY E 103 -38.96 19.26 56.07
CA GLY E 103 -38.86 20.56 56.69
C GLY E 103 -37.53 21.25 56.50
N GLY E 104 -36.53 20.53 56.01
CA GLY E 104 -35.21 21.10 55.80
C GLY E 104 -34.23 20.68 56.89
N THR E 105 -32.96 20.56 56.49
CA THR E 105 -31.89 20.17 57.41
C THR E 105 -30.76 21.18 57.32
N LYS E 106 -30.35 21.71 58.47
CA LYS E 106 -29.23 22.64 58.57
C LYS E 106 -28.07 21.92 59.22
N LEU E 107 -27.05 21.59 58.43
CA LEU E 107 -25.82 20.96 58.93
C LEU E 107 -24.71 22.00 58.93
N THR E 108 -24.08 22.17 60.09
CA THR E 108 -23.03 23.17 60.28
C THR E 108 -21.73 22.50 60.68
N VAL E 109 -20.62 23.11 60.27
CA VAL E 109 -19.29 22.64 60.65
C VAL E 109 -18.86 23.37 61.91
N LEU E 110 -18.38 22.62 62.90
CA LEU E 110 -18.01 23.19 64.19
C LEU E 110 -16.59 23.76 64.12
N GLY E 111 -16.49 25.08 64.10
CA GLY E 111 -15.20 25.74 64.22
C GLY E 111 -15.09 26.47 65.54
N GLN E 112 -16.14 26.40 66.34
CA GLN E 112 -16.25 27.07 67.63
C GLN E 112 -16.77 26.08 68.66
N PRO E 113 -16.44 26.28 69.94
CA PRO E 113 -16.96 25.40 70.98
C PRO E 113 -18.46 25.54 71.15
N LYS E 114 -19.09 24.46 71.62
CA LYS E 114 -20.53 24.46 71.83
C LYS E 114 -20.91 25.49 72.89
N ALA E 115 -21.93 26.28 72.59
CA ALA E 115 -22.36 27.37 73.46
C ALA E 115 -23.74 27.08 74.02
N ALA E 116 -23.87 27.15 75.35
CA ALA E 116 -25.17 26.96 75.98
C ALA E 116 -25.98 28.24 75.90
N PRO E 117 -27.14 28.23 75.26
CA PRO E 117 -27.89 29.48 75.06
C PRO E 117 -28.44 30.04 76.36
N SER E 118 -28.61 31.36 76.39
CA SER E 118 -29.28 32.06 77.48
C SER E 118 -30.55 32.69 76.93
N VAL E 119 -31.66 32.46 77.61
CA VAL E 119 -32.98 32.88 77.16
C VAL E 119 -33.55 33.90 78.13
N THR E 120 -34.04 35.01 77.60
CA THR E 120 -34.72 36.04 78.39
C THR E 120 -36.13 36.20 77.87
N LEU E 121 -37.09 36.29 78.79
CA LEU E 121 -38.50 36.34 78.45
C LEU E 121 -39.12 37.62 79.00
N PHE E 122 -40.01 38.22 78.22
CA PHE E 122 -40.66 39.46 78.61
C PHE E 122 -42.16 39.33 78.39
N PRO E 123 -42.97 39.39 79.44
CA PRO E 123 -44.42 39.40 79.27
C PRO E 123 -44.87 40.72 78.66
N PRO E 124 -46.06 40.78 78.08
CA PRO E 124 -46.54 42.04 77.50
C PRO E 124 -46.52 43.16 78.52
N SER E 125 -46.03 44.32 78.09
CA SER E 125 -45.88 45.43 79.02
C SER E 125 -47.24 46.02 79.36
N SER E 126 -47.26 46.93 80.34
CA SER E 126 -48.51 47.55 80.76
C SER E 126 -49.08 48.47 79.69
N GLU E 127 -48.22 49.06 78.85
CA GLU E 127 -48.69 49.92 77.78
C GLU E 127 -49.43 49.16 76.68
N GLU E 128 -49.39 47.83 76.71
CA GLU E 128 -50.04 47.02 75.70
C GLU E 128 -51.48 46.68 76.06
N LEU E 129 -51.85 46.71 77.35
CA LEU E 129 -53.24 46.48 77.74
C LEU E 129 -54.17 47.55 77.20
N GLN E 130 -53.75 48.82 77.26
CA GLN E 130 -54.57 49.91 76.74
C GLN E 130 -54.72 49.82 75.22
N ALA E 131 -53.79 49.17 74.53
CA ALA E 131 -53.85 49.02 73.08
C ALA E 131 -54.63 47.79 72.66
N ASN E 132 -55.20 47.04 73.61
CA ASN E 132 -55.95 45.82 73.34
C ASN E 132 -55.12 44.82 72.54
N LYS E 133 -53.90 44.59 73.01
CA LYS E 133 -52.99 43.63 72.40
C LYS E 133 -52.23 42.91 73.50
N ALA E 134 -51.59 41.80 73.13
CA ALA E 134 -50.76 41.03 74.05
C ALA E 134 -49.87 40.09 73.25
N THR E 135 -48.62 39.99 73.66
CA THR E 135 -47.66 39.12 72.98
C THR E 135 -46.49 38.81 73.91
N LEU E 136 -46.15 37.53 74.03
CA LEU E 136 -44.98 37.12 74.77
C LEU E 136 -43.73 37.33 73.92
N VAL E 137 -42.66 37.77 74.58
CA VAL E 137 -41.39 38.08 73.93
C VAL E 137 -40.36 37.07 74.41
N CYS E 138 -39.73 36.38 73.47
CA CYS E 138 -38.79 35.30 73.77
C CYS E 138 -37.52 35.55 72.96
N LEU E 139 -36.47 36.00 73.63
CA LEU E 139 -35.21 36.36 73.01
C LEU E 139 -34.15 35.35 73.40
N ILE E 140 -33.52 34.73 72.41
CA ILE E 140 -32.42 33.79 72.65
C ILE E 140 -31.23 34.24 71.80
N SER E 141 -30.05 34.25 72.41
CA SER E 141 -28.86 34.68 71.70
C SER E 141 -27.65 33.95 72.28
N ASP E 142 -26.50 34.15 71.63
CA ASP E 142 -25.21 33.62 72.07
C ASP E 142 -25.26 32.10 72.20
N PHE E 143 -25.53 31.46 71.07
CA PHE E 143 -25.49 30.01 71.00
C PHE E 143 -25.03 29.59 69.61
N TYR E 144 -24.37 28.44 69.55
CA TYR E 144 -23.86 27.91 68.29
C TYR E 144 -23.89 26.40 68.41
N PRO E 145 -24.43 25.67 67.43
CA PRO E 145 -25.02 26.17 66.18
C PRO E 145 -26.34 26.91 66.36
N GLY E 146 -26.65 27.80 65.43
CA GLY E 146 -27.84 28.62 65.51
C GLY E 146 -29.06 28.03 64.82
N ALA E 147 -29.61 26.96 65.39
CA ALA E 147 -30.84 26.38 64.85
C ALA E 147 -31.56 25.66 65.99
N VAL E 148 -32.65 26.27 66.48
CA VAL E 148 -33.43 25.72 67.58
C VAL E 148 -34.90 25.77 67.19
N THR E 149 -35.70 25.00 67.93
CA THR E 149 -37.15 24.97 67.76
C THR E 149 -37.81 25.47 69.04
N VAL E 150 -38.98 26.09 68.89
CA VAL E 150 -39.66 26.73 70.00
C VAL E 150 -41.10 26.24 70.05
N ALA E 151 -41.59 25.98 71.27
CA ALA E 151 -42.95 25.55 71.50
C ALA E 151 -43.57 26.39 72.60
N TRP E 152 -44.65 27.10 72.28
CA TRP E 152 -45.35 27.91 73.26
C TRP E 152 -46.17 27.01 74.19
N LYS E 153 -46.46 27.55 75.37
CA LYS E 153 -47.26 26.88 76.38
C LYS E 153 -48.35 27.81 76.86
N ALA E 154 -49.51 27.25 77.18
CA ALA E 154 -50.65 27.99 77.72
C ALA E 154 -51.23 27.18 78.88
N ASP E 155 -50.92 27.60 80.12
CA ASP E 155 -51.24 26.84 81.32
C ASP E 155 -50.74 25.40 81.22
N SER E 156 -49.46 25.28 80.87
CA SER E 156 -48.80 23.98 80.71
C SER E 156 -49.50 23.12 79.67
N SER E 157 -49.81 23.74 78.53
CA SER E 157 -50.46 23.04 77.42
C SER E 157 -49.95 23.62 76.11
N PRO E 158 -49.70 22.79 75.10
CA PRO E 158 -49.21 23.30 73.82
C PRO E 158 -50.20 24.25 73.16
N VAL E 159 -49.66 25.27 72.49
CA VAL E 159 -50.46 26.23 71.74
C VAL E 159 -49.65 26.71 70.54
N LYS E 160 -50.33 26.88 69.41
CA LYS E 160 -49.69 27.29 68.16
C LYS E 160 -50.47 28.40 67.47
N ALA E 161 -51.02 29.33 68.25
CA ALA E 161 -51.90 30.35 67.68
C ALA E 161 -51.13 31.29 66.74
N GLY E 162 -49.98 31.79 67.19
CA GLY E 162 -49.23 32.75 66.41
C GLY E 162 -47.75 32.47 66.31
N VAL E 163 -47.36 31.21 66.18
CA VAL E 163 -45.95 30.86 66.12
C VAL E 163 -45.32 31.49 64.89
N GLU E 164 -44.32 32.34 65.11
CA GLU E 164 -43.65 33.06 64.02
C GLU E 164 -42.15 33.00 64.30
N THR E 165 -41.50 31.95 63.77
CA THR E 165 -40.08 31.72 63.97
C THR E 165 -39.33 32.03 62.70
N THR E 166 -38.43 33.00 62.76
CA THR E 166 -37.56 33.36 61.65
C THR E 166 -36.12 32.99 61.97
N THR E 167 -35.31 32.95 60.92
CA THR E 167 -33.97 32.38 60.98
C THR E 167 -33.06 33.23 61.87
N PRO E 168 -32.16 32.59 62.61
CA PRO E 168 -31.13 33.36 63.32
C PRO E 168 -30.10 33.91 62.35
N SER E 169 -29.77 35.18 62.53
CA SER E 169 -28.83 35.89 61.67
C SER E 169 -27.45 35.91 62.33
N LYS E 170 -26.46 36.35 61.57
CA LYS E 170 -25.11 36.45 62.08
C LYS E 170 -25.03 37.57 63.12
N GLN E 171 -24.24 37.36 64.16
CA GLN E 171 -24.00 38.38 65.17
C GLN E 171 -22.60 38.98 64.96
N SER E 172 -22.22 39.86 65.89
CA SER E 172 -20.88 40.44 65.84
C SER E 172 -19.82 39.42 66.26
N ASN E 173 -20.14 38.56 67.22
CA ASN E 173 -19.21 37.57 67.76
C ASN E 173 -19.39 36.19 67.13
N ASN E 174 -19.84 36.13 65.87
CA ASN E 174 -20.04 34.91 65.09
C ASN E 174 -21.15 34.03 65.65
N LYS E 175 -21.79 34.43 66.75
CA LYS E 175 -22.88 33.65 67.32
C LYS E 175 -24.19 33.97 66.59
N TYR E 176 -25.29 33.42 67.08
CA TYR E 176 -26.58 33.58 66.44
C TYR E 176 -27.63 33.94 67.49
N ALA E 177 -28.71 34.57 67.02
CA ALA E 177 -29.81 34.94 67.90
C ALA E 177 -31.12 34.43 67.31
N ALA E 178 -31.90 33.73 68.12
CA ALA E 178 -33.12 33.06 67.69
C ALA E 178 -34.28 34.05 67.67
N SER E 179 -35.42 33.57 67.14
CA SER E 179 -36.63 34.38 67.06
C SER E 179 -37.85 33.47 67.08
N SER E 180 -38.77 33.73 68.02
CA SER E 180 -40.04 33.03 68.08
C SER E 180 -41.01 33.81 68.96
N TYR E 181 -42.17 34.17 68.39
CA TYR E 181 -43.03 35.19 68.99
C TYR E 181 -44.46 34.67 69.03
N LEU E 182 -45.16 34.89 70.14
CA LEU E 182 -46.53 34.40 70.30
C LEU E 182 -47.50 35.58 70.31
N SER E 183 -48.11 35.85 69.16
CA SER E 183 -49.14 36.88 69.09
C SER E 183 -50.42 36.42 69.78
N LEU E 184 -51.04 37.34 70.52
CA LEU E 184 -52.13 36.97 71.43
C LEU E 184 -53.05 38.18 71.59
N THR E 185 -53.99 38.08 72.53
CA THR E 185 -54.98 39.10 72.82
C THR E 185 -55.02 39.38 74.31
N PRO E 186 -55.42 40.58 74.73
CA PRO E 186 -55.44 40.89 76.17
C PRO E 186 -56.32 39.96 76.99
N GLU E 187 -57.43 39.48 76.41
CA GLU E 187 -58.27 38.53 77.13
C GLU E 187 -57.52 37.22 77.39
N GLN E 188 -56.66 36.81 76.45
CA GLN E 188 -55.89 35.58 76.62
C GLN E 188 -54.70 35.76 77.57
N TRP E 189 -54.15 36.98 77.67
CA TRP E 189 -53.03 37.19 78.58
C TRP E 189 -53.43 36.96 80.02
N LYS E 190 -54.56 37.54 80.44
CA LYS E 190 -55.03 37.40 81.82
C LYS E 190 -55.77 36.09 82.04
N SER E 191 -56.09 35.35 80.98
CA SER E 191 -56.92 34.15 81.12
C SER E 191 -56.21 33.01 81.82
N HIS E 192 -54.90 32.90 81.66
CA HIS E 192 -54.13 31.79 82.21
C HIS E 192 -53.22 32.29 83.33
N ARG E 193 -52.38 31.38 83.84
CA ARG E 193 -51.55 31.70 84.99
C ARG E 193 -50.06 31.47 84.79
N SER E 194 -49.63 30.86 83.69
CA SER E 194 -48.22 30.52 83.53
C SER E 194 -47.86 30.49 82.05
N TYR E 195 -46.94 31.36 81.65
CA TYR E 195 -46.42 31.42 80.28
C TYR E 195 -44.92 31.19 80.28
N SER E 196 -44.46 30.40 79.31
CA SER E 196 -43.06 30.00 79.21
C SER E 196 -42.65 29.92 77.74
N CYS E 197 -41.35 30.02 77.51
CA CYS E 197 -40.76 29.84 76.19
C CYS E 197 -39.56 28.90 76.28
N GLN E 198 -39.52 27.90 75.40
CA GLN E 198 -38.47 26.89 75.42
C GLN E 198 -37.79 26.81 74.07
N VAL E 199 -36.49 26.49 74.09
CA VAL E 199 -35.71 26.27 72.88
C VAL E 199 -34.92 24.98 73.04
N THR E 200 -35.04 24.08 72.07
CA THR E 200 -34.33 22.80 72.10
C THR E 200 -33.04 22.96 71.32
N HIS E 201 -32.00 23.44 72.01
CA HIS E 201 -30.70 23.64 71.39
C HIS E 201 -29.91 22.35 71.51
N GLU E 202 -29.62 21.73 70.37
CA GLU E 202 -28.96 20.43 70.33
C GLU E 202 -29.74 19.39 71.12
N GLY E 203 -29.26 19.04 72.31
CA GLY E 203 -29.90 18.01 73.09
C GLY E 203 -30.46 18.46 74.43
N SER E 204 -30.09 19.64 74.89
CA SER E 204 -30.56 20.19 76.15
C SER E 204 -31.28 21.51 75.91
N THR E 205 -32.39 21.70 76.61
CA THR E 205 -33.23 22.88 76.44
C THR E 205 -33.31 23.66 77.74
N VAL E 206 -33.30 25.00 77.63
CA VAL E 206 -33.43 25.88 78.77
C VAL E 206 -34.70 26.70 78.61
N GLU E 207 -35.48 26.78 79.68
CA GLU E 207 -36.76 27.47 79.66
C GLU E 207 -36.91 28.32 80.92
N LYS E 208 -37.73 29.36 80.79
CA LYS E 208 -38.09 30.21 81.91
C LYS E 208 -39.60 30.39 81.92
N THR E 209 -40.14 30.77 83.06
CA THR E 209 -41.57 30.93 83.23
C THR E 209 -41.90 32.36 83.62
N VAL E 210 -42.85 32.95 82.92
CA VAL E 210 -43.34 34.29 83.20
C VAL E 210 -44.83 34.22 83.43
N ALA E 211 -45.30 34.88 84.48
CA ALA E 211 -46.71 34.89 84.83
C ALA E 211 -47.20 36.32 84.97
N PRO E 212 -48.46 36.60 84.58
CA PRO E 212 -49.02 37.94 84.68
C PRO E 212 -49.40 38.32 86.11
N GLN F 1 43.05 -3.31 13.85
CA GLN F 1 44.31 -3.95 14.23
C GLN F 1 45.29 -2.92 14.77
N VAL F 2 46.05 -3.32 15.80
CA VAL F 2 47.02 -2.44 16.45
C VAL F 2 48.39 -3.11 16.36
N GLN F 3 49.41 -2.32 16.03
CA GLN F 3 50.78 -2.81 15.85
C GLN F 3 51.66 -2.21 16.93
N LEU F 4 52.46 -3.05 17.57
CA LEU F 4 53.33 -2.64 18.68
C LEU F 4 54.78 -2.89 18.30
N VAL F 5 55.64 -1.88 18.50
CA VAL F 5 57.04 -1.97 18.11
C VAL F 5 57.91 -1.53 19.28
N GLU F 6 59.17 -1.98 19.27
CA GLU F 6 60.12 -1.67 20.32
C GLU F 6 61.48 -1.37 19.70
N TRP F 7 62.22 -0.47 20.34
CA TRP F 7 63.50 -0.02 19.83
C TRP F 7 64.28 0.64 20.96
N GLY F 8 65.58 0.42 20.98
CA GLY F 8 66.41 1.01 22.01
C GLY F 8 67.84 0.49 21.91
N ALA F 9 68.63 0.90 22.91
CA ALA F 9 70.03 0.50 22.97
C ALA F 9 70.14 -0.98 23.28
N GLY F 10 70.75 -1.74 22.36
CA GLY F 10 70.90 -3.17 22.53
C GLY F 10 72.18 -3.64 23.17
N LEU F 11 73.16 -2.75 23.31
CA LEU F 11 74.44 -3.07 23.94
C LEU F 11 74.45 -2.42 25.31
N LEU F 12 74.39 -3.23 26.36
CA LEU F 12 74.40 -2.76 27.73
C LEU F 12 75.69 -3.15 28.42
N LYS F 13 75.92 -2.51 29.57
CA LYS F 13 77.07 -2.75 30.42
C LYS F 13 76.55 -2.90 31.84
N PRO F 14 77.28 -3.61 32.70
CA PRO F 14 76.82 -3.78 34.08
C PRO F 14 76.75 -2.45 34.82
N SER F 15 75.83 -2.40 35.79
CA SER F 15 75.64 -1.35 36.80
C SER F 15 74.89 -0.10 36.32
N GLU F 16 74.45 -0.01 35.07
CA GLU F 16 73.53 1.04 34.69
C GLU F 16 72.13 0.46 34.46
N THR F 17 71.21 1.29 33.99
CA THR F 17 69.80 0.96 33.91
C THR F 17 69.39 0.67 32.46
N LEU F 18 68.49 -0.29 32.31
CA LEU F 18 67.90 -0.59 31.01
C LEU F 18 66.82 0.42 30.67
N SER F 19 66.89 0.98 29.47
CA SER F 19 65.87 1.89 28.94
C SER F 19 65.40 1.37 27.60
N LEU F 20 64.08 1.28 27.43
CA LEU F 20 63.50 0.84 26.17
C LEU F 20 62.18 1.58 25.98
N THR F 21 61.87 1.90 24.72
CA THR F 21 60.70 2.71 24.40
C THR F 21 59.78 1.95 23.46
N CYS F 22 58.47 2.13 23.66
CA CYS F 22 57.45 1.53 22.82
C CYS F 22 56.46 2.60 22.38
N ALA F 23 56.04 2.52 21.12
CA ALA F 23 55.05 3.42 20.56
C ALA F 23 53.88 2.63 20.00
N VAL F 24 52.69 3.19 20.13
CA VAL F 24 51.46 2.54 19.69
C VAL F 24 51.08 3.07 18.32
N TYR F 25 50.46 2.21 17.51
CA TYR F 25 49.98 2.56 16.18
C TYR F 25 48.52 2.19 16.07
N GLY F 26 47.66 3.17 15.78
CA GLY F 26 46.26 2.90 15.53
C GLY F 26 45.50 2.29 16.68
N GLY F 27 45.82 2.66 17.92
CA GLY F 27 45.15 2.09 19.07
C GLY F 27 44.85 3.13 20.12
N SER F 28 44.09 2.70 21.13
CA SER F 28 43.74 3.51 22.29
C SER F 28 44.22 2.79 23.53
N PHE F 29 44.45 3.56 24.60
CA PHE F 29 44.85 2.99 25.88
C PHE F 29 43.69 2.74 26.83
N SER F 30 42.46 2.94 26.37
CA SER F 30 41.31 2.70 27.24
C SER F 30 41.12 1.22 27.47
N GLY F 31 40.99 0.84 28.75
CA GLY F 31 40.66 -0.54 29.09
C GLY F 31 41.66 -1.57 28.66
N TYR F 32 42.95 -1.24 28.68
CA TYR F 32 44.00 -2.19 28.35
C TYR F 32 45.10 -2.14 29.40
N TYR F 33 45.70 -3.30 29.68
CA TYR F 33 46.81 -3.41 30.62
C TYR F 33 48.07 -3.64 29.81
N TRP F 34 48.72 -2.55 29.41
CA TRP F 34 49.93 -2.61 28.61
C TRP F 34 51.10 -3.10 29.46
N SER F 35 51.84 -4.09 28.96
CA SER F 35 52.87 -4.76 29.73
C SER F 35 54.08 -5.10 28.87
N TRP F 36 55.15 -5.50 29.55
CA TRP F 36 56.40 -5.87 28.91
C TRP F 36 56.74 -7.30 29.29
N ILE F 37 57.31 -8.04 28.35
CA ILE F 37 57.61 -9.45 28.55
C ILE F 37 59.09 -9.68 28.24
N ARG F 38 59.77 -10.41 29.12
CA ARG F 38 61.22 -10.60 29.05
C ARG F 38 61.56 -12.09 29.05
N GLN F 39 62.57 -12.45 28.24
CA GLN F 39 63.12 -13.81 28.29
C GLN F 39 64.59 -13.83 27.87
N PRO F 40 65.49 -14.26 28.75
CA PRO F 40 66.86 -14.56 28.30
C PRO F 40 66.85 -15.62 27.21
N PRO F 41 67.62 -15.43 26.14
CA PRO F 41 67.59 -16.38 25.03
C PRO F 41 68.01 -17.78 25.47
N GLY F 42 67.30 -18.78 24.95
CA GLY F 42 67.57 -20.16 25.31
C GLY F 42 66.86 -20.61 26.57
N LYS F 43 66.71 -19.71 27.53
CA LYS F 43 66.08 -20.04 28.81
C LYS F 43 64.64 -19.56 28.83
N GLY F 44 64.01 -19.65 30.00
CA GLY F 44 62.62 -19.24 30.14
C GLY F 44 62.49 -17.75 30.35
N LEU F 45 61.24 -17.32 30.45
CA LEU F 45 60.87 -15.92 30.57
C LEU F 45 61.09 -15.40 31.98
N GLU F 46 60.94 -14.09 32.14
CA GLU F 46 60.84 -13.44 33.44
C GLU F 46 59.95 -12.21 33.22
N TRP F 47 58.66 -12.35 33.52
CA TRP F 47 57.70 -11.31 33.22
C TRP F 47 58.03 -10.05 34.00
N ILE F 48 57.89 -8.90 33.33
CA ILE F 48 58.42 -7.63 33.81
C ILE F 48 57.43 -6.90 34.72
N GLY F 49 56.26 -6.58 34.19
CA GLY F 49 55.30 -5.79 34.93
C GLY F 49 54.05 -5.59 34.10
N LEU F 50 53.27 -4.58 34.50
CA LEU F 50 52.03 -4.25 33.81
C LEU F 50 51.70 -2.78 34.06
N ILE F 51 50.85 -2.21 33.19
CA ILE F 51 50.32 -0.87 33.38
C ILE F 51 49.03 -0.72 32.55
N ASN F 52 48.08 0.01 33.11
CA ASN F 52 46.81 0.31 32.46
C ASN F 52 46.73 1.80 32.18
N HIS F 53 45.55 2.24 31.73
CA HIS F 53 45.37 3.63 31.33
C HIS F 53 45.63 4.59 32.48
N SER F 54 45.05 4.31 33.65
CA SER F 54 45.26 5.19 34.79
C SER F 54 46.65 5.05 35.39
N GLY F 55 47.40 4.02 35.01
CA GLY F 55 48.77 3.84 35.46
C GLY F 55 48.95 2.84 36.57
N SER F 56 47.88 2.22 37.05
CA SER F 56 48.03 1.20 38.10
C SER F 56 48.89 0.06 37.58
N THR F 57 49.91 -0.30 38.36
CA THR F 57 50.94 -1.22 37.91
C THR F 57 51.20 -2.28 38.95
N ASN F 58 51.67 -3.44 38.47
CA ASN F 58 52.09 -4.54 39.32
C ASN F 58 53.37 -5.12 38.74
N TYR F 59 54.31 -5.49 39.61
CA TYR F 59 55.61 -5.98 39.18
C TYR F 59 55.88 -7.35 39.79
N ASN F 60 56.74 -8.09 39.11
CA ASN F 60 57.30 -9.31 39.67
C ASN F 60 58.19 -8.95 40.85
N PRO F 61 58.08 -9.66 41.98
CA PRO F 61 58.93 -9.31 43.14
C PRO F 61 60.42 -9.37 42.84
N SER F 62 60.85 -10.27 41.96
CA SER F 62 62.26 -10.33 41.59
C SER F 62 62.70 -9.11 40.80
N LEU F 63 61.77 -8.40 40.15
CA LEU F 63 62.10 -7.20 39.39
C LEU F 63 61.58 -5.93 40.02
N LYS F 64 60.59 -6.00 40.91
CA LYS F 64 60.02 -4.80 41.54
C LYS F 64 61.12 -3.94 42.14
N SER F 65 62.13 -4.57 42.74
CA SER F 65 63.26 -3.82 43.28
C SER F 65 64.11 -3.19 42.19
N ARG F 66 63.89 -3.56 40.93
CA ARG F 66 64.74 -3.07 39.84
C ARG F 66 63.98 -2.56 38.62
N VAL F 67 62.67 -2.79 38.52
CA VAL F 67 61.94 -2.45 37.29
C VAL F 67 61.05 -1.24 37.54
N THR F 68 60.80 -0.49 36.47
CA THR F 68 59.89 0.65 36.49
C THR F 68 59.27 0.82 35.12
N ILE F 69 57.95 0.98 35.07
CA ILE F 69 57.22 1.20 33.83
C ILE F 69 56.53 2.55 33.91
N SER F 70 56.46 3.25 32.78
CA SER F 70 55.79 4.52 32.68
C SER F 70 54.92 4.56 31.43
N LEU F 71 53.82 5.31 31.50
CA LEU F 71 52.89 5.49 30.40
C LEU F 71 52.82 6.97 30.02
N ASP F 72 52.78 7.24 28.73
CA ASP F 72 52.70 8.62 28.22
C ASP F 72 51.52 8.70 27.25
N THR F 73 50.40 9.24 27.71
CA THR F 73 49.27 9.45 26.81
C THR F 73 49.53 10.62 25.87
N SER F 74 50.30 11.62 26.30
CA SER F 74 50.57 12.77 25.45
C SER F 74 51.35 12.36 24.21
N LYS F 75 52.34 11.49 24.36
CA LYS F 75 53.13 10.99 23.26
C LYS F 75 52.65 9.63 22.74
N ASN F 76 51.56 9.10 23.30
CA ASN F 76 51.02 7.80 22.91
C ASN F 76 52.09 6.72 22.96
N GLN F 77 52.91 6.77 24.00
CA GLN F 77 54.01 5.84 24.17
C GLN F 77 54.12 5.43 25.64
N PHE F 78 54.67 4.25 25.87
CA PHE F 78 54.98 3.79 27.21
C PHE F 78 56.31 3.04 27.21
N SER F 79 57.15 3.36 28.19
CA SER F 79 58.54 2.94 28.24
C SER F 79 58.80 2.01 29.41
N LEU F 80 59.98 1.42 29.42
CA LEU F 80 60.40 0.49 30.46
C LEU F 80 61.73 0.94 31.06
N LYS F 81 61.83 0.89 32.39
CA LYS F 81 63.09 1.11 33.10
C LYS F 81 63.41 -0.14 33.93
N LEU F 82 64.68 -0.55 33.90
CA LEU F 82 65.15 -1.71 34.66
C LEU F 82 66.55 -1.41 35.16
N THR F 83 66.68 -1.15 36.46
CA THR F 83 67.93 -0.66 37.03
C THR F 83 68.82 -1.82 37.47
N SER F 84 70.12 -1.53 37.58
CA SER F 84 71.13 -2.48 38.02
C SER F 84 71.10 -3.75 37.16
N VAL F 85 71.35 -3.55 35.87
CA VAL F 85 71.35 -4.68 34.94
C VAL F 85 72.53 -5.60 35.24
N THR F 86 72.31 -6.90 35.09
CA THR F 86 73.32 -7.90 35.41
C THR F 86 73.55 -8.83 34.24
N ALA F 87 74.29 -9.91 34.47
CA ALA F 87 74.38 -10.96 33.46
C ALA F 87 73.02 -11.59 33.21
N ALA F 88 72.19 -11.68 34.25
CA ALA F 88 70.83 -12.19 34.11
C ALA F 88 69.92 -11.21 33.37
N ASP F 89 70.36 -9.97 33.12
CA ASP F 89 69.54 -9.00 32.42
C ASP F 89 69.60 -9.14 30.91
N THR F 90 70.57 -9.88 30.39
CA THR F 90 70.76 -10.03 28.94
C THR F 90 69.56 -10.78 28.35
N ALA F 91 68.70 -10.06 27.65
CA ALA F 91 67.49 -10.65 27.10
C ALA F 91 66.87 -9.69 26.10
N VAL F 92 65.95 -10.22 25.31
CA VAL F 92 65.14 -9.43 24.38
C VAL F 92 63.93 -8.92 25.14
N TYR F 93 63.48 -7.71 24.81
CA TYR F 93 62.34 -7.10 25.48
C TYR F 93 61.32 -6.64 24.45
N TYR F 94 60.04 -6.83 24.77
CA TYR F 94 58.94 -6.32 23.97
C TYR F 94 57.97 -5.52 24.82
N CYS F 95 57.21 -4.67 24.14
CA CYS F 95 56.02 -4.05 24.68
C CYS F 95 54.79 -4.74 24.10
N ALA F 96 53.71 -4.73 24.88
CA ALA F 96 52.51 -5.43 24.46
C ALA F 96 51.32 -4.91 25.27
N ARG F 97 50.13 -5.10 24.69
CA ARG F 97 48.86 -4.69 25.30
C ARG F 97 48.42 -5.70 26.34
N GLY F 98 47.17 -5.61 26.79
CA GLY F 98 46.63 -6.59 27.71
C GLY F 98 45.13 -6.49 27.89
N LEU F 99 44.49 -7.62 28.20
CA LEU F 99 43.06 -7.64 28.48
C LEU F 99 42.81 -8.60 29.63
N GLY F 100 42.34 -8.07 30.76
CA GLY F 100 42.09 -8.87 31.94
C GLY F 100 41.32 -8.10 33.01
N ILE F 101 41.55 -8.43 34.27
CA ILE F 101 40.83 -7.81 35.38
C ILE F 101 41.86 -7.13 36.28
N PHE F 102 41.91 -5.80 36.19
CA PHE F 102 42.68 -4.95 37.11
C PHE F 102 44.18 -5.25 37.02
N GLY F 103 44.60 -5.82 35.89
CA GLY F 103 46.00 -6.18 35.74
C GLY F 103 46.25 -7.66 35.50
N VAL F 104 45.35 -8.32 34.79
CA VAL F 104 45.59 -9.67 34.29
C VAL F 104 46.00 -9.53 32.84
N VAL F 105 47.29 -9.64 32.57
CA VAL F 105 47.80 -9.39 31.24
C VAL F 105 48.14 -10.73 30.58
N THR F 106 47.17 -11.29 29.86
CA THR F 106 47.32 -12.61 29.28
C THR F 106 46.83 -12.69 27.83
N LEU F 107 46.23 -11.62 27.31
CA LEU F 107 45.86 -11.49 25.91
C LEU F 107 46.46 -10.25 25.27
N SER F 108 47.77 -10.09 25.37
CA SER F 108 48.49 -9.13 24.53
C SER F 108 48.39 -9.67 23.11
N ASP F 109 47.18 -9.54 22.54
CA ASP F 109 46.79 -10.31 21.38
C ASP F 109 47.36 -9.74 20.10
N VAL F 110 48.66 -9.51 20.10
CA VAL F 110 49.44 -9.19 18.92
C VAL F 110 50.88 -9.56 19.23
N TRP F 111 51.52 -10.30 18.34
CA TRP F 111 52.88 -10.74 18.60
C TRP F 111 53.85 -9.56 18.50
N GLY F 112 54.76 -9.49 19.46
CA GLY F 112 55.75 -8.45 19.51
C GLY F 112 57.05 -8.88 18.86
N GLN F 113 57.71 -7.91 18.22
CA GLN F 113 58.98 -8.14 17.54
C GLN F 113 60.17 -7.83 18.43
N GLY F 114 60.23 -6.62 18.97
CA GLY F 114 61.26 -6.24 19.91
C GLY F 114 62.67 -6.23 19.37
N THR F 115 63.61 -5.85 20.22
CA THR F 115 65.02 -5.73 19.87
C THR F 115 65.81 -6.84 20.55
N THR F 116 67.13 -6.77 20.39
CA THR F 116 68.04 -7.64 21.10
C THR F 116 68.90 -6.82 22.05
N VAL F 117 68.65 -6.97 23.35
CA VAL F 117 69.35 -6.21 24.38
C VAL F 117 70.31 -7.16 25.07
N THR F 118 71.60 -6.90 24.93
CA THR F 118 72.64 -7.76 25.49
C THR F 118 73.60 -6.92 26.34
N VAL F 119 74.14 -7.56 27.37
CA VAL F 119 75.19 -6.95 28.18
C VAL F 119 76.53 -7.43 27.65
N SER F 120 77.37 -6.49 27.21
CA SER F 120 78.65 -6.83 26.63
C SER F 120 79.70 -5.87 27.18
N SER F 121 80.52 -6.36 28.11
CA SER F 121 81.61 -5.57 28.68
C SER F 121 82.75 -6.56 28.98
N ALA F 122 83.67 -6.68 28.03
CA ALA F 122 84.79 -7.61 28.15
C ALA F 122 85.87 -7.19 27.16
N SER F 123 86.86 -8.05 26.96
CA SER F 123 87.96 -7.78 26.05
C SER F 123 88.24 -9.01 25.21
N THR F 124 88.82 -8.78 24.03
CA THR F 124 89.21 -9.88 23.16
C THR F 124 90.37 -10.64 23.76
N LYS F 125 90.39 -11.96 23.53
CA LYS F 125 91.38 -12.85 24.09
C LYS F 125 91.90 -13.78 23.00
N GLY F 126 92.90 -14.59 23.35
CA GLY F 126 93.49 -15.51 22.41
C GLY F 126 93.03 -16.94 22.64
N PRO F 127 92.68 -17.63 21.57
CA PRO F 127 92.25 -19.03 21.70
C PRO F 127 93.39 -19.93 22.14
N SER F 128 93.03 -21.00 22.84
CA SER F 128 93.99 -22.00 23.28
C SER F 128 93.34 -23.37 23.08
N VAL F 129 93.55 -23.95 21.90
CA VAL F 129 92.96 -25.24 21.54
C VAL F 129 93.67 -26.34 22.31
N PHE F 130 92.92 -27.33 22.76
CA PHE F 130 93.45 -28.44 23.53
C PHE F 130 93.00 -29.73 22.90
N PRO F 131 93.81 -30.79 23.01
CA PRO F 131 93.50 -32.03 22.29
C PRO F 131 92.46 -32.88 23.00
N LEU F 132 91.41 -33.23 22.24
CA LEU F 132 90.39 -34.18 22.70
C LEU F 132 90.75 -35.54 22.11
N ALA F 133 91.81 -36.13 22.67
CA ALA F 133 92.32 -37.37 22.11
C ALA F 133 91.37 -38.52 22.38
N PRO F 134 91.28 -39.48 21.46
CA PRO F 134 90.41 -40.64 21.65
C PRO F 134 91.09 -41.69 22.51
N SER F 135 90.36 -42.79 22.75
CA SER F 135 90.92 -43.90 23.52
C SER F 135 91.81 -44.80 22.69
N SER F 136 91.72 -44.73 21.35
CA SER F 136 92.55 -45.53 20.45
C SER F 136 92.45 -47.02 20.77
N LYS F 137 91.22 -47.47 21.02
CA LYS F 137 90.95 -48.87 21.30
C LYS F 137 89.88 -49.38 20.36
N SER F 138 89.88 -50.69 20.14
CA SER F 138 88.90 -51.33 19.26
C SER F 138 87.55 -51.32 19.95
N THR F 139 86.71 -50.34 19.60
CA THR F 139 85.39 -50.24 20.20
C THR F 139 84.45 -51.26 19.57
N SER F 140 83.20 -51.28 20.05
CA SER F 140 82.20 -52.16 19.45
C SER F 140 81.96 -51.78 17.99
N GLY F 141 81.87 -50.49 17.70
CA GLY F 141 81.82 -50.01 16.34
C GLY F 141 83.19 -49.49 15.92
N GLY F 142 83.63 -49.93 14.74
CA GLY F 142 84.96 -49.59 14.26
C GLY F 142 85.09 -48.14 13.81
N THR F 143 84.76 -47.22 14.70
CA THR F 143 84.86 -45.78 14.42
C THR F 143 85.52 -45.09 15.60
N ALA F 144 86.38 -44.12 15.30
CA ALA F 144 87.11 -43.37 16.31
C ALA F 144 86.65 -41.91 16.29
N ALA F 145 86.38 -41.37 17.47
CA ALA F 145 85.93 -40.00 17.62
C ALA F 145 87.14 -39.12 17.95
N LEU F 146 87.41 -38.15 17.09
CA LEU F 146 88.51 -37.21 17.26
C LEU F 146 87.95 -35.80 17.27
N GLY F 147 88.46 -34.96 18.16
CA GLY F 147 87.93 -33.62 18.26
C GLY F 147 88.93 -32.63 18.83
N CYS F 148 88.55 -31.37 18.78
CA CYS F 148 89.32 -30.26 19.33
C CYS F 148 88.36 -29.17 19.77
N LEU F 149 88.65 -28.57 20.92
CA LEU F 149 87.80 -27.54 21.50
C LEU F 149 88.56 -26.22 21.58
N VAL F 150 87.83 -25.13 21.40
CA VAL F 150 88.39 -23.78 21.42
C VAL F 150 87.93 -23.08 22.69
N LYS F 151 88.88 -22.48 23.42
CA LYS F 151 88.60 -21.82 24.67
C LYS F 151 89.19 -20.41 24.67
N ASP F 152 88.62 -19.56 25.51
CA ASP F 152 89.10 -18.19 25.71
C ASP F 152 89.11 -17.39 24.41
N TYR F 153 87.92 -17.19 23.85
CA TYR F 153 87.79 -16.42 22.63
C TYR F 153 86.40 -15.80 22.56
N PHE F 154 86.28 -14.78 21.72
CA PHE F 154 85.06 -14.01 21.58
C PHE F 154 85.15 -13.21 20.29
N PRO F 155 84.04 -13.07 19.54
CA PRO F 155 82.77 -13.79 19.75
C PRO F 155 82.49 -14.87 18.70
N GLU F 156 81.30 -15.46 18.81
CA GLU F 156 80.80 -16.33 17.76
C GLU F 156 80.55 -15.51 16.50
N PRO F 157 80.76 -16.10 15.30
CA PRO F 157 81.10 -17.47 14.94
C PRO F 157 82.60 -17.78 14.85
N VAL F 158 82.91 -19.07 14.90
CA VAL F 158 84.24 -19.58 14.58
C VAL F 158 84.04 -20.77 13.65
N THR F 159 84.73 -20.74 12.51
CA THR F 159 84.59 -21.78 11.49
C THR F 159 85.76 -22.74 11.59
N VAL F 160 85.46 -24.02 11.77
CA VAL F 160 86.47 -25.06 11.94
C VAL F 160 86.27 -26.12 10.86
N SER F 161 87.35 -26.45 10.16
CA SER F 161 87.37 -27.52 9.18
C SER F 161 88.36 -28.59 9.62
N TRP F 162 88.52 -29.62 8.80
CA TRP F 162 89.43 -30.72 9.08
C TRP F 162 90.26 -31.01 7.83
N ASN F 163 91.58 -31.06 8.01
CA ASN F 163 92.52 -31.19 6.89
C ASN F 163 92.25 -30.12 5.83
N SER F 164 92.12 -28.88 6.28
CA SER F 164 91.74 -27.76 5.42
C SER F 164 90.41 -28.01 4.72
N GLY F 165 89.53 -28.76 5.37
CA GLY F 165 88.25 -29.13 4.80
C GLY F 165 88.25 -30.40 3.98
N ALA F 166 89.43 -31.00 3.74
CA ALA F 166 89.48 -32.22 2.93
C ALA F 166 88.73 -33.37 3.61
N LEU F 167 88.91 -33.51 4.92
CA LEU F 167 88.13 -34.48 5.68
C LEU F 167 86.73 -33.92 5.90
N THR F 168 85.72 -34.63 5.40
CA THR F 168 84.35 -34.15 5.49
C THR F 168 83.36 -35.23 5.91
N SER F 169 83.75 -36.51 5.84
CA SER F 169 82.81 -37.59 6.10
C SER F 169 82.27 -37.55 7.52
N GLY F 170 83.16 -37.59 8.51
CA GLY F 170 82.76 -37.65 9.90
C GLY F 170 82.73 -36.32 10.64
N VAL F 171 83.10 -35.23 9.99
CA VAL F 171 83.17 -33.94 10.67
C VAL F 171 81.80 -33.53 11.17
N HIS F 172 81.74 -33.05 12.40
CA HIS F 172 80.49 -32.61 13.02
C HIS F 172 80.74 -31.26 13.68
N THR F 173 80.45 -30.18 12.97
CA THR F 173 80.59 -28.84 13.52
C THR F 173 79.42 -28.55 14.46
N PHE F 174 79.73 -28.06 15.65
CA PHE F 174 78.74 -27.84 16.70
C PHE F 174 78.41 -26.36 16.81
N PRO F 175 77.28 -26.03 17.42
CA PRO F 175 77.01 -24.63 17.79
C PRO F 175 77.79 -24.25 19.04
N ALA F 176 77.77 -22.95 19.32
CA ALA F 176 78.41 -22.45 20.52
C ALA F 176 77.66 -22.94 21.77
N VAL F 177 78.41 -23.10 22.86
CA VAL F 177 77.86 -23.57 24.13
C VAL F 177 77.85 -22.40 25.10
N LEU F 178 76.70 -22.15 25.70
CA LEU F 178 76.50 -20.99 26.58
C LEU F 178 76.98 -21.36 27.99
N GLN F 179 78.14 -20.84 28.37
CA GLN F 179 78.67 -21.00 29.72
C GLN F 179 78.24 -19.81 30.57
N SER F 180 78.82 -19.69 31.77
CA SER F 180 78.55 -18.58 32.65
C SER F 180 79.67 -17.54 32.67
N SER F 181 80.84 -17.86 32.10
CA SER F 181 81.94 -16.91 32.10
C SER F 181 81.66 -15.75 31.14
N GLY F 182 81.04 -16.02 30.00
CA GLY F 182 80.76 -15.03 29.00
C GLY F 182 81.49 -15.19 27.68
N LEU F 183 81.89 -16.41 27.32
CA LEU F 183 82.60 -16.67 26.08
C LEU F 183 81.96 -17.87 25.38
N TYR F 184 82.26 -18.01 24.09
CA TYR F 184 81.65 -19.05 23.29
C TYR F 184 82.54 -20.29 23.27
N SER F 185 81.93 -21.44 23.56
CA SER F 185 82.66 -22.71 23.68
C SER F 185 82.34 -23.55 22.45
N LEU F 186 83.28 -23.58 21.51
CA LEU F 186 83.10 -24.34 20.28
C LEU F 186 83.94 -25.62 20.33
N SER F 187 83.45 -26.65 19.65
CA SER F 187 84.17 -27.92 19.53
C SER F 187 83.70 -28.63 18.28
N SER F 188 84.64 -29.23 17.56
CA SER F 188 84.35 -29.96 16.33
C SER F 188 84.88 -31.38 16.46
N VAL F 189 84.02 -32.37 16.21
CA VAL F 189 84.37 -33.77 16.34
C VAL F 189 84.16 -34.45 15.00
N VAL F 190 85.14 -35.25 14.58
CA VAL F 190 85.09 -35.96 13.31
C VAL F 190 85.10 -37.45 13.58
N THR F 191 84.28 -38.19 12.83
CA THR F 191 84.16 -39.64 12.95
C THR F 191 84.98 -40.29 11.85
N VAL F 192 86.02 -41.04 12.24
CA VAL F 192 86.88 -41.72 11.29
C VAL F 192 86.85 -43.22 11.56
N PRO F 193 86.94 -44.06 10.53
CA PRO F 193 86.95 -45.50 10.77
C PRO F 193 88.21 -45.94 11.50
N SER F 194 88.08 -47.05 12.23
CA SER F 194 89.22 -47.59 12.97
C SER F 194 90.29 -48.13 12.04
N SER F 195 89.91 -48.62 10.86
CA SER F 195 90.89 -49.17 9.92
C SER F 195 91.87 -48.11 9.46
N SER F 196 91.37 -46.90 9.17
CA SER F 196 92.23 -45.78 8.78
C SER F 196 92.44 -44.90 10.01
N LEU F 197 93.37 -45.33 10.86
CA LEU F 197 93.64 -44.65 12.11
C LEU F 197 94.98 -45.12 12.66
N GLY F 198 95.80 -44.17 13.12
CA GLY F 198 97.06 -44.51 13.74
C GLY F 198 98.25 -43.75 13.18
N THR F 199 98.25 -43.52 11.87
CA THR F 199 99.34 -42.80 11.21
C THR F 199 98.86 -41.65 10.34
N GLN F 200 97.59 -41.65 9.91
CA GLN F 200 97.08 -40.58 9.07
C GLN F 200 97.01 -39.28 9.86
N THR F 201 97.27 -38.16 9.19
CA THR F 201 97.30 -36.86 9.84
C THR F 201 95.93 -36.18 9.76
N TYR F 202 95.41 -35.78 10.91
CA TYR F 202 94.14 -35.05 11.00
C TYR F 202 94.40 -33.75 11.73
N ILE F 203 94.09 -32.62 11.08
CA ILE F 203 94.27 -31.30 11.67
C ILE F 203 92.96 -30.54 11.56
N CYS F 204 92.54 -29.92 12.65
CA CYS F 204 91.38 -29.05 12.66
C CYS F 204 91.84 -27.60 12.67
N ASN F 205 91.29 -26.80 11.77
CA ASN F 205 91.75 -25.43 11.54
C ASN F 205 90.75 -24.45 12.15
N VAL F 206 91.23 -23.61 13.05
CA VAL F 206 90.42 -22.54 13.64
C VAL F 206 90.54 -21.32 12.74
N ASN F 207 89.40 -20.72 12.40
CA ASN F 207 89.37 -19.58 11.49
C ASN F 207 88.46 -18.51 12.04
N HIS F 208 88.93 -17.26 12.01
CA HIS F 208 88.12 -16.10 12.37
C HIS F 208 88.56 -14.93 11.51
N LYS F 209 87.67 -14.49 10.61
CA LYS F 209 87.97 -13.34 9.76
C LYS F 209 88.20 -12.05 10.55
N PRO F 210 87.36 -11.67 11.55
CA PRO F 210 87.53 -10.33 12.17
C PRO F 210 88.88 -10.09 12.81
N SER F 211 89.28 -10.94 13.76
CA SER F 211 90.50 -10.73 14.52
C SER F 211 91.73 -11.31 13.84
N ASN F 212 91.56 -11.93 12.67
CA ASN F 212 92.66 -12.54 11.92
C ASN F 212 93.47 -13.50 12.81
N THR F 213 92.74 -14.39 13.48
CA THR F 213 93.31 -15.36 14.39
C THR F 213 93.00 -16.76 13.88
N LYS F 214 94.03 -17.46 13.40
CA LYS F 214 93.89 -18.82 12.91
C LYS F 214 94.79 -19.74 13.73
N VAL F 215 94.24 -20.89 14.13
CA VAL F 215 94.98 -21.90 14.88
C VAL F 215 94.82 -23.23 14.17
N ASP F 216 95.94 -23.91 13.92
CA ASP F 216 95.94 -25.22 13.26
C ASP F 216 96.65 -26.20 14.19
N LYS F 217 95.90 -27.12 14.78
CA LYS F 217 96.43 -28.06 15.75
C LYS F 217 96.19 -29.49 15.28
N LYS F 218 97.21 -30.33 15.44
CA LYS F 218 97.14 -31.75 15.12
C LYS F 218 96.94 -32.52 16.40
N VAL F 219 95.91 -33.39 16.44
CA VAL F 219 95.58 -34.19 17.60
C VAL F 219 95.89 -35.64 17.28
N GLU F 220 96.63 -36.29 18.17
CA GLU F 220 97.05 -37.66 17.98
C GLU F 220 96.17 -38.62 18.78
N PRO F 221 96.04 -39.87 18.32
CA PRO F 221 95.18 -40.84 19.04
C PRO F 221 95.60 -41.09 20.47
N LYS F 222 96.85 -41.50 20.68
CA LYS F 222 97.32 -41.87 22.01
C LYS F 222 98.84 -41.75 22.03
N SER F 223 99.38 -41.69 23.24
CA SER F 223 100.83 -41.60 23.44
C SER F 223 101.33 -42.77 24.27
N ASN G 1 54.78 -23.94 46.71
CA ASN G 1 55.61 -25.05 46.26
C ASN G 1 55.18 -25.51 44.87
N PHE G 2 54.70 -24.56 44.06
CA PHE G 2 54.28 -24.88 42.70
C PHE G 2 55.49 -25.19 41.83
N MET G 3 55.41 -26.29 41.10
CA MET G 3 56.41 -26.69 40.12
C MET G 3 55.69 -26.98 38.80
N LEU G 4 56.30 -26.55 37.70
CA LEU G 4 55.71 -26.68 36.37
C LEU G 4 56.59 -27.60 35.54
N THR G 5 55.99 -28.68 35.03
CA THR G 5 56.70 -29.67 34.23
C THR G 5 56.03 -29.79 32.87
N GLN G 6 56.83 -29.77 31.81
CA GLN G 6 56.37 -29.94 30.45
C GLN G 6 57.23 -30.98 29.76
N PRO G 7 56.69 -31.71 28.78
CA PRO G 7 57.48 -32.72 28.08
C PRO G 7 58.67 -32.10 27.36
N HIS G 8 59.81 -32.81 27.40
CA HIS G 8 61.03 -32.30 26.80
C HIS G 8 60.90 -32.19 25.28
N SER G 9 60.49 -33.26 24.62
CA SER G 9 60.48 -33.30 23.17
C SER G 9 59.14 -33.79 22.68
N VAL G 10 58.48 -32.97 21.86
CA VAL G 10 57.26 -33.35 21.16
C VAL G 10 57.47 -33.07 19.68
N SER G 11 57.21 -34.07 18.85
CA SER G 11 57.45 -33.97 17.42
C SER G 11 56.16 -34.24 16.66
N GLU G 12 56.00 -33.55 15.54
CA GLU G 12 54.81 -33.72 14.71
C GLU G 12 55.13 -33.35 13.27
N SER G 13 54.65 -34.17 12.34
CA SER G 13 54.77 -33.86 10.93
C SER G 13 53.82 -32.70 10.59
N PRO G 14 54.15 -31.91 9.57
CA PRO G 14 53.28 -30.78 9.21
C PRO G 14 51.89 -31.23 8.83
N GLY G 15 50.89 -30.43 9.21
CA GLY G 15 49.52 -30.67 8.87
C GLY G 15 48.72 -31.44 9.90
N LYS G 16 49.38 -32.12 10.83
CA LYS G 16 48.68 -32.89 11.85
C LYS G 16 48.57 -32.08 13.14
N THR G 17 47.85 -32.63 14.11
CA THR G 17 47.54 -31.94 15.35
C THR G 17 48.53 -32.37 16.43
N VAL G 18 49.08 -31.38 17.15
CA VAL G 18 50.04 -31.63 18.21
C VAL G 18 49.61 -30.87 19.45
N THR G 19 49.83 -31.47 20.63
CA THR G 19 49.45 -30.88 21.90
C THR G 19 50.61 -30.92 22.88
N ILE G 20 50.71 -29.89 23.71
CA ILE G 20 51.78 -29.76 24.70
C ILE G 20 51.14 -29.39 26.03
N SER G 21 51.53 -30.09 27.09
CA SER G 21 50.89 -29.98 28.40
C SER G 21 51.87 -29.40 29.42
N CYS G 22 51.29 -28.92 30.53
CA CYS G 22 52.05 -28.44 31.69
C CYS G 22 51.37 -28.98 32.94
N THR G 23 51.95 -30.03 33.52
CA THR G 23 51.31 -30.76 34.62
C THR G 23 51.48 -29.99 35.93
N GLY G 24 50.38 -29.87 36.67
CA GLY G 24 50.46 -29.23 37.98
C GLY G 24 51.06 -30.16 39.02
N SER G 25 51.89 -29.57 39.88
CA SER G 25 52.62 -30.34 40.90
C SER G 25 51.98 -30.22 42.27
N SER G 26 51.82 -29.00 42.77
CA SER G 26 51.36 -28.76 44.14
C SER G 26 50.02 -28.05 44.09
N GLY G 27 48.96 -28.76 44.50
CA GLY G 27 47.64 -28.19 44.61
C GLY G 27 46.77 -28.62 43.45
N SER G 28 45.61 -27.99 43.34
CA SER G 28 44.68 -28.24 42.25
C SER G 28 44.93 -27.20 41.17
N ILE G 29 45.27 -27.67 39.97
CA ILE G 29 45.68 -26.77 38.89
C ILE G 29 44.54 -25.92 38.37
N ALA G 30 43.30 -26.24 38.74
CA ALA G 30 42.15 -25.49 38.27
C ALA G 30 42.11 -24.06 38.78
N SER G 31 42.55 -23.83 40.02
CA SER G 31 42.46 -22.49 40.60
C SER G 31 43.40 -21.51 39.91
N ASN G 32 44.56 -22.00 39.47
CA ASN G 32 45.62 -21.16 38.94
C ASN G 32 45.71 -21.31 37.43
N TYR G 33 45.76 -20.19 36.72
CA TYR G 33 45.92 -20.24 35.27
C TYR G 33 47.30 -20.76 34.91
N VAL G 34 47.34 -21.59 33.86
CA VAL G 34 48.57 -22.03 33.24
C VAL G 34 48.56 -21.57 31.80
N GLN G 35 49.51 -20.71 31.44
CA GLN G 35 49.53 -20.05 30.15
C GLN G 35 50.63 -20.63 29.28
N TRP G 36 50.27 -20.96 28.04
CA TRP G 36 51.16 -21.65 27.12
C TRP G 36 51.73 -20.65 26.11
N TYR G 37 53.03 -20.79 25.84
CA TYR G 37 53.89 -19.77 25.27
C TYR G 37 54.48 -20.25 23.94
N GLN G 38 55.38 -19.45 23.38
CA GLN G 38 56.06 -19.79 22.13
C GLN G 38 57.30 -18.91 21.98
N GLN G 39 58.44 -19.53 21.66
CA GLN G 39 59.72 -18.81 21.58
C GLN G 39 60.42 -19.18 20.28
N ARG G 40 60.36 -18.27 19.31
CA ARG G 40 61.11 -18.44 18.08
C ARG G 40 62.61 -18.25 18.35
N PRO G 41 63.47 -18.78 17.47
CA PRO G 41 64.92 -18.60 17.68
C PRO G 41 65.29 -17.13 17.75
N GLY G 42 65.81 -16.72 18.90
CA GLY G 42 66.13 -15.32 19.13
C GLY G 42 64.97 -14.46 19.57
N SER G 43 63.82 -15.04 19.82
CA SER G 43 62.61 -14.33 20.22
C SER G 43 62.23 -14.68 21.66
N ALA G 44 61.13 -14.10 22.13
CA ALA G 44 60.61 -14.35 23.45
C ALA G 44 59.12 -14.59 23.41
N PRO G 45 58.58 -15.41 24.31
CA PRO G 45 57.14 -15.66 24.32
C PRO G 45 56.33 -14.44 24.74
N THR G 46 55.06 -14.47 24.37
CA THR G 46 54.10 -13.43 24.72
C THR G 46 52.91 -14.08 25.41
N THR G 47 51.89 -13.27 25.72
CA THR G 47 50.71 -13.70 26.46
C THR G 47 49.51 -13.70 25.52
N VAL G 48 48.93 -14.88 25.29
CA VAL G 48 47.77 -15.02 24.41
C VAL G 48 46.65 -15.87 25.01
N ILE G 49 46.78 -16.33 26.25
CA ILE G 49 45.86 -17.32 26.80
C ILE G 49 45.22 -16.79 28.08
N TYR G 50 43.88 -16.78 28.11
CA TYR G 50 43.08 -16.36 29.27
C TYR G 50 41.72 -17.03 29.16
N GLU G 51 41.28 -17.64 30.27
CA GLU G 51 40.16 -18.58 30.35
C GLU G 51 40.42 -19.85 29.55
N ASP G 52 41.59 -19.98 28.93
CA ASP G 52 42.20 -21.18 28.40
C ASP G 52 41.59 -21.68 27.09
N ASN G 53 40.56 -21.04 26.55
CA ASN G 53 39.91 -21.59 25.37
C ASN G 53 39.53 -20.59 24.29
N GLN G 54 39.97 -19.34 24.37
CA GLN G 54 39.57 -18.35 23.38
C GLN G 54 40.72 -17.95 22.48
N ARG G 55 40.37 -17.57 21.25
CA ARG G 55 41.32 -17.12 20.24
C ARG G 55 40.95 -15.71 19.79
N PRO G 56 41.85 -14.75 19.91
CA PRO G 56 41.51 -13.35 19.60
C PRO G 56 41.71 -12.98 18.14
N SER G 57 41.51 -11.69 17.82
CA SER G 57 41.73 -11.17 16.48
C SER G 57 43.18 -10.70 16.36
N GLY G 58 43.78 -10.94 15.19
CA GLY G 58 45.19 -10.68 14.98
C GLY G 58 46.07 -11.88 15.22
N VAL G 59 45.52 -12.98 15.73
CA VAL G 59 46.26 -14.21 15.98
C VAL G 59 45.51 -15.35 15.29
N PRO G 60 46.21 -16.30 14.67
CA PRO G 60 45.49 -17.37 13.95
C PRO G 60 44.58 -18.16 14.87
N ASP G 61 43.45 -18.60 14.31
CA ASP G 61 42.45 -19.35 15.04
C ASP G 61 42.84 -20.81 15.29
N ARG G 62 44.08 -21.19 14.97
CA ARG G 62 44.52 -22.57 15.15
C ARG G 62 45.19 -22.81 16.51
N PHE G 63 45.90 -21.84 17.05
CA PHE G 63 46.51 -21.99 18.38
C PHE G 63 45.40 -22.09 19.42
N SER G 64 45.25 -23.26 20.02
CA SER G 64 44.21 -23.51 21.00
C SER G 64 44.81 -24.15 22.23
N GLY G 65 44.23 -23.82 23.39
CA GLY G 65 44.67 -24.39 24.65
C GLY G 65 43.50 -25.01 25.41
N SER G 66 43.85 -25.70 26.50
CA SER G 66 42.84 -26.28 27.38
C SER G 66 43.51 -26.69 28.68
N ILE G 67 42.74 -26.61 29.76
CA ILE G 67 43.14 -27.15 31.06
C ILE G 67 42.05 -28.11 31.52
N ASP G 68 42.44 -29.34 31.84
CA ASP G 68 41.51 -30.40 32.20
C ASP G 68 41.75 -30.73 33.68
N SER G 69 40.67 -30.68 34.47
CA SER G 69 40.81 -30.88 35.91
C SER G 69 40.91 -32.35 36.31
N SER G 70 40.55 -33.27 35.42
CA SER G 70 40.56 -34.69 35.77
C SER G 70 41.98 -35.19 36.03
N SER G 71 42.93 -34.83 35.17
CA SER G 71 44.32 -35.23 35.33
C SER G 71 45.16 -34.11 35.93
N ASN G 72 44.52 -33.02 36.36
CA ASN G 72 45.21 -31.90 37.00
C ASN G 72 46.35 -31.40 36.13
N SER G 73 46.09 -31.29 34.82
CA SER G 73 47.12 -30.95 33.85
C SER G 73 46.57 -29.95 32.83
N ALA G 74 47.47 -29.22 32.20
CA ALA G 74 47.15 -28.22 31.19
C ALA G 74 47.38 -28.82 29.80
N SER G 75 47.17 -28.00 28.77
CA SER G 75 47.36 -28.44 27.39
C SER G 75 47.27 -27.25 26.44
N LEU G 76 48.21 -27.20 25.48
CA LEU G 76 48.15 -26.29 24.35
C LEU G 76 48.19 -27.10 23.07
N THR G 77 47.23 -26.88 22.18
CA THR G 77 47.03 -27.71 21.01
C THR G 77 47.10 -26.88 19.73
N ILE G 78 47.71 -27.45 18.70
CA ILE G 78 47.84 -26.81 17.39
C ILE G 78 47.14 -27.70 16.37
N SER G 79 46.24 -27.12 15.59
CA SER G 79 45.47 -27.87 14.58
C SER G 79 46.03 -27.70 13.17
N GLY G 80 46.20 -26.46 12.72
CA GLY G 80 46.74 -26.20 11.39
C GLY G 80 48.24 -25.96 11.41
N LEU G 81 49.02 -27.02 11.63
CA LEU G 81 50.47 -26.87 11.80
C LEU G 81 51.11 -26.26 10.56
N ARG G 82 52.03 -25.33 10.79
CA ARG G 82 52.84 -24.73 9.74
C ARG G 82 54.30 -24.71 10.18
N THR G 83 55.20 -24.74 9.20
CA THR G 83 56.63 -24.77 9.50
C THR G 83 57.10 -23.49 10.19
N GLU G 84 56.36 -22.39 10.06
CA GLU G 84 56.76 -21.14 10.67
C GLU G 84 56.61 -21.15 12.19
N ASP G 85 55.78 -22.05 12.73
CA ASP G 85 55.51 -22.11 14.15
C ASP G 85 56.59 -22.83 14.95
N GLU G 86 57.80 -22.96 14.40
CA GLU G 86 58.90 -23.57 15.15
C GLU G 86 59.23 -22.66 16.32
N ALA G 87 58.74 -23.03 17.52
CA ALA G 87 58.88 -22.18 18.68
C ALA G 87 58.91 -23.05 19.93
N ASP G 88 59.69 -22.60 20.91
CA ASP G 88 59.80 -23.30 22.18
C ASP G 88 58.69 -22.82 23.10
N TYR G 89 57.87 -23.76 23.58
CA TYR G 89 56.66 -23.44 24.33
C TYR G 89 56.93 -23.63 25.81
N TYR G 90 56.57 -22.63 26.61
CA TYR G 90 56.79 -22.65 28.04
C TYR G 90 55.46 -22.41 28.75
N CYS G 91 55.35 -22.91 29.98
CA CYS G 91 54.13 -22.75 30.77
C CYS G 91 54.45 -21.94 32.02
N GLN G 92 53.54 -21.02 32.36
CA GLN G 92 53.67 -20.16 33.52
C GLN G 92 52.39 -20.21 34.34
N SER G 93 52.54 -20.34 35.65
CA SER G 93 51.40 -20.44 36.53
C SER G 93 51.56 -19.49 37.72
N TYR G 94 50.49 -19.32 38.49
CA TYR G 94 50.49 -18.41 39.63
C TYR G 94 50.65 -19.21 40.91
N ASP G 95 51.63 -18.83 41.72
CA ASP G 95 51.97 -19.54 42.95
C ASP G 95 51.67 -18.60 44.12
N SER G 96 50.40 -18.60 44.55
CA SER G 96 49.93 -17.74 45.65
C SER G 96 50.34 -16.29 45.43
N GLY G 97 50.08 -15.78 44.22
CA GLY G 97 50.45 -14.43 43.87
C GLY G 97 51.84 -14.28 43.29
N ILE G 98 52.61 -15.36 43.22
CA ILE G 98 53.95 -15.32 42.63
C ILE G 98 53.89 -15.85 41.21
N TRP G 99 54.50 -15.11 40.28
CA TRP G 99 54.54 -15.52 38.88
C TRP G 99 55.69 -16.49 38.71
N VAL G 100 55.37 -17.77 38.57
CA VAL G 100 56.36 -18.84 38.50
C VAL G 100 56.28 -19.50 37.14
N PHE G 101 57.45 -19.64 36.49
CA PHE G 101 57.53 -20.20 35.15
C PHE G 101 57.91 -21.67 35.22
N GLY G 102 58.00 -22.30 34.05
CA GLY G 102 58.35 -23.70 33.93
C GLY G 102 59.59 -23.92 33.09
N GLY G 103 59.96 -25.20 32.98
CA GLY G 103 61.10 -25.57 32.17
C GLY G 103 60.89 -25.33 30.69
N GLY G 104 59.71 -25.68 30.18
CA GLY G 104 59.34 -25.40 28.82
C GLY G 104 59.41 -26.63 27.93
N THR G 105 58.86 -26.49 26.73
CA THR G 105 58.87 -27.53 25.72
C THR G 105 59.46 -26.97 24.43
N LYS G 106 60.38 -27.72 23.83
CA LYS G 106 60.97 -27.36 22.55
C LYS G 106 60.20 -28.06 21.44
N LEU G 107 59.52 -27.27 20.61
CA LEU G 107 58.71 -27.80 19.52
C LEU G 107 59.40 -27.55 18.18
N THR G 108 59.50 -28.58 17.36
CA THR G 108 60.14 -28.51 16.05
C THR G 108 59.26 -29.20 15.03
N VAL G 109 59.07 -28.57 13.87
CA VAL G 109 58.30 -29.14 12.77
C VAL G 109 59.24 -29.98 11.90
N LEU G 110 58.83 -31.22 11.63
CA LEU G 110 59.66 -32.16 10.87
C LEU G 110 59.97 -31.63 9.48
N GLY G 111 61.25 -31.41 9.18
CA GLY G 111 61.67 -31.02 7.85
C GLY G 111 62.62 -32.03 7.23
N GLN G 112 63.11 -32.96 8.04
CA GLN G 112 64.02 -34.00 7.63
C GLN G 112 63.55 -35.32 8.21
N PRO G 113 63.93 -36.44 7.62
CA PRO G 113 63.63 -37.74 8.24
C PRO G 113 64.30 -37.87 9.60
N LYS G 114 63.64 -38.58 10.49
CA LYS G 114 64.15 -38.74 11.85
C LYS G 114 65.47 -39.48 11.86
N ALA G 115 66.39 -39.01 12.71
CA ALA G 115 67.74 -39.58 12.81
C ALA G 115 67.96 -40.13 14.20
N ALA G 116 68.37 -41.40 14.27
CA ALA G 116 68.68 -42.02 15.55
C ALA G 116 69.94 -41.40 16.15
N PRO G 117 70.01 -41.27 17.48
CA PRO G 117 71.18 -40.66 18.10
C PRO G 117 72.43 -41.52 17.91
N SER G 118 73.57 -40.84 17.86
CA SER G 118 74.88 -41.49 17.77
C SER G 118 75.68 -41.10 19.01
N VAL G 119 76.03 -42.09 19.83
CA VAL G 119 76.69 -41.86 21.10
C VAL G 119 78.01 -42.63 21.11
N THR G 120 79.11 -41.93 21.43
CA THR G 120 80.41 -42.54 21.63
C THR G 120 80.97 -42.08 22.97
N LEU G 121 81.63 -43.00 23.67
CA LEU G 121 82.15 -42.74 25.01
C LEU G 121 83.63 -43.10 25.05
N PHE G 122 84.45 -42.13 25.42
CA PHE G 122 85.89 -42.30 25.59
C PHE G 122 86.34 -41.68 26.90
N PRO G 123 87.37 -42.25 27.54
CA PRO G 123 87.93 -41.62 28.74
C PRO G 123 88.72 -40.38 28.38
N PRO G 124 88.91 -39.46 29.34
CA PRO G 124 89.69 -38.24 29.04
C PRO G 124 91.16 -38.53 28.80
N SER G 125 91.92 -37.50 28.44
CA SER G 125 93.33 -37.68 28.14
C SER G 125 94.10 -38.06 29.39
N SER G 126 95.12 -38.90 29.22
CA SER G 126 95.96 -39.33 30.33
C SER G 126 97.02 -38.31 30.71
N GLU G 127 97.27 -37.31 29.87
CA GLU G 127 98.25 -36.28 30.17
C GLU G 127 97.78 -35.33 31.26
N GLU G 128 96.47 -35.05 31.33
CA GLU G 128 95.91 -34.12 32.30
C GLU G 128 95.64 -34.78 33.65
N LEU G 129 95.77 -36.10 33.75
CA LEU G 129 95.54 -36.78 35.02
C LEU G 129 96.52 -36.33 36.10
N GLN G 130 97.71 -35.86 35.69
CA GLN G 130 98.69 -35.38 36.66
C GLN G 130 98.23 -34.14 37.40
N ALA G 131 97.29 -33.38 36.85
CA ALA G 131 96.76 -32.19 37.48
C ALA G 131 95.50 -32.45 38.29
N ASN G 132 95.12 -33.71 38.45
CA ASN G 132 93.93 -34.12 39.21
C ASN G 132 92.66 -33.47 38.64
N LYS G 133 92.51 -33.59 37.32
CA LYS G 133 91.38 -33.03 36.61
C LYS G 133 90.85 -34.06 35.61
N ALA G 134 89.52 -34.18 35.57
CA ALA G 134 88.88 -35.14 34.68
C ALA G 134 87.46 -34.65 34.39
N THR G 135 87.24 -34.14 33.18
CA THR G 135 85.94 -33.70 32.73
C THR G 135 85.48 -34.59 31.59
N LEU G 136 84.20 -34.95 31.60
CA LEU G 136 83.65 -35.92 30.66
C LEU G 136 82.71 -35.24 29.68
N VAL G 137 82.88 -35.58 28.39
CA VAL G 137 82.05 -35.06 27.32
C VAL G 137 81.40 -36.25 26.60
N CYS G 138 80.08 -36.23 26.50
CA CYS G 138 79.31 -37.28 25.85
C CYS G 138 78.74 -36.76 24.54
N LEU G 139 79.01 -37.48 23.46
CA LEU G 139 78.66 -37.02 22.12
C LEU G 139 77.22 -37.39 21.79
N ILE G 140 76.48 -36.42 21.24
CA ILE G 140 75.13 -36.64 20.72
C ILE G 140 75.04 -35.88 19.39
N SER G 141 75.15 -36.60 18.28
CA SER G 141 75.11 -35.97 16.96
C SER G 141 74.34 -36.86 16.02
N ASP G 142 73.99 -36.29 14.86
CA ASP G 142 73.21 -36.96 13.82
C ASP G 142 71.85 -37.42 14.38
N PHE G 143 71.13 -36.46 14.96
CA PHE G 143 69.81 -36.72 15.50
C PHE G 143 68.90 -35.57 15.13
N TYR G 144 67.71 -35.90 14.62
CA TYR G 144 66.78 -34.90 14.12
C TYR G 144 65.37 -35.35 14.47
N PRO G 145 64.54 -34.47 15.06
CA PRO G 145 64.80 -33.15 15.63
C PRO G 145 65.89 -33.14 16.70
N GLY G 146 66.38 -31.93 17.01
CA GLY G 146 67.42 -31.75 18.00
C GLY G 146 66.93 -31.57 19.41
N ALA G 147 66.51 -32.65 20.07
CA ALA G 147 66.04 -32.57 21.44
C ALA G 147 66.38 -33.87 22.16
N VAL G 148 67.39 -33.83 23.03
CA VAL G 148 67.78 -34.98 23.84
C VAL G 148 68.02 -34.51 25.28
N THR G 149 67.86 -35.44 26.21
CA THR G 149 68.21 -35.24 27.61
C THR G 149 69.22 -36.31 28.01
N VAL G 150 70.33 -35.87 28.60
CA VAL G 150 71.41 -36.76 28.99
C VAL G 150 71.22 -37.14 30.45
N ALA G 151 71.03 -38.43 30.71
CA ALA G 151 70.89 -38.96 32.05
C ALA G 151 72.13 -39.77 32.39
N TRP G 152 72.84 -39.34 33.43
CA TRP G 152 74.04 -40.01 33.90
C TRP G 152 73.68 -41.01 34.98
N LYS G 153 74.43 -42.10 35.05
CA LYS G 153 74.21 -43.16 36.03
C LYS G 153 75.52 -43.50 36.70
N ALA G 154 75.49 -43.64 38.02
CA ALA G 154 76.66 -44.00 38.83
C ALA G 154 76.36 -45.33 39.52
N ASP G 155 76.86 -46.42 38.95
CA ASP G 155 76.61 -47.77 39.45
C ASP G 155 75.12 -48.02 39.61
N SER G 156 74.38 -47.83 38.51
CA SER G 156 72.93 -47.98 38.48
C SER G 156 72.27 -47.03 39.49
N SER G 157 72.67 -45.76 39.40
CA SER G 157 72.10 -44.70 40.22
C SER G 157 72.29 -43.36 39.52
N PRO G 158 71.22 -42.63 39.24
CA PRO G 158 71.34 -41.37 38.49
C PRO G 158 72.16 -40.33 39.26
N VAL G 159 72.94 -39.55 38.52
CA VAL G 159 73.71 -38.45 39.07
C VAL G 159 73.62 -37.25 38.14
N LYS G 160 73.42 -36.07 38.73
CA LYS G 160 73.36 -34.80 37.99
C LYS G 160 74.20 -33.75 38.72
N ALA G 161 75.44 -34.11 39.07
CA ALA G 161 76.28 -33.21 39.86
C ALA G 161 76.68 -31.97 39.06
N GLY G 162 77.40 -32.16 37.97
CA GLY G 162 77.89 -31.05 37.18
C GLY G 162 77.53 -31.13 35.71
N VAL G 163 76.31 -31.56 35.40
CA VAL G 163 75.90 -31.71 34.01
C VAL G 163 75.79 -30.36 33.34
N GLU G 164 76.41 -30.23 32.18
CA GLU G 164 76.34 -29.02 31.35
C GLU G 164 75.83 -29.43 29.97
N THR G 165 74.51 -29.45 29.82
CA THR G 165 73.90 -29.78 28.54
C THR G 165 74.13 -28.66 27.54
N THR G 166 74.03 -29.00 26.26
CA THR G 166 74.20 -28.06 25.17
C THR G 166 72.93 -28.02 24.33
N THR G 167 72.73 -26.89 23.64
CA THR G 167 71.57 -26.74 22.77
C THR G 167 71.87 -27.30 21.40
N PRO G 168 71.11 -28.28 20.90
CA PRO G 168 71.31 -28.75 19.52
C PRO G 168 70.99 -27.64 18.53
N SER G 169 71.76 -27.60 17.44
CA SER G 169 71.52 -26.66 16.36
C SER G 169 72.01 -27.29 15.05
N LYS G 170 71.53 -26.73 13.95
CA LYS G 170 71.84 -27.31 12.64
C LYS G 170 73.33 -27.24 12.34
N GLN G 171 73.84 -28.30 11.72
CA GLN G 171 75.22 -28.34 11.25
C GLN G 171 75.29 -27.84 9.82
N SER G 172 76.40 -28.11 9.14
CA SER G 172 76.54 -27.72 7.75
C SER G 172 75.48 -28.37 6.88
N ASN G 173 75.04 -29.58 7.22
CA ASN G 173 74.03 -30.30 6.46
C ASN G 173 72.70 -30.38 7.22
N ASN G 174 72.38 -29.33 7.98
CA ASN G 174 71.08 -29.07 8.60
C ASN G 174 70.77 -29.95 9.81
N LYS G 175 71.58 -30.95 10.12
CA LYS G 175 71.29 -31.84 11.24
C LYS G 175 71.83 -31.26 12.54
N TYR G 176 71.29 -31.75 13.65
CA TYR G 176 71.58 -31.23 14.97
C TYR G 176 72.76 -31.97 15.61
N ALA G 177 73.32 -31.35 16.65
CA ALA G 177 74.41 -31.95 17.41
C ALA G 177 74.33 -31.44 18.84
N ALA G 178 74.68 -32.31 19.78
CA ALA G 178 74.56 -31.97 21.19
C ALA G 178 75.66 -32.68 21.98
N SER G 179 75.90 -32.19 23.19
CA SER G 179 76.89 -32.78 24.08
C SER G 179 76.45 -32.52 25.52
N SER G 180 77.15 -33.16 26.45
CA SER G 180 76.87 -32.99 27.88
C SER G 180 78.20 -32.98 28.62
N TYR G 181 78.56 -31.82 29.17
CA TYR G 181 79.84 -31.66 29.86
C TYR G 181 79.68 -32.19 31.28
N LEU G 182 80.32 -33.31 31.57
CA LEU G 182 80.31 -33.92 32.89
C LEU G 182 81.63 -33.65 33.60
N SER G 183 81.54 -33.30 34.88
CA SER G 183 82.72 -33.02 35.69
C SER G 183 82.70 -33.90 36.92
N LEU G 184 83.79 -34.64 37.14
CA LEU G 184 83.94 -35.49 38.31
C LEU G 184 85.38 -35.37 38.79
N THR G 185 85.77 -36.23 39.73
CA THR G 185 87.11 -36.20 40.26
C THR G 185 87.87 -37.47 39.90
N PRO G 186 89.20 -37.40 39.75
CA PRO G 186 89.97 -38.62 39.46
C PRO G 186 89.97 -39.64 40.59
N GLU G 187 89.64 -39.23 41.82
CA GLU G 187 89.63 -40.18 42.93
C GLU G 187 88.49 -41.18 42.81
N GLN G 188 87.29 -40.71 42.46
CA GLN G 188 86.15 -41.60 42.28
C GLN G 188 86.27 -42.47 41.04
N TRP G 189 87.18 -42.13 40.12
CA TRP G 189 87.42 -42.98 38.96
C TRP G 189 87.96 -44.34 39.40
N LYS G 190 88.74 -44.37 40.48
CA LYS G 190 89.22 -45.62 41.06
C LYS G 190 88.15 -46.37 41.86
N SER G 191 87.18 -45.66 42.42
CA SER G 191 86.13 -46.30 43.20
C SER G 191 84.96 -46.76 42.34
N HIS G 192 84.75 -46.13 41.19
CA HIS G 192 83.66 -46.46 40.29
C HIS G 192 84.18 -47.18 39.06
N ARG G 193 83.39 -48.13 38.56
CA ARG G 193 83.77 -48.93 37.41
C ARG G 193 82.71 -49.02 36.32
N SER G 194 81.50 -48.53 36.56
CA SER G 194 80.42 -48.62 35.57
C SER G 194 79.70 -47.29 35.52
N TYR G 195 79.88 -46.57 34.41
CA TYR G 195 79.16 -45.33 34.16
C TYR G 195 78.54 -45.37 32.77
N SER G 196 77.31 -44.89 32.67
CA SER G 196 76.56 -44.94 31.43
C SER G 196 76.03 -43.55 31.11
N CYS G 197 75.93 -43.27 29.80
CA CYS G 197 75.43 -42.00 29.29
C CYS G 197 74.11 -42.25 28.60
N GLN G 198 73.01 -42.22 29.36
CA GLN G 198 71.68 -42.45 28.82
C GLN G 198 71.16 -41.16 28.21
N VAL G 199 70.94 -41.17 26.90
CA VAL G 199 70.41 -40.03 26.17
C VAL G 199 69.00 -40.38 25.70
N THR G 200 68.06 -39.48 25.92
CA THR G 200 66.65 -39.73 25.63
C THR G 200 66.23 -38.90 24.43
N HIS G 201 66.24 -39.52 23.26
CA HIS G 201 65.70 -38.92 22.04
C HIS G 201 64.36 -39.56 21.75
N GLU G 202 63.33 -38.73 21.61
CA GLU G 202 61.95 -39.19 21.47
C GLU G 202 61.59 -40.10 22.64
N GLY G 203 61.49 -41.40 22.40
CA GLY G 203 61.23 -42.35 23.46
C GLY G 203 62.33 -43.39 23.57
N SER G 204 63.38 -43.24 22.76
CA SER G 204 64.47 -44.19 22.70
C SER G 204 65.64 -43.71 23.54
N THR G 205 66.29 -44.65 24.22
CA THR G 205 67.45 -44.35 25.05
C THR G 205 68.58 -45.30 24.69
N VAL G 206 69.75 -44.74 24.36
CA VAL G 206 70.93 -45.51 24.02
C VAL G 206 72.07 -45.05 24.92
N GLU G 207 72.81 -46.03 25.47
CA GLU G 207 73.85 -45.75 26.44
C GLU G 207 75.10 -46.55 26.09
N LYS G 208 76.23 -46.09 26.61
CA LYS G 208 77.50 -46.81 26.50
C LYS G 208 78.22 -46.73 27.84
N THR G 209 79.03 -47.75 28.10
CA THR G 209 79.70 -47.90 29.39
C THR G 209 81.15 -48.30 29.19
N VAL G 210 82.03 -47.72 30.03
CA VAL G 210 83.44 -48.07 30.04
C VAL G 210 83.84 -48.43 31.47
N ALA G 211 84.94 -49.15 31.59
CA ALA G 211 85.45 -49.61 32.87
C ALA G 211 86.96 -49.40 32.92
N PRO G 212 87.53 -49.18 34.12
CA PRO G 212 88.98 -49.07 34.28
C PRO G 212 89.69 -50.41 34.12
N GLN H 1 -17.89 -30.19 -27.21
CA GLN H 1 -18.66 -31.43 -27.31
C GLN H 1 -17.89 -32.49 -28.07
N VAL H 2 -18.08 -33.75 -27.68
CA VAL H 2 -17.49 -34.90 -28.35
C VAL H 2 -18.62 -35.68 -29.00
N GLN H 3 -18.58 -35.79 -30.33
CA GLN H 3 -19.62 -36.47 -31.09
C GLN H 3 -18.98 -37.53 -31.97
N LEU H 4 -19.62 -38.69 -32.04
CA LEU H 4 -19.17 -39.80 -32.86
C LEU H 4 -20.22 -40.11 -33.91
N VAL H 5 -19.80 -40.18 -35.17
CA VAL H 5 -20.70 -40.45 -36.29
C VAL H 5 -20.15 -41.63 -37.07
N GLU H 6 -21.05 -42.53 -37.44
CA GLU H 6 -20.69 -43.72 -38.22
C GLU H 6 -21.11 -43.53 -39.67
N TRP H 7 -20.51 -44.35 -40.54
CA TRP H 7 -20.83 -44.36 -41.95
C TRP H 7 -20.44 -45.70 -42.54
N GLY H 8 -21.04 -46.02 -43.67
CA GLY H 8 -20.80 -47.29 -44.33
C GLY H 8 -21.98 -47.66 -45.19
N ALA H 9 -21.89 -48.85 -45.78
CA ALA H 9 -22.91 -49.32 -46.71
C ALA H 9 -24.22 -49.60 -45.95
N GLY H 10 -25.31 -49.03 -46.44
CA GLY H 10 -26.61 -49.27 -45.85
C GLY H 10 -27.21 -50.62 -46.16
N LEU H 11 -26.82 -51.24 -47.27
CA LEU H 11 -27.23 -52.58 -47.63
C LEU H 11 -25.99 -53.39 -48.00
N LEU H 12 -25.89 -54.60 -47.47
CA LEU H 12 -24.78 -55.48 -47.75
C LEU H 12 -25.30 -56.86 -48.15
N LYS H 13 -24.84 -57.35 -49.27
CA LYS H 13 -25.29 -58.68 -49.64
C LYS H 13 -24.60 -59.74 -48.80
N PRO H 14 -25.22 -60.91 -48.64
CA PRO H 14 -24.64 -61.95 -47.79
C PRO H 14 -23.28 -62.40 -48.29
N SER H 15 -22.42 -62.76 -47.33
CA SER H 15 -21.09 -63.33 -47.53
C SER H 15 -20.09 -62.34 -48.13
N GLU H 16 -20.42 -61.06 -48.24
CA GLU H 16 -19.47 -60.08 -48.74
C GLU H 16 -18.73 -59.42 -47.58
N THR H 17 -18.00 -58.35 -47.87
CA THR H 17 -17.18 -57.64 -46.90
C THR H 17 -17.81 -56.30 -46.56
N LEU H 18 -17.73 -55.92 -45.29
CA LEU H 18 -18.29 -54.67 -44.80
C LEU H 18 -17.17 -53.73 -44.40
N SER H 19 -17.25 -52.48 -44.88
CA SER H 19 -16.25 -51.45 -44.60
C SER H 19 -16.87 -50.37 -43.75
N LEU H 20 -16.21 -50.03 -42.64
CA LEU H 20 -16.73 -49.04 -41.70
C LEU H 20 -15.60 -48.21 -41.15
N THR H 21 -15.96 -47.03 -40.63
CA THR H 21 -15.04 -46.15 -39.92
C THR H 21 -15.87 -45.14 -39.14
N CYS H 22 -15.47 -44.87 -37.90
CA CYS H 22 -16.13 -43.89 -37.05
C CYS H 22 -15.15 -42.78 -36.70
N ALA H 23 -15.66 -41.56 -36.56
CA ALA H 23 -14.85 -40.38 -36.33
C ALA H 23 -15.23 -39.72 -35.00
N VAL H 24 -14.28 -38.96 -34.46
CA VAL H 24 -14.47 -38.20 -33.22
C VAL H 24 -14.48 -36.71 -33.56
N TYR H 25 -15.50 -36.01 -33.06
CA TYR H 25 -15.67 -34.58 -33.27
C TYR H 25 -15.60 -33.88 -31.91
N GLY H 26 -14.39 -33.50 -31.50
CA GLY H 26 -14.21 -32.79 -30.25
C GLY H 26 -13.26 -33.46 -29.27
N GLY H 27 -12.38 -34.32 -29.77
CA GLY H 27 -11.41 -34.96 -28.91
C GLY H 27 -10.46 -35.83 -29.72
N SER H 28 -9.47 -36.38 -29.03
CA SER H 28 -8.49 -37.27 -29.65
C SER H 28 -8.58 -38.65 -29.02
N PHE H 29 -7.80 -39.57 -29.57
CA PHE H 29 -7.91 -40.98 -29.22
C PHE H 29 -7.01 -41.36 -28.05
N SER H 30 -6.32 -40.40 -27.44
CA SER H 30 -5.41 -40.67 -26.35
C SER H 30 -6.19 -40.98 -25.07
N GLY H 31 -5.88 -42.12 -24.46
CA GLY H 31 -6.40 -42.45 -23.15
C GLY H 31 -7.87 -42.79 -23.10
N TYR H 32 -8.52 -42.97 -24.24
CA TYR H 32 -9.95 -43.28 -24.26
C TYR H 32 -10.17 -44.60 -24.98
N TYR H 33 -11.20 -45.32 -24.56
CA TYR H 33 -11.54 -46.62 -25.14
C TYR H 33 -12.64 -46.43 -26.17
N TRP H 34 -12.40 -46.95 -27.38
CA TRP H 34 -13.29 -46.79 -28.51
C TRP H 34 -13.95 -48.14 -28.79
N SER H 35 -15.23 -48.24 -28.45
CA SER H 35 -15.95 -49.50 -28.47
C SER H 35 -16.93 -49.54 -29.64
N TRP H 36 -17.27 -50.74 -30.06
CA TRP H 36 -18.32 -50.98 -31.03
C TRP H 36 -19.37 -51.87 -30.38
N ILE H 37 -20.63 -51.43 -30.40
CA ILE H 37 -21.70 -52.08 -29.65
C ILE H 37 -22.80 -52.50 -30.63
N ARG H 38 -23.35 -53.68 -30.40
CA ARG H 38 -24.28 -54.34 -31.31
C ARG H 38 -25.67 -54.39 -30.70
N GLN H 39 -26.63 -53.81 -31.41
CA GLN H 39 -28.03 -53.75 -30.95
C GLN H 39 -28.92 -54.41 -31.98
N PRO H 40 -29.31 -55.67 -31.76
CA PRO H 40 -30.35 -56.28 -32.59
C PRO H 40 -31.65 -55.52 -32.45
N PRO H 41 -32.39 -55.33 -33.54
CA PRO H 41 -33.65 -54.59 -33.46
C PRO H 41 -34.66 -55.29 -32.56
N GLY H 42 -35.07 -54.59 -31.50
CA GLY H 42 -36.03 -55.11 -30.55
C GLY H 42 -35.45 -55.99 -29.46
N LYS H 43 -34.15 -56.26 -29.49
CA LYS H 43 -33.49 -57.12 -28.51
C LYS H 43 -32.57 -56.26 -27.63
N GLY H 44 -31.77 -56.93 -26.81
CA GLY H 44 -30.89 -56.26 -25.88
C GLY H 44 -29.63 -55.74 -26.54
N LEU H 45 -28.73 -55.21 -25.70
CA LEU H 45 -27.43 -54.75 -26.16
C LEU H 45 -26.47 -55.92 -26.29
N GLU H 46 -25.53 -55.80 -27.22
CA GLU H 46 -24.46 -56.77 -27.38
C GLU H 46 -23.17 -56.03 -27.72
N TRP H 47 -22.06 -56.54 -27.21
CA TRP H 47 -20.76 -55.89 -27.34
C TRP H 47 -19.89 -56.61 -28.34
N ILE H 48 -19.24 -55.85 -29.22
CA ILE H 48 -18.34 -56.40 -30.23
C ILE H 48 -16.90 -56.33 -29.78
N GLY H 49 -16.45 -55.16 -29.34
CA GLY H 49 -15.07 -55.01 -28.94
C GLY H 49 -14.74 -53.56 -28.66
N LEU H 50 -13.46 -53.30 -28.44
CA LEU H 50 -12.97 -51.97 -28.17
C LEU H 50 -11.56 -51.82 -28.74
N ILE H 51 -10.98 -50.63 -28.55
CA ILE H 51 -9.62 -50.35 -28.98
C ILE H 51 -9.14 -49.12 -28.22
N ASN H 52 -7.85 -49.10 -27.91
CA ASN H 52 -7.21 -47.95 -27.28
C ASN H 52 -6.33 -47.24 -28.32
N HIS H 53 -5.65 -46.18 -27.89
CA HIS H 53 -4.82 -45.41 -28.80
C HIS H 53 -3.68 -46.25 -29.37
N SER H 54 -3.06 -47.07 -28.54
CA SER H 54 -1.90 -47.85 -28.96
C SER H 54 -2.25 -48.93 -29.97
N GLY H 55 -3.53 -49.21 -30.19
CA GLY H 55 -3.95 -50.30 -31.03
C GLY H 55 -4.38 -51.55 -30.28
N SER H 56 -4.23 -51.56 -28.95
CA SER H 56 -4.67 -52.70 -28.17
C SER H 56 -6.19 -52.81 -28.23
N THR H 57 -6.68 -54.05 -28.36
CA THR H 57 -8.10 -54.30 -28.52
C THR H 57 -8.53 -55.44 -27.61
N ASN H 58 -9.80 -55.43 -27.25
CA ASN H 58 -10.49 -56.58 -26.69
C ASN H 58 -11.60 -56.97 -27.64
N TYR H 59 -11.74 -58.27 -27.91
CA TYR H 59 -12.69 -58.75 -28.90
C TYR H 59 -13.59 -59.82 -28.28
N ASN H 60 -14.83 -59.86 -28.75
CA ASN H 60 -15.79 -60.85 -28.27
C ASN H 60 -15.49 -62.20 -28.92
N PRO H 61 -15.26 -63.26 -28.14
CA PRO H 61 -14.84 -64.54 -28.75
C PRO H 61 -15.87 -65.17 -29.68
N SER H 62 -17.15 -64.81 -29.55
CA SER H 62 -18.16 -65.40 -30.43
C SER H 62 -17.94 -65.02 -31.89
N LEU H 63 -17.56 -63.76 -32.15
CA LEU H 63 -17.30 -63.28 -33.50
C LEU H 63 -15.88 -62.74 -33.65
N LYS H 64 -14.96 -63.19 -32.79
CA LYS H 64 -13.61 -62.66 -32.82
C LYS H 64 -12.92 -62.87 -34.17
N SER H 65 -13.19 -63.99 -34.83
CA SER H 65 -12.51 -64.29 -36.08
C SER H 65 -12.97 -63.40 -37.23
N ARG H 66 -14.13 -62.74 -37.09
CA ARG H 66 -14.69 -61.99 -38.20
C ARG H 66 -14.84 -60.50 -37.92
N VAL H 67 -14.26 -59.99 -36.84
CA VAL H 67 -14.30 -58.57 -36.53
C VAL H 67 -12.88 -58.09 -36.20
N THR H 68 -12.53 -56.93 -36.76
CA THR H 68 -11.30 -56.23 -36.42
C THR H 68 -11.54 -54.74 -36.54
N ILE H 69 -10.85 -53.97 -35.71
CA ILE H 69 -11.01 -52.52 -35.65
C ILE H 69 -9.66 -51.88 -35.93
N SER H 70 -9.63 -50.93 -36.86
CA SER H 70 -8.40 -50.27 -37.30
C SER H 70 -8.46 -48.81 -36.90
N LEU H 71 -7.35 -48.32 -36.35
CA LEU H 71 -7.28 -46.98 -35.78
C LEU H 71 -6.37 -46.10 -36.63
N ASP H 72 -6.92 -44.98 -37.10
CA ASP H 72 -6.17 -44.02 -37.91
C ASP H 72 -6.31 -42.67 -37.23
N THR H 73 -5.26 -42.27 -36.49
CA THR H 73 -5.32 -41.10 -35.64
C THR H 73 -5.08 -39.79 -36.38
N SER H 74 -4.44 -39.83 -37.55
CA SER H 74 -4.13 -38.60 -38.29
C SER H 74 -5.40 -37.87 -38.70
N LYS H 75 -6.39 -38.62 -39.19
CA LYS H 75 -7.65 -38.05 -39.65
C LYS H 75 -8.71 -37.98 -38.56
N ASN H 76 -8.36 -38.33 -37.31
CA ASN H 76 -9.30 -38.31 -36.19
C ASN H 76 -10.44 -39.30 -36.44
N GLN H 77 -10.07 -40.56 -36.69
CA GLN H 77 -11.03 -41.58 -37.05
C GLN H 77 -10.58 -42.93 -36.49
N PHE H 78 -11.44 -43.93 -36.66
CA PHE H 78 -11.07 -45.33 -36.45
C PHE H 78 -12.05 -46.22 -37.21
N SER H 79 -11.52 -47.27 -37.81
CA SER H 79 -12.26 -48.10 -38.75
C SER H 79 -12.53 -49.50 -38.17
N LEU H 80 -13.71 -50.03 -38.47
CA LEU H 80 -14.10 -51.37 -38.09
C LEU H 80 -14.34 -52.21 -39.33
N LYS H 81 -14.08 -53.52 -39.22
CA LYS H 81 -14.33 -54.45 -40.30
C LYS H 81 -15.11 -55.65 -39.77
N LEU H 82 -15.91 -56.26 -40.65
CA LEU H 82 -16.78 -57.36 -40.28
C LEU H 82 -16.95 -58.27 -41.49
N THR H 83 -16.23 -59.39 -41.49
CA THR H 83 -16.26 -60.33 -42.61
C THR H 83 -17.16 -61.52 -42.28
N SER H 84 -17.27 -62.43 -43.26
CA SER H 84 -18.13 -63.61 -43.15
C SER H 84 -19.55 -63.22 -42.76
N VAL H 85 -20.04 -62.15 -43.39
CA VAL H 85 -21.32 -61.57 -43.01
C VAL H 85 -22.46 -62.50 -43.38
N THR H 86 -23.53 -62.45 -42.59
CA THR H 86 -24.73 -63.25 -42.82
C THR H 86 -25.95 -62.37 -42.62
N ALA H 87 -27.13 -62.95 -42.88
CA ALA H 87 -28.36 -62.20 -42.72
C ALA H 87 -28.60 -61.79 -41.26
N ALA H 88 -28.13 -62.60 -40.31
CA ALA H 88 -28.31 -62.27 -38.90
C ALA H 88 -27.51 -61.05 -38.47
N ASP H 89 -26.60 -60.56 -39.31
CA ASP H 89 -25.76 -59.43 -38.98
C ASP H 89 -26.42 -58.08 -39.27
N THR H 90 -27.65 -58.08 -39.75
CA THR H 90 -28.38 -56.83 -39.96
C THR H 90 -28.61 -56.11 -38.64
N ALA H 91 -28.16 -54.86 -38.57
CA ALA H 91 -28.28 -54.06 -37.35
C ALA H 91 -27.84 -52.64 -37.64
N VAL H 92 -28.05 -51.77 -36.66
CA VAL H 92 -27.42 -50.45 -36.63
C VAL H 92 -26.15 -50.58 -35.80
N TYR H 93 -25.07 -49.96 -36.28
CA TYR H 93 -23.75 -50.14 -35.71
C TYR H 93 -23.31 -48.88 -34.97
N TYR H 94 -22.84 -49.06 -33.75
CA TYR H 94 -22.52 -47.96 -32.85
C TYR H 94 -21.02 -47.88 -32.62
N CYS H 95 -20.52 -46.66 -32.46
CA CYS H 95 -19.18 -46.41 -31.98
C CYS H 95 -19.26 -45.52 -30.76
N ALA H 96 -18.50 -45.84 -29.73
CA ALA H 96 -18.61 -45.15 -28.45
C ALA H 96 -17.23 -44.86 -27.88
N ARG H 97 -17.18 -43.90 -26.99
CA ARG H 97 -15.97 -43.52 -26.27
C ARG H 97 -16.06 -44.02 -24.83
N GLY H 98 -15.00 -44.69 -24.38
CA GLY H 98 -15.00 -45.29 -23.06
C GLY H 98 -13.78 -44.88 -22.26
N LEU H 99 -13.96 -44.87 -20.93
CA LEU H 99 -12.92 -44.53 -19.99
C LEU H 99 -12.77 -45.66 -18.99
N GLY H 100 -11.55 -45.83 -18.48
CA GLY H 100 -11.29 -46.89 -17.52
C GLY H 100 -9.81 -47.20 -17.45
N ILE H 101 -9.51 -48.42 -17.00
CA ILE H 101 -8.14 -48.85 -16.79
C ILE H 101 -7.92 -50.20 -17.47
N PHE H 102 -6.85 -50.28 -18.27
CA PHE H 102 -6.33 -51.54 -18.80
C PHE H 102 -7.38 -52.33 -19.58
N GLY H 103 -8.20 -51.62 -20.35
CA GLY H 103 -9.20 -52.28 -21.15
C GLY H 103 -10.48 -52.64 -20.43
N VAL H 104 -10.76 -52.02 -19.30
CA VAL H 104 -12.02 -52.19 -18.60
C VAL H 104 -12.69 -50.83 -18.49
N VAL H 105 -13.93 -50.74 -18.98
CA VAL H 105 -14.65 -49.48 -19.09
C VAL H 105 -15.82 -49.51 -18.11
N THR H 106 -15.88 -48.51 -17.24
CA THR H 106 -16.99 -48.35 -16.31
C THR H 106 -18.10 -47.46 -16.86
N LEU H 107 -17.88 -46.82 -18.00
CA LEU H 107 -18.89 -45.96 -18.62
C LEU H 107 -18.55 -45.62 -20.06
N SER H 108 -19.51 -45.82 -20.96
CA SER H 108 -19.42 -45.34 -22.34
C SER H 108 -20.11 -43.99 -22.38
N ASP H 109 -19.33 -42.92 -22.54
CA ASP H 109 -19.87 -41.57 -22.39
C ASP H 109 -20.74 -41.16 -23.57
N VAL H 110 -20.17 -41.16 -24.77
CA VAL H 110 -20.85 -40.65 -25.96
C VAL H 110 -21.05 -41.79 -26.95
N TRP H 111 -22.22 -41.85 -27.55
CA TRP H 111 -22.56 -42.85 -28.54
C TRP H 111 -22.93 -42.17 -29.86
N GLY H 112 -22.70 -42.89 -30.96
CA GLY H 112 -23.13 -42.40 -32.25
C GLY H 112 -24.52 -42.87 -32.61
N GLN H 113 -25.17 -42.09 -33.48
CA GLN H 113 -26.52 -42.45 -33.93
C GLN H 113 -26.52 -43.72 -34.77
N GLY H 114 -25.42 -44.04 -35.42
CA GLY H 114 -25.33 -45.29 -36.15
C GLY H 114 -25.89 -45.20 -37.56
N THR H 115 -25.43 -46.10 -38.42
CA THR H 115 -25.93 -46.21 -39.77
C THR H 115 -26.63 -47.55 -39.93
N THR H 116 -27.82 -47.52 -40.53
CA THR H 116 -28.62 -48.73 -40.69
C THR H 116 -27.93 -49.69 -41.66
N VAL H 117 -27.43 -50.80 -41.13
CA VAL H 117 -26.82 -51.84 -41.94
C VAL H 117 -27.82 -52.99 -42.03
N THR H 118 -28.37 -53.20 -43.22
CA THR H 118 -29.41 -54.19 -43.43
C THR H 118 -28.98 -55.16 -44.52
N VAL H 119 -29.15 -56.45 -44.25
CA VAL H 119 -28.85 -57.52 -45.21
C VAL H 119 -30.17 -58.12 -45.66
N SER H 120 -30.40 -58.12 -46.98
CA SER H 120 -31.58 -58.75 -47.54
C SER H 120 -31.14 -59.69 -48.65
N SER H 121 -31.66 -60.92 -48.62
CA SER H 121 -31.28 -61.96 -49.56
C SER H 121 -32.49 -62.52 -50.29
N ALA H 122 -33.66 -61.92 -50.10
CA ALA H 122 -34.88 -62.30 -50.79
C ALA H 122 -35.37 -61.13 -51.62
N SER H 123 -35.53 -61.36 -52.93
CA SER H 123 -35.77 -60.29 -53.87
C SER H 123 -37.25 -59.91 -53.92
N THR H 124 -37.58 -59.03 -54.86
CA THR H 124 -38.93 -58.49 -55.01
C THR H 124 -39.94 -59.59 -55.37
N LYS H 125 -40.80 -59.93 -54.41
CA LYS H 125 -41.85 -60.93 -54.63
C LYS H 125 -43.20 -60.31 -54.30
N GLY H 126 -44.19 -60.63 -55.12
CA GLY H 126 -45.53 -60.15 -54.90
C GLY H 126 -46.17 -60.81 -53.69
N PRO H 127 -47.01 -60.05 -52.98
CA PRO H 127 -47.67 -60.61 -51.80
C PRO H 127 -48.55 -61.81 -52.15
N SER H 128 -48.52 -62.82 -51.28
CA SER H 128 -49.38 -63.98 -51.37
C SER H 128 -50.30 -63.97 -50.16
N VAL H 129 -51.61 -64.01 -50.40
CA VAL H 129 -52.59 -63.68 -49.39
C VAL H 129 -53.30 -64.95 -48.92
N PHE H 130 -53.37 -65.12 -47.59
CA PHE H 130 -54.20 -66.14 -46.97
C PHE H 130 -55.52 -65.52 -46.55
N PRO H 131 -56.64 -65.86 -47.17
CA PRO H 131 -57.94 -65.51 -46.58
C PRO H 131 -58.05 -66.10 -45.18
N LEU H 132 -58.52 -65.29 -44.23
CA LEU H 132 -58.58 -65.68 -42.83
C LEU H 132 -60.04 -65.73 -42.40
N ALA H 133 -60.59 -66.93 -42.34
CA ALA H 133 -61.99 -67.15 -41.99
C ALA H 133 -62.12 -67.79 -40.61
N PRO H 134 -63.17 -67.44 -39.88
CA PRO H 134 -63.42 -68.09 -38.58
C PRO H 134 -64.17 -69.41 -38.75
N SER H 135 -64.53 -70.03 -37.63
CA SER H 135 -65.31 -71.26 -37.65
C SER H 135 -66.81 -71.00 -37.79
N SER H 136 -67.23 -69.74 -37.82
CA SER H 136 -68.64 -69.36 -37.92
C SER H 136 -69.46 -70.02 -36.81
N LYS H 137 -68.90 -70.01 -35.60
CA LYS H 137 -69.54 -70.59 -34.44
C LYS H 137 -69.68 -69.54 -33.35
N SER H 138 -70.74 -69.68 -32.55
CA SER H 138 -71.04 -68.71 -31.50
C SER H 138 -70.13 -68.99 -30.30
N THR H 139 -69.15 -68.11 -30.08
CA THR H 139 -68.23 -68.25 -28.97
C THR H 139 -68.85 -67.62 -27.72
N SER H 140 -68.05 -67.49 -26.66
CA SER H 140 -68.54 -66.84 -25.45
C SER H 140 -68.86 -65.36 -25.69
N GLY H 141 -68.04 -64.70 -26.49
CA GLY H 141 -68.27 -63.31 -26.85
C GLY H 141 -68.95 -63.20 -28.20
N GLY H 142 -69.90 -62.26 -28.30
CA GLY H 142 -70.64 -62.07 -29.52
C GLY H 142 -69.89 -61.27 -30.57
N THR H 143 -68.85 -61.86 -31.15
CA THR H 143 -68.05 -61.18 -32.15
C THR H 143 -67.47 -62.20 -33.12
N ALA H 144 -67.35 -61.80 -34.39
CA ALA H 144 -66.76 -62.61 -35.44
C ALA H 144 -65.68 -61.80 -36.15
N ALA H 145 -64.46 -62.34 -36.18
CA ALA H 145 -63.33 -61.69 -36.82
C ALA H 145 -62.86 -62.54 -37.99
N LEU H 146 -62.78 -61.92 -39.17
CA LEU H 146 -62.22 -62.58 -40.35
C LEU H 146 -61.25 -61.61 -41.01
N GLY H 147 -60.23 -62.17 -41.66
CA GLY H 147 -59.19 -61.34 -42.23
C GLY H 147 -58.57 -61.86 -43.51
N CYS H 148 -57.49 -61.22 -43.94
CA CYS H 148 -56.66 -61.73 -45.03
C CYS H 148 -55.19 -61.58 -44.64
N LEU H 149 -54.45 -62.67 -44.77
CA LEU H 149 -53.07 -62.75 -44.31
C LEU H 149 -52.11 -62.60 -45.49
N VAL H 150 -51.19 -61.65 -45.38
CA VAL H 150 -50.29 -61.29 -46.46
C VAL H 150 -48.94 -61.93 -46.19
N LYS H 151 -48.43 -62.71 -47.15
CA LYS H 151 -47.22 -63.48 -46.99
C LYS H 151 -46.24 -63.21 -48.12
N ASP H 152 -44.96 -63.15 -47.75
CA ASP H 152 -43.84 -63.21 -48.69
C ASP H 152 -43.93 -62.12 -49.76
N TYR H 153 -43.79 -60.87 -49.28
CA TYR H 153 -43.73 -59.72 -50.16
C TYR H 153 -42.42 -58.99 -49.94
N PHE H 154 -41.99 -58.27 -50.98
CA PHE H 154 -40.77 -57.46 -50.93
C PHE H 154 -40.91 -56.25 -51.83
N PRO H 155 -40.52 -55.06 -51.36
CA PRO H 155 -40.15 -54.86 -49.95
C PRO H 155 -41.31 -54.36 -49.11
N GLU H 156 -41.03 -54.07 -47.84
CA GLU H 156 -41.98 -53.35 -47.01
C GLU H 156 -42.13 -51.92 -47.55
N PRO H 157 -43.31 -51.30 -47.37
CA PRO H 157 -44.56 -51.72 -46.71
C PRO H 157 -45.66 -52.23 -47.63
N VAL H 158 -46.70 -52.79 -47.02
CA VAL H 158 -47.90 -53.22 -47.72
C VAL H 158 -49.11 -52.64 -46.98
N THR H 159 -50.01 -52.01 -47.72
CA THR H 159 -51.22 -51.42 -47.17
C THR H 159 -52.42 -52.27 -47.57
N VAL H 160 -53.25 -52.61 -46.59
CA VAL H 160 -54.45 -53.42 -46.80
C VAL H 160 -55.65 -52.62 -46.34
N SER H 161 -56.63 -52.46 -47.22
CA SER H 161 -57.91 -51.85 -46.89
C SER H 161 -58.98 -52.92 -46.88
N TRP H 162 -60.17 -52.54 -46.40
CA TRP H 162 -61.27 -53.48 -46.24
C TRP H 162 -62.56 -52.90 -46.82
N ASN H 163 -63.23 -53.70 -47.65
CA ASN H 163 -64.49 -53.32 -48.29
C ASN H 163 -64.33 -52.03 -49.09
N SER H 164 -63.16 -51.87 -49.71
CA SER H 164 -62.84 -50.70 -50.52
C SER H 164 -63.06 -49.39 -49.76
N GLY H 165 -62.73 -49.39 -48.47
CA GLY H 165 -62.87 -48.20 -47.65
C GLY H 165 -64.22 -48.06 -46.97
N ALA H 166 -65.19 -48.92 -47.27
CA ALA H 166 -66.49 -48.84 -46.63
C ALA H 166 -66.44 -49.37 -45.19
N LEU H 167 -65.74 -50.48 -44.99
CA LEU H 167 -65.66 -51.10 -43.67
C LEU H 167 -64.61 -50.36 -42.84
N THR H 168 -65.02 -49.83 -41.70
CA THR H 168 -64.17 -48.97 -40.90
C THR H 168 -64.19 -49.29 -39.41
N SER H 169 -65.17 -50.06 -38.94
CA SER H 169 -65.34 -50.27 -37.50
C SER H 169 -64.15 -51.02 -36.91
N GLY H 170 -63.90 -52.24 -37.37
CA GLY H 170 -62.86 -53.08 -36.82
C GLY H 170 -61.57 -53.17 -37.62
N VAL H 171 -61.34 -52.26 -38.57
CA VAL H 171 -60.15 -52.34 -39.40
C VAL H 171 -58.92 -51.95 -38.59
N HIS H 172 -57.89 -52.80 -38.65
CA HIS H 172 -56.58 -52.45 -38.10
C HIS H 172 -55.55 -53.38 -38.68
N THR H 173 -54.61 -52.83 -39.45
CA THR H 173 -53.51 -53.61 -40.00
C THR H 173 -52.44 -53.80 -38.94
N PHE H 174 -51.44 -54.62 -39.27
CA PHE H 174 -50.41 -55.02 -38.35
C PHE H 174 -49.02 -54.82 -38.95
N PRO H 175 -48.00 -54.68 -38.13
CA PRO H 175 -46.64 -54.51 -38.65
C PRO H 175 -46.11 -55.81 -39.24
N ALA H 176 -44.95 -55.71 -39.89
CA ALA H 176 -44.36 -56.82 -40.60
C ALA H 176 -43.23 -57.42 -39.79
N VAL H 177 -42.81 -58.63 -40.20
CA VAL H 177 -41.78 -59.38 -39.51
C VAL H 177 -40.84 -60.00 -40.53
N LEU H 178 -39.79 -60.65 -40.01
CA LEU H 178 -38.83 -61.37 -40.80
C LEU H 178 -38.84 -62.84 -40.39
N GLN H 179 -38.64 -63.73 -41.36
CA GLN H 179 -38.50 -65.15 -41.09
C GLN H 179 -37.04 -65.55 -41.24
N SER H 180 -36.76 -66.84 -41.06
CA SER H 180 -35.40 -67.33 -41.19
C SER H 180 -34.87 -67.12 -42.60
N SER H 181 -35.75 -67.13 -43.60
CA SER H 181 -35.37 -66.85 -44.97
C SER H 181 -35.40 -65.35 -45.28
N GLY H 182 -35.68 -64.50 -44.29
CA GLY H 182 -35.74 -63.07 -44.49
C GLY H 182 -37.07 -62.56 -45.00
N LEU H 183 -38.04 -63.45 -45.23
CA LEU H 183 -39.31 -63.08 -45.81
C LEU H 183 -40.14 -62.26 -44.83
N TYR H 184 -41.30 -61.81 -45.30
CA TYR H 184 -42.20 -60.95 -44.53
C TYR H 184 -43.48 -61.71 -44.17
N SER H 185 -44.33 -61.03 -43.41
CA SER H 185 -45.64 -61.56 -43.03
C SER H 185 -46.50 -60.39 -42.56
N LEU H 186 -47.67 -60.23 -43.18
CA LEU H 186 -48.57 -59.12 -42.86
C LEU H 186 -49.99 -59.65 -42.73
N SER H 187 -50.80 -58.94 -41.94
CA SER H 187 -52.18 -59.36 -41.69
C SER H 187 -53.04 -58.14 -41.43
N SER H 188 -54.32 -58.25 -41.78
CA SER H 188 -55.33 -57.25 -41.46
C SER H 188 -56.62 -57.97 -41.10
N VAL H 189 -57.19 -57.63 -39.94
CA VAL H 189 -58.37 -58.31 -39.43
C VAL H 189 -59.42 -57.29 -39.05
N VAL H 190 -60.68 -57.62 -39.29
CA VAL H 190 -61.82 -56.80 -38.89
C VAL H 190 -62.76 -57.67 -38.06
N THR H 191 -63.16 -57.15 -36.90
CA THR H 191 -64.10 -57.85 -36.03
C THR H 191 -65.51 -57.30 -36.28
N VAL H 192 -66.45 -58.21 -36.54
CA VAL H 192 -67.83 -57.83 -36.85
C VAL H 192 -68.76 -58.65 -35.95
N PRO H 193 -69.83 -58.06 -35.45
CA PRO H 193 -70.78 -58.83 -34.63
C PRO H 193 -71.41 -59.97 -35.44
N SER H 194 -71.78 -61.04 -34.72
CA SER H 194 -72.34 -62.23 -35.35
C SER H 194 -73.70 -61.99 -35.96
N SER H 195 -74.34 -60.85 -35.66
CA SER H 195 -75.60 -60.52 -36.32
C SER H 195 -75.41 -60.34 -37.82
N SER H 196 -74.32 -59.71 -38.22
CA SER H 196 -73.98 -59.53 -39.63
C SER H 196 -72.73 -60.34 -39.92
N LEU H 197 -72.92 -61.57 -40.39
CA LEU H 197 -71.81 -62.45 -40.71
C LEU H 197 -72.29 -63.54 -41.65
N GLY H 198 -71.74 -63.59 -42.86
CA GLY H 198 -72.04 -64.66 -43.79
C GLY H 198 -72.56 -64.21 -45.13
N THR H 199 -73.42 -63.19 -45.14
CA THR H 199 -74.03 -62.71 -46.38
C THR H 199 -73.41 -61.42 -46.90
N GLN H 200 -72.88 -60.58 -46.03
CA GLN H 200 -72.25 -59.35 -46.46
C GLN H 200 -70.86 -59.65 -47.02
N THR H 201 -70.61 -59.21 -48.25
CA THR H 201 -69.37 -59.54 -48.93
C THR H 201 -68.21 -58.79 -48.28
N TYR H 202 -67.26 -59.54 -47.73
CA TYR H 202 -66.12 -58.98 -47.00
C TYR H 202 -64.87 -59.24 -47.83
N ILE H 203 -64.38 -58.19 -48.50
CA ILE H 203 -63.20 -58.27 -49.34
C ILE H 203 -62.18 -57.24 -48.87
N CYS H 204 -60.92 -57.67 -48.77
CA CYS H 204 -59.83 -56.79 -48.42
C CYS H 204 -59.00 -56.48 -49.67
N ASN H 205 -58.32 -55.34 -49.64
CA ASN H 205 -57.51 -54.89 -50.77
C ASN H 205 -56.06 -54.78 -50.32
N VAL H 206 -55.29 -55.83 -50.59
CA VAL H 206 -53.87 -55.88 -50.23
C VAL H 206 -53.08 -55.13 -51.31
N ASN H 207 -52.62 -53.93 -50.98
CA ASN H 207 -51.91 -53.08 -51.93
C ASN H 207 -50.43 -53.09 -51.61
N HIS H 208 -49.62 -53.35 -52.63
CA HIS H 208 -48.16 -53.29 -52.53
C HIS H 208 -47.63 -52.59 -53.78
N LYS H 209 -47.54 -51.27 -53.72
CA LYS H 209 -47.07 -50.49 -54.86
C LYS H 209 -45.64 -50.83 -55.29
N PRO H 210 -44.66 -51.01 -54.40
CA PRO H 210 -43.33 -51.40 -54.88
C PRO H 210 -43.32 -52.69 -55.70
N SER H 211 -44.18 -53.65 -55.36
CA SER H 211 -44.28 -54.88 -56.13
C SER H 211 -45.29 -54.79 -57.27
N ASN H 212 -46.01 -53.67 -57.39
CA ASN H 212 -46.97 -53.44 -58.47
C ASN H 212 -48.04 -54.53 -58.51
N THR H 213 -48.52 -54.93 -57.34
CA THR H 213 -49.56 -55.95 -57.23
C THR H 213 -50.59 -55.53 -56.20
N LYS H 214 -51.86 -55.70 -56.53
CA LYS H 214 -52.97 -55.49 -55.61
C LYS H 214 -53.82 -56.75 -55.60
N VAL H 215 -54.26 -57.16 -54.41
CA VAL H 215 -55.03 -58.38 -54.23
C VAL H 215 -56.35 -58.04 -53.58
N ASP H 216 -57.44 -58.54 -54.15
CA ASP H 216 -58.79 -58.36 -53.60
C ASP H 216 -59.30 -59.75 -53.24
N LYS H 217 -59.27 -60.07 -51.95
CA LYS H 217 -59.52 -61.43 -51.46
C LYS H 217 -60.84 -61.47 -50.71
N LYS H 218 -61.71 -62.39 -51.11
CA LYS H 218 -62.97 -62.62 -50.42
C LYS H 218 -62.82 -63.75 -49.41
N VAL H 219 -63.38 -63.53 -48.22
CA VAL H 219 -63.28 -64.48 -47.11
C VAL H 219 -64.68 -64.95 -46.77
N GLU H 220 -64.89 -66.27 -46.79
CA GLU H 220 -66.13 -66.87 -46.34
C GLU H 220 -65.87 -67.66 -45.07
N PRO H 221 -66.60 -67.39 -43.98
CA PRO H 221 -66.33 -68.06 -42.70
C PRO H 221 -66.33 -69.57 -42.80
N LYS H 222 -67.44 -70.16 -43.25
CA LYS H 222 -67.52 -71.61 -43.36
C LYS H 222 -68.33 -71.97 -44.60
N SER H 223 -67.91 -73.05 -45.26
CA SER H 223 -68.58 -73.53 -46.46
C SER H 223 -68.76 -75.04 -46.41
N ASN I 1 -20.91 -69.53 -19.05
CA ASN I 1 -22.16 -69.10 -19.65
C ASN I 1 -22.98 -68.24 -18.69
N PHE I 2 -22.46 -67.05 -18.37
CA PHE I 2 -23.18 -66.11 -17.52
C PHE I 2 -24.23 -65.40 -18.36
N MET I 3 -25.49 -65.82 -18.23
CA MET I 3 -26.56 -65.23 -19.02
C MET I 3 -27.41 -64.36 -18.12
N LEU I 4 -27.43 -63.07 -18.42
CA LEU I 4 -28.08 -62.08 -17.57
C LEU I 4 -29.56 -61.99 -17.96
N THR I 5 -30.43 -62.36 -17.03
CA THR I 5 -31.86 -62.38 -17.27
C THR I 5 -32.53 -61.31 -16.43
N GLN I 6 -33.57 -60.70 -16.98
CA GLN I 6 -34.44 -59.78 -16.27
C GLN I 6 -35.89 -60.04 -16.68
N PRO I 7 -36.86 -59.61 -15.87
CA PRO I 7 -38.27 -59.78 -16.26
C PRO I 7 -38.61 -58.97 -17.51
N HIS I 8 -39.59 -59.46 -18.26
CA HIS I 8 -39.96 -58.79 -19.51
C HIS I 8 -40.72 -57.50 -19.25
N SER I 9 -41.70 -57.52 -18.35
CA SER I 9 -42.61 -56.38 -18.19
C SER I 9 -42.87 -56.11 -16.72
N VAL I 10 -42.69 -54.84 -16.32
CA VAL I 10 -43.04 -54.37 -14.98
C VAL I 10 -43.80 -53.05 -15.14
N SER I 11 -44.93 -52.93 -14.44
CA SER I 11 -45.76 -51.73 -14.51
C SER I 11 -46.20 -51.32 -13.12
N GLU I 12 -46.50 -50.03 -12.96
CA GLU I 12 -46.91 -49.49 -11.67
C GLU I 12 -47.46 -48.09 -11.90
N SER I 13 -48.31 -47.65 -10.98
CA SER I 13 -48.86 -46.30 -11.05
C SER I 13 -47.77 -45.26 -10.76
N PRO I 14 -47.94 -44.03 -11.25
CA PRO I 14 -46.90 -43.01 -11.05
C PRO I 14 -46.64 -42.73 -9.57
N GLY I 15 -45.37 -42.54 -9.24
CA GLY I 15 -44.96 -42.12 -7.92
C GLY I 15 -44.78 -43.23 -6.91
N LYS I 16 -45.13 -44.46 -7.26
CA LYS I 16 -45.05 -45.58 -6.32
C LYS I 16 -43.62 -46.11 -6.23
N THR I 17 -43.45 -47.18 -5.45
CA THR I 17 -42.16 -47.82 -5.26
C THR I 17 -42.09 -49.07 -6.13
N VAL I 18 -41.17 -49.07 -7.10
CA VAL I 18 -40.97 -50.19 -7.99
C VAL I 18 -39.47 -50.42 -8.16
N THR I 19 -39.09 -51.69 -8.33
CA THR I 19 -37.71 -52.06 -8.56
C THR I 19 -37.64 -53.00 -9.76
N ILE I 20 -36.49 -52.98 -10.43
CA ILE I 20 -36.25 -53.81 -11.61
C ILE I 20 -34.99 -54.61 -11.35
N SER I 21 -35.08 -55.92 -11.56
CA SER I 21 -33.96 -56.81 -11.28
C SER I 21 -33.05 -56.95 -12.49
N CYS I 22 -31.86 -57.50 -12.23
CA CYS I 22 -30.80 -57.66 -13.24
C CYS I 22 -30.00 -58.89 -12.82
N THR I 23 -30.41 -60.05 -13.32
CA THR I 23 -30.00 -61.34 -12.79
C THR I 23 -29.19 -62.13 -13.80
N GLY I 24 -28.01 -62.57 -13.40
CA GLY I 24 -27.23 -63.51 -14.19
C GLY I 24 -27.61 -64.95 -13.85
N SER I 25 -27.48 -65.84 -14.83
CA SER I 25 -27.89 -67.22 -14.64
C SER I 25 -26.78 -68.08 -14.04
N SER I 26 -25.65 -68.21 -14.74
CA SER I 26 -24.55 -69.08 -14.34
C SER I 26 -23.39 -68.20 -13.92
N GLY I 27 -23.24 -67.99 -12.62
CA GLY I 27 -22.17 -67.18 -12.10
C GLY I 27 -22.68 -66.19 -11.08
N SER I 28 -21.77 -65.40 -10.50
CA SER I 28 -22.12 -64.42 -9.49
C SER I 28 -21.88 -63.03 -10.07
N ILE I 29 -22.93 -62.21 -10.08
CA ILE I 29 -22.80 -60.81 -10.51
C ILE I 29 -22.08 -59.97 -9.47
N ALA I 30 -21.83 -60.52 -8.28
CA ALA I 30 -21.05 -59.86 -7.25
C ALA I 30 -19.55 -59.90 -7.52
N SER I 31 -19.12 -60.63 -8.56
CA SER I 31 -17.70 -60.66 -8.90
C SER I 31 -17.25 -59.35 -9.53
N ASN I 32 -18.09 -58.75 -10.37
CA ASN I 32 -17.74 -57.50 -11.06
C ASN I 32 -18.91 -56.54 -10.95
N TYR I 33 -18.62 -55.26 -11.19
CA TYR I 33 -19.63 -54.22 -11.09
C TYR I 33 -20.65 -54.33 -12.22
N VAL I 34 -21.83 -53.77 -11.99
CA VAL I 34 -22.88 -53.70 -12.98
C VAL I 34 -23.01 -52.27 -13.45
N GLN I 35 -23.26 -52.09 -14.75
CA GLN I 35 -23.63 -50.81 -15.32
C GLN I 35 -25.06 -50.88 -15.81
N TRP I 36 -25.85 -49.85 -15.51
CA TRP I 36 -27.25 -49.82 -15.90
C TRP I 36 -27.42 -48.93 -17.12
N TYR I 37 -28.47 -49.20 -17.89
CA TYR I 37 -28.86 -48.37 -19.02
C TYR I 37 -30.36 -48.18 -18.97
N GLN I 38 -30.79 -46.96 -19.29
CA GLN I 38 -32.21 -46.64 -19.43
C GLN I 38 -32.44 -46.09 -20.83
N GLN I 39 -33.31 -46.73 -21.59
CA GLN I 39 -33.46 -46.46 -23.02
C GLN I 39 -34.92 -46.13 -23.33
N ARG I 40 -35.25 -44.86 -23.26
CA ARG I 40 -36.53 -44.39 -23.77
C ARG I 40 -36.50 -44.43 -25.29
N PRO I 41 -37.67 -44.47 -25.94
CA PRO I 41 -37.70 -44.49 -27.41
C PRO I 41 -37.00 -43.27 -28.00
N GLY I 42 -36.19 -43.52 -29.03
CA GLY I 42 -35.47 -42.46 -29.69
C GLY I 42 -34.28 -41.89 -28.95
N SER I 43 -33.68 -42.65 -28.03
CA SER I 43 -32.51 -42.18 -27.30
C SER I 43 -31.44 -43.26 -27.28
N ALA I 44 -30.19 -42.81 -27.17
CA ALA I 44 -29.05 -43.70 -27.01
C ALA I 44 -28.98 -44.20 -25.56
N PRO I 45 -28.32 -45.34 -25.34
CA PRO I 45 -28.20 -45.85 -23.96
C PRO I 45 -27.44 -44.88 -23.08
N THR I 46 -27.89 -44.77 -21.83
CA THR I 46 -27.29 -43.87 -20.86
C THR I 46 -27.25 -44.55 -19.50
N THR I 47 -26.08 -44.50 -18.86
CA THR I 47 -25.92 -45.16 -17.57
C THR I 47 -26.70 -44.43 -16.47
N VAL I 48 -27.38 -45.21 -15.64
CA VAL I 48 -28.13 -44.65 -14.52
C VAL I 48 -27.50 -45.14 -13.21
N ILE I 49 -26.91 -46.34 -13.25
CA ILE I 49 -26.19 -46.90 -12.11
C ILE I 49 -25.02 -47.72 -12.64
N TYR I 50 -23.82 -47.44 -12.13
CA TYR I 50 -22.67 -48.30 -12.35
C TYR I 50 -21.95 -48.50 -11.01
N GLU I 51 -21.04 -49.48 -10.98
CA GLU I 51 -20.36 -49.91 -9.77
C GLU I 51 -21.34 -50.42 -8.71
N ASP I 52 -22.52 -50.84 -9.17
CA ASP I 52 -23.53 -51.56 -8.40
C ASP I 52 -24.26 -50.67 -7.40
N ASN I 53 -23.75 -49.47 -7.16
CA ASN I 53 -24.45 -48.54 -6.27
C ASN I 53 -24.30 -47.08 -6.64
N GLN I 54 -23.63 -46.73 -7.72
CA GLN I 54 -23.22 -45.35 -7.93
C GLN I 54 -24.07 -44.66 -9.00
N ARG I 55 -24.47 -43.44 -8.69
CA ARG I 55 -25.27 -42.63 -9.59
C ARG I 55 -24.36 -41.71 -10.40
N PRO I 56 -24.31 -41.85 -11.72
CA PRO I 56 -23.46 -40.96 -12.52
C PRO I 56 -23.90 -39.51 -12.36
N SER I 57 -22.92 -38.61 -12.47
CA SER I 57 -23.20 -37.18 -12.33
C SER I 57 -24.24 -36.75 -13.36
N GLY I 58 -25.42 -36.36 -12.86
CA GLY I 58 -26.51 -35.95 -13.73
C GLY I 58 -27.77 -36.79 -13.62
N VAL I 59 -27.90 -37.63 -12.60
CA VAL I 59 -29.12 -38.43 -12.43
C VAL I 59 -29.72 -38.17 -11.06
N PRO I 60 -31.03 -38.30 -10.89
CA PRO I 60 -31.64 -38.05 -9.58
C PRO I 60 -31.28 -39.13 -8.57
N ASP I 61 -31.38 -38.75 -7.29
CA ASP I 61 -31.08 -39.69 -6.21
C ASP I 61 -32.13 -40.78 -6.07
N ARG I 62 -33.33 -40.57 -6.62
CA ARG I 62 -34.40 -41.56 -6.48
C ARG I 62 -34.07 -42.87 -7.17
N PHE I 63 -33.12 -42.87 -8.10
CA PHE I 63 -32.65 -44.09 -8.73
C PHE I 63 -31.51 -44.67 -7.91
N SER I 64 -31.65 -45.93 -7.51
CA SER I 64 -30.64 -46.58 -6.67
C SER I 64 -30.33 -47.96 -7.22
N GLY I 65 -29.10 -48.40 -7.01
CA GLY I 65 -28.65 -49.71 -7.44
C GLY I 65 -28.18 -50.55 -6.26
N SER I 66 -28.59 -51.81 -6.26
CA SER I 66 -28.15 -52.76 -5.24
C SER I 66 -28.15 -54.16 -5.81
N ILE I 67 -27.37 -55.05 -5.19
CA ILE I 67 -27.24 -56.43 -5.61
C ILE I 67 -27.41 -57.33 -4.38
N ASP I 68 -28.20 -58.39 -4.54
CA ASP I 68 -28.44 -59.37 -3.49
C ASP I 68 -27.73 -60.66 -3.87
N SER I 69 -26.77 -61.08 -3.04
CA SER I 69 -26.05 -62.32 -3.32
C SER I 69 -26.93 -63.54 -3.14
N SER I 70 -27.93 -63.47 -2.25
CA SER I 70 -28.83 -64.59 -2.05
C SER I 70 -29.73 -64.84 -3.26
N SER I 71 -29.93 -63.83 -4.10
CA SER I 71 -30.69 -63.98 -5.33
C SER I 71 -29.86 -63.76 -6.58
N ASN I 72 -28.61 -63.32 -6.45
CA ASN I 72 -27.70 -63.10 -7.58
C ASN I 72 -28.32 -62.15 -8.60
N SER I 73 -28.92 -61.07 -8.10
CA SER I 73 -29.63 -60.12 -8.94
C SER I 73 -29.11 -58.71 -8.65
N ALA I 74 -29.13 -57.87 -9.67
CA ALA I 74 -28.83 -56.46 -9.55
C ALA I 74 -30.12 -55.67 -9.66
N SER I 75 -30.31 -54.70 -8.76
CA SER I 75 -31.57 -53.98 -8.69
C SER I 75 -31.38 -52.54 -9.12
N LEU I 76 -32.29 -52.06 -9.99
CA LEU I 76 -32.42 -50.65 -10.29
C LEU I 76 -33.72 -50.18 -9.65
N THR I 77 -33.61 -49.44 -8.55
CA THR I 77 -34.77 -49.05 -7.75
C THR I 77 -35.06 -47.58 -8.00
N ILE I 78 -36.32 -47.29 -8.31
CA ILE I 78 -36.79 -45.92 -8.53
C ILE I 78 -37.87 -45.65 -7.51
N SER I 79 -37.71 -44.56 -6.75
CA SER I 79 -38.69 -44.16 -5.76
C SER I 79 -39.71 -43.17 -6.32
N GLY I 80 -39.23 -42.09 -6.93
CA GLY I 80 -40.11 -41.11 -7.55
C GLY I 80 -40.45 -41.44 -8.99
N LEU I 81 -41.29 -42.44 -9.20
CA LEU I 81 -41.71 -42.80 -10.54
C LEU I 81 -42.44 -41.64 -11.21
N ARG I 82 -42.12 -41.39 -12.47
CA ARG I 82 -42.70 -40.27 -13.22
C ARG I 82 -43.03 -40.69 -14.64
N THR I 83 -43.68 -39.78 -15.37
CA THR I 83 -44.06 -40.03 -16.75
C THR I 83 -42.84 -40.09 -17.67
N GLU I 84 -41.77 -39.35 -17.33
CA GLU I 84 -40.60 -39.26 -18.19
C GLU I 84 -39.65 -40.44 -18.00
N ASP I 85 -39.88 -41.29 -17.00
CA ASP I 85 -39.06 -42.48 -16.79
C ASP I 85 -39.55 -43.70 -17.55
N GLU I 86 -40.62 -43.56 -18.32
CA GLU I 86 -41.18 -44.68 -19.09
C GLU I 86 -40.19 -45.06 -20.18
N ALA I 87 -39.45 -46.14 -19.99
CA ALA I 87 -38.32 -46.44 -20.86
C ALA I 87 -38.00 -47.92 -20.80
N ASP I 88 -37.20 -48.36 -21.78
CA ASP I 88 -36.60 -49.68 -21.79
C ASP I 88 -35.28 -49.66 -21.03
N TYR I 89 -35.11 -50.60 -20.10
CA TYR I 89 -33.97 -50.59 -19.20
C TYR I 89 -33.07 -51.79 -19.47
N TYR I 90 -31.78 -51.54 -19.59
CA TYR I 90 -30.77 -52.58 -19.67
C TYR I 90 -29.77 -52.40 -18.54
N CYS I 91 -29.10 -53.50 -18.20
CA CYS I 91 -27.98 -53.47 -17.27
C CYS I 91 -26.80 -54.23 -17.86
N GLN I 92 -25.60 -53.74 -17.59
CA GLN I 92 -24.36 -54.26 -18.15
C GLN I 92 -23.43 -54.69 -17.04
N SER I 93 -22.83 -55.88 -17.18
CA SER I 93 -21.88 -56.38 -16.20
C SER I 93 -20.70 -56.96 -16.94
N TYR I 94 -19.86 -57.70 -16.23
CA TYR I 94 -18.69 -58.34 -16.81
C TYR I 94 -18.81 -59.86 -16.70
N ASP I 95 -18.17 -60.55 -17.63
CA ASP I 95 -18.05 -62.00 -17.59
C ASP I 95 -16.61 -62.33 -17.97
N SER I 96 -15.74 -62.42 -16.96
CA SER I 96 -14.30 -62.56 -17.17
C SER I 96 -13.77 -61.46 -18.08
N GLY I 97 -14.22 -60.22 -17.84
CA GLY I 97 -13.78 -59.08 -18.61
C GLY I 97 -14.54 -58.82 -19.89
N ILE I 98 -15.59 -59.58 -20.17
CA ILE I 98 -16.40 -59.42 -21.39
C ILE I 98 -17.72 -58.80 -21.00
N TRP I 99 -18.13 -57.77 -21.74
CA TRP I 99 -19.38 -57.06 -21.45
C TRP I 99 -20.57 -57.98 -21.62
N VAL I 100 -21.50 -57.91 -20.68
CA VAL I 100 -22.78 -58.62 -20.74
C VAL I 100 -23.88 -57.59 -20.53
N PHE I 101 -25.00 -57.76 -21.22
CA PHE I 101 -26.05 -56.76 -21.24
C PHE I 101 -27.39 -57.39 -20.88
N GLY I 102 -28.39 -56.53 -20.63
CA GLY I 102 -29.69 -57.00 -20.21
C GLY I 102 -30.58 -57.47 -21.35
N GLY I 103 -31.47 -58.41 -21.02
CA GLY I 103 -32.49 -58.82 -21.97
C GLY I 103 -33.50 -57.72 -22.26
N GLY I 104 -33.94 -57.03 -21.21
CA GLY I 104 -34.88 -55.92 -21.39
C GLY I 104 -36.03 -55.92 -20.42
N THR I 105 -36.23 -54.77 -19.76
CA THR I 105 -37.37 -54.52 -18.91
C THR I 105 -38.01 -53.22 -19.35
N LYS I 106 -39.27 -53.29 -19.79
CA LYS I 106 -40.01 -52.07 -20.13
C LYS I 106 -40.85 -51.69 -18.92
N LEU I 107 -40.43 -50.64 -18.23
CA LEU I 107 -41.17 -50.13 -17.07
C LEU I 107 -42.15 -49.08 -17.58
N THR I 108 -43.36 -49.53 -17.92
CA THR I 108 -44.39 -48.66 -18.48
C THR I 108 -45.31 -48.23 -17.35
N VAL I 109 -45.21 -46.96 -16.97
CA VAL I 109 -46.07 -46.40 -15.93
C VAL I 109 -47.48 -46.30 -16.47
N LEU I 110 -48.46 -46.68 -15.64
CA LEU I 110 -49.83 -46.86 -16.10
C LEU I 110 -50.44 -45.52 -16.43
N GLY I 111 -50.45 -45.17 -17.72
CA GLY I 111 -51.09 -43.95 -18.19
C GLY I 111 -52.45 -44.26 -18.79
N GLN I 112 -52.81 -45.53 -18.79
CA GLN I 112 -54.11 -46.01 -19.24
C GLN I 112 -54.57 -47.11 -18.28
N PRO I 113 -55.87 -47.38 -18.24
CA PRO I 113 -56.32 -48.60 -17.55
C PRO I 113 -55.72 -49.83 -18.22
N LYS I 114 -55.32 -50.79 -17.40
CA LYS I 114 -54.63 -51.97 -17.92
C LYS I 114 -55.63 -52.88 -18.62
N ALA I 115 -55.49 -53.00 -19.94
CA ALA I 115 -56.42 -53.75 -20.76
C ALA I 115 -55.71 -54.96 -21.36
N ALA I 116 -56.35 -56.12 -21.30
CA ALA I 116 -55.80 -57.31 -21.89
C ALA I 116 -55.95 -57.27 -23.42
N PRO I 117 -55.01 -57.85 -24.15
CA PRO I 117 -55.13 -57.87 -25.61
C PRO I 117 -56.29 -58.74 -26.06
N SER I 118 -56.91 -58.33 -27.16
CA SER I 118 -57.96 -59.11 -27.80
C SER I 118 -57.31 -60.02 -28.84
N VAL I 119 -57.50 -61.33 -28.68
CA VAL I 119 -56.75 -62.35 -29.43
C VAL I 119 -57.68 -63.01 -30.44
N THR I 120 -57.20 -63.16 -31.66
CA THR I 120 -57.90 -63.90 -32.71
C THR I 120 -56.89 -64.75 -33.46
N LEU I 121 -57.29 -65.98 -33.78
CA LEU I 121 -56.43 -66.93 -34.46
C LEU I 121 -57.03 -67.31 -35.80
N PHE I 122 -56.16 -67.58 -36.77
CA PHE I 122 -56.61 -67.85 -38.13
C PHE I 122 -55.86 -69.01 -38.75
N PRO I 123 -56.56 -69.95 -39.37
CA PRO I 123 -55.90 -71.09 -39.99
C PRO I 123 -55.50 -70.77 -41.42
N PRO I 124 -54.70 -71.63 -42.05
CA PRO I 124 -54.41 -71.46 -43.48
C PRO I 124 -55.66 -71.58 -44.33
N SER I 125 -55.54 -71.15 -45.57
CA SER I 125 -56.63 -71.13 -46.52
C SER I 125 -56.41 -72.18 -47.61
N SER I 126 -57.26 -72.15 -48.64
CA SER I 126 -57.18 -73.11 -49.72
C SER I 126 -56.32 -72.63 -50.89
N GLU I 127 -56.40 -71.34 -51.23
CA GLU I 127 -55.69 -70.84 -52.41
C GLU I 127 -54.18 -70.95 -52.23
N GLU I 128 -53.65 -70.44 -51.12
CA GLU I 128 -52.22 -70.45 -50.90
C GLU I 128 -51.71 -71.80 -50.40
N LEU I 129 -52.60 -72.68 -49.94
CA LEU I 129 -52.19 -74.02 -49.58
C LEU I 129 -51.66 -74.77 -50.79
N GLN I 130 -52.34 -74.65 -51.94
CA GLN I 130 -51.87 -75.27 -53.17
C GLN I 130 -50.50 -74.75 -53.56
N ALA I 131 -50.18 -73.50 -53.21
CA ALA I 131 -48.88 -72.91 -53.47
C ALA I 131 -47.81 -73.43 -52.51
N ASN I 132 -48.10 -74.51 -51.78
CA ASN I 132 -47.15 -75.13 -50.86
C ASN I 132 -46.68 -74.14 -49.79
N LYS I 133 -47.62 -73.30 -49.35
CA LYS I 133 -47.37 -72.33 -48.29
C LYS I 133 -48.46 -72.46 -47.23
N ALA I 134 -48.07 -72.32 -45.97
CA ALA I 134 -49.01 -72.42 -44.86
C ALA I 134 -48.41 -71.72 -43.64
N THR I 135 -49.26 -71.03 -42.88
CA THR I 135 -48.81 -70.32 -41.70
C THR I 135 -49.98 -70.10 -40.76
N LEU I 136 -49.72 -70.28 -39.46
CA LEU I 136 -50.68 -69.94 -38.42
C LEU I 136 -50.29 -68.59 -37.84
N VAL I 137 -51.26 -67.68 -37.76
CA VAL I 137 -51.00 -66.31 -37.32
C VAL I 137 -51.96 -65.99 -36.17
N CYS I 138 -51.40 -65.54 -35.05
CA CYS I 138 -52.17 -65.14 -33.88
C CYS I 138 -52.25 -63.61 -33.85
N LEU I 139 -53.46 -63.09 -33.88
CA LEU I 139 -53.69 -61.65 -33.97
C LEU I 139 -54.09 -61.11 -32.61
N ILE I 140 -53.25 -60.22 -32.06
CA ILE I 140 -53.46 -59.64 -30.74
C ILE I 140 -53.41 -58.12 -30.87
N SER I 141 -54.28 -57.44 -30.15
CA SER I 141 -54.36 -55.98 -30.23
C SER I 141 -55.13 -55.47 -29.03
N ASP I 142 -55.14 -54.14 -28.88
CA ASP I 142 -55.90 -53.45 -27.84
C ASP I 142 -55.49 -53.92 -26.44
N PHE I 143 -54.23 -53.65 -26.10
CA PHE I 143 -53.72 -54.02 -24.78
C PHE I 143 -52.91 -52.87 -24.17
N TYR I 144 -52.91 -52.83 -22.84
CA TYR I 144 -52.14 -51.89 -22.06
C TYR I 144 -51.79 -52.61 -20.76
N PRO I 145 -50.54 -52.51 -20.28
CA PRO I 145 -49.43 -51.76 -20.88
C PRO I 145 -48.87 -52.41 -22.15
N GLY I 146 -48.14 -51.64 -22.94
CA GLY I 146 -47.55 -52.15 -24.16
C GLY I 146 -46.31 -52.99 -23.91
N ALA I 147 -46.47 -54.06 -23.13
CA ALA I 147 -45.36 -54.98 -22.86
C ALA I 147 -45.96 -56.34 -22.54
N VAL I 148 -45.92 -57.25 -23.51
CA VAL I 148 -46.50 -58.58 -23.38
C VAL I 148 -45.55 -59.60 -24.00
N THR I 149 -45.77 -60.86 -23.67
CA THR I 149 -45.01 -61.97 -24.25
C THR I 149 -45.96 -62.87 -25.02
N VAL I 150 -45.49 -63.37 -26.16
CA VAL I 150 -46.28 -64.26 -27.01
C VAL I 150 -45.55 -65.59 -27.11
N ALA I 151 -46.25 -66.67 -26.75
CA ALA I 151 -45.71 -68.02 -26.80
C ALA I 151 -46.64 -68.90 -27.63
N TRP I 152 -46.08 -69.93 -28.25
CA TRP I 152 -46.83 -70.85 -29.09
C TRP I 152 -46.70 -72.28 -28.60
N LYS I 153 -47.72 -73.08 -28.90
CA LYS I 153 -47.77 -74.47 -28.49
C LYS I 153 -48.21 -75.34 -29.66
N ALA I 154 -47.55 -76.48 -29.82
CA ALA I 154 -47.90 -77.48 -30.83
C ALA I 154 -48.46 -78.70 -30.08
N ASP I 155 -49.77 -78.90 -30.17
CA ASP I 155 -50.48 -79.87 -29.33
C ASP I 155 -50.15 -79.63 -27.86
N SER I 156 -50.13 -78.34 -27.49
CA SER I 156 -49.79 -77.90 -26.14
C SER I 156 -48.38 -78.36 -25.76
N SER I 157 -47.40 -78.00 -26.59
CA SER I 157 -46.00 -78.28 -26.33
C SER I 157 -45.17 -77.14 -26.91
N PRO I 158 -44.22 -76.60 -26.14
CA PRO I 158 -43.46 -75.44 -26.63
C PRO I 158 -42.65 -75.76 -27.88
N VAL I 159 -42.52 -74.76 -28.75
CA VAL I 159 -41.77 -74.89 -30.00
C VAL I 159 -41.48 -73.48 -30.52
N LYS I 160 -40.32 -73.31 -31.16
CA LYS I 160 -39.99 -72.03 -31.80
C LYS I 160 -39.28 -72.22 -33.13
N ALA I 161 -39.49 -73.34 -33.83
CA ALA I 161 -38.84 -73.54 -35.12
C ALA I 161 -39.26 -72.48 -36.12
N GLY I 162 -40.55 -72.15 -36.15
CA GLY I 162 -41.04 -71.09 -37.00
C GLY I 162 -41.84 -70.07 -36.22
N VAL I 163 -41.65 -70.02 -34.91
CA VAL I 163 -42.36 -69.11 -34.03
C VAL I 163 -41.57 -67.81 -33.94
N GLU I 164 -42.21 -66.71 -34.32
CA GLU I 164 -41.57 -65.40 -34.32
C GLU I 164 -42.67 -64.35 -34.29
N THR I 165 -42.57 -63.42 -33.35
CA THR I 165 -43.65 -62.52 -32.99
C THR I 165 -43.28 -61.07 -33.35
N THR I 166 -44.14 -60.14 -32.95
CA THR I 166 -43.98 -58.73 -33.24
C THR I 166 -43.73 -57.94 -31.96
N THR I 167 -43.64 -56.63 -32.13
CA THR I 167 -43.47 -55.47 -31.27
C THR I 167 -44.79 -54.72 -31.13
N PRO I 168 -45.19 -54.36 -29.90
CA PRO I 168 -46.44 -53.62 -29.72
C PRO I 168 -46.45 -52.33 -30.51
N SER I 169 -47.57 -52.07 -31.18
CA SER I 169 -47.74 -50.90 -32.02
C SER I 169 -48.81 -50.00 -31.41
N LYS I 170 -48.48 -48.71 -31.27
CA LYS I 170 -49.43 -47.76 -30.71
C LYS I 170 -50.60 -47.59 -31.66
N GLN I 171 -51.81 -47.56 -31.10
CA GLN I 171 -53.02 -47.49 -31.89
C GLN I 171 -53.55 -46.06 -31.91
N SER I 172 -54.67 -45.86 -32.61
CA SER I 172 -55.33 -44.56 -32.62
C SER I 172 -56.06 -44.29 -31.31
N ASN I 173 -56.50 -45.35 -30.62
CA ASN I 173 -57.12 -45.23 -29.30
C ASN I 173 -56.10 -45.30 -28.17
N ASN I 174 -54.83 -44.98 -28.47
CA ASN I 174 -53.75 -44.95 -27.50
C ASN I 174 -53.47 -46.32 -26.89
N LYS I 175 -54.14 -47.35 -27.37
CA LYS I 175 -53.87 -48.71 -26.94
C LYS I 175 -52.77 -49.30 -27.82
N TYR I 176 -52.51 -50.60 -27.68
CA TYR I 176 -51.37 -51.23 -28.32
C TYR I 176 -51.83 -52.45 -29.12
N ALA I 177 -51.10 -52.72 -30.21
CA ALA I 177 -51.40 -53.84 -31.08
C ALA I 177 -50.09 -54.53 -31.47
N ALA I 178 -50.16 -55.85 -31.66
CA ALA I 178 -49.01 -56.65 -32.04
C ALA I 178 -49.47 -57.76 -32.97
N SER I 179 -48.59 -58.73 -33.21
CA SER I 179 -48.93 -59.90 -34.00
C SER I 179 -47.96 -61.02 -33.68
N SER I 180 -48.34 -62.23 -34.11
CA SER I 180 -47.48 -63.40 -33.96
C SER I 180 -47.65 -64.27 -35.20
N TYR I 181 -46.55 -64.87 -35.64
CA TYR I 181 -46.54 -65.66 -36.86
C TYR I 181 -45.82 -66.97 -36.62
N LEU I 182 -46.42 -68.06 -37.08
CA LEU I 182 -45.85 -69.41 -36.97
C LEU I 182 -45.58 -69.94 -38.37
N SER I 183 -44.33 -69.82 -38.82
CA SER I 183 -43.95 -70.38 -40.11
C SER I 183 -44.04 -71.90 -40.05
N LEU I 184 -44.67 -72.49 -41.07
CA LEU I 184 -44.97 -73.91 -41.05
C LEU I 184 -45.07 -74.41 -42.48
N THR I 185 -45.01 -75.73 -42.64
CA THR I 185 -45.19 -76.36 -43.93
C THR I 185 -46.51 -77.13 -43.96
N PRO I 186 -47.15 -77.24 -45.13
CA PRO I 186 -48.42 -77.98 -45.20
C PRO I 186 -48.29 -79.44 -44.78
N GLU I 187 -47.12 -80.07 -44.99
CA GLU I 187 -46.95 -81.45 -44.53
C GLU I 187 -47.10 -81.52 -43.02
N GLN I 188 -46.45 -80.62 -42.29
CA GLN I 188 -46.54 -80.62 -40.83
C GLN I 188 -47.86 -80.07 -40.34
N TRP I 189 -48.46 -79.14 -41.10
CA TRP I 189 -49.70 -78.50 -40.66
C TRP I 189 -50.85 -79.50 -40.60
N LYS I 190 -50.91 -80.42 -41.56
CA LYS I 190 -51.92 -81.49 -41.51
C LYS I 190 -51.50 -82.66 -40.63
N SER I 191 -50.25 -82.71 -40.17
CA SER I 191 -49.80 -83.84 -39.37
C SER I 191 -50.38 -83.81 -37.97
N HIS I 192 -50.49 -82.64 -37.37
CA HIS I 192 -51.02 -82.49 -36.01
C HIS I 192 -52.49 -82.10 -36.07
N ARG I 193 -53.14 -82.15 -34.91
CA ARG I 193 -54.58 -81.98 -34.82
C ARG I 193 -55.02 -80.80 -33.96
N SER I 194 -54.09 -80.08 -33.34
CA SER I 194 -54.48 -78.96 -32.47
C SER I 194 -53.31 -78.00 -32.34
N TYR I 195 -53.56 -76.71 -32.52
CA TYR I 195 -52.54 -75.68 -32.38
C TYR I 195 -53.14 -74.49 -31.65
N SER I 196 -52.36 -73.92 -30.73
CA SER I 196 -52.81 -72.79 -29.91
C SER I 196 -51.74 -71.72 -29.86
N CYS I 197 -52.16 -70.49 -29.62
CA CYS I 197 -51.26 -69.34 -29.46
C CYS I 197 -51.52 -68.67 -28.12
N GLN I 198 -50.46 -68.46 -27.35
CA GLN I 198 -50.55 -67.92 -26.01
C GLN I 198 -49.91 -66.54 -25.95
N VAL I 199 -50.60 -65.59 -25.35
CA VAL I 199 -50.04 -64.28 -25.02
C VAL I 199 -50.28 -64.03 -23.54
N THR I 200 -49.24 -63.58 -22.84
CA THR I 200 -49.29 -63.40 -21.39
C THR I 200 -49.23 -61.91 -21.09
N HIS I 201 -50.32 -61.40 -20.51
CA HIS I 201 -50.40 -60.00 -20.08
C HIS I 201 -50.31 -59.97 -18.56
N GLU I 202 -49.29 -59.29 -18.04
CA GLU I 202 -49.01 -59.24 -16.61
C GLU I 202 -48.92 -60.65 -16.03
N GLY I 203 -49.94 -61.07 -15.30
CA GLY I 203 -49.98 -62.42 -14.77
C GLY I 203 -51.04 -63.26 -15.44
N SER I 204 -51.71 -62.69 -16.44
CA SER I 204 -52.83 -63.33 -17.13
C SER I 204 -52.39 -63.81 -18.50
N THR I 205 -52.71 -65.07 -18.81
CA THR I 205 -52.37 -65.68 -20.09
C THR I 205 -53.63 -66.20 -20.76
N VAL I 206 -53.83 -65.86 -22.03
CA VAL I 206 -55.02 -66.23 -22.79
C VAL I 206 -54.58 -66.89 -24.08
N GLU I 207 -55.32 -67.93 -24.49
CA GLU I 207 -55.00 -68.66 -25.71
C GLU I 207 -56.26 -68.98 -26.49
N LYS I 208 -56.08 -69.17 -27.80
CA LYS I 208 -57.13 -69.63 -28.70
C LYS I 208 -56.58 -70.76 -29.56
N THR I 209 -57.45 -71.69 -29.94
CA THR I 209 -57.05 -72.92 -30.60
C THR I 209 -57.82 -73.11 -31.90
N VAL I 210 -57.08 -73.39 -32.97
CA VAL I 210 -57.66 -73.75 -34.26
C VAL I 210 -57.06 -75.07 -34.71
N ALA I 211 -57.76 -75.78 -35.58
CA ALA I 211 -57.34 -77.09 -36.05
C ALA I 211 -57.46 -77.15 -37.56
N PRO I 212 -56.63 -77.97 -38.22
CA PRO I 212 -56.73 -78.15 -39.68
C PRO I 212 -57.95 -78.97 -40.07
#